data_6IE2
#
_entry.id   6IE2
#
_cell.length_a   89.017
_cell.length_b   99.170
_cell.length_c   126.793
_cell.angle_alpha   106.60
_cell.angle_beta   90.42
_cell.angle_gamma   93.14
#
_symmetry.space_group_name_H-M   'P 1'
#
loop_
_entity.id
_entity.type
_entity.pdbx_description
1 polymer 'Nucleic acid dioxygenase ALKBH1'
2 non-polymer 'MANGANESE (II) ION'
3 non-polymer '2-OXOGLUTARIC ACID'
4 water water
#
_entity_poly.entity_id   1
_entity_poly.type   'polypeptide(L)'
_entity_poly.pdbx_seq_one_letter_code
;MGKMAAAVGSVATLATEPGEDAFRKLFRFYRQSRPGTADLEGVIDFSAAHAARGKGPGAQKVIKSQLNVSSVSEQNAYRA
GLQPVSKWQAYGLKGYPGFIFIPNPFLPGYQWHWVKQCLKLYSQKPNVCNLDKHMSKEETQDLWEQSKEFLRYKEATKRR
PRSLLEKLRWVTVGYHYNWDSKKYSADHYTPFPSDLGFLSEQVAAACGFEDFRAEAGILNYYRLDSTLGIHVDRSELDHS
KPLLSFSFGQSAIFLLGGLQRDEAPTAMFMHSGDIMIMSGFSRLLNHAVPRVLPNPEGEGLPHCLEAPLPAVLPRDSMVE
PCSMEDWQVCASYLKTARVNMTVRQVLATDQNFPLEPIEDEKRDISTEGFCHLDDQNSEVKRARINPDS
;
_entity_poly.pdbx_strand_id   A,B,C,D,E,F,G,H
#
loop_
_chem_comp.id
_chem_comp.type
_chem_comp.name
_chem_comp.formula
AKG non-polymer '2-OXOGLUTARIC ACID' 'C5 H6 O5'
MN non-polymer 'MANGANESE (II) ION' 'Mn 2'
#
# COMPACT_ATOMS: atom_id res chain seq x y z
N GLY A 19 60.86 5.70 12.29
CA GLY A 19 60.78 4.21 12.42
C GLY A 19 59.84 3.56 11.42
N GLU A 20 60.01 2.25 11.23
CA GLU A 20 59.21 1.46 10.29
C GLU A 20 58.13 0.59 10.96
N ASP A 21 58.20 0.40 12.28
CA ASP A 21 57.12 -0.31 13.01
C ASP A 21 55.80 0.47 12.90
N ALA A 22 54.69 -0.26 12.84
CA ALA A 22 53.39 0.27 12.39
C ALA A 22 53.00 1.62 12.98
N PHE A 23 53.23 1.80 14.28
CA PHE A 23 52.86 3.03 14.98
C PHE A 23 53.68 4.21 14.48
N ARG A 24 55.00 4.05 14.45
CA ARG A 24 55.88 5.14 14.04
C ARG A 24 55.64 5.53 12.58
N LYS A 25 55.44 4.53 11.72
CA LYS A 25 55.02 4.74 10.34
C LYS A 25 53.78 5.63 10.24
N LEU A 26 52.73 5.26 10.99
CA LEU A 26 51.46 6.00 11.00
C LEU A 26 51.54 7.37 11.67
N PHE A 27 52.27 7.46 12.78
CA PHE A 27 52.60 8.73 13.44
C PHE A 27 53.24 9.71 12.47
N ARG A 28 54.21 9.17 11.73
CA ARG A 28 54.93 9.88 10.68
C ARG A 28 53.96 10.37 9.60
N PHE A 29 53.12 9.46 9.11
CA PHE A 29 52.13 9.80 8.08
C PHE A 29 51.22 10.95 8.47
N TYR A 30 50.66 10.87 9.69
CA TYR A 30 49.72 11.88 10.18
C TYR A 30 50.41 13.17 10.62
N ARG A 31 51.69 13.12 11.01
CA ARG A 31 52.47 14.33 11.25
C ARG A 31 52.63 15.12 9.96
N GLN A 32 52.95 14.42 8.87
CA GLN A 32 53.15 15.02 7.54
C GLN A 32 51.89 15.04 6.65
N SER A 33 50.76 14.58 7.19
CA SER A 33 49.47 14.63 6.49
C SER A 33 49.12 16.01 5.95
N ARG A 34 48.46 16.02 4.80
CA ARG A 34 47.97 17.24 4.19
C ARG A 34 46.49 17.35 4.52
N PRO A 35 46.08 18.46 5.14
CA PRO A 35 44.65 18.65 5.37
C PRO A 35 43.90 18.99 4.06
N GLY A 36 42.62 18.64 4.00
CA GLY A 36 41.80 18.87 2.80
C GLY A 36 42.22 18.03 1.59
N THR A 37 42.73 16.83 1.87
CA THR A 37 43.10 15.84 0.85
C THR A 37 42.64 14.46 1.32
N ALA A 38 42.82 13.45 0.48
CA ALA A 38 42.45 12.09 0.85
C ALA A 38 43.23 11.51 2.06
N ASP A 39 44.25 12.24 2.56
CA ASP A 39 45.12 11.75 3.65
C ASP A 39 44.39 11.45 4.97
N LEU A 40 43.32 12.17 5.27
CA LEU A 40 42.57 11.96 6.52
C LEU A 40 41.35 11.03 6.38
N GLU A 41 41.24 10.31 5.26
CA GLU A 41 40.08 9.44 4.97
C GLU A 41 39.78 8.40 6.06
N GLY A 42 40.82 7.87 6.70
CA GLY A 42 40.69 6.82 7.72
C GLY A 42 40.60 7.31 9.16
N VAL A 43 40.54 8.62 9.37
CA VAL A 43 40.48 9.18 10.73
C VAL A 43 39.01 9.15 11.14
N ILE A 44 38.71 8.54 12.28
CA ILE A 44 37.34 8.51 12.80
C ILE A 44 36.94 9.87 13.34
N ASP A 45 35.74 10.33 12.96
CA ASP A 45 35.14 11.53 13.53
C ASP A 45 33.91 11.12 14.36
N PHE A 46 34.03 11.23 15.68
CA PHE A 46 32.91 10.95 16.58
C PHE A 46 31.79 12.01 16.54
N SER A 47 32.10 13.23 16.09
CA SER A 47 31.09 14.30 16.00
C SER A 47 30.12 14.05 14.85
N ALA A 48 30.68 13.74 13.66
CA ALA A 48 29.88 13.45 12.46
C ALA A 48 28.99 12.21 12.64
N GLY A 58 35.14 4.26 10.51
CA GLY A 58 33.87 4.94 10.76
C GLY A 58 32.81 4.03 11.38
N ALA A 59 31.72 3.79 10.64
CA ALA A 59 30.57 2.99 11.11
C ALA A 59 30.92 1.54 11.49
N GLN A 60 31.97 1.00 10.86
CA GLN A 60 32.49 -0.33 11.20
C GLN A 60 32.94 -0.41 12.67
N LYS A 61 33.83 0.49 13.09
CA LYS A 61 34.51 0.38 14.38
C LYS A 61 33.79 1.03 15.56
N VAL A 62 33.06 2.12 15.30
CA VAL A 62 32.50 2.97 16.38
C VAL A 62 31.20 2.40 16.94
N ILE A 63 31.13 2.30 18.26
CA ILE A 63 30.08 1.55 18.95
C ILE A 63 29.50 2.36 20.10
N LYS A 64 28.39 1.88 20.65
CA LYS A 64 27.73 2.56 21.77
C LYS A 64 28.50 2.37 23.05
N SER A 65 28.15 3.16 24.05
CA SER A 65 28.78 3.11 25.37
C SER A 65 27.80 3.76 26.35
N GLN A 66 27.22 2.97 27.26
CA GLN A 66 26.26 3.53 28.20
C GLN A 66 26.96 4.28 29.33
N LEU A 67 26.50 5.50 29.58
CA LEU A 67 26.89 6.28 30.74
C LEU A 67 25.85 6.08 31.83
N ASN A 68 26.28 6.12 33.08
CA ASN A 68 25.36 6.05 34.22
C ASN A 68 24.75 7.45 34.39
N VAL A 69 23.51 7.60 33.93
CA VAL A 69 22.87 8.92 33.78
C VAL A 69 22.39 9.51 35.11
N SER A 70 21.85 8.68 35.99
CA SER A 70 21.42 9.10 37.32
C SER A 70 22.58 9.35 38.30
N SER A 71 23.80 8.89 37.98
CA SER A 71 24.98 9.12 38.85
C SER A 71 25.21 10.60 39.21
N VAL A 72 25.45 11.43 38.19
CA VAL A 72 25.67 12.86 38.41
C VAL A 72 24.35 13.62 38.29
N SER A 73 24.05 14.43 39.30
CA SER A 73 22.83 15.22 39.33
C SER A 73 22.82 16.24 38.19
N GLU A 74 21.62 16.65 37.78
CA GLU A 74 21.43 17.74 36.81
C GLU A 74 22.04 19.06 37.33
N GLN A 75 22.11 19.22 38.65
CA GLN A 75 22.66 20.41 39.28
C GLN A 75 24.19 20.41 39.31
N ASN A 76 24.78 19.27 39.66
CA ASN A 76 26.26 19.18 39.74
C ASN A 76 26.94 19.17 38.35
N ALA A 77 26.24 18.69 37.32
CA ALA A 77 26.70 18.83 35.93
C ALA A 77 26.66 20.28 35.49
N TYR A 78 25.67 21.01 35.98
CA TYR A 78 25.53 22.44 35.74
C TYR A 78 26.71 23.25 36.31
N ARG A 79 27.25 22.78 37.43
CA ARG A 79 28.34 23.47 38.13
C ARG A 79 29.72 23.34 37.49
N ALA A 80 29.93 22.33 36.67
CA ALA A 80 31.19 22.14 35.94
C ALA A 80 31.16 22.74 34.53
N GLY A 81 30.05 23.40 34.18
CA GLY A 81 29.83 23.88 32.83
C GLY A 81 29.39 22.80 31.86
N LEU A 82 28.85 21.70 32.37
CA LEU A 82 28.46 20.56 31.53
C LEU A 82 26.96 20.53 31.28
N GLN A 83 26.58 19.94 30.15
CA GLN A 83 25.19 19.57 29.90
C GLN A 83 24.81 18.55 30.97
N PRO A 84 23.50 18.32 31.17
CA PRO A 84 23.12 17.12 31.94
C PRO A 84 23.57 15.83 31.25
N VAL A 85 24.06 14.87 32.05
CA VAL A 85 24.55 13.57 31.55
C VAL A 85 23.56 12.91 30.59
N SER A 86 22.26 13.13 30.80
CA SER A 86 21.22 12.65 29.89
C SER A 86 21.40 13.12 28.45
N LYS A 87 21.94 14.32 28.25
CA LYS A 87 22.19 14.85 26.89
C LYS A 87 23.48 14.32 26.22
N TRP A 88 24.38 13.71 26.99
CA TRP A 88 25.72 13.30 26.51
C TRP A 88 25.66 12.13 25.54
N GLN A 89 26.26 12.31 24.36
CA GLN A 89 26.59 11.18 23.49
C GLN A 89 27.92 10.57 23.98
N ALA A 90 28.02 9.25 23.98
CA ALA A 90 29.20 8.56 24.48
C ALA A 90 29.48 7.34 23.65
N TYR A 91 30.68 7.26 23.07
CA TYR A 91 31.04 6.19 22.14
C TYR A 91 32.23 5.39 22.62
N GLY A 92 32.42 4.23 22.00
CA GLY A 92 33.53 3.34 22.28
C GLY A 92 34.11 2.89 20.96
N LEU A 93 35.10 1.99 21.03
CA LEU A 93 35.73 1.41 19.84
C LEU A 93 35.85 -0.12 19.89
N LYS A 94 35.58 -0.74 18.75
CA LYS A 94 35.77 -2.17 18.55
C LYS A 94 37.25 -2.49 18.56
N GLY A 95 37.64 -3.36 19.49
CA GLY A 95 39.06 -3.71 19.69
C GLY A 95 39.72 -2.96 20.83
N TYR A 96 39.06 -1.93 21.36
CA TYR A 96 39.58 -1.13 22.46
C TYR A 96 38.54 -1.02 23.60
N PRO A 97 38.20 -2.16 24.24
CA PRO A 97 37.33 -2.16 25.42
C PRO A 97 37.80 -1.17 26.46
N GLY A 98 36.85 -0.46 27.07
CA GLY A 98 37.15 0.50 28.12
C GLY A 98 37.39 1.90 27.64
N PHE A 99 37.80 2.07 26.37
CA PHE A 99 37.93 3.38 25.77
C PHE A 99 36.54 4.01 25.62
N ILE A 100 36.36 5.20 26.19
CA ILE A 100 35.10 5.95 26.15
C ILE A 100 35.36 7.33 25.56
N PHE A 101 34.60 7.71 24.53
CA PHE A 101 34.72 9.03 23.91
C PHE A 101 33.40 9.78 24.05
N ILE A 102 33.46 10.98 24.61
CA ILE A 102 32.29 11.83 24.85
C ILE A 102 32.67 12.35 23.44
N PRO A 103 31.85 13.24 22.86
CA PRO A 103 31.96 14.52 22.14
C PRO A 103 32.06 15.61 23.19
N ASN A 104 31.99 16.86 22.73
CA ASN A 104 31.70 18.12 23.46
C ASN A 104 30.38 17.86 24.24
N PRO A 105 30.46 17.83 25.59
CA PRO A 105 29.34 17.93 26.45
C PRO A 105 29.06 19.39 26.90
N PHE A 106 30.08 20.22 26.88
CA PHE A 106 30.11 21.47 27.63
C PHE A 106 28.99 22.41 27.21
N LEU A 107 28.42 23.15 28.16
CA LEU A 107 27.39 24.17 27.86
C LEU A 107 28.02 25.24 26.95
N PRO A 108 27.17 25.98 26.22
CA PRO A 108 27.74 27.07 25.44
C PRO A 108 28.51 28.06 26.30
N GLY A 109 29.75 28.34 25.89
CA GLY A 109 30.61 29.32 26.56
C GLY A 109 31.56 28.80 27.62
N TYR A 110 31.17 27.71 28.30
CA TYR A 110 31.88 27.24 29.49
C TYR A 110 33.25 26.63 29.20
N GLN A 111 33.52 26.23 27.96
CA GLN A 111 34.89 25.89 27.54
C GLN A 111 35.90 27.01 27.84
N TRP A 112 35.47 28.28 27.81
CA TRP A 112 36.39 29.41 28.08
C TRP A 112 36.92 29.46 29.51
N HIS A 113 36.14 29.04 30.49
CA HIS A 113 36.67 29.00 31.85
C HIS A 113 37.85 28.05 31.98
N TRP A 114 37.67 26.82 31.52
CA TRP A 114 38.71 25.80 31.62
C TRP A 114 39.97 26.16 30.82
N VAL A 115 39.79 26.75 29.64
CA VAL A 115 40.92 27.22 28.82
C VAL A 115 41.64 28.37 29.54
N LYS A 116 40.86 29.24 30.16
CA LYS A 116 41.41 30.36 30.95
C LYS A 116 42.23 29.89 32.15
N GLN A 117 41.72 28.90 32.90
CA GLN A 117 42.49 28.33 34.02
C GLN A 117 43.84 27.74 33.57
N CYS A 118 43.83 27.01 32.46
CA CYS A 118 45.04 26.30 32.03
C CYS A 118 46.18 27.25 31.61
N LEU A 119 45.82 28.40 31.07
CA LEU A 119 46.80 29.41 30.68
C LEU A 119 47.17 30.33 31.85
N LYS A 120 46.18 30.72 32.64
CA LYS A 120 46.35 31.77 33.63
C LYS A 120 46.66 31.22 35.01
N LEU A 121 45.75 30.44 35.60
CA LEU A 121 45.93 29.99 36.98
C LEU A 121 46.83 28.76 37.11
N TYR A 122 46.49 27.68 36.42
CA TYR A 122 47.21 26.41 36.60
C TYR A 122 48.71 26.45 36.28
N SER A 123 49.11 27.27 35.31
CA SER A 123 50.52 27.39 34.93
C SER A 123 51.37 28.14 35.95
N GLN A 124 50.75 28.97 36.80
CA GLN A 124 51.48 29.74 37.83
C GLN A 124 52.18 28.82 38.83
N LYS A 125 53.17 29.36 39.54
CA LYS A 125 53.89 28.63 40.60
C LYS A 125 53.64 28.92 42.09
N PRO A 126 53.04 27.98 42.78
CA PRO A 126 53.43 26.59 42.73
C PRO A 126 53.02 25.94 41.44
N ASN A 127 53.20 24.64 41.36
CA ASN A 127 52.87 23.93 40.11
C ASN A 127 53.19 23.59 38.67
N VAL A 128 54.39 23.10 38.48
CA VAL A 128 55.62 23.03 37.70
C VAL A 128 55.28 23.10 36.21
N CYS A 129 55.83 24.07 35.50
CA CYS A 129 55.67 24.14 34.06
C CYS A 129 56.98 23.84 33.37
N ASN A 130 56.92 23.59 32.07
CA ASN A 130 58.11 23.26 31.27
C ASN A 130 59.11 24.40 31.14
N LEU A 131 58.68 25.63 31.36
CA LEU A 131 59.57 26.79 31.28
C LEU A 131 60.56 26.87 32.46
N ASP A 132 60.33 26.08 33.52
CA ASP A 132 61.20 26.07 34.71
C ASP A 132 62.59 25.41 34.58
N LYS A 133 62.84 24.67 33.50
CA LYS A 133 64.15 24.03 33.28
C LYS A 133 65.27 25.04 32.95
N HIS A 134 64.94 26.14 32.27
CA HIS A 134 65.91 27.18 31.88
C HIS A 134 65.46 28.62 32.15
N MET A 135 64.50 28.81 33.07
CA MET A 135 64.14 30.13 33.61
C MET A 135 63.97 30.00 35.13
N SER A 136 63.64 31.11 35.80
CA SER A 136 63.34 31.13 37.24
C SER A 136 61.94 31.67 37.49
N LYS A 137 61.57 31.78 38.77
CA LYS A 137 60.31 32.43 39.19
C LYS A 137 60.27 33.93 38.87
N GLU A 138 61.44 34.54 38.66
CA GLU A 138 61.53 35.92 38.21
C GLU A 138 60.95 36.10 36.80
N GLU A 139 61.49 35.36 35.84
CA GLU A 139 61.12 35.48 34.42
C GLU A 139 59.69 35.01 34.13
N THR A 140 59.32 33.85 34.68
CA THR A 140 58.06 33.17 34.36
C THR A 140 56.79 33.81 35.02
N GLN A 141 56.97 34.61 36.06
CA GLN A 141 55.86 35.12 36.89
C GLN A 141 54.83 36.04 36.19
N ASP A 142 55.24 36.70 35.11
CA ASP A 142 54.37 37.62 34.35
C ASP A 142 54.12 37.12 32.92
N LEU A 143 53.76 35.83 32.82
CA LEU A 143 53.39 35.21 31.54
C LEU A 143 52.06 35.75 30.99
N TRP A 144 51.12 36.02 31.91
CA TRP A 144 49.79 36.54 31.56
C TRP A 144 49.84 38.03 31.20
N GLU A 145 50.55 38.81 32.01
CA GLU A 145 50.69 40.25 31.78
C GLU A 145 51.45 40.58 30.50
N GLN A 146 52.48 39.78 30.20
CA GLN A 146 53.18 39.84 28.93
C GLN A 146 52.21 39.59 27.75
N SER A 147 51.36 38.58 27.87
CA SER A 147 50.43 38.21 26.80
C SER A 147 49.25 39.17 26.64
N LYS A 148 48.91 39.91 27.70
CA LYS A 148 48.09 41.14 27.57
C LYS A 148 48.83 42.16 26.69
N GLU A 149 50.12 42.38 26.98
CA GLU A 149 50.92 43.33 26.20
C GLU A 149 51.04 42.97 24.70
N PHE A 150 50.97 41.67 24.38
CA PHE A 150 50.91 41.22 22.98
C PHE A 150 49.59 41.57 22.27
N LEU A 151 48.50 41.78 23.03
CA LEU A 151 47.23 42.31 22.47
C LEU A 151 47.37 43.75 21.97
N ARG A 152 48.02 44.60 22.76
CA ARG A 152 48.28 46.00 22.37
C ARG A 152 49.17 46.11 21.12
N TYR A 153 50.12 45.19 20.96
CA TYR A 153 51.05 45.17 19.82
C TYR A 153 50.45 44.45 18.62
N LYS A 154 49.50 45.11 17.95
CA LYS A 154 48.76 44.53 16.82
C LYS A 154 49.64 44.46 15.55
N GLU A 155 49.48 43.36 14.80
CA GLU A 155 50.16 43.14 13.51
C GLU A 155 51.67 42.99 13.62
N ARG A 162 57.32 33.33 20.33
CA ARG A 162 58.03 34.47 20.91
C ARG A 162 57.69 34.60 22.39
N SER A 163 56.40 34.74 22.71
CA SER A 163 55.94 35.02 24.08
C SER A 163 56.08 33.79 24.98
N LEU A 164 55.81 33.98 26.27
CA LEU A 164 55.89 32.89 27.25
C LEU A 164 54.75 31.88 27.07
N LEU A 165 53.53 32.38 26.93
CA LEU A 165 52.40 31.51 26.63
C LEU A 165 52.64 30.69 25.35
N GLU A 166 53.32 31.29 24.37
CA GLU A 166 53.66 30.61 23.11
C GLU A 166 54.82 29.61 23.21
N LYS A 167 55.57 29.66 24.31
CA LYS A 167 56.65 28.67 24.61
C LYS A 167 56.22 27.55 25.56
N LEU A 168 55.13 27.78 26.29
CA LEU A 168 54.59 26.82 27.26
C LEU A 168 54.17 25.54 26.52
N ARG A 169 54.65 24.39 26.98
CA ARG A 169 54.33 23.08 26.38
C ARG A 169 53.68 22.09 27.37
N TRP A 170 54.07 22.15 28.65
CA TRP A 170 53.38 21.38 29.69
C TRP A 170 53.39 22.08 31.04
N VAL A 171 52.37 21.77 31.82
CA VAL A 171 52.22 22.18 33.23
C VAL A 171 51.77 20.93 33.96
N THR A 172 52.24 20.74 35.19
CA THR A 172 51.77 19.66 36.04
C THR A 172 51.08 20.26 37.25
N VAL A 173 50.06 19.56 37.76
CA VAL A 173 49.36 19.93 38.99
C VAL A 173 49.12 18.66 39.82
N GLY A 174 48.86 18.83 41.12
CA GLY A 174 48.71 17.68 42.01
C GLY A 174 50.08 17.05 42.24
N TYR A 175 50.13 15.73 42.36
CA TYR A 175 51.40 15.01 42.36
C TYR A 175 52.10 15.36 41.04
N HIS A 176 53.26 15.99 41.15
CA HIS A 176 54.03 16.39 39.99
C HIS A 176 54.79 15.21 39.44
N TYR A 177 54.49 14.89 38.18
CA TYR A 177 55.20 13.86 37.46
C TYR A 177 56.64 14.34 37.22
N ASN A 178 57.58 13.47 37.55
CA ASN A 178 59.00 13.67 37.24
C ASN A 178 59.35 13.05 35.88
N TRP A 179 59.61 13.90 34.90
CA TRP A 179 59.86 13.47 33.53
C TRP A 179 61.13 12.63 33.43
N ASP A 180 62.13 12.96 34.23
CA ASP A 180 63.42 12.25 34.23
C ASP A 180 63.32 10.93 35.00
N SER A 181 62.95 11.03 36.27
CA SER A 181 62.76 9.85 37.13
C SER A 181 61.65 8.90 36.63
N LYS A 182 60.66 9.47 35.92
CA LYS A 182 59.44 8.76 35.45
C LYS A 182 58.53 8.30 36.60
N LYS A 183 58.60 8.98 37.75
CA LYS A 183 57.83 8.58 38.93
C LYS A 183 57.09 9.75 39.54
N TYR A 184 56.07 9.44 40.33
CA TYR A 184 55.48 10.40 41.25
C TYR A 184 56.18 10.26 42.60
N SER A 185 55.89 11.17 43.52
CA SER A 185 56.55 11.21 44.81
C SER A 185 55.66 11.83 45.86
N ALA A 186 55.67 11.27 47.07
CA ALA A 186 54.94 11.86 48.19
C ALA A 186 55.42 13.29 48.49
N ASP A 187 56.68 13.59 48.17
CA ASP A 187 57.28 14.90 48.48
C ASP A 187 56.77 15.99 47.55
N HIS A 188 56.85 15.72 46.24
CA HIS A 188 56.56 16.69 45.20
C HIS A 188 55.05 16.68 44.86
N TYR A 189 54.29 17.56 45.51
CA TYR A 189 52.85 17.70 45.28
C TYR A 189 52.35 19.10 45.66
N THR A 190 51.38 19.60 44.89
CA THR A 190 50.67 20.84 45.20
C THR A 190 49.19 20.51 45.17
N PRO A 191 48.43 20.87 46.23
CA PRO A 191 47.03 20.45 46.30
C PRO A 191 46.30 20.59 44.97
N PHE A 192 45.59 19.53 44.55
CA PHE A 192 44.96 19.50 43.23
C PHE A 192 43.95 20.65 43.11
N PRO A 193 43.85 21.29 41.93
CA PRO A 193 42.84 22.37 41.80
C PRO A 193 41.40 21.84 41.98
N SER A 194 40.71 22.31 43.00
CA SER A 194 39.45 21.67 43.44
C SER A 194 38.29 21.84 42.43
N ASP A 195 38.31 22.93 41.66
CA ASP A 195 37.36 23.11 40.55
C ASP A 195 37.60 22.11 39.41
N LEU A 196 38.87 21.88 39.07
CA LEU A 196 39.25 20.84 38.10
C LEU A 196 38.99 19.46 38.66
N GLY A 197 39.22 19.29 39.96
CA GLY A 197 38.89 18.05 40.65
C GLY A 197 37.40 17.74 40.66
N PHE A 198 36.59 18.79 40.71
CA PHE A 198 35.14 18.67 40.59
C PHE A 198 34.72 18.20 39.19
N LEU A 199 35.15 18.92 38.14
CA LEU A 199 34.86 18.52 36.75
C LEU A 199 35.27 17.08 36.49
N SER A 200 36.44 16.71 37.00
CA SER A 200 36.95 15.34 36.87
C SER A 200 36.01 14.30 37.46
N GLU A 201 35.55 14.56 38.69
CA GLU A 201 34.70 13.63 39.41
C GLU A 201 33.38 13.32 38.69
N GLN A 202 32.77 14.37 38.13
CA GLN A 202 31.49 14.23 37.42
C GLN A 202 31.67 13.36 36.18
N VAL A 203 32.68 13.69 35.38
CA VAL A 203 33.03 12.94 34.17
C VAL A 203 33.39 11.49 34.50
N ALA A 204 34.13 11.30 35.59
CA ALA A 204 34.43 9.96 36.07
C ALA A 204 33.17 9.19 36.48
N ALA A 205 32.33 9.80 37.32
CA ALA A 205 31.12 9.13 37.83
C ALA A 205 30.13 8.73 36.72
N ALA A 206 29.91 9.65 35.78
CA ALA A 206 29.08 9.39 34.60
C ALA A 206 29.56 8.18 33.80
N CYS A 207 30.87 7.92 33.80
CA CYS A 207 31.44 6.72 33.12
C CYS A 207 31.49 5.45 33.98
N GLY A 208 30.88 5.49 35.17
CA GLY A 208 30.88 4.36 36.10
C GLY A 208 32.11 4.29 36.98
N PHE A 209 32.63 5.45 37.38
CA PHE A 209 33.80 5.52 38.26
C PHE A 209 33.49 6.47 39.40
N GLU A 210 32.90 5.91 40.45
CA GLU A 210 32.26 6.71 41.51
C GLU A 210 33.28 7.28 42.49
N ASP A 211 34.12 6.42 43.05
CA ASP A 211 35.19 6.87 43.97
C ASP A 211 36.47 7.18 43.19
N PHE A 212 36.42 8.26 42.40
CA PHE A 212 37.58 8.72 41.65
C PHE A 212 38.17 9.94 42.35
N ARG A 213 39.47 9.89 42.61
CA ARG A 213 40.21 10.96 43.26
C ARG A 213 41.23 11.53 42.28
N ALA A 214 40.99 12.78 41.85
CA ALA A 214 41.89 13.49 40.94
C ALA A 214 43.12 13.89 41.73
N GLU A 215 44.14 13.04 41.66
CA GLU A 215 45.36 13.22 42.43
C GLU A 215 46.48 13.88 41.63
N ALA A 216 46.51 13.67 40.32
CA ALA A 216 47.59 14.16 39.47
C ALA A 216 47.08 14.75 38.17
N GLY A 217 47.75 15.81 37.71
CA GLY A 217 47.38 16.53 36.50
C GLY A 217 48.59 16.82 35.64
N ILE A 218 48.49 16.48 34.36
CA ILE A 218 49.42 16.93 33.34
C ILE A 218 48.58 17.73 32.37
N LEU A 219 49.04 18.93 32.03
CA LEU A 219 48.38 19.76 31.04
C LEU A 219 49.36 19.92 29.87
N ASN A 220 48.81 19.99 28.65
CA ASN A 220 49.62 20.01 27.44
C ASN A 220 49.16 21.15 26.57
N TYR A 221 50.12 21.88 26.01
CA TYR A 221 49.85 23.08 25.23
C TYR A 221 50.52 22.94 23.85
N TYR A 222 49.73 23.12 22.81
CA TYR A 222 50.13 22.77 21.45
C TYR A 222 50.13 23.98 20.53
N ARG A 223 51.21 24.14 19.77
CA ARG A 223 51.23 24.98 18.59
C ARG A 223 50.77 24.08 17.46
N LEU A 224 50.46 24.67 16.31
CA LEU A 224 50.02 23.89 15.14
C LEU A 224 51.07 22.86 14.60
N ASP A 225 52.34 23.01 14.99
CA ASP A 225 53.42 22.07 14.62
C ASP A 225 53.83 21.10 15.74
N SER A 226 53.34 21.33 16.97
CA SER A 226 53.60 20.44 18.10
C SER A 226 53.08 19.00 17.87
N THR A 227 53.69 18.07 18.60
CA THR A 227 53.27 16.67 18.61
C THR A 227 53.56 16.08 19.99
N LEU A 228 52.88 14.99 20.32
CA LEU A 228 53.22 14.22 21.50
C LEU A 228 53.59 12.82 21.04
N GLY A 229 54.76 12.36 21.45
CA GLY A 229 55.30 11.10 20.95
C GLY A 229 54.61 9.90 21.53
N ILE A 230 54.90 8.74 20.94
CA ILE A 230 54.29 7.47 21.33
C ILE A 230 54.67 7.19 22.77
N HIS A 231 53.69 6.89 23.61
CA HIS A 231 53.94 6.62 25.02
C HIS A 231 52.82 5.83 25.67
N VAL A 232 53.08 5.36 26.88
CA VAL A 232 52.11 4.68 27.71
C VAL A 232 52.15 5.40 29.04
N ASP A 233 50.97 5.70 29.58
CA ASP A 233 50.88 6.37 30.88
C ASP A 233 50.84 5.27 31.93
N ARG A 234 52.04 4.76 32.21
CA ARG A 234 52.25 3.55 33.00
C ARG A 234 52.69 3.85 34.44
N SER A 235 53.19 5.05 34.72
CA SER A 235 53.77 5.31 36.04
C SER A 235 52.85 5.93 37.12
N GLU A 236 51.54 5.72 37.02
CA GLU A 236 50.69 5.84 38.20
C GLU A 236 50.85 4.49 38.85
N LEU A 237 50.53 4.36 40.13
CA LEU A 237 50.68 3.06 40.80
C LEU A 237 49.44 2.16 40.60
N ASP A 238 48.24 2.76 40.65
CA ASP A 238 46.97 2.04 40.42
C ASP A 238 46.50 2.15 38.95
N HIS A 239 46.49 1.01 38.25
CA HIS A 239 45.96 0.94 36.88
C HIS A 239 44.48 0.51 36.75
N SER A 240 43.76 0.33 37.86
CA SER A 240 42.29 0.22 37.80
C SER A 240 41.70 1.53 37.35
N LYS A 241 42.06 2.59 38.07
CA LYS A 241 41.46 3.90 37.90
C LYS A 241 41.77 4.50 36.53
N PRO A 242 40.78 5.17 35.91
CA PRO A 242 40.84 5.64 34.54
C PRO A 242 41.65 6.93 34.31
N LEU A 243 41.88 7.25 33.03
CA LEU A 243 42.66 8.39 32.58
C LEU A 243 41.71 9.35 31.85
N LEU A 244 41.53 10.56 32.37
CA LEU A 244 40.60 11.53 31.76
C LEU A 244 41.35 12.50 30.85
N SER A 245 40.94 12.65 29.60
CA SER A 245 41.65 13.53 28.64
C SER A 245 40.72 14.57 28.04
N PHE A 246 40.76 15.77 28.62
CA PHE A 246 40.00 16.92 28.12
C PHE A 246 40.74 17.61 26.94
N SER A 247 39.98 18.24 26.06
CA SER A 247 40.55 18.90 24.88
C SER A 247 39.83 20.23 24.63
N PHE A 248 40.59 21.26 24.23
CA PHE A 248 40.03 22.57 23.87
C PHE A 248 40.76 23.24 22.71
N GLY A 249 40.01 23.99 21.90
CA GLY A 249 40.58 24.76 20.82
C GLY A 249 40.70 23.98 19.53
N GLN A 250 41.86 24.07 18.89
CA GLN A 250 42.06 23.48 17.56
C GLN A 250 42.01 21.96 17.61
N SER A 251 41.68 21.36 16.48
CA SER A 251 41.49 19.92 16.40
C SER A 251 42.84 19.25 16.35
N ALA A 252 42.87 17.98 16.75
CA ALA A 252 44.07 17.17 16.74
C ALA A 252 43.72 15.78 16.33
N ILE A 253 44.70 15.07 15.80
CA ILE A 253 44.53 13.66 15.48
C ILE A 253 45.13 12.90 16.66
N PHE A 254 44.49 11.80 17.04
CA PHE A 254 44.92 11.00 18.18
C PHE A 254 45.05 9.57 17.71
N LEU A 255 46.22 8.98 17.93
CA LEU A 255 46.46 7.58 17.63
C LEU A 255 46.39 6.81 18.91
N LEU A 256 45.47 5.84 18.98
CA LEU A 256 45.38 4.90 20.07
C LEU A 256 45.79 3.54 19.52
N GLY A 257 46.82 2.94 20.13
CA GLY A 257 47.34 1.63 19.68
C GLY A 257 47.38 0.59 20.78
N GLY A 258 48.32 -0.35 20.66
CA GLY A 258 48.35 -1.56 21.49
C GLY A 258 49.16 -1.49 22.77
N LEU A 259 49.41 -2.67 23.33
CA LEU A 259 50.25 -2.82 24.52
C LEU A 259 51.74 -2.76 24.20
N GLN A 260 52.09 -2.96 22.92
CA GLN A 260 53.45 -2.76 22.42
C GLN A 260 53.43 -2.02 21.09
N ARG A 261 54.51 -1.30 20.83
CA ARG A 261 54.55 -0.31 19.75
C ARG A 261 54.56 -0.89 18.32
N ASP A 262 54.73 -2.20 18.19
CA ASP A 262 54.59 -2.88 16.89
C ASP A 262 53.20 -2.72 16.27
N GLU A 263 52.16 -2.72 17.11
CA GLU A 263 50.75 -2.74 16.66
C GLU A 263 50.30 -1.40 16.08
N ALA A 264 49.64 -1.46 14.93
CA ALA A 264 49.17 -0.25 14.25
C ALA A 264 48.00 0.37 15.02
N PRO A 265 47.97 1.71 15.16
CA PRO A 265 46.92 2.34 15.92
C PRO A 265 45.75 2.76 15.05
N THR A 266 44.68 3.19 15.73
CA THR A 266 43.50 3.77 15.10
C THR A 266 43.57 5.30 15.27
N ALA A 267 43.34 6.01 14.16
CA ALA A 267 43.33 7.46 14.17
C ALA A 267 41.92 7.97 14.47
N MET A 268 41.81 9.00 15.30
CA MET A 268 40.54 9.67 15.55
C MET A 268 40.76 11.17 15.77
N PHE A 269 39.78 11.99 15.38
CA PHE A 269 39.84 13.42 15.67
C PHE A 269 39.44 13.67 17.12
N MET A 270 40.04 14.71 17.72
CA MET A 270 39.62 15.26 19.01
C MET A 270 39.29 16.73 18.80
N HIS A 271 38.02 17.08 18.98
CA HIS A 271 37.54 18.43 18.75
C HIS A 271 37.42 19.20 20.07
N SER A 272 37.11 20.49 19.99
CA SER A 272 37.06 21.34 21.18
C SER A 272 35.94 20.88 22.11
N GLY A 273 36.28 20.69 23.40
CA GLY A 273 35.34 20.24 24.41
C GLY A 273 35.21 18.73 24.54
N ASP A 274 35.82 17.98 23.63
CA ASP A 274 35.72 16.52 23.64
C ASP A 274 36.44 15.95 24.86
N ILE A 275 35.98 14.79 25.33
CA ILE A 275 36.52 14.12 26.50
C ILE A 275 36.78 12.64 26.16
N MET A 276 37.83 12.10 26.76
CA MET A 276 38.31 10.74 26.49
C MET A 276 38.63 10.06 27.79
N ILE A 277 37.91 8.99 28.11
CA ILE A 277 38.32 8.14 29.22
C ILE A 277 39.13 6.97 28.64
N MET A 278 40.29 6.69 29.22
CA MET A 278 41.03 5.46 28.96
C MET A 278 40.92 4.67 30.24
N SER A 279 39.98 3.72 30.23
CA SER A 279 39.74 2.82 31.37
C SER A 279 39.81 1.35 30.95
N GLY A 280 39.97 0.48 31.95
CA GLY A 280 40.04 -0.96 31.71
C GLY A 280 41.23 -1.32 30.86
N PHE A 281 41.04 -2.24 29.93
CA PHE A 281 42.07 -2.66 28.96
C PHE A 281 42.79 -1.51 28.27
N SER A 282 42.07 -0.41 28.01
CA SER A 282 42.64 0.74 27.30
C SER A 282 43.65 1.55 28.11
N ARG A 283 43.55 1.54 29.45
CA ARG A 283 44.44 2.30 30.37
C ARG A 283 45.88 2.37 29.98
N LEU A 284 46.47 1.20 29.76
CA LEU A 284 47.91 1.09 29.55
C LEU A 284 48.28 0.90 28.09
N LEU A 285 47.40 1.31 27.18
CA LEU A 285 47.69 1.34 25.75
C LEU A 285 48.63 2.48 25.33
N ASN A 286 49.53 2.14 24.40
CA ASN A 286 50.35 3.10 23.68
C ASN A 286 49.47 4.07 22.87
N HIS A 287 49.75 5.37 23.00
CA HIS A 287 49.02 6.38 22.25
C HIS A 287 49.86 7.64 22.00
N ALA A 288 49.37 8.50 21.10
CA ALA A 288 50.08 9.71 20.70
C ALA A 288 49.16 10.75 20.10
N VAL A 289 49.73 11.92 19.84
CA VAL A 289 49.08 12.97 19.06
C VAL A 289 50.08 13.36 17.96
N PRO A 290 49.95 12.76 16.76
CA PRO A 290 50.88 13.12 15.71
C PRO A 290 50.63 14.47 15.08
N ARG A 291 49.46 15.09 15.30
CA ARG A 291 49.15 16.32 14.60
C ARG A 291 48.08 17.17 15.27
N VAL A 292 48.36 18.48 15.35
CA VAL A 292 47.33 19.46 15.64
C VAL A 292 47.04 20.16 14.31
N LEU A 293 45.77 20.38 14.04
CA LEU A 293 45.34 20.82 12.72
C LEU A 293 44.86 22.27 12.70
N PRO A 294 45.26 23.02 11.65
CA PRO A 294 44.75 24.39 11.50
C PRO A 294 43.26 24.36 11.14
N ASN A 295 42.54 25.43 11.48
CA ASN A 295 41.12 25.57 11.11
C ASN A 295 40.93 25.37 9.59
N PRO A 296 40.00 24.49 9.17
CA PRO A 296 39.76 24.30 7.73
C PRO A 296 39.29 25.54 6.96
N GLU A 297 38.44 26.37 7.56
CA GLU A 297 37.91 27.57 6.89
C GLU A 297 38.86 28.81 6.89
N GLY A 298 40.04 28.69 7.50
CA GLY A 298 41.09 29.72 7.42
C GLY A 298 41.98 29.71 8.65
N GLU A 299 42.10 30.86 9.31
CA GLU A 299 42.53 30.94 10.71
C GLU A 299 41.25 31.01 11.52
N GLY A 300 41.35 31.25 12.83
CA GLY A 300 40.15 31.46 13.67
C GLY A 300 39.71 30.21 14.41
N LEU A 301 38.74 30.41 15.30
CA LEU A 301 38.34 29.39 16.28
C LEU A 301 37.38 28.39 15.67
N PRO A 302 37.25 27.21 16.31
CA PRO A 302 36.12 26.35 15.94
C PRO A 302 34.80 26.99 16.36
N HIS A 303 33.73 26.63 15.66
CA HIS A 303 32.41 27.27 15.82
C HIS A 303 31.87 27.20 17.26
N CYS A 304 32.09 26.08 17.94
CA CYS A 304 31.61 25.87 19.30
C CYS A 304 32.13 26.91 20.31
N LEU A 305 33.34 27.42 20.07
CA LEU A 305 33.98 28.42 20.95
C LEU A 305 33.62 29.89 20.63
N GLU A 306 32.78 30.11 19.61
CA GLU A 306 32.26 31.45 19.30
C GLU A 306 31.36 31.98 20.41
N ALA A 307 30.54 31.11 20.99
CA ALA A 307 29.68 31.52 22.12
C ALA A 307 30.53 31.86 23.34
N PRO A 308 30.24 33.00 24.02
CA PRO A 308 31.03 33.40 25.17
C PRO A 308 30.41 32.84 26.45
N LEU A 309 31.08 33.08 27.57
CA LEU A 309 30.58 32.64 28.87
C LEU A 309 29.33 33.47 29.22
N PRO A 310 28.27 32.82 29.77
CA PRO A 310 27.10 33.57 30.20
C PRO A 310 27.39 34.55 31.33
N ALA A 311 26.73 35.72 31.32
CA ALA A 311 26.95 36.75 32.34
C ALA A 311 26.41 36.33 33.72
N VAL A 312 25.19 35.78 33.71
CA VAL A 312 24.62 35.11 34.87
C VAL A 312 25.27 33.73 35.02
N LEU A 313 26.01 33.54 36.12
CA LEU A 313 26.55 32.22 36.50
C LEU A 313 25.82 31.70 37.74
N PRO A 314 25.59 30.37 37.82
CA PRO A 314 24.90 29.79 38.99
C PRO A 314 25.57 30.15 40.33
N ARG A 315 24.75 30.28 41.38
CA ARG A 315 25.22 30.73 42.70
C ARG A 315 26.30 29.83 43.29
N ASP A 316 26.09 28.51 43.16
CA ASP A 316 26.95 27.48 43.77
C ASP A 316 28.09 26.97 42.86
N SER A 317 28.34 27.66 41.75
CA SER A 317 29.19 27.14 40.66
C SER A 317 30.65 26.96 41.03
N MET A 318 31.33 26.07 40.31
CA MET A 318 32.80 25.95 40.33
C MET A 318 33.45 26.76 39.21
N VAL A 319 32.63 27.39 38.37
CA VAL A 319 33.07 28.21 37.25
C VAL A 319 33.04 29.66 37.71
N GLU A 320 34.03 30.44 37.29
CA GLU A 320 34.18 31.84 37.69
C GLU A 320 34.08 32.76 36.48
N PRO A 321 33.46 33.95 36.64
CA PRO A 321 33.36 34.88 35.52
C PRO A 321 34.71 35.17 34.86
N CYS A 322 34.71 35.18 33.53
CA CYS A 322 35.89 35.49 32.74
C CYS A 322 35.77 36.95 32.30
N SER A 323 36.79 37.75 32.56
CA SER A 323 36.81 39.17 32.21
C SER A 323 36.86 39.35 30.68
N MET A 324 36.84 40.60 30.22
CA MET A 324 36.93 40.90 28.80
C MET A 324 38.37 40.70 28.27
N GLU A 325 39.35 41.16 29.02
CA GLU A 325 40.76 40.98 28.64
C GLU A 325 41.19 39.52 28.65
N ASP A 326 40.77 38.79 29.69
CA ASP A 326 41.08 37.36 29.79
C ASP A 326 40.62 36.59 28.54
N TRP A 327 39.33 36.70 28.22
CA TRP A 327 38.78 36.08 27.02
C TRP A 327 39.59 36.43 25.78
N GLN A 328 40.03 37.68 25.66
CA GLN A 328 40.78 38.15 24.48
C GLN A 328 42.13 37.44 24.28
N VAL A 329 42.85 37.19 25.39
CA VAL A 329 44.13 36.49 25.34
C VAL A 329 43.88 35.03 24.99
N CYS A 330 43.02 34.39 25.78
CA CYS A 330 42.56 33.03 25.52
C CYS A 330 42.13 32.87 24.07
N ALA A 331 41.29 33.79 23.58
CA ALA A 331 40.74 33.74 22.22
C ALA A 331 41.80 33.79 21.12
N SER A 332 42.76 34.71 21.26
CA SER A 332 43.83 34.86 20.26
C SER A 332 44.81 33.69 20.27
N TYR A 333 44.99 33.07 21.44
CA TYR A 333 45.89 31.92 21.64
C TYR A 333 45.34 30.67 20.97
N LEU A 334 44.10 30.31 21.31
CA LEU A 334 43.43 29.14 20.73
C LEU A 334 43.16 29.21 19.22
N LYS A 335 43.33 30.37 18.59
CA LYS A 335 43.24 30.44 17.12
C LYS A 335 44.35 29.62 16.43
N THR A 336 45.45 29.40 17.13
CA THR A 336 46.59 28.63 16.62
C THR A 336 47.13 27.62 17.63
N ALA A 337 46.27 27.19 18.58
CA ALA A 337 46.70 26.33 19.69
C ALA A 337 45.63 25.36 20.15
N ARG A 338 46.07 24.21 20.64
CA ARG A 338 45.23 23.29 21.39
C ARG A 338 45.74 23.21 22.83
N VAL A 339 44.81 23.16 23.78
CA VAL A 339 45.12 22.91 25.18
C VAL A 339 44.46 21.61 25.58
N ASN A 340 45.21 20.75 26.25
CA ASN A 340 44.73 19.45 26.72
C ASN A 340 44.89 19.41 28.24
N MET A 341 43.87 18.90 28.93
CA MET A 341 44.01 18.56 30.35
C MET A 341 43.88 17.05 30.47
N THR A 342 44.59 16.51 31.43
CA THR A 342 44.73 15.07 31.61
C THR A 342 44.78 14.81 33.14
N VAL A 343 43.73 14.19 33.67
CA VAL A 343 43.52 14.02 35.12
C VAL A 343 43.59 12.54 35.47
N ARG A 344 44.41 12.20 36.49
CA ARG A 344 44.73 10.81 36.85
C ARG A 344 44.67 10.58 38.35
N GLN A 345 44.42 9.34 38.75
CA GLN A 345 44.57 8.90 40.13
C GLN A 345 45.88 8.12 40.24
N VAL A 346 46.75 8.51 41.18
CA VAL A 346 48.08 7.87 41.32
C VAL A 346 48.06 6.71 42.30
N LEU A 347 47.40 6.90 43.45
CA LEU A 347 47.34 5.89 44.51
C LEU A 347 45.93 5.34 44.65
N ALA A 348 45.83 4.05 44.97
CA ALA A 348 44.54 3.41 45.19
C ALA A 348 43.88 4.18 46.32
N THR A 349 42.58 3.96 46.52
CA THR A 349 41.86 4.54 47.64
C THR A 349 42.61 3.91 48.82
N ASP A 350 43.29 4.78 49.59
CA ASP A 350 44.21 4.36 50.65
C ASP A 350 45.42 3.39 50.51
N GLN A 351 46.22 3.65 49.47
CA GLN A 351 47.43 2.85 49.20
C GLN A 351 48.12 4.17 49.53
N ASN A 352 48.44 4.35 50.81
CA ASN A 352 49.35 5.39 51.34
C ASN A 352 50.48 5.17 50.31
N PHE A 353 51.20 6.24 49.98
CA PHE A 353 52.40 6.17 49.11
C PHE A 353 53.27 5.01 49.62
N PRO A 354 53.70 4.09 48.71
CA PRO A 354 54.81 3.16 49.02
C PRO A 354 56.18 3.73 48.72
N GLY B 19 -3.87 14.61 0.19
CA GLY B 19 -5.01 15.07 -0.67
C GLY B 19 -5.03 14.37 -2.02
N GLU B 20 -5.44 15.10 -3.06
CA GLU B 20 -5.53 14.53 -4.40
C GLU B 20 -4.15 14.23 -5.00
N ASP B 21 -3.44 15.28 -5.44
CA ASP B 21 -2.16 15.11 -6.13
C ASP B 21 -0.99 14.78 -5.18
N ALA B 22 0.14 14.41 -5.77
CA ALA B 22 1.33 13.98 -5.01
C ALA B 22 2.00 15.09 -4.20
N PHE B 23 1.91 16.34 -4.64
CA PHE B 23 2.34 17.47 -3.81
C PHE B 23 1.53 17.49 -2.53
N ARG B 24 0.21 17.52 -2.65
CA ARG B 24 -0.67 17.57 -1.47
C ARG B 24 -0.52 16.31 -0.59
N LYS B 25 -0.26 15.15 -1.20
CA LYS B 25 0.06 13.92 -0.47
C LYS B 25 1.34 14.08 0.34
N LEU B 26 2.41 14.53 -0.32
CA LEU B 26 3.68 14.84 0.35
C LEU B 26 3.62 16.02 1.32
N PHE B 27 2.76 16.98 1.10
CA PHE B 27 2.57 18.09 2.04
C PHE B 27 1.99 17.55 3.34
N ARG B 28 0.94 16.77 3.21
CA ARG B 28 0.25 16.15 4.33
C ARG B 28 1.19 15.23 5.08
N PHE B 29 2.00 14.46 4.34
CA PHE B 29 2.97 13.54 4.96
C PHE B 29 3.99 14.23 5.86
N TYR B 30 4.63 15.28 5.38
CA TYR B 30 5.67 15.97 6.15
C TYR B 30 5.06 16.81 7.27
N ARG B 31 3.86 17.36 7.07
CA ARG B 31 3.15 18.04 8.16
C ARG B 31 2.96 17.11 9.34
N GLN B 32 2.71 15.83 9.06
CA GLN B 32 2.49 14.81 10.07
C GLN B 32 3.66 13.81 10.13
N SER B 33 4.88 14.32 9.92
CA SER B 33 6.09 13.54 10.09
C SER B 33 6.55 13.67 11.52
N ARG B 34 7.00 12.56 12.11
CA ARG B 34 7.51 12.56 13.47
C ARG B 34 9.01 12.80 13.44
N PRO B 35 9.51 13.76 14.25
CA PRO B 35 10.96 13.98 14.31
C PRO B 35 11.74 12.80 14.93
N GLY B 36 12.94 12.54 14.41
CA GLY B 36 13.76 11.41 14.87
C GLY B 36 13.17 10.04 14.58
N THR B 37 12.65 9.90 13.36
CA THR B 37 12.13 8.63 12.84
C THR B 37 12.54 8.51 11.36
N ALA B 38 12.11 7.43 10.70
CA ALA B 38 12.40 7.23 9.27
C ALA B 38 11.64 8.20 8.31
N ASP B 39 10.74 9.03 8.84
CA ASP B 39 9.92 9.95 8.03
C ASP B 39 10.76 10.93 7.20
N LEU B 40 11.89 11.38 7.76
CA LEU B 40 12.70 12.45 7.17
C LEU B 40 13.92 11.99 6.38
N GLU B 41 14.22 10.71 6.31
CA GLU B 41 15.50 10.30 5.70
C GLU B 41 15.60 10.57 4.18
N GLY B 42 14.45 10.65 3.51
CA GLY B 42 14.40 11.09 2.10
C GLY B 42 14.62 12.58 1.87
N VAL B 43 14.68 13.36 2.95
CA VAL B 43 14.87 14.81 2.90
C VAL B 43 16.33 15.13 2.63
N ILE B 44 16.57 16.10 1.74
CA ILE B 44 17.93 16.54 1.38
C ILE B 44 18.47 17.52 2.42
N ASP B 45 19.67 17.25 2.93
CA ASP B 45 20.36 18.19 3.84
C ASP B 45 21.63 18.76 3.18
N PHE B 46 21.60 20.05 2.87
CA PHE B 46 22.73 20.72 2.24
C PHE B 46 23.87 20.98 3.24
N SER B 47 23.54 21.33 4.49
CA SER B 47 24.54 21.58 5.53
C SER B 47 25.35 20.31 5.91
N ALA B 48 24.64 19.18 6.02
CA ALA B 48 25.25 17.88 6.33
C ALA B 48 26.08 17.34 5.15
N GLY B 58 19.43 12.88 -2.18
CA GLY B 58 20.71 12.95 -1.48
C GLY B 58 21.86 13.26 -2.43
N ALA B 59 22.86 12.35 -2.50
CA ALA B 59 24.00 12.48 -3.42
C ALA B 59 23.59 12.37 -4.89
N GLN B 60 22.41 11.77 -5.14
CA GLN B 60 21.78 11.77 -6.45
C GLN B 60 21.51 13.20 -6.93
N LYS B 61 20.68 13.92 -6.16
CA LYS B 61 20.09 15.19 -6.63
C LYS B 61 20.97 16.42 -6.47
N VAL B 62 21.85 16.45 -5.47
CA VAL B 62 22.64 17.64 -5.14
C VAL B 62 23.85 17.83 -6.07
N ILE B 63 24.01 19.05 -6.56
CA ILE B 63 25.04 19.39 -7.54
C ILE B 63 25.64 20.73 -7.20
N LYS B 64 26.78 21.03 -7.80
CA LYS B 64 27.50 22.26 -7.52
C LYS B 64 26.79 23.41 -8.19
N SER B 65 26.90 24.59 -7.59
CA SER B 65 26.50 25.85 -8.20
C SER B 65 27.63 26.86 -7.97
N GLN B 66 28.14 27.46 -9.03
CA GLN B 66 29.19 28.48 -8.93
C GLN B 66 28.58 29.87 -8.71
N LEU B 67 29.15 30.61 -7.77
CA LEU B 67 28.80 32.02 -7.56
C LEU B 67 29.81 32.94 -8.25
N ASN B 68 29.37 34.13 -8.65
CA ASN B 68 30.29 35.20 -9.06
C ASN B 68 30.99 35.77 -7.83
N VAL B 69 32.20 35.29 -7.57
CA VAL B 69 32.94 35.68 -6.37
C VAL B 69 33.39 37.15 -6.41
N SER B 70 33.80 37.62 -7.59
CA SER B 70 34.16 39.03 -7.80
C SER B 70 33.00 40.02 -7.64
N SER B 71 31.79 39.60 -8.03
CA SER B 71 30.57 40.46 -8.02
C SER B 71 30.31 41.21 -6.73
N VAL B 72 30.66 40.61 -5.60
CA VAL B 72 30.48 41.22 -4.28
C VAL B 72 31.85 41.38 -3.64
N SER B 73 32.19 42.60 -3.27
CA SER B 73 33.45 42.90 -2.63
C SER B 73 33.53 42.20 -1.28
N GLU B 74 34.75 42.06 -0.77
CA GLU B 74 34.96 41.54 0.59
C GLU B 74 34.38 42.49 1.65
N GLN B 75 34.38 43.79 1.34
CA GLN B 75 33.89 44.83 2.27
C GLN B 75 32.36 44.95 2.32
N ASN B 76 31.71 44.90 1.16
CA ASN B 76 30.23 44.92 1.09
C ASN B 76 29.61 43.68 1.74
N ALA B 77 30.30 42.53 1.62
CA ALA B 77 29.96 41.34 2.39
C ALA B 77 30.14 41.54 3.90
N TYR B 78 31.26 42.14 4.29
CA TYR B 78 31.54 42.43 5.70
C TYR B 78 30.55 43.45 6.29
N ARG B 79 30.24 44.47 5.50
CA ARG B 79 29.18 45.45 5.82
C ARG B 79 27.82 44.76 6.03
N ALA B 80 27.50 43.81 5.14
CA ALA B 80 26.23 43.06 5.21
C ALA B 80 26.09 42.17 6.45
N GLY B 81 27.22 41.70 6.98
CA GLY B 81 27.23 40.67 8.02
C GLY B 81 27.45 39.29 7.44
N LEU B 82 27.98 39.24 6.22
CA LEU B 82 28.21 37.99 5.53
C LEU B 82 29.70 37.64 5.50
N GLN B 83 29.96 36.38 5.15
CA GLN B 83 31.30 35.91 4.88
C GLN B 83 31.65 36.37 3.46
N PRO B 84 32.94 36.33 3.07
CA PRO B 84 33.28 36.57 1.67
C PRO B 84 32.71 35.51 0.75
N VAL B 85 32.23 35.92 -0.41
CA VAL B 85 31.59 35.00 -1.36
C VAL B 85 32.53 33.83 -1.72
N SER B 86 33.84 34.08 -1.73
CA SER B 86 34.84 33.01 -1.89
C SER B 86 34.69 31.87 -0.86
N LYS B 87 34.38 32.23 0.39
CA LYS B 87 34.06 31.23 1.42
C LYS B 87 32.72 30.51 1.20
N TRP B 88 31.73 31.18 0.60
CA TRP B 88 30.34 30.67 0.52
C TRP B 88 30.22 29.33 -0.19
N GLN B 89 29.46 28.41 0.41
CA GLN B 89 29.07 27.15 -0.22
C GLN B 89 27.73 27.36 -0.91
N ALA B 90 27.60 26.89 -2.14
CA ALA B 90 26.37 27.07 -2.92
C ALA B 90 26.07 25.82 -3.73
N TYR B 91 24.81 25.38 -3.71
CA TYR B 91 24.40 24.12 -4.36
C TYR B 91 23.16 24.28 -5.19
N GLY B 92 23.04 23.42 -6.21
CA GLY B 92 21.82 23.28 -7.00
C GLY B 92 21.17 21.92 -6.80
N LEU B 93 20.20 21.64 -7.65
CA LEU B 93 19.43 20.38 -7.63
C LEU B 93 19.20 19.89 -9.04
N LYS B 94 19.37 18.60 -9.27
CA LYS B 94 19.03 17.99 -10.56
C LYS B 94 17.52 18.05 -10.75
N GLY B 95 17.11 18.64 -11.86
CA GLY B 95 15.70 18.82 -12.19
C GLY B 95 15.19 20.23 -12.00
N TYR B 96 15.96 21.06 -11.29
CA TYR B 96 15.50 22.37 -10.83
C TYR B 96 16.50 23.45 -11.20
N PRO B 97 16.90 23.52 -12.49
CA PRO B 97 17.92 24.52 -12.87
C PRO B 97 17.57 25.94 -12.47
N GLY B 98 18.56 26.65 -11.92
CA GLY B 98 18.36 28.01 -11.43
C GLY B 98 18.04 28.10 -9.95
N PHE B 99 17.76 26.96 -9.33
CA PHE B 99 17.54 26.91 -7.90
C PHE B 99 18.90 26.82 -7.21
N ILE B 100 19.19 27.82 -6.38
CA ILE B 100 20.48 27.95 -5.70
C ILE B 100 20.25 27.87 -4.20
N PHE B 101 20.90 26.93 -3.53
CA PHE B 101 20.88 26.84 -2.05
C PHE B 101 22.25 27.30 -1.62
N ILE B 102 22.29 28.11 -0.54
CA ILE B 102 23.51 28.55 0.13
C ILE B 102 23.19 27.40 1.09
N PRO B 103 24.03 27.25 2.15
CA PRO B 103 23.97 27.10 3.63
C PRO B 103 23.98 28.52 4.19
N ASN B 104 24.09 28.58 5.54
CA ASN B 104 24.49 29.71 6.41
C ASN B 104 25.79 30.24 5.78
N PRO B 105 25.76 31.50 5.27
CA PRO B 105 26.90 32.36 5.01
C PRO B 105 27.24 33.27 6.18
N PHE B 106 26.27 33.59 7.04
CA PHE B 106 26.36 34.70 7.98
C PHE B 106 27.57 34.58 8.91
N LEU B 107 28.15 35.74 9.24
CA LEU B 107 29.17 35.81 10.29
C LEU B 107 28.52 35.50 11.64
N PRO B 108 29.29 34.88 12.58
CA PRO B 108 28.73 34.54 13.90
C PRO B 108 28.00 35.70 14.54
N GLY B 109 26.81 35.43 15.06
CA GLY B 109 25.98 36.44 15.70
C GLY B 109 25.19 37.38 14.79
N TYR B 110 25.63 37.58 13.54
CA TYR B 110 24.97 38.55 12.67
C TYR B 110 23.53 38.19 12.33
N GLN B 111 23.20 36.90 12.27
CA GLN B 111 21.82 36.45 12.20
C GLN B 111 20.86 37.12 13.22
N TRP B 112 21.38 37.51 14.39
CA TRP B 112 20.56 38.20 15.40
C TRP B 112 20.08 39.60 15.02
N HIS B 113 20.79 40.27 14.12
CA HIS B 113 20.33 41.55 13.65
C HIS B 113 19.01 41.40 12.91
N TRP B 114 18.95 40.44 12.00
CA TRP B 114 17.78 40.25 11.15
C TRP B 114 16.55 39.81 11.95
N VAL B 115 16.78 38.95 12.94
CA VAL B 115 15.70 38.48 13.81
C VAL B 115 15.16 39.62 14.71
N LYS B 116 16.05 40.54 15.11
CA LYS B 116 15.63 41.77 15.80
C LYS B 116 14.80 42.63 14.84
N GLN B 117 15.37 42.98 13.69
CA GLN B 117 14.69 43.84 12.71
C GLN B 117 13.29 43.30 12.33
N CYS B 118 13.21 42.01 12.03
CA CYS B 118 11.93 41.39 11.65
C CYS B 118 10.89 41.44 12.77
N LEU B 119 11.34 41.26 14.01
CA LEU B 119 10.44 41.26 15.17
C LEU B 119 10.14 42.64 15.73
N LYS B 120 11.11 43.55 15.60
CA LYS B 120 11.00 44.91 16.14
C LYS B 120 10.70 45.94 15.05
N LEU B 121 11.66 46.18 14.17
CA LEU B 121 11.60 47.31 13.23
C LEU B 121 10.60 47.06 12.09
N TYR B 122 10.82 46.01 11.30
CA TYR B 122 10.03 45.76 10.09
C TYR B 122 8.54 45.51 10.32
N SER B 123 8.18 45.06 11.53
CA SER B 123 6.78 44.77 11.82
C SER B 123 6.01 45.97 12.37
N GLN B 124 6.49 47.20 12.16
CA GLN B 124 5.86 48.39 12.77
C GLN B 124 4.92 49.15 11.80
N LYS B 125 4.06 49.97 12.41
CA LYS B 125 2.74 50.35 11.88
C LYS B 125 2.57 50.73 10.40
N PRO B 126 3.49 51.52 9.82
CA PRO B 126 3.25 51.81 8.39
C PRO B 126 3.12 50.51 7.57
N ASN B 127 4.01 49.57 7.83
CA ASN B 127 4.02 48.27 7.18
C ASN B 127 2.84 47.41 7.64
N VAL B 128 2.35 46.58 6.73
CA VAL B 128 1.12 45.82 6.89
C VAL B 128 1.45 44.44 7.43
N CYS B 129 0.72 44.00 8.44
CA CYS B 129 0.89 42.68 9.05
C CYS B 129 -0.45 41.93 9.05
N ASN B 130 -0.40 40.61 9.20
CA ASN B 130 -1.63 39.79 9.14
C ASN B 130 -2.68 40.10 10.20
N LEU B 131 -2.27 40.70 11.32
CA LEU B 131 -3.20 41.04 12.40
C LEU B 131 -4.07 42.27 12.07
N ASP B 132 -3.56 43.19 11.24
CA ASP B 132 -4.29 44.42 10.83
C ASP B 132 -5.70 44.18 10.27
N LYS B 133 -5.90 43.08 9.56
CA LYS B 133 -7.19 42.72 8.96
C LYS B 133 -8.33 42.53 9.98
N HIS B 134 -8.01 41.92 11.13
CA HIS B 134 -9.00 41.63 12.18
C HIS B 134 -8.83 42.43 13.49
N MET B 135 -7.85 43.34 13.55
CA MET B 135 -7.60 44.19 14.74
C MET B 135 -7.45 45.67 14.35
N SER B 136 -7.44 46.54 15.36
CA SER B 136 -7.48 48.01 15.17
C SER B 136 -6.13 48.63 14.79
N LYS B 137 -6.15 49.95 14.52
CA LYS B 137 -4.94 50.73 14.20
C LYS B 137 -4.11 51.05 15.44
N GLU B 138 -4.78 51.27 16.57
CA GLU B 138 -4.13 51.33 17.89
C GLU B 138 -4.03 49.92 18.47
N GLU B 139 -3.00 49.69 19.29
CA GLU B 139 -2.58 48.35 19.73
C GLU B 139 -1.98 47.53 18.57
N THR B 140 -1.29 48.23 17.66
CA THR B 140 -0.60 47.63 16.51
C THR B 140 0.84 48.17 16.40
N GLN B 141 0.97 49.50 16.39
CA GLN B 141 2.29 50.18 16.42
C GLN B 141 3.24 49.63 17.49
N ASP B 142 2.69 49.32 18.66
CA ASP B 142 3.42 48.70 19.76
C ASP B 142 3.23 47.17 19.76
N LEU B 143 3.74 46.53 18.70
CA LEU B 143 3.65 45.07 18.54
C LEU B 143 4.87 44.40 19.18
N TRP B 144 6.04 44.96 18.91
CA TRP B 144 7.28 44.64 19.62
C TRP B 144 7.20 44.97 21.11
N GLU B 145 6.56 46.09 21.43
CA GLU B 145 6.52 46.63 22.79
C GLU B 145 5.68 45.82 23.77
N GLN B 146 4.62 45.16 23.29
CA GLN B 146 3.80 44.30 24.15
C GLN B 146 4.63 43.12 24.68
N SER B 147 5.23 42.38 23.76
CA SER B 147 5.98 41.15 24.09
C SER B 147 7.32 41.41 24.80
N LYS B 148 7.84 42.63 24.69
CA LYS B 148 9.00 43.10 25.49
C LYS B 148 8.76 42.97 27.01
N GLU B 149 7.52 43.25 27.43
CA GLU B 149 7.10 43.06 28.83
C GLU B 149 6.53 41.67 29.13
N PHE B 150 6.80 40.69 28.26
CA PHE B 150 6.46 39.28 28.49
C PHE B 150 7.74 38.45 28.64
N LEU B 151 8.70 39.00 29.39
CA LEU B 151 9.87 38.26 29.92
C LEU B 151 10.01 38.30 31.46
N ARG B 152 9.29 39.20 32.15
CA ARG B 152 9.26 39.25 33.63
C ARG B 152 8.12 38.42 34.24
N TYR B 153 6.98 38.33 33.54
CA TYR B 153 5.83 37.54 33.98
C TYR B 153 6.08 36.03 33.82
N LYS B 154 6.72 35.42 34.82
CA LYS B 154 7.07 33.99 34.79
C LYS B 154 5.84 33.07 34.94
N GLU B 155 6.08 31.76 34.79
CA GLU B 155 5.03 30.72 34.88
C GLU B 155 4.04 30.80 33.72
N ARG B 162 0.66 33.06 23.25
CA ARG B 162 0.20 33.91 24.34
C ARG B 162 0.08 35.38 23.90
N SER B 163 1.21 36.00 23.54
CA SER B 163 1.25 37.43 23.19
C SER B 163 0.84 37.66 21.73
N LEU B 164 0.86 38.93 21.31
CA LEU B 164 0.52 39.29 19.92
C LEU B 164 1.59 38.90 18.91
N LEU B 165 2.86 39.10 19.27
CA LEU B 165 3.97 38.70 18.41
C LEU B 165 4.04 37.18 18.18
N GLU B 166 3.43 36.40 19.08
CA GLU B 166 3.30 34.94 18.93
C GLU B 166 2.11 34.55 18.05
N LYS B 167 1.23 35.53 17.80
CA LYS B 167 0.09 35.39 16.86
C LYS B 167 0.35 36.09 15.50
N LEU B 168 1.48 36.80 15.39
CA LEU B 168 1.96 37.34 14.12
C LEU B 168 2.43 36.23 13.20
N ARG B 169 1.90 36.22 11.96
CA ARG B 169 2.23 35.22 10.94
C ARG B 169 2.82 35.77 9.62
N TRP B 170 2.47 36.99 9.21
CA TRP B 170 3.17 37.66 8.11
C TRP B 170 3.23 39.17 8.22
N VAL B 171 4.22 39.76 7.56
CA VAL B 171 4.42 41.21 7.46
C VAL B 171 4.93 41.53 6.06
N THR B 172 4.30 42.50 5.40
CA THR B 172 4.77 42.94 4.07
C THR B 172 5.56 44.24 4.21
N VAL B 173 6.51 44.42 3.31
CA VAL B 173 7.32 45.64 3.23
C VAL B 173 7.50 45.97 1.76
N GLY B 174 7.70 47.25 1.46
CA GLY B 174 7.70 47.71 0.07
C GLY B 174 6.29 47.73 -0.50
N TYR B 175 6.17 47.38 -1.78
CA TYR B 175 4.85 47.13 -2.39
C TYR B 175 4.14 46.06 -1.60
N HIS B 176 3.19 46.48 -0.76
CA HIS B 176 2.43 45.54 0.06
C HIS B 176 1.54 44.68 -0.82
N TYR B 177 1.69 43.37 -0.67
CA TYR B 177 1.01 42.40 -1.52
C TYR B 177 -0.47 42.34 -1.15
N ASN B 178 -1.36 42.34 -2.16
CA ASN B 178 -2.79 42.18 -1.90
C ASN B 178 -3.17 40.71 -1.91
N TRP B 179 -3.46 40.17 -0.73
CA TRP B 179 -3.75 38.73 -0.60
C TRP B 179 -5.06 38.30 -1.27
N ASP B 180 -6.07 39.17 -1.17
CA ASP B 180 -7.39 38.91 -1.77
C ASP B 180 -7.34 39.05 -3.30
N SER B 181 -6.72 40.13 -3.78
CA SER B 181 -6.64 40.40 -5.23
C SER B 181 -5.45 39.73 -5.96
N LYS B 182 -4.53 39.13 -5.19
CA LYS B 182 -3.30 38.50 -5.71
C LYS B 182 -2.45 39.43 -6.60
N LYS B 183 -2.28 40.67 -6.14
CA LYS B 183 -1.62 41.73 -6.91
C LYS B 183 -0.85 42.72 -6.06
N TYR B 184 0.10 43.39 -6.69
CA TYR B 184 0.76 44.57 -6.13
C TYR B 184 0.13 45.81 -6.76
N SER B 185 0.20 46.93 -6.05
CA SER B 185 -0.35 48.20 -6.51
C SER B 185 0.58 49.35 -6.18
N ALA B 186 0.77 50.26 -7.15
CA ALA B 186 1.54 51.50 -6.93
C ALA B 186 0.94 52.38 -5.81
N ASP B 187 -0.39 52.34 -5.67
CA ASP B 187 -1.11 53.16 -4.69
C ASP B 187 -1.06 52.63 -3.25
N HIS B 188 -0.29 51.58 -2.99
CA HIS B 188 -0.26 50.96 -1.66
C HIS B 188 1.15 50.43 -1.34
N TYR B 189 2.04 51.32 -0.89
CA TYR B 189 3.43 50.93 -0.57
C TYR B 189 4.22 51.85 0.39
N THR B 190 4.92 51.22 1.33
CA THR B 190 5.88 51.86 2.24
C THR B 190 7.28 51.70 1.61
N PRO B 191 8.24 52.61 1.92
CA PRO B 191 9.61 52.38 1.41
C PRO B 191 10.26 51.09 1.93
N PHE B 192 11.03 50.42 1.06
CA PHE B 192 11.68 49.16 1.40
C PHE B 192 12.85 49.43 2.32
N PRO B 193 13.00 48.66 3.42
CA PRO B 193 14.06 48.97 4.39
C PRO B 193 15.48 48.86 3.81
N SER B 194 16.35 49.80 4.16
CA SER B 194 17.64 49.95 3.51
C SER B 194 18.63 48.80 3.80
N ASP B 195 18.68 48.33 5.05
CA ASP B 195 19.58 47.23 5.42
C ASP B 195 19.26 45.96 4.64
N LEU B 196 18.03 45.45 4.80
CA LEU B 196 17.56 44.25 4.11
C LEU B 196 17.75 44.36 2.60
N GLY B 197 17.49 45.56 2.08
CA GLY B 197 17.73 45.89 0.68
C GLY B 197 19.17 45.58 0.36
N PHE B 198 20.08 46.17 1.13
CA PHE B 198 21.53 46.00 0.91
C PHE B 198 21.94 44.54 0.95
N LEU B 199 21.61 43.87 2.06
CA LEU B 199 21.81 42.42 2.18
C LEU B 199 21.36 41.69 0.91
N SER B 200 20.09 41.88 0.54
CA SER B 200 19.47 41.26 -0.63
C SER B 200 20.26 41.51 -1.93
N GLU B 201 20.62 42.76 -2.14
CA GLU B 201 21.38 43.16 -3.33
C GLU B 201 22.77 42.48 -3.43
N GLN B 202 23.42 42.21 -2.28
CA GLN B 202 24.71 41.49 -2.26
C GLN B 202 24.52 40.03 -2.65
N VAL B 203 23.65 39.32 -1.92
CA VAL B 203 23.28 37.91 -2.22
C VAL B 203 22.85 37.73 -3.68
N ALA B 204 22.05 38.65 -4.20
CA ALA B 204 21.59 38.59 -5.59
C ALA B 204 22.76 38.74 -6.56
N ALA B 205 23.70 39.62 -6.23
CA ALA B 205 24.90 39.83 -7.06
C ALA B 205 25.79 38.58 -7.13
N ALA B 206 25.97 37.91 -5.99
CA ALA B 206 26.76 36.66 -5.94
C ALA B 206 26.20 35.60 -6.89
N CYS B 207 24.88 35.46 -6.91
CA CYS B 207 24.21 34.50 -7.79
C CYS B 207 24.07 34.97 -9.27
N GLY B 208 24.63 36.15 -9.59
CA GLY B 208 24.63 36.68 -10.95
C GLY B 208 23.49 37.64 -11.26
N PHE B 209 23.19 38.53 -10.32
CA PHE B 209 22.13 39.54 -10.51
C PHE B 209 22.53 40.93 -9.99
N GLU B 210 23.30 41.65 -10.82
CA GLU B 210 23.75 43.03 -10.50
C GLU B 210 22.61 44.03 -10.54
N ASP B 211 21.66 43.85 -11.46
CA ASP B 211 20.55 44.78 -11.62
C ASP B 211 19.49 44.72 -10.50
N PHE B 212 19.63 43.78 -9.56
CA PHE B 212 18.58 43.52 -8.54
C PHE B 212 18.19 44.73 -7.68
N ARG B 213 16.88 44.92 -7.54
CA ARG B 213 16.26 45.97 -6.72
C ARG B 213 15.18 45.36 -5.83
N ALA B 214 15.36 45.56 -4.53
CA ALA B 214 14.45 45.01 -3.54
C ALA B 214 13.20 45.89 -3.44
N GLU B 215 12.13 45.44 -4.08
CA GLU B 215 10.91 46.24 -4.21
C GLU B 215 9.81 45.83 -3.23
N ALA B 216 9.68 44.53 -2.98
CA ALA B 216 8.67 44.04 -2.05
C ALA B 216 9.17 42.84 -1.29
N GLY B 217 8.85 42.80 0.00
CA GLY B 217 9.24 41.70 0.87
C GLY B 217 8.04 41.19 1.63
N ILE B 218 7.82 39.88 1.56
CA ILE B 218 6.90 39.23 2.46
C ILE B 218 7.79 38.55 3.49
N LEU B 219 7.45 38.71 4.76
CA LEU B 219 8.18 38.08 5.86
C LEU B 219 7.21 37.14 6.54
N ASN B 220 7.55 35.84 6.55
CA ASN B 220 6.74 34.80 7.22
C ASN B 220 7.26 34.49 8.62
N TYR B 221 6.33 34.43 9.58
CA TYR B 221 6.64 34.19 10.98
C TYR B 221 5.91 32.93 11.39
N TYR B 222 6.68 31.91 11.81
CA TYR B 222 6.16 30.56 12.09
C TYR B 222 6.18 30.20 13.58
N ARG B 223 5.18 29.43 14.00
CA ARG B 223 5.23 28.61 15.21
C ARG B 223 5.57 27.20 14.75
N LEU B 224 5.80 26.30 15.70
CA LEU B 224 6.18 24.91 15.41
C LEU B 224 5.07 24.18 14.64
N ASP B 225 3.83 24.41 15.03
CA ASP B 225 2.65 23.86 14.32
C ASP B 225 2.28 24.58 13.00
N SER B 226 2.96 25.69 12.67
CA SER B 226 2.62 26.50 11.47
C SER B 226 3.00 25.82 10.19
N THR B 227 2.50 26.38 9.08
CA THR B 227 2.76 25.88 7.74
C THR B 227 2.56 27.01 6.74
N LEU B 228 2.97 26.76 5.52
CA LEU B 228 2.66 27.62 4.40
C LEU B 228 2.24 26.69 3.28
N GLY B 229 1.02 26.88 2.80
CA GLY B 229 0.46 26.02 1.78
C GLY B 229 1.13 26.15 0.44
N ILE B 230 0.73 25.25 -0.46
CA ILE B 230 1.29 25.18 -1.80
C ILE B 230 0.95 26.49 -2.48
N HIS B 231 1.94 27.07 -3.16
CA HIS B 231 1.70 28.28 -3.94
C HIS B 231 2.77 28.50 -4.99
N VAL B 232 2.57 29.53 -5.78
CA VAL B 232 3.54 30.02 -6.73
C VAL B 232 3.59 31.53 -6.57
N ASP B 233 4.79 32.11 -6.54
CA ASP B 233 4.94 33.56 -6.44
C ASP B 233 4.97 34.14 -7.85
N ARG B 234 3.78 34.21 -8.44
CA ARG B 234 3.56 34.55 -9.87
C ARG B 234 3.16 36.02 -10.05
N SER B 235 2.84 36.73 -8.96
CA SER B 235 2.20 38.04 -9.07
C SER B 235 3.14 39.26 -9.08
N GLU B 236 4.45 39.03 -9.20
CA GLU B 236 5.39 40.09 -9.57
C GLU B 236 5.25 40.27 -11.07
N LEU B 237 5.53 41.48 -11.55
CA LEU B 237 5.39 41.77 -12.97
C LEU B 237 6.61 41.27 -13.75
N ASP B 238 7.78 41.29 -13.13
CA ASP B 238 9.01 40.78 -13.76
C ASP B 238 9.35 39.38 -13.23
N HIS B 239 9.31 38.40 -14.14
CA HIS B 239 9.68 37.02 -13.84
C HIS B 239 11.15 36.69 -14.13
N SER B 240 11.92 37.64 -14.67
CA SER B 240 13.36 37.46 -14.90
C SER B 240 14.09 37.42 -13.58
N LYS B 241 13.75 38.37 -12.72
CA LYS B 241 14.40 38.56 -11.43
C LYS B 241 14.21 37.37 -10.48
N PRO B 242 15.24 37.07 -9.65
CA PRO B 242 15.16 35.98 -8.71
C PRO B 242 14.37 36.35 -7.45
N LEU B 243 14.03 35.31 -6.70
CA LEU B 243 13.30 35.42 -5.45
C LEU B 243 14.28 35.00 -4.35
N LEU B 244 14.46 35.80 -3.30
CA LEU B 244 15.43 35.50 -2.23
C LEU B 244 14.74 35.13 -0.92
N SER B 245 15.04 33.93 -0.41
CA SER B 245 14.48 33.45 0.87
C SER B 245 15.59 33.37 1.91
N PHE B 246 15.31 33.87 3.11
CA PHE B 246 16.26 33.88 4.22
C PHE B 246 15.61 33.20 5.42
N SER B 247 16.28 32.21 6.00
CA SER B 247 15.75 31.49 7.15
C SER B 247 16.56 31.74 8.42
N PHE B 248 15.85 31.96 9.53
CA PHE B 248 16.45 32.10 10.85
C PHE B 248 15.64 31.32 11.89
N GLY B 249 16.35 30.70 12.84
CA GLY B 249 15.74 30.00 13.98
C GLY B 249 15.55 28.51 13.76
N GLN B 250 14.39 27.99 14.16
CA GLN B 250 14.11 26.56 14.05
C GLN B 250 14.11 26.11 12.59
N SER B 251 14.53 24.87 12.37
CA SER B 251 14.58 24.32 11.01
C SER B 251 13.17 24.05 10.48
N ALA B 252 13.05 24.04 9.17
CA ALA B 252 11.80 23.70 8.52
C ALA B 252 12.07 22.84 7.31
N ILE B 253 11.04 22.12 6.87
CA ILE B 253 11.10 21.33 5.65
C ILE B 253 10.51 22.18 4.54
N PHE B 254 11.18 22.16 3.39
CA PHE B 254 10.75 22.92 2.21
C PHE B 254 10.54 21.93 1.07
N LEU B 255 9.40 22.07 0.39
CA LEU B 255 9.04 21.28 -0.78
C LEU B 255 9.09 22.15 -2.03
N LEU B 256 9.84 21.72 -3.05
CA LEU B 256 9.95 22.46 -4.30
C LEU B 256 9.42 21.57 -5.39
N GLY B 257 8.25 21.93 -5.93
CA GLY B 257 7.60 21.15 -6.97
C GLY B 257 7.73 21.71 -8.38
N GLY B 258 6.62 21.63 -9.12
CA GLY B 258 6.63 21.88 -10.55
C GLY B 258 5.88 23.13 -10.93
N LEU B 259 5.74 23.32 -12.24
CA LEU B 259 4.93 24.40 -12.78
C LEU B 259 3.44 24.14 -12.51
N GLN B 260 3.09 22.87 -12.33
CA GLN B 260 1.74 22.48 -11.93
C GLN B 260 1.82 21.62 -10.68
N ARG B 261 0.71 21.58 -9.94
CA ARG B 261 0.70 20.97 -8.61
C ARG B 261 0.67 19.45 -8.65
N ASP B 262 0.43 18.86 -9.83
CA ASP B 262 0.45 17.39 -9.99
C ASP B 262 1.81 16.80 -9.59
N GLU B 263 2.90 17.48 -10.00
CA GLU B 263 4.27 16.99 -9.83
C GLU B 263 4.65 16.81 -8.37
N ALA B 264 5.31 15.71 -8.06
CA ALA B 264 5.82 15.47 -6.71
C ALA B 264 6.95 16.45 -6.43
N PRO B 265 6.94 17.11 -5.24
CA PRO B 265 8.06 17.97 -4.90
C PRO B 265 9.25 17.18 -4.40
N THR B 266 10.38 17.86 -4.33
CA THR B 266 11.57 17.37 -3.66
C THR B 266 11.62 18.03 -2.29
N ALA B 267 11.78 17.23 -1.24
CA ALA B 267 11.88 17.75 0.12
C ALA B 267 13.31 18.14 0.54
N MET B 268 13.44 19.21 1.31
CA MET B 268 14.75 19.66 1.78
C MET B 268 14.63 20.45 3.09
N PHE B 269 15.73 20.53 3.83
CA PHE B 269 15.77 21.30 5.07
C PHE B 269 16.15 22.76 4.81
N MET B 270 15.76 23.62 5.75
CA MET B 270 16.12 25.04 5.76
C MET B 270 16.56 25.42 7.18
N HIS B 271 17.86 25.27 7.41
CA HIS B 271 18.45 25.54 8.69
C HIS B 271 18.70 27.03 8.84
N SER B 272 18.87 27.48 10.08
CA SER B 272 19.08 28.89 10.41
C SER B 272 20.29 29.47 9.68
N GLY B 273 20.08 30.62 9.03
CA GLY B 273 21.10 31.27 8.22
C GLY B 273 21.06 30.91 6.75
N ASP B 274 20.40 29.80 6.41
CA ASP B 274 20.34 29.35 5.00
C ASP B 274 19.61 30.35 4.10
N ILE B 275 20.08 30.43 2.85
CA ILE B 275 19.53 31.32 1.85
C ILE B 275 19.24 30.54 0.58
N MET B 276 18.02 30.72 0.06
CA MET B 276 17.56 30.12 -1.18
C MET B 276 17.30 31.18 -2.23
N ILE B 277 17.53 30.81 -3.49
CA ILE B 277 17.29 31.67 -4.63
C ILE B 277 16.58 30.86 -5.68
N MET B 278 15.35 31.27 -5.99
CA MET B 278 14.55 30.65 -7.02
C MET B 278 14.66 31.57 -8.21
N SER B 279 15.54 31.19 -9.14
CA SER B 279 15.83 31.97 -10.34
C SER B 279 15.68 31.08 -11.56
N GLY B 280 15.71 31.69 -12.73
CA GLY B 280 15.64 30.94 -13.97
C GLY B 280 14.39 30.10 -14.09
N PHE B 281 14.56 28.85 -14.50
CA PHE B 281 13.45 27.90 -14.66
C PHE B 281 12.71 27.64 -13.34
N SER B 282 13.41 27.73 -12.22
CA SER B 282 12.81 27.45 -10.91
C SER B 282 11.87 28.55 -10.37
N ARG B 283 11.85 29.73 -11.00
CA ARG B 283 11.23 30.93 -10.42
C ARG B 283 9.73 30.78 -10.19
N LEU B 284 9.06 30.06 -11.08
CA LEU B 284 7.61 29.95 -11.06
C LEU B 284 7.10 28.56 -10.64
N LEU B 285 7.96 27.77 -9.99
CA LEU B 285 7.58 26.45 -9.48
C LEU B 285 6.70 26.53 -8.21
N ASN B 286 5.79 25.56 -8.06
CA ASN B 286 4.97 25.44 -6.86
C ASN B 286 5.87 25.03 -5.70
N HIS B 287 5.68 25.65 -4.55
CA HIS B 287 6.42 25.28 -3.35
C HIS B 287 5.61 25.51 -2.06
N ALA B 288 6.14 24.97 -0.97
CA ALA B 288 5.43 24.95 0.29
C ALA B 288 6.41 24.78 1.43
N VAL B 289 5.93 25.07 2.63
CA VAL B 289 6.64 24.74 3.87
C VAL B 289 5.68 23.85 4.65
N PRO B 290 5.76 22.52 4.43
CA PRO B 290 4.85 21.63 5.15
C PRO B 290 5.16 21.47 6.63
N ARG B 291 6.35 21.87 7.08
CA ARG B 291 6.72 21.57 8.45
C ARG B 291 7.82 22.45 9.03
N VAL B 292 7.60 22.96 10.24
CA VAL B 292 8.64 23.63 11.01
C VAL B 292 8.96 22.71 12.15
N LEU B 293 10.23 22.28 12.22
CA LEU B 293 10.67 21.25 13.17
C LEU B 293 11.22 21.85 14.46
N PRO B 294 10.88 21.22 15.61
CA PRO B 294 11.40 21.70 16.87
C PRO B 294 12.85 21.28 17.03
N ASN B 295 13.59 22.02 17.85
CA ASN B 295 14.99 21.71 18.18
C ASN B 295 15.12 20.25 18.62
N PRO B 296 15.91 19.43 17.90
CA PRO B 296 16.12 18.06 18.33
C PRO B 296 16.62 17.90 19.78
N GLU B 297 17.47 18.83 20.24
CA GLU B 297 18.11 18.74 21.57
C GLU B 297 17.10 18.74 22.73
N GLY B 298 15.97 19.42 22.55
CA GLY B 298 14.87 19.47 23.52
C GLY B 298 14.04 20.71 23.24
N GLU B 299 14.44 21.81 23.86
CA GLU B 299 14.12 23.14 23.34
C GLU B 299 15.45 23.89 23.32
N GLY B 300 15.42 25.13 22.82
CA GLY B 300 16.64 25.95 22.70
C GLY B 300 16.87 26.34 21.26
N LEU B 301 18.02 26.94 21.00
CA LEU B 301 18.38 27.44 19.68
C LEU B 301 19.32 26.49 18.96
N PRO B 302 19.37 26.57 17.62
CA PRO B 302 20.46 25.91 16.92
C PRO B 302 21.81 26.51 17.28
N HIS B 303 22.87 25.71 17.15
CA HIS B 303 24.21 26.05 17.66
C HIS B 303 24.80 27.34 17.09
N CYS B 304 24.48 27.67 15.84
CA CYS B 304 24.94 28.94 15.24
C CYS B 304 24.38 30.19 15.92
N LEU B 305 23.30 30.05 16.68
CA LEU B 305 22.68 31.17 17.41
C LEU B 305 23.10 31.27 18.89
N GLU B 306 23.91 30.32 19.37
CA GLU B 306 24.66 30.46 20.63
C GLU B 306 25.51 31.75 20.62
N ALA B 307 26.26 31.96 19.54
CA ALA B 307 27.06 33.17 19.39
C ALA B 307 26.17 34.41 19.24
N PRO B 308 26.39 35.46 20.07
CA PRO B 308 25.65 36.73 19.95
C PRO B 308 26.36 37.73 19.04
N LEU B 309 25.72 38.88 18.84
CA LEU B 309 26.24 39.93 17.95
C LEU B 309 27.41 40.65 18.63
N PRO B 310 28.51 40.93 17.89
CA PRO B 310 29.61 41.69 18.51
C PRO B 310 29.18 43.01 19.17
N ALA B 311 29.74 43.31 20.35
CA ALA B 311 29.54 44.60 21.01
C ALA B 311 30.31 45.73 20.31
N VAL B 312 31.44 45.38 19.68
CA VAL B 312 32.17 46.29 18.81
C VAL B 312 32.01 45.81 17.36
N LEU B 313 30.93 46.26 16.73
CA LEU B 313 30.73 46.11 15.29
C LEU B 313 31.63 47.08 14.56
N PRO B 314 31.97 46.81 13.28
CA PRO B 314 32.87 47.73 12.58
C PRO B 314 32.27 49.12 12.37
N ARG B 315 33.11 50.08 11.99
CA ARG B 315 32.71 51.47 11.84
C ARG B 315 31.58 51.68 10.81
N ASP B 316 31.63 50.89 9.72
CA ASP B 316 30.72 51.07 8.57
C ASP B 316 29.72 49.92 8.34
N SER B 317 29.32 49.23 9.41
CA SER B 317 28.37 48.12 9.34
C SER B 317 26.96 48.60 9.01
N MET B 318 26.32 47.98 8.03
CA MET B 318 24.88 48.17 7.80
C MET B 318 24.06 47.66 8.99
N VAL B 319 24.60 46.68 9.70
CA VAL B 319 24.00 46.12 10.91
C VAL B 319 24.19 47.10 12.07
N GLU B 320 23.24 47.07 13.01
CA GLU B 320 23.26 47.92 14.20
C GLU B 320 23.33 47.09 15.48
N PRO B 321 23.92 47.64 16.56
CA PRO B 321 24.04 46.95 17.85
C PRO B 321 22.73 46.42 18.40
N CYS B 322 22.75 45.19 18.91
CA CYS B 322 21.61 44.56 19.57
C CYS B 322 21.93 44.50 21.05
N SER B 323 21.07 45.09 21.87
CA SER B 323 21.29 45.12 23.33
C SER B 323 21.09 43.75 23.98
N MET B 324 21.49 43.66 25.24
CA MET B 324 21.18 42.50 26.09
C MET B 324 19.67 42.40 26.33
N GLU B 325 18.97 43.54 26.27
CA GLU B 325 17.52 43.59 26.47
C GLU B 325 16.82 42.81 25.35
N ASP B 326 17.13 43.17 24.11
CA ASP B 326 16.42 42.66 22.92
C ASP B 326 16.80 41.21 22.59
N TRP B 327 18.09 40.90 22.64
CA TRP B 327 18.59 39.52 22.43
C TRP B 327 17.89 38.51 23.34
N GLN B 328 17.56 38.90 24.56
CA GLN B 328 16.79 38.04 25.47
C GLN B 328 15.40 37.69 24.93
N VAL B 329 14.72 38.66 24.30
CA VAL B 329 13.38 38.43 23.72
C VAL B 329 13.47 37.60 22.43
N CYS B 330 14.20 38.12 21.44
CA CYS B 330 14.42 37.43 20.16
C CYS B 330 14.76 35.95 20.30
N ALA B 331 15.77 35.66 21.14
CA ALA B 331 16.18 34.29 21.40
C ALA B 331 15.11 33.48 22.09
N SER B 332 14.35 34.11 22.99
CA SER B 332 13.24 33.43 23.67
C SER B 332 12.12 33.12 22.69
N TYR B 333 11.92 34.01 21.72
CA TYR B 333 10.98 33.76 20.63
C TYR B 333 11.50 32.61 19.74
N LEU B 334 12.68 32.79 19.17
CA LEU B 334 13.25 31.83 18.23
C LEU B 334 13.42 30.37 18.71
N LYS B 335 13.30 30.12 20.02
CA LYS B 335 13.33 28.75 20.53
C LYS B 335 12.14 27.89 20.08
N THR B 336 10.99 28.53 19.82
CA THR B 336 9.78 27.84 19.34
C THR B 336 9.21 28.44 18.02
N ALA B 337 10.09 29.05 17.22
CA ALA B 337 9.65 29.73 16.01
C ALA B 337 10.71 29.74 14.90
N ARG B 338 10.25 30.00 13.67
CA ARG B 338 11.13 30.31 12.56
C ARG B 338 10.74 31.68 12.03
N VAL B 339 11.72 32.44 11.57
CA VAL B 339 11.47 33.65 10.82
C VAL B 339 12.03 33.45 9.42
N ASN B 340 11.22 33.81 8.43
CA ASN B 340 11.59 33.80 7.02
C ASN B 340 11.41 35.19 6.41
N MET B 341 12.36 35.61 5.56
CA MET B 341 12.26 36.84 4.79
C MET B 341 12.30 36.46 3.31
N THR B 342 11.27 36.81 2.56
CA THR B 342 11.24 36.60 1.12
C THR B 342 11.33 37.98 0.48
N VAL B 343 12.20 38.13 -0.51
CA VAL B 343 12.47 39.44 -1.12
C VAL B 343 12.37 39.32 -2.62
N ARG B 344 11.62 40.25 -3.23
CA ARG B 344 11.35 40.25 -4.67
C ARG B 344 11.46 41.63 -5.29
N GLN B 345 11.78 41.63 -6.58
CA GLN B 345 11.65 42.76 -7.47
C GLN B 345 10.36 42.57 -8.27
N VAL B 346 9.48 43.56 -8.26
CA VAL B 346 8.17 43.45 -8.89
C VAL B 346 8.18 44.02 -10.33
N LEU B 347 8.85 45.16 -10.53
CA LEU B 347 8.92 45.84 -11.82
C LEU B 347 10.33 45.75 -12.39
N ALA B 348 10.43 45.61 -13.72
CA ALA B 348 11.74 45.59 -14.41
C ALA B 348 12.47 46.95 -14.30
N THR B 349 13.59 47.12 -15.00
CA THR B 349 14.35 48.38 -14.93
C THR B 349 13.58 49.54 -15.60
N ASP B 350 13.55 49.56 -16.94
CA ASP B 350 12.86 50.61 -17.69
C ASP B 350 11.33 50.55 -17.49
N GLN B 351 10.80 49.34 -17.32
CA GLN B 351 9.35 49.11 -17.16
C GLN B 351 8.74 49.89 -15.98
N ASN B 352 7.60 50.51 -16.25
CA ASN B 352 6.87 51.32 -15.28
C ASN B 352 5.61 50.58 -14.84
N PHE B 353 5.03 51.00 -13.71
CA PHE B 353 3.91 50.28 -13.11
C PHE B 353 2.66 50.37 -14.00
N PRO B 354 2.28 49.26 -14.69
CA PRO B 354 1.13 49.32 -15.58
C PRO B 354 -0.16 49.02 -14.84
N LEU B 355 -1.11 49.96 -14.88
CA LEU B 355 -2.41 49.80 -14.23
C LEU B 355 -3.51 50.59 -14.94
N GLU B 356 -4.74 50.40 -14.48
CA GLU B 356 -5.92 51.09 -15.00
C GLU B 356 -6.38 52.14 -13.98
N GLY C 19 -25.45 -39.76 38.36
CA GLY C 19 -24.21 -40.00 39.15
C GLY C 19 -23.53 -38.69 39.52
N GLU C 20 -22.24 -38.57 39.22
CA GLU C 20 -21.49 -37.34 39.50
C GLU C 20 -21.91 -36.20 38.56
N ASP C 21 -21.55 -36.32 37.28
CA ASP C 21 -21.70 -35.23 36.31
C ASP C 21 -23.11 -35.10 35.73
N ALA C 22 -23.36 -33.95 35.11
CA ALA C 22 -24.68 -33.59 34.55
C ALA C 22 -25.04 -34.36 33.29
N PHE C 23 -24.03 -34.83 32.54
CA PHE C 23 -24.29 -35.74 31.42
C PHE C 23 -24.96 -36.99 31.96
N ARG C 24 -24.32 -37.65 32.92
CA ARG C 24 -24.88 -38.86 33.51
C ARG C 24 -26.23 -38.54 34.17
N LYS C 25 -26.33 -37.37 34.80
CA LYS C 25 -27.61 -36.88 35.34
C LYS C 25 -28.71 -36.87 34.28
N LEU C 26 -28.41 -36.26 33.13
CA LEU C 26 -29.35 -36.17 32.01
C LEU C 26 -29.50 -37.47 31.21
N PHE C 27 -28.47 -38.33 31.25
CA PHE C 27 -28.55 -39.66 30.64
C PHE C 27 -29.53 -40.52 31.43
N ARG C 28 -29.29 -40.61 32.74
CA ARG C 28 -30.20 -41.23 33.69
C ARG C 28 -31.64 -40.78 33.47
N PHE C 29 -31.85 -39.46 33.38
CA PHE C 29 -33.17 -38.90 33.13
C PHE C 29 -33.83 -39.48 31.88
N TYR C 30 -33.16 -39.34 30.74
CA TYR C 30 -33.75 -39.69 29.44
C TYR C 30 -33.91 -41.20 29.24
N ARG C 31 -33.07 -42.00 29.91
CA ARG C 31 -33.26 -43.45 29.91
C ARG C 31 -34.58 -43.82 30.56
N GLN C 32 -34.92 -43.12 31.64
CA GLN C 32 -36.16 -43.35 32.39
C GLN C 32 -37.35 -42.47 31.96
N SER C 33 -37.11 -41.40 31.19
CA SER C 33 -38.16 -40.53 30.65
C SER C 33 -39.40 -41.26 30.10
N ARG C 34 -40.57 -40.69 30.39
CA ARG C 34 -41.85 -41.22 29.92
C ARG C 34 -42.27 -40.47 28.64
N PRO C 35 -42.46 -41.19 27.52
CA PRO C 35 -42.78 -40.51 26.26
C PRO C 35 -44.21 -39.91 26.23
N GLY C 36 -44.40 -38.90 25.36
CA GLY C 36 -45.72 -38.28 25.17
C GLY C 36 -46.15 -37.28 26.24
N THR C 37 -45.65 -37.47 27.45
CA THR C 37 -45.86 -36.55 28.56
C THR C 37 -44.83 -35.42 28.48
N ALA C 38 -44.79 -34.55 29.49
CA ALA C 38 -43.88 -33.41 29.50
C ALA C 38 -42.37 -33.73 29.69
N ASP C 39 -41.98 -35.01 29.76
CA ASP C 39 -40.56 -35.37 29.93
C ASP C 39 -39.65 -35.01 28.75
N LEU C 40 -40.17 -35.07 27.53
CA LEU C 40 -39.35 -34.95 26.32
C LEU C 40 -39.46 -33.62 25.59
N GLU C 41 -39.94 -32.56 26.25
CA GLU C 41 -40.16 -31.29 25.53
C GLU C 41 -38.88 -30.43 25.37
N GLY C 42 -37.88 -30.67 26.21
CA GLY C 42 -36.54 -30.11 25.98
C GLY C 42 -35.79 -30.67 24.78
N VAL C 43 -36.22 -31.83 24.28
CA VAL C 43 -35.55 -32.51 23.17
C VAL C 43 -35.85 -31.78 21.88
N ILE C 44 -34.83 -31.56 21.04
CA ILE C 44 -34.97 -30.88 19.75
C ILE C 44 -35.42 -31.84 18.64
N ASP C 45 -36.45 -31.44 17.91
CA ASP C 45 -36.93 -32.17 16.74
C ASP C 45 -36.61 -31.35 15.49
N PHE C 46 -35.52 -31.73 14.82
CA PHE C 46 -35.15 -31.14 13.53
C PHE C 46 -36.17 -31.43 12.42
N SER C 47 -36.96 -32.49 12.54
CA SER C 47 -38.05 -32.75 11.58
C SER C 47 -39.20 -31.75 11.68
N ALA C 48 -39.45 -31.22 12.88
CA ALA C 48 -40.61 -30.34 13.13
C ALA C 48 -40.21 -28.88 13.08
N GLY C 58 -34.21 -25.69 21.10
CA GLY C 58 -35.37 -25.75 20.22
C GLY C 58 -35.27 -24.77 19.05
N ALA C 59 -36.14 -23.76 19.03
CA ALA C 59 -36.13 -22.73 17.98
C ALA C 59 -34.93 -21.77 18.08
N GLN C 60 -34.50 -21.47 19.31
CA GLN C 60 -33.32 -20.63 19.53
C GLN C 60 -32.02 -21.30 19.08
N LYS C 61 -31.88 -22.61 19.35
CA LYS C 61 -30.60 -23.33 19.15
C LYS C 61 -30.33 -23.86 17.74
N VAL C 62 -31.39 -24.10 16.95
CA VAL C 62 -31.22 -24.64 15.60
C VAL C 62 -30.83 -23.53 14.60
N ILE C 63 -29.77 -23.80 13.84
CA ILE C 63 -29.23 -22.86 12.86
C ILE C 63 -29.15 -23.54 11.50
N LYS C 64 -28.86 -22.76 10.46
CA LYS C 64 -28.73 -23.32 9.11
C LYS C 64 -27.37 -23.95 8.90
N SER C 65 -27.18 -24.58 7.75
CA SER C 65 -25.92 -25.25 7.43
C SER C 65 -25.92 -25.51 5.93
N GLN C 66 -24.89 -25.03 5.21
CA GLN C 66 -24.92 -25.13 3.75
C GLN C 66 -24.24 -26.39 3.25
N LEU C 67 -24.75 -26.89 2.13
CA LEU C 67 -24.30 -28.12 1.49
C LEU C 67 -23.77 -27.83 0.09
N ASN C 68 -22.56 -28.33 -0.22
CA ASN C 68 -21.95 -28.17 -1.55
C ASN C 68 -22.82 -28.89 -2.59
N VAL C 69 -23.68 -28.13 -3.25
CA VAL C 69 -24.71 -28.68 -4.16
C VAL C 69 -24.09 -29.28 -5.44
N SER C 70 -23.05 -28.63 -5.95
CA SER C 70 -22.33 -29.11 -7.14
C SER C 70 -21.49 -30.38 -6.90
N SER C 71 -21.08 -30.61 -5.64
CA SER C 71 -20.20 -31.74 -5.29
C SER C 71 -20.80 -33.15 -5.44
N VAL C 72 -22.13 -33.24 -5.58
CA VAL C 72 -22.82 -34.52 -5.80
C VAL C 72 -23.80 -34.40 -6.97
N SER C 73 -23.47 -35.07 -8.07
CA SER C 73 -24.34 -35.14 -9.25
C SER C 73 -25.69 -35.78 -8.91
N GLU C 74 -26.75 -35.31 -9.57
CA GLU C 74 -28.10 -35.84 -9.38
C GLU C 74 -28.19 -37.34 -9.68
N GLN C 75 -27.34 -37.82 -10.60
CA GLN C 75 -27.26 -39.24 -10.94
C GLN C 75 -26.73 -40.08 -9.76
N ASN C 76 -25.69 -39.57 -9.09
CA ASN C 76 -25.05 -40.30 -7.99
C ASN C 76 -25.88 -40.37 -6.71
N ALA C 77 -26.50 -39.27 -6.33
CA ALA C 77 -27.41 -39.27 -5.18
C ALA C 77 -28.56 -40.23 -5.41
N TYR C 78 -29.14 -40.20 -6.61
CA TYR C 78 -30.20 -41.11 -7.06
C TYR C 78 -29.73 -42.57 -7.06
N ARG C 79 -28.47 -42.83 -7.40
CA ARG C 79 -27.88 -44.17 -7.32
C ARG C 79 -27.76 -44.70 -5.88
N ALA C 80 -27.29 -43.84 -4.96
CA ALA C 80 -27.14 -44.21 -3.55
C ALA C 80 -28.46 -44.27 -2.76
N GLY C 81 -29.57 -43.85 -3.39
CA GLY C 81 -30.89 -43.83 -2.75
C GLY C 81 -31.27 -42.51 -2.09
N LEU C 82 -30.53 -41.46 -2.43
CA LEU C 82 -30.70 -40.14 -1.82
C LEU C 82 -31.44 -39.18 -2.73
N GLN C 83 -31.96 -38.10 -2.13
CA GLN C 83 -32.53 -36.98 -2.88
C GLN C 83 -31.38 -36.23 -3.52
N PRO C 84 -31.66 -35.40 -4.54
CA PRO C 84 -30.62 -34.47 -4.98
C PRO C 84 -30.32 -33.46 -3.87
N VAL C 85 -29.06 -33.05 -3.77
CA VAL C 85 -28.59 -32.19 -2.66
C VAL C 85 -29.43 -30.91 -2.57
N SER C 86 -29.83 -30.37 -3.73
CA SER C 86 -30.77 -29.26 -3.81
C SER C 86 -32.01 -29.42 -2.91
N LYS C 87 -32.53 -30.64 -2.81
CA LYS C 87 -33.70 -30.92 -1.96
C LYS C 87 -33.41 -31.19 -0.47
N TRP C 88 -32.13 -31.31 -0.08
CA TRP C 88 -31.75 -31.64 1.32
C TRP C 88 -31.96 -30.46 2.27
N GLN C 89 -32.21 -30.79 3.54
CA GLN C 89 -32.28 -29.82 4.64
C GLN C 89 -31.14 -30.12 5.59
N ALA C 90 -30.29 -29.14 5.87
CA ALA C 90 -29.16 -29.33 6.77
C ALA C 90 -29.20 -28.30 7.88
N TYR C 91 -28.98 -28.74 9.11
CA TYR C 91 -29.02 -27.84 10.25
C TYR C 91 -27.83 -28.09 11.13
N GLY C 92 -27.57 -27.15 12.03
CA GLY C 92 -26.48 -27.24 12.99
C GLY C 92 -26.98 -26.74 14.32
N LEU C 93 -26.07 -26.62 15.30
CA LEU C 93 -26.45 -26.14 16.63
C LEU C 93 -25.49 -25.08 17.17
N LYS C 94 -26.07 -24.14 17.91
CA LYS C 94 -25.33 -23.11 18.63
C LYS C 94 -24.55 -23.76 19.77
N GLY C 95 -23.24 -23.55 19.74
CA GLY C 95 -22.30 -24.17 20.69
C GLY C 95 -21.62 -25.41 20.18
N TYR C 96 -22.01 -25.90 18.99
CA TYR C 96 -21.45 -27.12 18.41
C TYR C 96 -21.05 -26.98 16.92
N PRO C 97 -20.13 -26.04 16.60
CA PRO C 97 -19.62 -25.88 15.24
C PRO C 97 -19.16 -27.19 14.61
N GLY C 98 -19.45 -27.38 13.33
CA GLY C 98 -19.10 -28.61 12.64
C GLY C 98 -20.06 -29.78 12.84
N PHE C 99 -21.09 -29.59 13.68
CA PHE C 99 -22.17 -30.57 13.82
C PHE C 99 -23.22 -30.30 12.75
N ILE C 100 -23.45 -31.27 11.87
CA ILE C 100 -24.39 -31.16 10.75
C ILE C 100 -25.45 -32.23 10.89
N PHE C 101 -26.70 -31.81 11.03
CA PHE C 101 -27.82 -32.73 11.07
C PHE C 101 -28.51 -32.62 9.71
N ILE C 102 -28.90 -33.75 9.14
CA ILE C 102 -29.65 -33.77 7.87
C ILE C 102 -30.88 -34.01 8.77
N PRO C 103 -32.09 -34.09 8.18
CA PRO C 103 -33.24 -34.99 8.34
C PRO C 103 -32.96 -36.16 7.39
N ASN C 104 -33.97 -37.02 7.25
CA ASN C 104 -34.17 -38.03 6.19
C ASN C 104 -33.84 -37.10 5.00
N PRO C 105 -32.88 -37.53 4.13
CA PRO C 105 -32.68 -37.22 2.74
C PRO C 105 -33.01 -38.33 1.73
N PHE C 106 -33.45 -39.49 2.20
CA PHE C 106 -33.56 -40.70 1.38
C PHE C 106 -34.81 -40.61 0.53
N LEU C 107 -34.80 -41.31 -0.60
CA LEU C 107 -35.99 -41.50 -1.43
C LEU C 107 -36.90 -42.52 -0.73
N PRO C 108 -38.23 -42.42 -0.94
CA PRO C 108 -39.13 -43.39 -0.31
C PRO C 108 -38.79 -44.83 -0.69
N GLY C 109 -38.82 -45.74 0.30
CA GLY C 109 -38.42 -47.12 0.09
C GLY C 109 -36.93 -47.45 0.10
N TYR C 110 -36.08 -46.49 -0.24
CA TYR C 110 -34.65 -46.77 -0.41
C TYR C 110 -33.91 -47.04 0.89
N GLN C 111 -34.49 -46.62 2.02
CA GLN C 111 -33.97 -46.98 3.34
C GLN C 111 -33.86 -48.50 3.55
N TRP C 112 -34.78 -49.27 2.95
CA TRP C 112 -34.82 -50.72 3.12
C TRP C 112 -33.60 -51.44 2.61
N HIS C 113 -32.99 -50.94 1.55
CA HIS C 113 -31.76 -51.55 1.06
C HIS C 113 -30.70 -51.57 2.17
N TRP C 114 -30.47 -50.41 2.78
CA TRP C 114 -29.41 -50.24 3.80
C TRP C 114 -29.70 -51.03 5.07
N VAL C 115 -30.95 -50.97 5.53
CA VAL C 115 -31.39 -51.77 6.67
C VAL C 115 -31.18 -53.26 6.36
N LYS C 116 -31.53 -53.70 5.14
CA LYS C 116 -31.33 -55.09 4.73
C LYS C 116 -29.85 -55.47 4.69
N GLN C 117 -28.98 -54.58 4.21
CA GLN C 117 -27.52 -54.86 4.21
C GLN C 117 -26.95 -55.02 5.63
N CYS C 118 -27.36 -54.14 6.54
CA CYS C 118 -26.88 -54.16 7.93
C CYS C 118 -27.25 -55.43 8.67
N LEU C 119 -28.44 -55.98 8.36
CA LEU C 119 -28.93 -57.19 9.00
C LEU C 119 -28.46 -58.49 8.32
N LYS C 120 -28.30 -58.46 7.00
CA LYS C 120 -28.07 -59.67 6.18
C LYS C 120 -26.63 -59.83 5.72
N LEU C 121 -26.08 -58.82 5.02
CA LEU C 121 -24.75 -58.95 4.42
C LEU C 121 -23.61 -58.45 5.31
N TYR C 122 -23.74 -57.24 5.83
CA TYR C 122 -22.69 -56.65 6.67
C TYR C 122 -22.40 -57.49 7.93
N SER C 123 -23.44 -58.14 8.46
CA SER C 123 -23.30 -59.00 9.64
C SER C 123 -22.61 -60.35 9.37
N GLN C 124 -22.67 -60.85 8.13
CA GLN C 124 -22.03 -62.13 7.79
C GLN C 124 -20.52 -62.07 7.97
N LYS C 125 -19.91 -63.23 8.22
CA LYS C 125 -18.72 -63.28 9.09
C LYS C 125 -17.33 -63.50 8.46
N PRO C 126 -17.00 -62.73 7.41
CA PRO C 126 -15.61 -62.22 7.33
C PRO C 126 -15.46 -61.03 8.31
N ASN C 127 -16.48 -60.18 8.36
CA ASN C 127 -16.61 -59.10 9.36
C ASN C 127 -16.81 -59.66 10.76
N VAL C 128 -16.81 -58.76 11.76
CA VAL C 128 -16.88 -59.12 13.19
C VAL C 128 -18.13 -58.54 13.85
N CYS C 129 -18.73 -59.29 14.77
CA CYS C 129 -19.90 -58.82 15.54
C CYS C 129 -19.87 -59.21 17.01
N ASN C 130 -20.74 -58.60 17.81
CA ASN C 130 -20.80 -58.82 19.27
C ASN C 130 -21.04 -60.26 19.70
N LEU C 131 -21.56 -61.09 18.81
CA LEU C 131 -21.83 -62.50 19.13
C LEU C 131 -20.59 -63.40 19.16
N ASP C 132 -19.53 -63.04 18.43
CA ASP C 132 -18.34 -63.88 18.28
C ASP C 132 -17.54 -64.12 19.59
N LYS C 133 -17.67 -63.24 20.58
CA LYS C 133 -16.92 -63.36 21.85
C LYS C 133 -17.36 -64.54 22.72
N HIS C 134 -18.63 -64.96 22.61
CA HIS C 134 -19.14 -66.13 23.37
C HIS C 134 -19.95 -67.17 22.55
N MET C 135 -19.96 -67.04 21.23
CA MET C 135 -20.61 -68.01 20.35
C MET C 135 -19.68 -68.38 19.19
N SER C 136 -19.94 -69.55 18.60
CA SER C 136 -19.10 -70.13 17.56
C SER C 136 -19.67 -69.89 16.18
N LYS C 137 -18.83 -70.03 15.16
CA LYS C 137 -19.27 -70.01 13.75
C LYS C 137 -20.40 -71.04 13.46
N GLU C 138 -20.41 -72.14 14.19
CA GLU C 138 -21.50 -73.11 14.14
C GLU C 138 -22.81 -72.51 14.65
N GLU C 139 -22.76 -71.87 15.82
CA GLU C 139 -23.93 -71.25 16.45
C GLU C 139 -24.42 -69.92 15.80
N THR C 140 -23.65 -69.40 14.83
CA THR C 140 -23.85 -68.05 14.29
C THR C 140 -24.09 -67.95 12.76
N GLN C 141 -23.46 -68.82 11.96
CA GLN C 141 -23.38 -68.62 10.50
C GLN C 141 -24.69 -68.74 9.70
N ASP C 142 -25.80 -69.03 10.38
CA ASP C 142 -27.12 -69.03 9.75
C ASP C 142 -28.03 -68.00 10.43
N LEU C 143 -27.53 -66.76 10.51
CA LEU C 143 -28.28 -65.64 11.10
C LEU C 143 -29.57 -65.31 10.34
N TRP C 144 -29.42 -65.12 9.03
CA TRP C 144 -30.49 -64.62 8.18
C TRP C 144 -31.53 -65.72 7.93
N GLU C 145 -31.09 -66.87 7.43
CA GLU C 145 -32.01 -68.00 7.16
C GLU C 145 -32.78 -68.46 8.39
N GLN C 146 -32.16 -68.38 9.58
CA GLN C 146 -32.85 -68.63 10.85
C GLN C 146 -33.96 -67.63 11.13
N SER C 147 -33.72 -66.36 10.79
CA SER C 147 -34.69 -65.31 11.06
C SER C 147 -35.83 -65.28 10.04
N LYS C 148 -35.56 -65.75 8.82
CA LYS C 148 -36.61 -66.12 7.86
C LYS C 148 -37.45 -67.30 8.38
N GLU C 149 -36.79 -68.28 8.99
CA GLU C 149 -37.47 -69.42 9.63
C GLU C 149 -38.37 -68.93 10.76
N PHE C 150 -37.78 -68.25 11.75
CA PHE C 150 -38.50 -67.61 12.87
C PHE C 150 -39.77 -66.87 12.43
N LEU C 151 -39.66 -66.15 11.32
CA LEU C 151 -40.76 -65.35 10.75
C LEU C 151 -42.03 -66.15 10.42
N ARG C 152 -41.85 -67.37 9.89
CA ARG C 152 -42.95 -68.21 9.36
C ARG C 152 -44.07 -68.49 10.37
N TYR C 153 -43.72 -68.67 11.64
CA TYR C 153 -44.70 -68.81 12.72
C TYR C 153 -45.02 -67.44 13.29
N LYS C 154 -46.30 -67.06 13.24
CA LYS C 154 -46.76 -65.72 13.62
C LYS C 154 -46.73 -65.46 15.13
N GLU C 155 -46.43 -64.21 15.49
CA GLU C 155 -46.38 -63.72 16.89
C GLU C 155 -47.44 -64.32 17.82
N ARG C 162 -34.55 -63.68 21.57
CA ARG C 162 -34.54 -65.13 21.41
C ARG C 162 -33.74 -65.50 20.18
N SER C 163 -34.08 -64.89 19.04
CA SER C 163 -33.37 -65.12 17.80
C SER C 163 -31.98 -64.50 17.85
N LEU C 164 -31.07 -65.03 17.03
CA LEU C 164 -29.75 -64.42 16.82
C LEU C 164 -29.84 -62.94 16.46
N LEU C 165 -30.76 -62.59 15.55
CA LEU C 165 -30.92 -61.20 15.10
C LEU C 165 -31.35 -60.25 16.22
N GLU C 166 -32.16 -60.74 17.15
CA GLU C 166 -32.57 -59.96 18.33
C GLU C 166 -31.51 -59.86 19.45
N LYS C 167 -30.43 -60.64 19.33
CA LYS C 167 -29.26 -60.55 20.23
C LYS C 167 -28.10 -59.75 19.63
N LEU C 168 -28.20 -59.40 18.35
CA LEU C 168 -27.17 -58.64 17.65
C LEU C 168 -27.15 -57.19 18.19
N ARG C 169 -25.98 -56.72 18.61
CA ARG C 169 -25.78 -55.37 19.21
C ARG C 169 -24.78 -54.51 18.44
N TRP C 170 -23.77 -55.12 17.84
CA TRP C 170 -22.88 -54.40 16.94
C TRP C 170 -22.17 -55.29 15.94
N VAL C 171 -21.75 -54.66 14.86
CA VAL C 171 -20.91 -55.27 13.83
C VAL C 171 -19.88 -54.21 13.40
N THR C 172 -18.61 -54.60 13.32
CA THR C 172 -17.62 -53.73 12.69
C THR C 172 -17.43 -54.17 11.24
N VAL C 173 -17.04 -53.23 10.40
CA VAL C 173 -16.67 -53.47 9.01
C VAL C 173 -15.42 -52.66 8.70
N GLY C 174 -14.77 -52.94 7.58
CA GLY C 174 -13.48 -52.32 7.25
C GLY C 174 -12.46 -52.70 8.29
N TYR C 175 -11.63 -51.76 8.72
CA TYR C 175 -10.75 -51.97 9.88
C TYR C 175 -11.62 -52.28 11.09
N HIS C 176 -11.33 -53.38 11.77
CA HIS C 176 -12.15 -53.82 12.90
C HIS C 176 -11.68 -53.20 14.19
N TYR C 177 -12.58 -52.43 14.79
CA TYR C 177 -12.30 -51.73 16.04
C TYR C 177 -12.20 -52.73 17.19
N ASN C 178 -11.02 -52.81 17.80
CA ASN C 178 -10.81 -53.61 18.99
C ASN C 178 -11.38 -52.90 20.23
N TRP C 179 -12.44 -53.46 20.79
CA TRP C 179 -13.19 -52.80 21.87
C TRP C 179 -12.40 -52.73 23.18
N ASP C 180 -11.69 -53.80 23.50
CA ASP C 180 -10.88 -53.86 24.73
C ASP C 180 -9.63 -52.99 24.66
N SER C 181 -8.80 -53.20 23.65
CA SER C 181 -7.59 -52.40 23.43
C SER C 181 -7.89 -50.92 23.13
N LYS C 182 -9.05 -50.66 22.54
CA LYS C 182 -9.50 -49.31 22.10
C LYS C 182 -8.66 -48.75 20.93
N LYS C 183 -8.02 -49.63 20.15
CA LYS C 183 -7.17 -49.27 19.02
C LYS C 183 -7.72 -49.92 17.75
N TYR C 184 -7.42 -49.31 16.59
CA TYR C 184 -7.53 -50.00 15.31
C TYR C 184 -6.18 -50.63 15.01
N SER C 185 -6.14 -51.54 14.06
CA SER C 185 -4.92 -52.30 13.78
C SER C 185 -4.77 -52.54 12.28
N ALA C 186 -3.54 -52.54 11.79
CA ALA C 186 -3.26 -52.81 10.37
C ALA C 186 -3.70 -54.22 9.94
N ASP C 187 -3.54 -55.19 10.83
CA ASP C 187 -3.76 -56.62 10.53
C ASP C 187 -5.25 -56.95 10.47
N HIS C 188 -5.95 -56.62 11.55
CA HIS C 188 -7.36 -56.96 11.72
C HIS C 188 -8.23 -56.03 10.84
N TYR C 189 -8.65 -56.53 9.68
CA TYR C 189 -9.47 -55.75 8.74
C TYR C 189 -10.24 -56.62 7.73
N THR C 190 -11.11 -55.97 6.98
CA THR C 190 -11.85 -56.59 5.89
C THR C 190 -12.01 -55.51 4.80
N PRO C 191 -12.10 -55.91 3.51
CA PRO C 191 -12.46 -54.89 2.52
C PRO C 191 -13.78 -54.19 2.89
N PHE C 192 -13.77 -52.85 2.85
CA PHE C 192 -14.93 -52.05 3.24
C PHE C 192 -16.04 -52.22 2.20
N PRO C 193 -17.32 -52.32 2.64
CA PRO C 193 -18.44 -52.41 1.68
C PRO C 193 -18.51 -51.23 0.68
N SER C 194 -18.31 -51.54 -0.59
CA SER C 194 -18.20 -50.50 -1.62
C SER C 194 -19.49 -49.71 -1.81
N ASP C 195 -20.63 -50.35 -1.58
CA ASP C 195 -21.92 -49.65 -1.57
C ASP C 195 -22.05 -48.63 -0.42
N LEU C 196 -21.61 -49.02 0.78
CA LEU C 196 -21.63 -48.12 1.95
C LEU C 196 -20.58 -47.02 1.84
N GLY C 197 -19.41 -47.35 1.31
CA GLY C 197 -18.39 -46.35 0.97
C GLY C 197 -18.91 -45.28 0.01
N PHE C 198 -19.72 -45.71 -0.97
CA PHE C 198 -20.31 -44.80 -1.95
C PHE C 198 -21.34 -43.87 -1.32
N LEU C 199 -22.27 -44.41 -0.54
CA LEU C 199 -23.22 -43.60 0.22
C LEU C 199 -22.49 -42.55 1.07
N SER C 200 -21.54 -43.03 1.86
CA SER C 200 -20.73 -42.17 2.72
C SER C 200 -19.99 -41.03 1.97
N GLU C 201 -19.49 -41.34 0.78
CA GLU C 201 -18.75 -40.36 -0.04
C GLU C 201 -19.62 -39.19 -0.48
N GLN C 202 -20.85 -39.51 -0.92
CA GLN C 202 -21.81 -38.50 -1.37
C GLN C 202 -22.27 -37.62 -0.19
N VAL C 203 -22.60 -38.25 0.93
CA VAL C 203 -22.97 -37.53 2.16
C VAL C 203 -21.80 -36.69 2.71
N ALA C 204 -20.58 -37.18 2.56
CA ALA C 204 -19.38 -36.43 2.97
C ALA C 204 -19.13 -35.25 2.02
N ALA C 205 -19.14 -35.51 0.72
CA ALA C 205 -18.91 -34.48 -0.32
C ALA C 205 -19.94 -33.34 -0.26
N ALA C 206 -21.20 -33.71 -0.04
CA ALA C 206 -22.27 -32.74 0.16
C ALA C 206 -21.97 -31.77 1.31
N CYS C 207 -21.29 -32.26 2.35
CA CYS C 207 -20.87 -31.42 3.49
C CYS C 207 -19.46 -30.85 3.34
N GLY C 208 -18.96 -30.74 2.11
CA GLY C 208 -17.62 -30.24 1.83
C GLY C 208 -16.52 -31.18 2.31
N PHE C 209 -16.66 -32.47 2.03
CA PHE C 209 -15.61 -33.45 2.30
C PHE C 209 -15.47 -34.40 1.11
N GLU C 210 -14.63 -34.03 0.15
CA GLU C 210 -14.30 -34.88 -1.00
C GLU C 210 -13.02 -35.69 -0.81
N ASP C 211 -12.15 -35.30 0.13
CA ASP C 211 -10.94 -36.09 0.43
C ASP C 211 -11.24 -37.27 1.37
N PHE C 212 -12.46 -37.83 1.31
CA PHE C 212 -13.00 -38.72 2.34
C PHE C 212 -12.96 -40.18 1.87
N ARG C 213 -12.40 -41.03 2.72
CA ARG C 213 -12.33 -42.48 2.50
C ARG C 213 -12.99 -43.21 3.65
N ALA C 214 -13.98 -44.05 3.32
CA ALA C 214 -14.66 -44.88 4.30
C ALA C 214 -13.78 -46.09 4.63
N GLU C 215 -13.15 -46.05 5.80
CA GLU C 215 -12.15 -47.04 6.20
C GLU C 215 -12.65 -47.96 7.31
N ALA C 216 -13.19 -47.38 8.38
CA ALA C 216 -13.82 -48.15 9.47
C ALA C 216 -15.29 -47.80 9.55
N GLY C 217 -16.12 -48.84 9.68
CA GLY C 217 -17.53 -48.68 9.98
C GLY C 217 -17.86 -49.48 11.24
N ILE C 218 -18.51 -48.84 12.20
CA ILE C 218 -19.14 -49.54 13.33
C ILE C 218 -20.64 -49.38 13.15
N LEU C 219 -21.37 -50.47 13.32
CA LEU C 219 -22.84 -50.49 13.21
C LEU C 219 -23.42 -50.84 14.58
N ASN C 220 -24.62 -50.35 14.86
CA ASN C 220 -25.27 -50.60 16.15
C ASN C 220 -26.72 -50.99 15.96
N TYR C 221 -27.19 -51.88 16.83
CA TYR C 221 -28.50 -52.53 16.72
C TYR C 221 -29.20 -52.43 18.08
N TYR C 222 -30.34 -51.74 18.11
CA TYR C 222 -30.98 -51.35 19.37
C TYR C 222 -32.33 -52.01 19.55
N ARG C 223 -32.53 -52.63 20.71
CA ARG C 223 -33.86 -52.98 21.17
C ARG C 223 -34.42 -51.74 21.85
N LEU C 224 -35.68 -51.79 22.28
CA LEU C 224 -36.33 -50.62 22.91
C LEU C 224 -35.78 -50.30 24.31
N ASP C 225 -35.00 -51.22 24.89
CA ASP C 225 -34.28 -51.00 26.17
C ASP C 225 -32.75 -50.92 26.01
N SER C 226 -32.26 -50.91 24.77
CA SER C 226 -30.84 -50.71 24.47
C SER C 226 -30.44 -49.26 24.73
N THR C 227 -29.15 -49.07 24.99
CA THR C 227 -28.54 -47.74 25.10
C THR C 227 -27.12 -47.78 24.55
N LEU C 228 -26.50 -46.61 24.50
CA LEU C 228 -25.09 -46.53 24.24
C LEU C 228 -24.50 -45.49 25.21
N GLY C 229 -23.50 -45.90 25.97
CA GLY C 229 -22.94 -45.07 27.02
C GLY C 229 -22.25 -43.82 26.55
N ILE C 230 -21.91 -42.97 27.51
CA ILE C 230 -21.25 -41.69 27.23
C ILE C 230 -19.86 -42.04 26.74
N HIS C 231 -19.50 -41.57 25.56
CA HIS C 231 -18.19 -41.88 25.02
C HIS C 231 -17.71 -40.83 24.03
N VAL C 232 -16.41 -40.82 23.78
CA VAL C 232 -15.83 -40.07 22.69
C VAL C 232 -15.34 -41.08 21.68
N ASP C 233 -15.43 -40.74 20.39
CA ASP C 233 -14.88 -41.57 19.33
C ASP C 233 -13.49 -41.03 19.05
N ARG C 234 -12.60 -41.34 19.98
CA ARG C 234 -11.27 -40.74 20.05
C ARG C 234 -10.18 -41.52 19.28
N SER C 235 -10.40 -42.79 19.00
CA SER C 235 -9.32 -43.69 18.59
C SER C 235 -9.02 -43.80 17.08
N GLU C 236 -9.69 -43.03 16.23
CA GLU C 236 -9.25 -42.91 14.83
C GLU C 236 -8.00 -42.04 14.91
N LEU C 237 -7.07 -42.19 13.97
CA LEU C 237 -5.79 -41.47 14.09
C LEU C 237 -5.88 -40.02 13.58
N ASP C 238 -6.55 -39.81 12.45
CA ASP C 238 -6.83 -38.46 11.91
C ASP C 238 -8.16 -37.90 12.46
N HIS C 239 -8.08 -36.87 13.30
CA HIS C 239 -9.30 -36.15 13.74
C HIS C 239 -9.72 -34.99 12.82
N SER C 240 -9.08 -34.84 11.65
CA SER C 240 -9.55 -33.93 10.60
C SER C 240 -10.84 -34.42 9.98
N LYS C 241 -10.85 -35.69 9.59
CA LYS C 241 -11.97 -36.25 8.85
C LYS C 241 -13.21 -36.35 9.73
N PRO C 242 -14.40 -36.25 9.12
CA PRO C 242 -15.64 -36.30 9.87
C PRO C 242 -16.13 -37.73 10.16
N LEU C 243 -17.03 -37.83 11.13
CA LEU C 243 -17.73 -39.08 11.46
C LEU C 243 -19.12 -38.92 10.91
N LEU C 244 -19.63 -39.95 10.23
CA LEU C 244 -21.00 -39.94 9.71
C LEU C 244 -21.86 -40.97 10.48
N SER C 245 -23.11 -40.62 10.77
CA SER C 245 -24.00 -41.44 11.58
C SER C 245 -25.37 -41.55 10.92
N PHE C 246 -25.53 -42.61 10.14
CA PHE C 246 -26.80 -42.93 9.46
C PHE C 246 -27.69 -43.66 10.47
N SER C 247 -29.01 -43.45 10.38
CA SER C 247 -29.95 -44.05 11.33
C SER C 247 -31.20 -44.53 10.59
N PHE C 248 -31.78 -45.66 11.03
CA PHE C 248 -32.99 -46.25 10.44
C PHE C 248 -33.86 -46.91 11.48
N GLY C 249 -35.17 -46.93 11.23
CA GLY C 249 -36.11 -47.63 12.11
C GLY C 249 -36.65 -46.76 13.24
N GLN C 250 -36.69 -47.29 14.46
CA GLN C 250 -37.27 -46.54 15.58
C GLN C 250 -36.49 -45.28 15.88
N SER C 251 -37.17 -44.33 16.49
CA SER C 251 -36.55 -43.05 16.86
C SER C 251 -35.75 -43.21 18.14
N ALA C 252 -34.79 -42.32 18.33
CA ALA C 252 -33.92 -42.34 19.49
C ALA C 252 -33.62 -40.92 19.92
N ILE C 253 -33.37 -40.76 21.21
CA ILE C 253 -32.86 -39.52 21.74
C ILE C 253 -31.35 -39.64 21.70
N PHE C 254 -30.70 -38.57 21.26
CA PHE C 254 -29.24 -38.51 21.17
C PHE C 254 -28.80 -37.33 22.01
N LEU C 255 -27.82 -37.55 22.88
CA LEU C 255 -27.21 -36.49 23.69
C LEU C 255 -25.84 -36.10 23.12
N LEU C 256 -25.65 -34.82 22.83
CA LEU C 256 -24.37 -34.30 22.36
C LEU C 256 -23.81 -33.37 23.41
N GLY C 257 -22.57 -33.64 23.86
CA GLY C 257 -21.97 -32.94 24.99
C GLY C 257 -20.67 -32.22 24.72
N GLY C 258 -19.80 -32.19 25.74
CA GLY C 258 -18.58 -31.40 25.69
C GLY C 258 -17.33 -32.17 25.31
N LEU C 259 -16.20 -31.47 25.32
CA LEU C 259 -14.90 -32.11 25.22
C LEU C 259 -14.60 -32.96 26.46
N GLN C 260 -15.25 -32.63 27.58
CA GLN C 260 -15.18 -33.43 28.80
C GLN C 260 -16.58 -33.70 29.34
N ARG C 261 -16.71 -34.70 30.22
CA ARG C 261 -18.02 -35.20 30.62
C ARG C 261 -18.81 -34.28 31.55
N ASP C 262 -18.12 -33.52 32.38
CA ASP C 262 -18.75 -32.52 33.29
C ASP C 262 -19.89 -31.67 32.68
N GLU C 263 -19.71 -31.28 31.42
CA GLU C 263 -20.62 -30.39 30.69
C GLU C 263 -21.88 -31.13 30.27
N ALA C 264 -23.05 -30.54 30.55
CA ALA C 264 -24.34 -31.16 30.26
C ALA C 264 -24.67 -31.05 28.77
N PRO C 265 -25.19 -32.14 28.16
CA PRO C 265 -25.39 -32.15 26.72
C PRO C 265 -26.71 -31.55 26.31
N THR C 266 -26.89 -31.39 25.00
CA THR C 266 -28.19 -31.05 24.38
C THR C 266 -28.78 -32.31 23.81
N ALA C 267 -30.06 -32.56 24.10
CA ALA C 267 -30.76 -33.72 23.56
C ALA C 267 -31.36 -33.39 22.20
N MET C 268 -31.42 -34.38 21.31
CA MET C 268 -32.16 -34.24 20.04
C MET C 268 -32.75 -35.57 19.61
N PHE C 269 -33.84 -35.53 18.87
CA PHE C 269 -34.42 -36.74 18.27
C PHE C 269 -33.65 -37.14 17.01
N MET C 270 -33.47 -38.45 16.84
CA MET C 270 -32.99 -39.03 15.58
C MET C 270 -34.07 -39.93 14.98
N HIS C 271 -34.74 -39.46 13.94
CA HIS C 271 -35.77 -40.23 13.27
C HIS C 271 -35.18 -41.04 12.10
N SER C 272 -35.99 -41.95 11.56
CA SER C 272 -35.54 -42.88 10.53
C SER C 272 -35.13 -42.17 9.28
N GLY C 273 -33.96 -42.53 8.77
CA GLY C 273 -33.40 -41.92 7.58
C GLY C 273 -32.47 -40.76 7.88
N ASP C 274 -32.51 -40.22 9.11
CA ASP C 274 -31.72 -39.05 9.46
C ASP C 274 -30.22 -39.36 9.42
N ILE C 275 -29.44 -38.33 9.05
CA ILE C 275 -28.00 -38.42 8.91
C ILE C 275 -27.38 -37.32 9.79
N MET C 276 -26.26 -37.68 10.43
CA MET C 276 -25.58 -36.83 11.40
C MET C 276 -24.10 -36.82 11.07
N ILE C 277 -23.53 -35.65 10.80
CA ILE C 277 -22.09 -35.56 10.65
C ILE C 277 -21.53 -34.83 11.86
N MET C 278 -20.41 -35.36 12.35
CA MET C 278 -19.68 -34.74 13.42
C MET C 278 -18.32 -34.45 12.81
N SER C 279 -18.15 -33.18 12.43
CA SER C 279 -16.90 -32.67 11.88
C SER C 279 -16.43 -31.51 12.74
N GLY C 280 -15.15 -31.17 12.62
CA GLY C 280 -14.62 -29.98 13.25
C GLY C 280 -14.58 -30.07 14.76
N PHE C 281 -15.03 -29.00 15.41
CA PHE C 281 -15.10 -28.95 16.86
C PHE C 281 -15.90 -30.14 17.43
N SER C 282 -17.00 -30.49 16.76
CA SER C 282 -17.91 -31.51 17.25
C SER C 282 -17.32 -32.93 17.22
N ARG C 283 -16.39 -33.18 16.31
CA ARG C 283 -15.85 -34.55 16.07
C ARG C 283 -15.32 -35.30 17.27
N LEU C 284 -14.86 -34.61 18.32
CA LEU C 284 -14.39 -35.29 19.53
C LEU C 284 -15.20 -35.02 20.81
N LEU C 285 -16.46 -34.61 20.64
CA LEU C 285 -17.36 -34.40 21.78
C LEU C 285 -17.87 -35.72 22.35
N ASN C 286 -18.15 -35.68 23.66
CA ASN C 286 -18.88 -36.75 24.33
C ASN C 286 -20.33 -36.75 23.86
N HIS C 287 -20.85 -37.97 23.67
CA HIS C 287 -22.21 -38.17 23.19
C HIS C 287 -22.70 -39.54 23.62
N ALA C 288 -24.00 -39.76 23.45
CA ALA C 288 -24.63 -40.99 23.88
C ALA C 288 -26.02 -41.12 23.28
N VAL C 289 -26.55 -42.35 23.33
CA VAL C 289 -27.94 -42.64 23.02
C VAL C 289 -28.54 -43.16 24.33
N PRO C 290 -29.18 -42.28 25.13
CA PRO C 290 -29.83 -42.77 26.35
C PRO C 290 -31.14 -43.55 26.13
N ARG C 291 -31.80 -43.42 24.98
CA ARG C 291 -33.12 -44.01 24.81
C ARG C 291 -33.48 -44.27 23.37
N VAL C 292 -34.07 -45.43 23.13
CA VAL C 292 -34.79 -45.70 21.90
C VAL C 292 -36.27 -45.72 22.23
N LEU C 293 -37.03 -44.89 21.52
CA LEU C 293 -38.45 -44.71 21.75
C LEU C 293 -39.27 -45.69 20.91
N PRO C 294 -40.31 -46.30 21.52
CA PRO C 294 -41.25 -47.07 20.74
C PRO C 294 -42.15 -46.13 19.94
N ASN C 295 -42.76 -46.66 18.88
CA ASN C 295 -43.65 -45.88 18.02
C ASN C 295 -44.77 -45.27 18.88
N PRO C 296 -44.86 -43.94 18.96
CA PRO C 296 -45.95 -43.32 19.73
C PRO C 296 -47.37 -43.73 19.29
N GLU C 297 -47.52 -44.21 18.05
CA GLU C 297 -48.79 -44.74 17.54
C GLU C 297 -48.90 -46.27 17.72
N GLY C 298 -48.60 -46.76 18.93
CA GLY C 298 -48.87 -48.15 19.31
C GLY C 298 -47.68 -49.08 19.15
N GLU C 299 -47.59 -49.73 17.98
CA GLU C 299 -46.43 -50.51 17.59
C GLU C 299 -46.48 -50.77 16.10
N GLY C 300 -45.33 -50.60 15.45
CA GLY C 300 -45.22 -50.73 14.00
C GLY C 300 -44.21 -49.73 13.48
N LEU C 301 -44.00 -49.74 12.18
CA LEU C 301 -43.02 -48.88 11.56
C LEU C 301 -43.44 -47.40 11.60
N PRO C 302 -42.45 -46.47 11.59
CA PRO C 302 -42.79 -45.07 11.34
C PRO C 302 -43.15 -44.85 9.86
N HIS C 303 -43.88 -43.77 9.57
CA HIS C 303 -44.59 -43.61 8.29
C HIS C 303 -43.69 -43.61 7.05
N CYS C 304 -42.47 -43.08 7.18
CA CYS C 304 -41.56 -43.03 6.04
C CYS C 304 -41.19 -44.43 5.56
N LEU C 305 -41.22 -45.39 6.48
CA LEU C 305 -40.89 -46.80 6.19
C LEU C 305 -42.06 -47.63 5.63
N GLU C 306 -43.26 -47.06 5.58
CA GLU C 306 -44.41 -47.70 4.93
C GLU C 306 -44.25 -47.88 3.41
N ALA C 307 -43.49 -46.99 2.77
CA ALA C 307 -43.18 -47.14 1.35
C ALA C 307 -42.26 -48.34 1.11
N PRO C 308 -42.54 -49.16 0.08
CA PRO C 308 -41.64 -50.25 -0.27
C PRO C 308 -40.57 -49.74 -1.23
N LEU C 309 -39.59 -50.57 -1.53
CA LEU C 309 -38.56 -50.21 -2.51
C LEU C 309 -39.16 -50.28 -3.91
N PRO C 310 -38.80 -49.34 -4.80
CA PRO C 310 -39.28 -49.44 -6.18
C PRO C 310 -38.75 -50.68 -6.93
N ALA C 311 -39.56 -51.20 -7.85
CA ALA C 311 -39.21 -52.38 -8.66
C ALA C 311 -38.19 -52.02 -9.75
N VAL C 312 -38.52 -50.99 -10.52
CA VAL C 312 -37.58 -50.40 -11.49
C VAL C 312 -36.51 -49.60 -10.73
N LEU C 313 -35.24 -49.84 -11.08
CA LEU C 313 -34.11 -49.12 -10.49
C LEU C 313 -33.15 -48.69 -11.61
N PRO C 314 -32.37 -47.61 -11.41
CA PRO C 314 -31.42 -47.13 -12.42
C PRO C 314 -30.28 -48.09 -12.79
N ARG C 315 -29.53 -47.75 -13.84
CA ARG C 315 -28.65 -48.68 -14.56
C ARG C 315 -27.60 -49.40 -13.69
N ASP C 316 -26.58 -48.66 -13.22
CA ASP C 316 -25.54 -49.23 -12.35
C ASP C 316 -25.64 -48.66 -10.93
N SER C 317 -26.86 -48.71 -10.38
CA SER C 317 -27.15 -48.31 -9.02
C SER C 317 -26.37 -49.16 -8.03
N MET C 318 -26.04 -48.59 -6.88
CA MET C 318 -25.46 -49.34 -5.76
C MET C 318 -26.51 -50.04 -4.91
N VAL C 319 -27.78 -49.73 -5.16
CA VAL C 319 -28.92 -50.37 -4.50
C VAL C 319 -29.38 -51.59 -5.31
N GLU C 320 -29.71 -52.68 -4.60
CA GLU C 320 -30.10 -53.95 -5.20
C GLU C 320 -31.55 -54.26 -4.83
N PRO C 321 -32.33 -54.85 -5.77
CA PRO C 321 -33.70 -55.24 -5.44
C PRO C 321 -33.81 -56.01 -4.12
N CYS C 322 -34.70 -55.56 -3.25
CA CYS C 322 -34.95 -56.19 -1.96
C CYS C 322 -36.17 -57.07 -2.15
N SER C 323 -35.99 -58.38 -1.95
CA SER C 323 -37.06 -59.37 -2.22
C SER C 323 -38.22 -59.22 -1.24
N MET C 324 -39.29 -59.99 -1.47
CA MET C 324 -40.48 -59.92 -0.63
C MET C 324 -40.19 -60.43 0.79
N GLU C 325 -39.35 -61.47 0.88
CA GLU C 325 -39.01 -62.08 2.17
C GLU C 325 -38.00 -61.28 2.97
N ASP C 326 -37.00 -60.71 2.30
CA ASP C 326 -36.00 -59.88 2.97
C ASP C 326 -36.67 -58.64 3.59
N TRP C 327 -37.50 -57.95 2.81
CA TRP C 327 -38.34 -56.86 3.34
C TRP C 327 -39.20 -57.32 4.53
N GLN C 328 -39.77 -58.52 4.41
CA GLN C 328 -40.63 -59.11 5.46
C GLN C 328 -39.95 -59.20 6.85
N VAL C 329 -38.69 -59.63 6.88
CA VAL C 329 -37.96 -59.78 8.15
C VAL C 329 -37.57 -58.41 8.65
N CYS C 330 -36.85 -57.67 7.79
CA CYS C 330 -36.45 -56.27 8.03
C CYS C 330 -37.59 -55.42 8.64
N ALA C 331 -38.77 -55.52 8.04
CA ALA C 331 -39.94 -54.79 8.54
C ALA C 331 -40.39 -55.27 9.93
N SER C 332 -40.43 -56.58 10.12
CA SER C 332 -40.84 -57.16 11.41
C SER C 332 -39.83 -56.85 12.52
N TYR C 333 -38.55 -56.83 12.16
CA TYR C 333 -37.46 -56.47 13.08
C TYR C 333 -37.57 -55.01 13.51
N LEU C 334 -37.74 -54.12 12.53
CA LEU C 334 -37.77 -52.68 12.77
C LEU C 334 -39.03 -52.15 13.47
N LYS C 335 -40.09 -52.95 13.62
CA LYS C 335 -41.22 -52.55 14.45
C LYS C 335 -40.77 -52.26 15.90
N THR C 336 -39.74 -52.97 16.36
CA THR C 336 -39.24 -52.82 17.73
C THR C 336 -37.70 -52.73 17.77
N ALA C 337 -37.12 -51.94 16.86
CA ALA C 337 -35.67 -51.81 16.75
C ALA C 337 -35.19 -50.53 16.06
N ARG C 338 -33.96 -50.10 16.38
CA ARG C 338 -33.21 -49.11 15.59
C ARG C 338 -31.86 -49.67 15.12
N VAL C 339 -31.58 -49.56 13.82
CA VAL C 339 -30.25 -49.83 13.28
C VAL C 339 -29.55 -48.53 13.02
N ASN C 340 -28.36 -48.38 13.59
CA ASN C 340 -27.50 -47.23 13.34
C ASN C 340 -26.30 -47.74 12.55
N MET C 341 -25.92 -47.02 11.49
CA MET C 341 -24.62 -47.19 10.85
C MET C 341 -23.76 -45.97 11.20
N THR C 342 -22.47 -46.20 11.29
CA THR C 342 -21.51 -45.18 11.63
C THR C 342 -20.26 -45.46 10.78
N VAL C 343 -19.80 -44.46 10.04
CA VAL C 343 -18.68 -44.61 9.10
C VAL C 343 -17.58 -43.61 9.45
N ARG C 344 -16.32 -44.06 9.39
CA ARG C 344 -15.13 -43.27 9.82
C ARG C 344 -13.93 -43.46 8.87
N GLN C 345 -13.08 -42.43 8.79
CA GLN C 345 -11.74 -42.55 8.18
C GLN C 345 -10.70 -42.64 9.29
N VAL C 346 -9.88 -43.69 9.23
CA VAL C 346 -8.92 -44.02 10.29
C VAL C 346 -7.55 -43.34 10.09
N LEU C 347 -7.11 -43.24 8.82
CA LEU C 347 -5.78 -42.75 8.45
C LEU C 347 -5.93 -41.55 7.53
N ALA C 348 -5.13 -40.51 7.75
CA ALA C 348 -5.00 -39.39 6.80
C ALA C 348 -4.37 -39.90 5.49
N THR C 349 -4.64 -39.21 4.38
CA THR C 349 -4.22 -39.68 3.04
C THR C 349 -2.70 -39.82 2.88
N ASP C 350 -1.96 -38.82 3.39
CA ASP C 350 -0.47 -38.87 3.41
C ASP C 350 0.09 -39.81 4.49
N GLN C 351 -0.66 -39.99 5.58
CA GLN C 351 -0.30 -40.93 6.66
C GLN C 351 -0.51 -42.39 6.23
N ASN C 352 0.30 -43.28 6.78
CA ASN C 352 0.06 -44.73 6.70
C ASN C 352 0.20 -45.30 8.12
N PHE C 353 -0.15 -46.58 8.27
CA PHE C 353 -0.43 -47.16 9.60
C PHE C 353 0.82 -47.20 10.50
N PRO C 354 0.91 -46.31 11.53
CA PRO C 354 2.13 -46.26 12.33
C PRO C 354 2.10 -47.22 13.53
N LEU C 355 2.97 -48.23 13.51
CA LEU C 355 3.07 -49.22 14.59
C LEU C 355 4.47 -49.82 14.68
N GLU C 356 4.81 -50.37 15.85
CA GLU C 356 6.13 -50.95 16.10
C GLU C 356 6.22 -52.35 15.50
N GLY D 19 -65.75 -9.29 -5.72
CA GLY D 19 -67.11 -8.85 -5.30
C GLY D 19 -67.14 -8.12 -3.96
N GLU D 20 -68.34 -7.73 -3.55
CA GLU D 20 -68.55 -6.81 -2.41
C GLU D 20 -68.38 -7.49 -1.04
N ASP D 21 -69.01 -8.65 -0.87
CA ASP D 21 -69.09 -9.31 0.45
C ASP D 21 -67.73 -9.85 0.96
N ALA D 22 -67.69 -10.18 2.25
CA ALA D 22 -66.44 -10.58 2.93
C ALA D 22 -65.92 -11.96 2.52
N PHE D 23 -66.84 -12.90 2.29
CA PHE D 23 -66.54 -14.22 1.70
C PHE D 23 -65.95 -14.09 0.28
N ARG D 24 -66.54 -13.24 -0.53
CA ARG D 24 -66.11 -13.04 -1.91
C ARG D 24 -64.69 -12.48 -1.99
N LYS D 25 -64.35 -11.56 -1.09
CA LYS D 25 -62.97 -11.05 -1.02
C LYS D 25 -62.01 -12.20 -0.75
N LEU D 26 -62.26 -12.92 0.34
CA LEU D 26 -61.43 -14.06 0.75
C LEU D 26 -61.35 -15.18 -0.27
N PHE D 27 -62.45 -15.47 -0.95
CA PHE D 27 -62.44 -16.48 -2.03
C PHE D 27 -61.42 -16.12 -3.10
N ARG D 28 -61.41 -14.83 -3.46
CA ARG D 28 -60.43 -14.26 -4.40
C ARG D 28 -58.99 -14.27 -3.89
N PHE D 29 -58.83 -13.89 -2.62
CA PHE D 29 -57.53 -13.86 -1.96
C PHE D 29 -56.81 -15.20 -2.03
N TYR D 30 -57.50 -16.27 -1.62
CA TYR D 30 -56.92 -17.61 -1.58
C TYR D 30 -56.81 -18.24 -2.95
N ARG D 31 -57.80 -18.00 -3.82
CA ARG D 31 -57.69 -18.39 -5.24
C ARG D 31 -56.33 -17.93 -5.83
N GLN D 32 -55.92 -16.71 -5.49
CA GLN D 32 -54.69 -16.09 -6.00
C GLN D 32 -53.53 -16.12 -4.99
N SER D 33 -53.64 -16.92 -3.93
CA SER D 33 -52.60 -16.95 -2.89
C SER D 33 -51.37 -17.67 -3.43
N ARG D 34 -50.21 -17.36 -2.87
CA ARG D 34 -48.95 -17.94 -3.32
C ARG D 34 -48.40 -18.85 -2.22
N PRO D 35 -48.28 -20.17 -2.50
CA PRO D 35 -47.84 -21.09 -1.44
C PRO D 35 -46.33 -21.00 -1.18
N GLY D 36 -45.94 -21.16 0.08
CA GLY D 36 -44.55 -20.91 0.52
C GLY D 36 -44.24 -19.47 0.89
N THR D 37 -45.29 -18.65 1.04
CA THR D 37 -45.19 -17.26 1.50
C THR D 37 -46.15 -17.07 2.67
N ALA D 38 -46.24 -15.85 3.19
CA ALA D 38 -47.13 -15.57 4.32
C ALA D 38 -48.60 -15.36 3.95
N ASP D 39 -49.00 -15.67 2.71
CA ASP D 39 -50.42 -15.62 2.31
C ASP D 39 -51.26 -16.63 3.10
N LEU D 40 -50.69 -17.81 3.34
CA LEU D 40 -51.38 -18.90 4.03
C LEU D 40 -51.17 -18.96 5.56
N GLU D 41 -50.55 -17.93 6.14
CA GLU D 41 -50.29 -17.89 7.59
C GLU D 41 -51.53 -18.21 8.43
N GLY D 42 -52.65 -17.55 8.13
CA GLY D 42 -53.86 -17.64 8.94
C GLY D 42 -54.76 -18.83 8.64
N VAL D 43 -54.37 -19.63 7.65
CA VAL D 43 -55.08 -20.86 7.29
C VAL D 43 -54.85 -21.87 8.40
N ILE D 44 -55.93 -22.43 8.95
CA ILE D 44 -55.83 -23.38 10.05
C ILE D 44 -55.38 -24.75 9.55
N ASP D 45 -54.37 -25.34 10.20
CA ASP D 45 -53.93 -26.68 9.89
C ASP D 45 -54.20 -27.59 11.08
N PHE D 46 -55.14 -28.54 10.89
CA PHE D 46 -55.49 -29.51 11.92
C PHE D 46 -54.43 -30.59 12.15
N SER D 47 -53.57 -30.84 11.16
CA SER D 47 -52.49 -31.83 11.30
C SER D 47 -51.36 -31.33 12.21
N ALA D 48 -50.99 -30.06 12.04
CA ALA D 48 -49.88 -29.43 12.78
C ALA D 48 -49.87 -29.76 14.26
N GLY D 58 -55.38 -20.55 14.38
CA GLY D 58 -54.66 -21.74 14.82
C GLY D 58 -55.29 -22.37 16.05
N ALA D 59 -54.47 -22.68 17.05
CA ALA D 59 -54.93 -23.31 18.31
C ALA D 59 -55.84 -22.42 19.21
N GLN D 60 -55.95 -21.13 18.89
CA GLN D 60 -56.97 -20.24 19.48
C GLN D 60 -58.38 -20.73 19.14
N LYS D 61 -58.67 -20.83 17.84
CA LYS D 61 -59.99 -21.25 17.36
C LYS D 61 -60.22 -22.76 17.43
N VAL D 62 -59.15 -23.55 17.33
CA VAL D 62 -59.28 -25.01 17.29
C VAL D 62 -59.61 -25.58 18.68
N ILE D 63 -60.55 -26.52 18.73
CA ILE D 63 -61.06 -27.06 19.99
C ILE D 63 -61.26 -28.56 19.90
N LYS D 64 -61.52 -29.19 21.04
CA LYS D 64 -61.67 -30.65 21.09
C LYS D 64 -63.09 -31.04 20.75
N SER D 65 -63.24 -32.10 19.97
CA SER D 65 -64.54 -32.69 19.66
C SER D 65 -64.46 -34.19 19.95
N GLN D 66 -65.18 -34.65 20.97
CA GLN D 66 -65.13 -36.06 21.37
C GLN D 66 -65.95 -36.93 20.43
N LEU D 67 -65.42 -38.11 20.13
CA LEU D 67 -66.10 -39.12 19.33
C LEU D 67 -66.60 -40.22 20.27
N ASN D 68 -67.67 -40.89 19.86
CA ASN D 68 -68.17 -42.07 20.58
C ASN D 68 -67.36 -43.29 20.11
N VAL D 69 -66.45 -43.74 20.98
CA VAL D 69 -65.42 -44.74 20.62
C VAL D 69 -66.01 -46.15 20.53
N SER D 70 -66.90 -46.47 21.45
CA SER D 70 -67.62 -47.75 21.45
C SER D 70 -68.45 -47.97 20.18
N SER D 71 -69.05 -46.90 19.65
CA SER D 71 -70.04 -46.95 18.55
C SER D 71 -69.62 -47.76 17.33
N VAL D 72 -68.33 -47.71 16.99
CA VAL D 72 -67.78 -48.52 15.90
C VAL D 72 -66.85 -49.57 16.50
N SER D 73 -67.05 -50.81 16.09
CA SER D 73 -66.22 -51.91 16.57
C SER D 73 -64.84 -51.82 15.96
N GLU D 74 -63.86 -52.46 16.61
CA GLU D 74 -62.52 -52.62 16.04
C GLU D 74 -62.58 -53.34 14.69
N GLN D 75 -63.51 -54.29 14.56
CA GLN D 75 -63.71 -55.04 13.31
C GLN D 75 -64.30 -54.16 12.19
N ASN D 76 -65.36 -53.41 12.51
CA ASN D 76 -66.06 -52.57 11.51
C ASN D 76 -65.17 -51.48 10.89
N ALA D 77 -64.33 -50.84 11.71
CA ALA D 77 -63.35 -49.87 11.21
C ALA D 77 -62.30 -50.52 10.32
N TYR D 78 -61.82 -51.69 10.75
CA TYR D 78 -60.85 -52.50 10.00
C TYR D 78 -61.38 -52.89 8.61
N ARG D 79 -62.67 -53.21 8.54
CA ARG D 79 -63.35 -53.51 7.28
C ARG D 79 -63.38 -52.30 6.33
N ALA D 80 -63.70 -51.13 6.89
CA ALA D 80 -63.81 -49.87 6.13
C ALA D 80 -62.47 -49.32 5.61
N GLY D 81 -61.36 -49.77 6.20
CA GLY D 81 -60.02 -49.31 5.86
C GLY D 81 -59.49 -48.22 6.78
N LEU D 82 -60.09 -48.13 7.97
CA LEU D 82 -59.79 -47.08 8.93
C LEU D 82 -59.05 -47.63 10.13
N GLN D 83 -58.47 -46.74 10.91
CA GLN D 83 -57.91 -47.08 12.21
C GLN D 83 -59.06 -47.26 13.19
N PRO D 84 -58.83 -47.96 14.31
CA PRO D 84 -59.87 -47.97 15.35
C PRO D 84 -60.17 -46.57 15.86
N VAL D 85 -61.42 -46.33 16.26
CA VAL D 85 -61.88 -44.98 16.61
C VAL D 85 -61.22 -44.43 17.89
N SER D 86 -60.67 -45.32 18.72
CA SER D 86 -59.81 -44.92 19.84
C SER D 86 -58.58 -44.12 19.39
N LYS D 87 -58.01 -44.46 18.25
CA LYS D 87 -56.82 -43.77 17.73
C LYS D 87 -57.13 -42.41 17.06
N TRP D 88 -58.41 -42.09 16.86
CA TRP D 88 -58.79 -40.92 16.04
C TRP D 88 -58.64 -39.59 16.76
N GLN D 89 -57.97 -38.64 16.10
CA GLN D 89 -58.02 -37.22 16.45
C GLN D 89 -59.25 -36.57 15.82
N ALA D 90 -59.86 -35.63 16.53
CA ALA D 90 -61.13 -35.03 16.14
C ALA D 90 -61.25 -33.66 16.74
N TYR D 91 -61.42 -32.64 15.91
CA TYR D 91 -61.46 -31.26 16.38
C TYR D 91 -62.66 -30.53 15.82
N GLY D 92 -63.09 -29.51 16.53
CA GLY D 92 -64.07 -28.57 16.01
C GLY D 92 -63.43 -27.20 15.89
N LEU D 93 -64.29 -26.17 15.84
CA LEU D 93 -63.86 -24.77 15.78
C LEU D 93 -64.80 -23.93 16.60
N LYS D 94 -64.27 -22.86 17.19
CA LYS D 94 -65.10 -21.93 17.94
C LYS D 94 -65.99 -21.15 16.99
N GLY D 95 -67.27 -21.05 17.34
CA GLY D 95 -68.25 -20.38 16.51
C GLY D 95 -68.75 -21.20 15.34
N TYR D 96 -68.52 -22.52 15.37
CA TYR D 96 -69.07 -23.42 14.36
C TYR D 96 -69.50 -24.73 15.03
N PRO D 97 -70.34 -24.63 16.07
CA PRO D 97 -70.77 -25.86 16.75
C PRO D 97 -71.36 -26.84 15.78
N GLY D 98 -70.94 -28.09 15.85
CA GLY D 98 -71.39 -29.12 14.93
C GLY D 98 -70.38 -29.43 13.84
N PHE D 99 -69.45 -28.51 13.61
CA PHE D 99 -68.34 -28.77 12.70
C PHE D 99 -67.32 -29.70 13.36
N ILE D 100 -67.01 -30.81 12.69
CA ILE D 100 -66.04 -31.80 13.14
C ILE D 100 -65.01 -32.03 12.04
N PHE D 101 -63.73 -32.01 12.42
CA PHE D 101 -62.64 -32.28 11.50
C PHE D 101 -61.92 -33.48 12.10
N ILE D 102 -61.77 -34.53 11.31
CA ILE D 102 -60.98 -35.69 11.66
C ILE D 102 -59.79 -34.97 11.04
N PRO D 103 -58.57 -35.53 11.12
CA PRO D 103 -57.45 -35.69 10.24
C PRO D 103 -57.76 -36.98 9.36
N ASN D 104 -56.75 -37.41 8.65
CA ASN D 104 -56.54 -38.76 8.08
C ASN D 104 -56.73 -39.78 9.24
N PRO D 105 -57.83 -40.57 9.21
CA PRO D 105 -58.06 -41.75 10.04
C PRO D 105 -57.58 -43.04 9.38
N PHE D 106 -57.47 -43.05 8.05
CA PHE D 106 -57.36 -44.26 7.23
C PHE D 106 -56.09 -45.05 7.49
N LEU D 107 -56.19 -46.37 7.37
CA LEU D 107 -55.04 -47.27 7.54
C LEU D 107 -54.06 -47.08 6.39
N PRO D 108 -52.75 -47.18 6.65
CA PRO D 108 -51.78 -47.00 5.57
C PRO D 108 -52.10 -47.88 4.37
N GLY D 109 -52.13 -47.26 3.18
CA GLY D 109 -52.47 -47.95 1.94
C GLY D 109 -53.93 -47.81 1.50
N TYR D 110 -54.87 -47.82 2.45
CA TYR D 110 -56.28 -47.98 2.14
C TYR D 110 -56.96 -46.85 1.35
N GLN D 111 -56.46 -45.62 1.48
CA GLN D 111 -56.96 -44.50 0.66
C GLN D 111 -57.07 -44.85 -0.84
N TRP D 112 -56.10 -45.61 -1.36
CA TRP D 112 -56.07 -45.99 -2.77
C TRP D 112 -57.31 -46.76 -3.25
N HIS D 113 -58.02 -47.41 -2.33
CA HIS D 113 -59.29 -48.04 -2.67
C HIS D 113 -60.36 -47.02 -3.04
N TRP D 114 -60.50 -45.98 -2.22
CA TRP D 114 -61.54 -44.97 -2.43
C TRP D 114 -61.22 -44.08 -3.62
N VAL D 115 -59.95 -43.82 -3.86
CA VAL D 115 -59.52 -43.08 -5.07
C VAL D 115 -59.77 -43.89 -6.33
N LYS D 116 -59.50 -45.19 -6.27
CA LYS D 116 -59.80 -46.10 -7.39
C LYS D 116 -61.29 -46.13 -7.67
N GLN D 117 -62.12 -46.30 -6.63
CA GLN D 117 -63.57 -46.39 -6.80
C GLN D 117 -64.19 -45.16 -7.47
N CYS D 118 -63.79 -43.97 -7.04
CA CYS D 118 -64.31 -42.70 -7.58
C CYS D 118 -63.95 -42.52 -9.04
N LEU D 119 -62.72 -42.88 -9.40
CA LEU D 119 -62.26 -42.76 -10.78
C LEU D 119 -62.78 -43.86 -11.67
N LYS D 120 -62.63 -45.11 -11.23
CA LYS D 120 -62.92 -46.28 -12.05
C LYS D 120 -64.41 -46.64 -12.05
N LEU D 121 -64.95 -46.93 -10.88
CA LEU D 121 -66.25 -47.58 -10.74
C LEU D 121 -67.45 -46.63 -10.54
N TYR D 122 -67.37 -45.72 -9.56
CA TYR D 122 -68.50 -44.80 -9.23
C TYR D 122 -68.94 -43.87 -10.38
N SER D 123 -68.04 -43.65 -11.35
CA SER D 123 -68.30 -42.84 -12.53
C SER D 123 -68.85 -43.62 -13.74
N GLN D 124 -69.58 -44.72 -13.51
CA GLN D 124 -70.06 -45.59 -14.59
C GLN D 124 -71.49 -45.24 -14.99
N LYS D 125 -71.93 -45.79 -16.14
CA LYS D 125 -73.12 -45.33 -16.86
C LYS D 125 -74.45 -45.10 -16.11
N PRO D 126 -74.81 -45.94 -15.11
CA PRO D 126 -76.00 -45.58 -14.30
C PRO D 126 -75.87 -44.24 -13.54
N ASN D 127 -74.68 -43.95 -13.03
CA ASN D 127 -74.39 -42.72 -12.28
C ASN D 127 -74.14 -41.53 -13.20
N VAL D 128 -74.67 -40.37 -12.81
CA VAL D 128 -74.61 -39.16 -13.62
C VAL D 128 -73.31 -38.39 -13.36
N CYS D 129 -72.66 -37.93 -14.42
CA CYS D 129 -71.43 -37.11 -14.32
C CYS D 129 -71.59 -35.80 -15.10
N ASN D 130 -70.61 -34.92 -14.96
CA ASN D 130 -70.68 -33.59 -15.59
C ASN D 130 -70.56 -33.62 -17.12
N LEU D 131 -69.81 -34.59 -17.65
CA LEU D 131 -69.60 -34.70 -19.09
C LEU D 131 -70.81 -35.23 -19.87
N ASP D 132 -71.87 -35.67 -19.18
CA ASP D 132 -73.09 -36.16 -19.84
C ASP D 132 -73.86 -35.08 -20.64
N LYS D 133 -73.75 -33.80 -20.23
CA LYS D 133 -74.41 -32.69 -20.92
C LYS D 133 -73.76 -32.32 -22.27
N HIS D 134 -72.43 -32.33 -22.31
CA HIS D 134 -71.67 -31.97 -23.52
C HIS D 134 -71.52 -33.13 -24.51
N MET D 135 -71.45 -34.37 -24.02
CA MET D 135 -71.14 -35.55 -24.83
C MET D 135 -72.29 -36.57 -24.86
N SER D 136 -72.17 -37.54 -25.76
CA SER D 136 -73.23 -38.52 -26.03
C SER D 136 -73.33 -39.61 -24.95
N LYS D 137 -74.31 -40.50 -25.12
CA LYS D 137 -74.44 -41.72 -24.30
C LYS D 137 -73.32 -42.72 -24.64
N GLU D 138 -72.95 -42.77 -25.92
CA GLU D 138 -71.76 -43.50 -26.36
C GLU D 138 -70.49 -42.69 -26.04
N GLU D 139 -69.46 -43.38 -25.56
CA GLU D 139 -68.19 -42.78 -25.07
C GLU D 139 -68.24 -42.30 -23.61
N THR D 140 -69.32 -42.58 -22.89
CA THR D 140 -69.42 -42.35 -21.44
C THR D 140 -68.90 -43.57 -20.67
N GLN D 141 -69.01 -44.76 -21.28
CA GLN D 141 -68.36 -45.97 -20.75
C GLN D 141 -66.87 -46.11 -21.04
N ASP D 142 -66.36 -45.27 -21.96
CA ASP D 142 -64.91 -45.00 -22.16
C ASP D 142 -64.25 -43.90 -21.33
N LEU D 143 -64.93 -43.45 -20.28
CA LEU D 143 -64.45 -42.67 -19.12
C LEU D 143 -63.20 -43.08 -18.32
N TRP D 144 -63.15 -44.32 -17.85
CA TRP D 144 -61.94 -44.89 -17.21
C TRP D 144 -61.02 -45.50 -18.28
N GLU D 145 -61.61 -46.26 -19.21
CA GLU D 145 -60.83 -47.03 -20.21
C GLU D 145 -60.08 -46.19 -21.26
N GLN D 146 -60.55 -44.97 -21.55
CA GLN D 146 -59.86 -44.08 -22.49
C GLN D 146 -58.65 -43.43 -21.83
N SER D 147 -58.90 -42.83 -20.66
CA SER D 147 -57.84 -42.21 -19.85
C SER D 147 -56.90 -43.22 -19.18
N LYS D 148 -57.36 -44.48 -19.03
CA LYS D 148 -56.56 -45.60 -18.52
C LYS D 148 -55.09 -45.50 -18.90
N GLU D 149 -54.81 -45.50 -20.20
CA GLU D 149 -53.45 -45.65 -20.73
C GLU D 149 -52.60 -44.37 -20.73
N PHE D 150 -53.13 -43.26 -20.29
CA PHE D 150 -52.30 -42.12 -20.26
C PHE D 150 -51.58 -42.91 -19.18
N LEU D 151 -50.34 -43.23 -19.54
CA LEU D 151 -49.22 -43.71 -18.74
C LEU D 151 -48.80 -42.65 -17.78
N ARG D 152 -48.29 -41.54 -18.31
CA ARG D 152 -47.75 -40.44 -17.51
C ARG D 152 -47.49 -39.17 -18.35
N TYR D 153 -46.69 -38.27 -17.77
CA TYR D 153 -46.18 -37.07 -18.42
C TYR D 153 -46.26 -35.68 -18.97
N LYS D 154 -46.51 -34.71 -18.11
CA LYS D 154 -47.29 -33.55 -17.74
C LYS D 154 -47.25 -32.07 -17.39
N GLU D 155 -46.16 -31.64 -16.77
CA GLU D 155 -45.37 -30.43 -16.76
C GLU D 155 -44.07 -30.73 -16.07
N ARG D 162 -56.86 -33.10 -21.07
CA ARG D 162 -56.66 -33.77 -22.34
C ARG D 162 -57.53 -35.03 -22.46
N SER D 163 -57.44 -35.91 -21.45
CA SER D 163 -58.25 -37.14 -21.42
C SER D 163 -59.54 -36.91 -20.64
N LEU D 164 -60.43 -37.90 -20.65
CA LEU D 164 -61.77 -37.78 -20.03
C LEU D 164 -61.77 -37.63 -18.50
N LEU D 165 -60.86 -38.34 -17.84
CA LEU D 165 -60.70 -38.27 -16.37
C LEU D 165 -60.19 -36.89 -15.94
N GLU D 166 -59.39 -36.25 -16.79
CA GLU D 166 -58.86 -34.91 -16.53
C GLU D 166 -59.88 -33.79 -16.81
N LYS D 167 -60.91 -34.09 -17.62
CA LYS D 167 -62.05 -33.17 -17.87
C LYS D 167 -63.25 -33.43 -16.96
N LEU D 168 -63.18 -34.49 -16.15
CA LEU D 168 -64.19 -34.81 -15.14
C LEU D 168 -64.15 -33.79 -13.99
N ARG D 169 -65.31 -33.43 -13.45
CA ARG D 169 -65.44 -32.40 -12.40
C ARG D 169 -66.41 -32.78 -11.28
N TRP D 170 -67.55 -33.38 -11.61
CA TRP D 170 -68.40 -33.99 -10.61
C TRP D 170 -69.10 -35.26 -11.08
N VAL D 171 -69.42 -36.14 -10.13
CA VAL D 171 -70.21 -37.34 -10.35
C VAL D 171 -71.21 -37.45 -9.22
N THR D 172 -72.48 -37.66 -9.52
CA THR D 172 -73.47 -37.94 -8.48
C THR D 172 -73.68 -39.45 -8.34
N VAL D 173 -74.13 -39.88 -7.16
CA VAL D 173 -74.50 -41.27 -6.88
C VAL D 173 -75.69 -41.28 -5.94
N GLY D 174 -76.49 -42.35 -5.99
CA GLY D 174 -77.71 -42.45 -5.19
C GLY D 174 -78.79 -41.57 -5.80
N TYR D 175 -79.46 -40.74 -4.98
CA TYR D 175 -80.36 -39.71 -5.52
C TYR D 175 -79.50 -38.73 -6.29
N HIS D 176 -79.78 -38.57 -7.57
CA HIS D 176 -78.98 -37.70 -8.43
C HIS D 176 -79.43 -36.26 -8.32
N TYR D 177 -78.56 -35.44 -7.77
CA TYR D 177 -78.83 -34.04 -7.56
C TYR D 177 -78.98 -33.39 -8.92
N ASN D 178 -80.09 -32.67 -9.11
CA ASN D 178 -80.32 -31.89 -10.31
C ASN D 178 -79.84 -30.46 -10.07
N TRP D 179 -78.78 -30.06 -10.78
CA TRP D 179 -78.09 -28.79 -10.53
C TRP D 179 -78.93 -27.61 -10.99
N ASP D 180 -79.54 -27.76 -12.17
CA ASP D 180 -80.40 -26.74 -12.76
C ASP D 180 -81.58 -26.49 -11.84
N SER D 181 -82.30 -27.56 -11.53
CA SER D 181 -83.45 -27.55 -10.61
C SER D 181 -83.12 -27.12 -9.16
N LYS D 182 -81.95 -27.52 -8.66
CA LYS D 182 -81.58 -27.39 -7.23
C LYS D 182 -82.43 -28.28 -6.29
N LYS D 183 -82.93 -29.40 -6.81
CA LYS D 183 -83.75 -30.35 -6.04
C LYS D 183 -83.23 -31.76 -6.24
N TYR D 184 -83.67 -32.66 -5.37
CA TYR D 184 -83.56 -34.10 -5.58
C TYR D 184 -84.88 -34.63 -6.14
N SER D 185 -84.84 -35.85 -6.68
CA SER D 185 -85.96 -36.43 -7.40
C SER D 185 -86.18 -37.87 -6.94
N ALA D 186 -87.43 -38.23 -6.66
CA ALA D 186 -87.79 -39.61 -6.31
C ALA D 186 -87.64 -40.57 -7.51
N ASP D 187 -87.76 -40.03 -8.72
CA ASP D 187 -87.57 -40.80 -9.96
C ASP D 187 -86.09 -41.10 -10.27
N HIS D 188 -85.16 -40.27 -9.80
CA HIS D 188 -83.73 -40.42 -10.10
C HIS D 188 -82.91 -40.91 -8.89
N TYR D 189 -83.34 -42.04 -8.31
CA TYR D 189 -82.56 -42.77 -7.30
C TYR D 189 -81.80 -43.87 -8.03
N THR D 190 -80.75 -44.38 -7.39
CA THR D 190 -79.85 -45.38 -7.95
C THR D 190 -79.26 -46.14 -6.74
N PRO D 191 -78.69 -47.35 -6.96
CA PRO D 191 -77.89 -47.95 -5.89
C PRO D 191 -76.73 -47.06 -5.45
N PHE D 192 -76.79 -46.60 -4.19
CA PHE D 192 -75.68 -45.93 -3.56
C PHE D 192 -74.63 -47.00 -3.28
N PRO D 193 -73.39 -46.85 -3.79
CA PRO D 193 -72.40 -47.94 -3.71
C PRO D 193 -72.20 -48.55 -2.32
N SER D 194 -71.88 -49.84 -2.31
CA SER D 194 -71.89 -50.63 -1.08
C SER D 194 -70.81 -50.15 -0.11
N ASP D 195 -69.58 -50.16 -0.57
CA ASP D 195 -68.42 -49.76 0.23
C ASP D 195 -68.60 -48.36 0.81
N LEU D 196 -68.77 -47.35 -0.05
CA LEU D 196 -68.93 -45.96 0.40
C LEU D 196 -70.09 -45.80 1.38
N GLY D 197 -71.16 -46.55 1.14
CA GLY D 197 -72.26 -46.64 2.09
C GLY D 197 -71.76 -47.08 3.46
N PHE D 198 -71.04 -48.20 3.48
CA PHE D 198 -70.50 -48.75 4.73
C PHE D 198 -69.52 -47.81 5.42
N LEU D 199 -68.61 -47.20 4.65
CA LEU D 199 -67.68 -46.20 5.18
C LEU D 199 -68.41 -45.05 5.86
N SER D 200 -69.33 -44.44 5.14
CA SER D 200 -70.11 -43.30 5.62
C SER D 200 -70.93 -43.65 6.85
N GLU D 201 -71.41 -44.90 6.93
CA GLU D 201 -72.18 -45.39 8.09
C GLU D 201 -71.34 -45.39 9.37
N GLN D 202 -70.09 -45.87 9.26
CA GLN D 202 -69.17 -45.94 10.41
C GLN D 202 -68.78 -44.57 10.91
N VAL D 203 -68.26 -43.73 10.01
CA VAL D 203 -67.84 -42.36 10.34
C VAL D 203 -68.95 -41.56 11.00
N ALA D 204 -70.14 -41.60 10.41
CA ALA D 204 -71.32 -40.93 10.97
C ALA D 204 -71.62 -41.41 12.38
N ALA D 205 -71.51 -42.73 12.61
CA ALA D 205 -71.76 -43.31 13.94
C ALA D 205 -70.81 -42.77 15.02
N ALA D 206 -69.51 -42.73 14.70
CA ALA D 206 -68.47 -42.21 15.60
C ALA D 206 -68.75 -40.76 16.02
N CYS D 207 -69.24 -39.94 15.09
CA CYS D 207 -69.59 -38.54 15.39
C CYS D 207 -70.92 -38.36 16.14
N GLY D 208 -71.63 -39.47 16.38
CA GLY D 208 -72.87 -39.48 17.15
C GLY D 208 -74.09 -39.48 16.28
N PHE D 209 -74.09 -40.34 15.26
CA PHE D 209 -75.20 -40.46 14.30
C PHE D 209 -75.36 -41.94 13.89
N GLU D 210 -76.13 -42.68 14.68
CA GLU D 210 -76.28 -44.13 14.48
C GLU D 210 -77.25 -44.48 13.36
N ASP D 211 -78.34 -43.73 13.23
CA ASP D 211 -79.36 -44.00 12.21
C ASP D 211 -79.04 -43.41 10.84
N PHE D 212 -77.76 -43.35 10.46
CA PHE D 212 -77.35 -42.64 9.25
C PHE D 212 -77.63 -43.45 7.99
N ARG D 213 -78.11 -42.78 6.94
CA ARG D 213 -78.43 -43.42 5.67
C ARG D 213 -77.84 -42.67 4.47
N ALA D 214 -76.88 -43.31 3.81
CA ALA D 214 -76.14 -42.74 2.68
C ALA D 214 -76.98 -42.80 1.41
N GLU D 215 -77.80 -41.77 1.22
CA GLU D 215 -78.81 -41.75 0.19
C GLU D 215 -78.32 -41.06 -1.09
N ALA D 216 -77.67 -39.90 -0.94
CA ALA D 216 -77.12 -39.16 -2.09
C ALA D 216 -75.67 -38.82 -1.87
N GLY D 217 -74.87 -38.95 -2.92
CA GLY D 217 -73.44 -38.59 -2.88
C GLY D 217 -73.05 -37.74 -4.06
N ILE D 218 -72.18 -36.77 -3.83
CA ILE D 218 -71.61 -35.94 -4.90
C ILE D 218 -70.12 -36.10 -4.79
N LEU D 219 -69.48 -36.46 -5.89
CA LEU D 219 -68.04 -36.61 -5.95
C LEU D 219 -67.52 -35.43 -6.76
N ASN D 220 -66.69 -34.58 -6.17
CA ASN D 220 -66.06 -33.47 -6.89
C ASN D 220 -64.63 -33.88 -7.26
N TYR D 221 -64.20 -33.52 -8.46
CA TYR D 221 -62.87 -33.88 -8.95
C TYR D 221 -62.18 -32.59 -9.34
N TYR D 222 -61.04 -32.30 -8.71
CA TYR D 222 -60.34 -31.05 -8.91
C TYR D 222 -59.08 -31.28 -9.72
N ARG D 223 -58.80 -30.34 -10.63
CA ARG D 223 -57.44 -30.10 -11.11
C ARG D 223 -56.88 -29.04 -10.18
N LEU D 224 -55.60 -28.72 -10.35
CA LEU D 224 -54.90 -27.72 -9.51
C LEU D 224 -55.45 -26.30 -9.69
N ASP D 225 -56.00 -25.99 -10.86
CA ASP D 225 -56.66 -24.69 -11.11
C ASP D 225 -58.17 -24.70 -10.80
N SER D 226 -58.74 -25.84 -10.45
CA SER D 226 -60.17 -25.92 -10.14
C SER D 226 -60.52 -25.27 -8.81
N THR D 227 -61.77 -24.88 -8.70
CA THR D 227 -62.34 -24.33 -7.48
C THR D 227 -63.77 -24.84 -7.39
N LEU D 228 -64.40 -24.60 -6.26
CA LEU D 228 -65.82 -24.88 -6.07
C LEU D 228 -66.34 -23.62 -5.45
N GLY D 229 -67.27 -22.96 -6.12
CA GLY D 229 -67.77 -21.68 -5.66
C GLY D 229 -68.50 -21.72 -4.32
N ILE D 230 -68.94 -20.53 -3.91
CA ILE D 230 -69.56 -20.37 -2.61
C ILE D 230 -70.95 -20.98 -2.73
N HIS D 231 -71.30 -21.83 -1.77
CA HIS D 231 -72.60 -22.51 -1.82
C HIS D 231 -73.03 -23.01 -0.45
N VAL D 232 -74.33 -23.26 -0.32
CA VAL D 232 -74.88 -23.97 0.83
C VAL D 232 -75.48 -25.29 0.33
N ASP D 233 -75.41 -26.32 1.17
CA ASP D 233 -76.03 -27.62 0.85
C ASP D 233 -77.34 -27.72 1.60
N ARG D 234 -78.38 -27.24 0.92
CA ARG D 234 -79.72 -27.05 1.45
C ARG D 234 -80.77 -27.96 0.76
N SER D 235 -80.41 -28.60 -0.36
CA SER D 235 -81.37 -29.36 -1.16
C SER D 235 -81.80 -30.71 -0.56
N GLU D 236 -81.08 -31.18 0.46
CA GLU D 236 -81.52 -32.33 1.25
C GLU D 236 -82.76 -31.92 2.01
N LEU D 237 -83.66 -32.88 2.27
CA LEU D 237 -84.92 -32.56 2.95
C LEU D 237 -84.76 -32.60 4.47
N ASP D 238 -83.98 -33.57 4.99
CA ASP D 238 -83.61 -33.57 6.41
C ASP D 238 -82.31 -32.77 6.68
N HIS D 239 -82.49 -31.57 7.23
CA HIS D 239 -81.40 -30.68 7.65
C HIS D 239 -80.73 -31.06 8.99
N SER D 240 -81.19 -32.16 9.63
CA SER D 240 -80.60 -32.63 10.89
C SER D 240 -79.48 -33.61 10.67
N LYS D 241 -79.60 -34.47 9.67
CA LYS D 241 -78.55 -35.47 9.40
C LYS D 241 -77.29 -34.83 8.78
N PRO D 242 -76.09 -35.31 9.18
CA PRO D 242 -74.82 -34.68 8.83
C PRO D 242 -74.38 -34.82 7.37
N LEU D 243 -73.49 -33.92 6.96
CA LEU D 243 -72.87 -33.91 5.64
C LEU D 243 -71.45 -34.45 5.82
N LEU D 244 -71.15 -35.61 5.22
CA LEU D 244 -69.81 -36.21 5.33
C LEU D 244 -68.95 -35.76 4.15
N SER D 245 -67.66 -35.50 4.38
CA SER D 245 -66.78 -34.95 3.35
C SER D 245 -65.36 -35.54 3.43
N PHE D 246 -65.05 -36.44 2.51
CA PHE D 246 -63.78 -37.16 2.47
C PHE D 246 -62.86 -36.55 1.41
N SER D 247 -61.62 -36.23 1.78
CA SER D 247 -60.66 -35.61 0.88
C SER D 247 -59.51 -36.56 0.60
N PHE D 248 -59.25 -36.84 -0.67
CA PHE D 248 -58.05 -37.59 -1.09
C PHE D 248 -57.22 -36.80 -2.09
N GLY D 249 -55.91 -36.99 -2.02
CA GLY D 249 -54.97 -36.39 -2.95
C GLY D 249 -54.35 -35.07 -2.48
N GLN D 250 -54.22 -34.15 -3.43
CA GLN D 250 -53.58 -32.87 -3.19
C GLN D 250 -54.31 -32.04 -2.13
N SER D 251 -53.53 -31.24 -1.40
CA SER D 251 -54.08 -30.41 -0.35
C SER D 251 -55.00 -29.33 -0.96
N ALA D 252 -55.99 -28.88 -0.19
CA ALA D 252 -56.85 -27.80 -0.60
C ALA D 252 -57.13 -26.89 0.57
N ILE D 253 -57.53 -25.67 0.26
CA ILE D 253 -58.01 -24.71 1.22
C ILE D 253 -59.53 -24.85 1.20
N PHE D 254 -60.14 -24.95 2.38
CA PHE D 254 -61.60 -24.96 2.52
C PHE D 254 -62.01 -23.74 3.32
N LEU D 255 -63.03 -23.04 2.86
CA LEU D 255 -63.58 -21.90 3.57
C LEU D 255 -64.95 -22.29 4.14
N LEU D 256 -65.18 -21.97 5.42
CA LEU D 256 -66.44 -22.20 6.11
C LEU D 256 -66.86 -20.86 6.73
N GLY D 257 -68.03 -20.37 6.31
CA GLY D 257 -68.56 -19.08 6.75
C GLY D 257 -69.87 -19.22 7.52
N GLY D 258 -70.76 -18.24 7.37
CA GLY D 258 -71.99 -18.19 8.15
C GLY D 258 -73.24 -18.63 7.42
N LEU D 259 -74.39 -18.32 8.03
CA LEU D 259 -75.70 -18.61 7.45
C LEU D 259 -75.97 -17.80 6.20
N GLN D 260 -75.35 -16.63 6.10
CA GLN D 260 -75.42 -15.79 4.90
C GLN D 260 -74.03 -15.48 4.35
N ARG D 261 -73.99 -15.09 3.08
CA ARG D 261 -72.74 -14.89 2.33
C ARG D 261 -71.93 -13.65 2.77
N ASP D 262 -72.58 -12.73 3.48
CA ASP D 262 -71.90 -11.55 4.06
C ASP D 262 -70.73 -11.83 5.01
N GLU D 263 -70.83 -12.91 5.78
CA GLU D 263 -69.89 -13.24 6.87
C GLU D 263 -68.55 -13.78 6.35
N ALA D 264 -67.45 -13.28 6.91
CA ALA D 264 -66.10 -13.67 6.50
C ALA D 264 -65.83 -15.08 6.97
N PRO D 265 -65.32 -15.97 6.09
CA PRO D 265 -65.05 -17.36 6.48
C PRO D 265 -63.73 -17.56 7.20
N THR D 266 -63.62 -18.73 7.82
CA THR D 266 -62.37 -19.25 8.35
C THR D 266 -61.77 -20.17 7.29
N ALA D 267 -60.50 -19.97 6.95
CA ALA D 267 -59.80 -20.87 6.03
C ALA D 267 -59.19 -22.03 6.80
N MET D 268 -59.04 -23.18 6.13
CA MET D 268 -58.38 -24.35 6.72
C MET D 268 -57.92 -25.30 5.63
N PHE D 269 -56.94 -26.15 5.96
CA PHE D 269 -56.43 -27.13 4.99
C PHE D 269 -57.23 -28.44 5.01
N MET D 270 -57.28 -29.08 3.85
CA MET D 270 -57.83 -30.42 3.70
C MET D 270 -56.80 -31.31 3.00
N HIS D 271 -56.03 -32.03 3.82
CA HIS D 271 -54.98 -32.91 3.31
C HIS D 271 -55.59 -34.26 2.98
N SER D 272 -54.83 -35.05 2.23
CA SER D 272 -55.23 -36.40 1.79
C SER D 272 -55.61 -37.23 3.00
N GLY D 273 -56.80 -37.82 2.97
CA GLY D 273 -57.30 -38.63 4.08
C GLY D 273 -58.27 -37.91 5.00
N ASP D 274 -58.27 -36.59 5.01
CA ASP D 274 -59.04 -35.84 5.99
C ASP D 274 -60.57 -35.98 5.80
N ILE D 275 -61.26 -36.19 6.91
CA ILE D 275 -62.70 -36.33 6.92
C ILE D 275 -63.24 -35.11 7.64
N MET D 276 -64.41 -34.65 7.20
CA MET D 276 -64.98 -33.39 7.62
C MET D 276 -66.51 -33.54 7.66
N ILE D 277 -67.10 -33.25 8.81
CA ILE D 277 -68.52 -33.43 9.03
C ILE D 277 -69.16 -32.10 9.41
N MET D 278 -70.13 -31.66 8.62
CA MET D 278 -70.95 -30.50 8.94
C MET D 278 -72.24 -31.06 9.53
N SER D 279 -72.40 -30.84 10.83
CA SER D 279 -73.57 -31.29 11.58
C SER D 279 -74.14 -30.14 12.36
N GLY D 280 -75.37 -30.31 12.83
CA GLY D 280 -76.02 -29.33 13.69
C GLY D 280 -76.02 -27.94 13.09
N PHE D 281 -75.62 -26.95 13.87
CA PHE D 281 -75.57 -25.56 13.41
C PHE D 281 -74.70 -25.36 12.17
N SER D 282 -73.56 -26.06 12.12
CA SER D 282 -72.65 -25.91 10.99
C SER D 282 -73.12 -26.55 9.68
N ARG D 283 -74.26 -27.25 9.70
CA ARG D 283 -74.74 -28.02 8.54
C ARG D 283 -75.26 -27.17 7.37
N LEU D 284 -75.70 -25.94 7.65
CA LEU D 284 -76.33 -25.09 6.63
C LEU D 284 -75.56 -23.81 6.36
N LEU D 285 -74.23 -23.87 6.55
CA LEU D 285 -73.35 -22.73 6.37
C LEU D 285 -72.80 -22.69 4.93
N ASN D 286 -72.49 -21.48 4.47
CA ASN D 286 -71.88 -21.27 3.17
C ASN D 286 -70.46 -21.79 3.25
N HIS D 287 -69.98 -22.32 2.14
CA HIS D 287 -68.61 -22.81 2.08
C HIS D 287 -68.10 -22.89 0.65
N ALA D 288 -66.80 -23.03 0.52
CA ALA D 288 -66.16 -23.04 -0.78
C ALA D 288 -64.77 -23.65 -0.71
N VAL D 289 -64.23 -23.95 -1.89
CA VAL D 289 -62.87 -24.41 -2.05
C VAL D 289 -62.26 -23.40 -3.01
N PRO D 290 -61.69 -22.30 -2.47
CA PRO D 290 -61.07 -21.31 -3.34
C PRO D 290 -59.75 -21.78 -3.96
N ARG D 291 -59.14 -22.86 -3.45
CA ARG D 291 -57.84 -23.26 -3.94
C ARG D 291 -57.51 -24.74 -3.70
N VAL D 292 -56.84 -25.34 -4.67
CA VAL D 292 -56.26 -26.68 -4.53
C VAL D 292 -54.76 -26.52 -4.73
N LEU D 293 -53.99 -26.75 -3.67
CA LEU D 293 -52.57 -26.46 -3.68
C LEU D 293 -51.78 -27.54 -4.41
N PRO D 294 -50.78 -27.14 -5.22
CA PRO D 294 -49.88 -28.17 -5.76
C PRO D 294 -48.98 -28.70 -4.65
N ASN D 295 -48.31 -29.83 -4.89
CA ASN D 295 -47.46 -30.43 -3.86
C ASN D 295 -46.31 -29.49 -3.46
N PRO D 296 -46.10 -29.25 -2.14
CA PRO D 296 -44.98 -28.38 -1.73
C PRO D 296 -43.58 -28.97 -1.98
N GLU D 297 -43.48 -30.30 -2.05
CA GLU D 297 -42.21 -31.00 -2.30
C GLU D 297 -41.99 -31.13 -3.81
N GLY D 298 -42.07 -30.01 -4.53
CA GLY D 298 -42.06 -29.98 -6.00
C GLY D 298 -43.34 -30.51 -6.62
N GLU D 299 -43.32 -31.78 -7.01
CA GLU D 299 -44.50 -32.49 -7.50
C GLU D 299 -44.37 -33.97 -7.19
N GLY D 300 -45.51 -34.66 -7.21
CA GLY D 300 -45.63 -36.03 -6.69
C GLY D 300 -46.68 -36.07 -5.59
N LEU D 301 -46.90 -37.26 -5.05
CA LEU D 301 -47.98 -37.48 -4.07
C LEU D 301 -47.59 -36.99 -2.68
N PRO D 302 -48.59 -36.79 -1.79
CA PRO D 302 -48.26 -36.63 -0.37
C PRO D 302 -47.63 -37.89 0.21
N HIS D 303 -47.03 -37.77 1.40
CA HIS D 303 -46.28 -38.87 1.98
C HIS D 303 -47.14 -40.08 2.33
N CYS D 304 -48.38 -39.86 2.76
CA CYS D 304 -49.27 -40.95 3.16
C CYS D 304 -49.79 -41.79 2.00
N LEU D 305 -49.70 -41.27 0.78
CA LEU D 305 -50.03 -42.04 -0.42
C LEU D 305 -48.86 -42.88 -0.97
N GLU D 306 -47.68 -42.79 -0.34
CA GLU D 306 -46.55 -43.67 -0.65
C GLU D 306 -46.84 -45.12 -0.25
N ALA D 307 -47.58 -45.31 0.84
CA ALA D 307 -48.01 -46.64 1.25
C ALA D 307 -49.03 -47.21 0.26
N PRO D 308 -48.74 -48.39 -0.34
CA PRO D 308 -49.70 -49.03 -1.23
C PRO D 308 -50.69 -49.87 -0.43
N LEU D 309 -51.81 -50.24 -1.04
CA LEU D 309 -52.80 -51.09 -0.37
C LEU D 309 -52.22 -52.51 -0.21
N PRO D 310 -52.46 -53.15 0.97
CA PRO D 310 -52.02 -54.53 1.15
C PRO D 310 -52.48 -55.51 0.04
N ALA D 311 -51.55 -56.29 -0.50
CA ALA D 311 -51.86 -57.29 -1.55
C ALA D 311 -52.78 -58.41 -1.03
N VAL D 312 -52.57 -58.79 0.23
CA VAL D 312 -53.46 -59.70 0.94
C VAL D 312 -54.32 -58.87 1.90
N LEU D 313 -55.63 -58.96 1.73
CA LEU D 313 -56.60 -58.27 2.59
C LEU D 313 -57.36 -59.26 3.46
N PRO D 314 -58.13 -58.77 4.46
CA PRO D 314 -59.07 -59.60 5.22
C PRO D 314 -60.44 -59.93 4.58
N ARG D 315 -61.09 -60.97 5.11
CA ARG D 315 -62.17 -61.74 4.48
C ARG D 315 -63.42 -60.89 4.26
N ASP D 316 -63.92 -60.30 5.35
CA ASP D 316 -65.19 -59.52 5.34
C ASP D 316 -65.02 -58.01 5.07
N SER D 317 -63.80 -57.59 4.72
CA SER D 317 -63.50 -56.19 4.45
C SER D 317 -64.18 -55.73 3.16
N MET D 318 -64.64 -54.48 3.16
CA MET D 318 -65.32 -53.89 2.00
C MET D 318 -64.36 -53.58 0.85
N VAL D 319 -63.06 -53.50 1.15
CA VAL D 319 -62.05 -53.10 0.19
C VAL D 319 -61.65 -54.28 -0.71
N GLU D 320 -61.61 -54.03 -2.02
CA GLU D 320 -61.08 -54.96 -2.99
C GLU D 320 -59.57 -54.79 -3.16
N PRO D 321 -58.91 -55.79 -3.75
CA PRO D 321 -57.55 -55.60 -4.24
C PRO D 321 -57.42 -54.44 -5.24
N CYS D 322 -56.26 -53.80 -5.23
CA CYS D 322 -55.89 -52.83 -6.24
C CYS D 322 -54.87 -53.53 -7.14
N SER D 323 -55.11 -53.53 -8.45
CA SER D 323 -54.12 -54.07 -9.39
C SER D 323 -52.92 -53.11 -9.45
N MET D 324 -51.79 -53.61 -9.93
CA MET D 324 -50.55 -52.83 -10.00
C MET D 324 -50.55 -51.81 -11.14
N GLU D 325 -51.57 -51.82 -12.01
CA GLU D 325 -51.75 -50.79 -13.04
C GLU D 325 -52.78 -49.70 -12.65
N ASP D 326 -53.81 -50.07 -11.88
CA ASP D 326 -54.78 -49.09 -11.33
C ASP D 326 -54.08 -48.14 -10.37
N TRP D 327 -53.16 -48.69 -9.56
CA TRP D 327 -52.25 -47.90 -8.74
C TRP D 327 -51.41 -46.91 -9.58
N GLN D 328 -50.98 -47.31 -10.77
CA GLN D 328 -50.25 -46.40 -11.68
C GLN D 328 -51.15 -45.28 -12.23
N VAL D 329 -52.42 -45.60 -12.50
CA VAL D 329 -53.42 -44.61 -12.96
C VAL D 329 -53.68 -43.60 -11.85
N CYS D 330 -54.21 -44.11 -10.74
CA CYS D 330 -54.59 -43.29 -9.60
C CYS D 330 -53.43 -42.43 -9.10
N ALA D 331 -52.24 -43.02 -8.98
CA ALA D 331 -51.04 -42.28 -8.54
C ALA D 331 -50.57 -41.22 -9.52
N SER D 332 -50.60 -41.52 -10.82
CA SER D 332 -50.24 -40.54 -11.85
C SER D 332 -51.31 -39.45 -11.94
N TYR D 333 -52.59 -39.84 -11.77
CA TYR D 333 -53.70 -38.88 -11.72
C TYR D 333 -53.51 -37.92 -10.54
N LEU D 334 -53.37 -38.48 -9.34
CA LEU D 334 -53.34 -37.68 -8.10
C LEU D 334 -52.06 -36.88 -7.81
N LYS D 335 -51.05 -36.96 -8.68
CA LYS D 335 -49.91 -36.03 -8.63
C LYS D 335 -50.35 -34.56 -8.71
N THR D 336 -51.42 -34.32 -9.47
CA THR D 336 -51.88 -32.96 -9.81
C THR D 336 -53.42 -32.80 -9.72
N ALA D 337 -54.06 -33.50 -8.78
CA ALA D 337 -55.52 -33.46 -8.66
C ALA D 337 -55.98 -33.75 -7.23
N ARG D 338 -57.25 -33.43 -6.95
CA ARG D 338 -57.88 -33.78 -5.68
C ARG D 338 -59.23 -34.44 -5.94
N VAL D 339 -59.53 -35.50 -5.19
CA VAL D 339 -60.84 -36.15 -5.25
C VAL D 339 -61.52 -35.91 -3.93
N ASN D 340 -62.82 -35.61 -3.99
CA ASN D 340 -63.66 -35.38 -2.82
C ASN D 340 -64.89 -36.29 -2.90
N MET D 341 -65.42 -36.71 -1.76
CA MET D 341 -66.71 -37.39 -1.68
C MET D 341 -67.55 -36.70 -0.62
N THR D 342 -68.68 -36.14 -1.01
CA THR D 342 -69.69 -35.71 -0.05
C THR D 342 -70.82 -36.70 -0.05
N VAL D 343 -71.32 -37.05 1.13
CA VAL D 343 -72.32 -38.10 1.29
C VAL D 343 -73.40 -37.58 2.24
N ARG D 344 -74.66 -37.60 1.78
CA ARG D 344 -75.78 -36.98 2.50
C ARG D 344 -76.97 -37.92 2.62
N GLN D 345 -77.72 -37.76 3.71
CA GLN D 345 -79.04 -38.38 3.86
C GLN D 345 -80.05 -37.31 3.44
N VAL D 346 -80.87 -37.65 2.44
CA VAL D 346 -81.81 -36.68 1.80
C VAL D 346 -83.18 -36.72 2.50
N LEU D 347 -83.69 -37.93 2.74
CA LEU D 347 -84.97 -38.15 3.41
C LEU D 347 -84.74 -38.62 4.82
N ALA D 348 -85.66 -38.27 5.72
CA ALA D 348 -85.57 -38.63 7.13
C ALA D 348 -85.92 -40.12 7.36
N THR D 349 -85.86 -40.53 8.63
CA THR D 349 -86.07 -41.93 9.05
C THR D 349 -87.47 -42.46 8.74
N ASP D 350 -88.49 -41.69 9.13
CA ASP D 350 -89.89 -42.01 8.84
C ASP D 350 -90.32 -41.40 7.50
N GLN D 351 -90.03 -40.11 7.32
CA GLN D 351 -90.42 -39.30 6.14
C GLN D 351 -90.21 -39.99 4.79
N ASN D 352 -91.14 -39.72 3.87
CA ASN D 352 -91.10 -40.24 2.51
C ASN D 352 -91.11 -39.06 1.54
N PHE D 353 -90.67 -39.30 0.31
CA PHE D 353 -90.40 -38.24 -0.67
C PHE D 353 -91.64 -37.37 -0.97
N PRO D 354 -91.65 -36.09 -0.52
CA PRO D 354 -92.76 -35.21 -0.91
C PRO D 354 -92.72 -34.84 -2.41
N LEU D 355 -93.84 -35.05 -3.10
CA LEU D 355 -93.93 -34.87 -4.55
C LEU D 355 -95.34 -34.51 -5.02
N GLU D 356 -95.45 -34.16 -6.32
CA GLU D 356 -96.74 -33.88 -6.97
C GLU D 356 -97.10 -35.01 -7.95
N GLY E 19 -28.86 19.25 -23.17
CA GLY E 19 -30.30 19.28 -23.51
C GLY E 19 -31.01 20.55 -23.06
N GLU E 20 -32.11 20.88 -23.74
CA GLU E 20 -32.89 22.10 -23.49
C GLU E 20 -33.79 22.02 -22.23
N ASP E 21 -33.99 20.81 -21.70
CA ASP E 21 -34.78 20.61 -20.45
C ASP E 21 -33.87 20.55 -19.22
N ALA E 22 -34.41 20.96 -18.08
CA ALA E 22 -33.61 21.12 -16.86
C ALA E 22 -33.09 19.80 -16.30
N PHE E 23 -33.83 18.72 -16.48
CA PHE E 23 -33.40 17.43 -15.97
C PHE E 23 -32.09 17.05 -16.66
N ARG E 24 -32.07 17.17 -17.97
CA ARG E 24 -30.87 16.92 -18.77
C ARG E 24 -29.73 17.85 -18.32
N LYS E 25 -30.08 19.08 -17.96
CA LYS E 25 -29.09 20.03 -17.44
C LYS E 25 -28.46 19.55 -16.13
N LEU E 26 -29.26 19.02 -15.21
CA LEU E 26 -28.74 18.52 -13.92
C LEU E 26 -28.13 17.12 -14.02
N PHE E 27 -28.68 16.29 -14.88
CA PHE E 27 -28.06 15.02 -15.22
C PHE E 27 -26.65 15.29 -15.74
N ARG E 28 -26.55 16.20 -16.71
CA ARG E 28 -25.28 16.57 -17.32
C ARG E 28 -24.27 17.10 -16.30
N PHE E 29 -24.76 17.90 -15.36
CA PHE E 29 -23.90 18.55 -14.38
C PHE E 29 -23.34 17.56 -13.37
N TYR E 30 -24.20 16.69 -12.85
CA TYR E 30 -23.77 15.71 -11.84
C TYR E 30 -22.89 14.59 -12.39
N ARG E 31 -23.07 14.24 -13.67
CA ARG E 31 -22.16 13.30 -14.35
C ARG E 31 -20.72 13.84 -14.37
N GLN E 32 -20.60 15.14 -14.69
CA GLN E 32 -19.30 15.82 -14.80
C GLN E 32 -18.77 16.33 -13.44
N SER E 33 -19.64 16.40 -12.43
CA SER E 33 -19.29 16.98 -11.11
C SER E 33 -18.07 16.32 -10.46
N ARG E 34 -17.35 17.07 -9.65
CA ARG E 34 -16.15 16.56 -8.96
C ARG E 34 -16.52 16.17 -7.53
N PRO E 35 -16.18 14.93 -7.11
CA PRO E 35 -16.47 14.54 -5.72
C PRO E 35 -15.53 15.23 -4.73
N GLY E 36 -16.07 15.64 -3.59
CA GLY E 36 -15.30 16.38 -2.58
C GLY E 36 -15.51 17.88 -2.64
N THR E 37 -15.68 18.42 -3.85
CA THR E 37 -15.89 19.86 -4.07
C THR E 37 -17.28 20.31 -3.63
N ALA E 38 -17.55 21.61 -3.81
CA ALA E 38 -18.87 22.18 -3.55
C ALA E 38 -19.88 21.96 -4.67
N ASP E 39 -19.52 21.21 -5.72
CA ASP E 39 -20.48 20.82 -6.77
C ASP E 39 -21.67 20.07 -6.15
N LEU E 40 -21.36 19.23 -5.17
CA LEU E 40 -22.37 18.41 -4.50
C LEU E 40 -22.89 19.08 -3.23
N GLU E 41 -22.99 20.43 -3.26
CA GLU E 41 -23.44 21.23 -2.12
C GLU E 41 -24.93 21.05 -1.82
N GLY E 42 -25.72 20.92 -2.88
CA GLY E 42 -27.19 20.81 -2.81
C GLY E 42 -27.70 19.42 -3.07
N VAL E 43 -26.85 18.41 -2.83
CA VAL E 43 -27.23 17.00 -2.89
C VAL E 43 -27.60 16.58 -1.47
N ILE E 44 -28.83 16.11 -1.27
CA ILE E 44 -29.30 15.73 0.07
C ILE E 44 -28.65 14.42 0.55
N ASP E 45 -28.21 14.42 1.81
CA ASP E 45 -27.70 13.23 2.50
C ASP E 45 -28.66 12.88 3.66
N PHE E 46 -29.59 11.95 3.41
CA PHE E 46 -30.55 11.52 4.43
C PHE E 46 -29.84 10.88 5.62
N SER E 47 -28.77 10.11 5.33
CA SER E 47 -28.03 9.35 6.34
C SER E 47 -27.34 10.01 7.54
N ALA E 48 -26.58 11.09 7.30
CA ALA E 48 -26.14 12.03 8.34
C ALA E 48 -27.12 13.20 8.44
N ALA E 49 -27.95 13.17 9.50
CA ALA E 49 -29.00 14.17 9.76
C ALA E 49 -30.10 14.17 8.70
N GLY E 58 -30.92 20.86 0.93
CA GLY E 58 -30.79 20.14 2.20
C GLY E 58 -32.11 20.04 2.95
N ALA E 59 -32.15 20.62 4.16
CA ALA E 59 -33.29 20.49 5.09
C ALA E 59 -34.43 21.52 4.88
N GLN E 60 -34.41 22.26 3.77
CA GLN E 60 -35.60 22.99 3.32
C GLN E 60 -36.74 22.00 3.01
N LYS E 61 -36.39 20.89 2.37
CA LYS E 61 -37.37 19.90 1.89
C LYS E 61 -37.50 18.62 2.75
N VAL E 62 -36.46 18.26 3.49
CA VAL E 62 -36.42 16.97 4.21
C VAL E 62 -37.45 16.91 5.37
N ILE E 63 -38.60 16.28 5.10
CA ILE E 63 -39.60 16.01 6.15
C ILE E 63 -39.44 14.56 6.62
N LYS E 64 -39.82 14.33 7.87
CA LYS E 64 -39.73 12.99 8.48
C LYS E 64 -41.02 12.26 8.15
N SER E 65 -40.90 11.00 7.75
CA SER E 65 -42.03 10.22 7.25
C SER E 65 -42.47 9.21 8.30
N GLN E 66 -43.71 8.75 8.18
CA GLN E 66 -44.37 7.94 9.21
C GLN E 66 -44.64 6.51 8.72
N LEU E 67 -44.19 5.53 9.51
CA LEU E 67 -44.25 4.10 9.16
C LEU E 67 -45.25 3.36 10.05
N ASN E 68 -45.98 2.40 9.48
CA ASN E 68 -46.77 1.45 10.27
C ASN E 68 -45.78 0.55 10.99
N VAL E 69 -45.59 0.82 12.28
CA VAL E 69 -44.51 0.22 13.05
C VAL E 69 -44.89 -1.22 13.36
N SER E 70 -46.14 -1.42 13.80
CA SER E 70 -46.66 -2.74 14.15
C SER E 70 -46.88 -3.70 12.97
N SER E 71 -46.93 -3.17 11.75
CA SER E 71 -47.13 -3.99 10.54
C SER E 71 -46.17 -5.18 10.41
N VAL E 72 -44.89 -4.93 10.67
CA VAL E 72 -43.89 -6.00 10.72
C VAL E 72 -43.56 -6.30 12.18
N SER E 73 -43.75 -7.56 12.58
CA SER E 73 -43.35 -8.01 13.89
C SER E 73 -41.82 -8.07 13.99
N GLU E 74 -41.31 -7.89 15.20
CA GLU E 74 -39.86 -7.84 15.45
C GLU E 74 -39.14 -9.03 14.83
N GLN E 75 -39.76 -10.22 14.92
CA GLN E 75 -39.14 -11.46 14.44
C GLN E 75 -39.20 -11.61 12.91
N ASN E 76 -40.26 -11.08 12.26
CA ASN E 76 -40.35 -11.11 10.79
C ASN E 76 -39.33 -10.18 10.11
N ALA E 77 -39.07 -9.02 10.72
CA ALA E 77 -37.98 -8.15 10.29
C ALA E 77 -36.63 -8.86 10.37
N TYR E 78 -36.42 -9.58 11.47
CA TYR E 78 -35.19 -10.37 11.68
C TYR E 78 -34.99 -11.45 10.62
N ARG E 79 -36.09 -11.99 10.09
CA ARG E 79 -36.02 -12.97 9.00
C ARG E 79 -35.50 -12.39 7.66
N ALA E 80 -35.71 -11.09 7.46
CA ALA E 80 -35.27 -10.37 6.25
C ALA E 80 -33.87 -9.79 6.36
N GLY E 81 -33.32 -9.73 7.57
CA GLY E 81 -32.03 -9.11 7.81
C GLY E 81 -32.13 -7.66 8.23
N LEU E 82 -33.34 -7.21 8.56
CA LEU E 82 -33.61 -5.81 8.87
C LEU E 82 -33.63 -5.61 10.38
N GLN E 83 -33.51 -4.35 10.80
CA GLN E 83 -33.66 -3.96 12.21
C GLN E 83 -35.15 -4.08 12.53
N PRO E 84 -35.52 -4.00 13.82
CA PRO E 84 -36.95 -3.82 14.09
C PRO E 84 -37.44 -2.52 13.45
N VAL E 85 -38.68 -2.52 12.94
CA VAL E 85 -39.19 -1.34 12.23
C VAL E 85 -39.12 -0.08 13.10
N SER E 86 -39.29 -0.24 14.41
CA SER E 86 -39.14 0.86 15.39
C SER E 86 -37.78 1.57 15.38
N LYS E 87 -36.73 0.88 14.92
CA LYS E 87 -35.39 1.49 14.74
C LYS E 87 -35.15 2.18 13.38
N TRP E 88 -36.12 2.11 12.45
CA TRP E 88 -35.95 2.63 11.09
C TRP E 88 -36.16 4.17 11.05
N GLN E 89 -35.29 4.86 10.33
CA GLN E 89 -35.47 6.28 10.04
C GLN E 89 -36.16 6.38 8.67
N ALA E 90 -37.31 7.03 8.59
CA ALA E 90 -38.01 7.24 7.30
C ALA E 90 -38.16 8.75 7.04
N TYR E 91 -37.96 9.15 5.79
CA TYR E 91 -38.04 10.55 5.38
C TYR E 91 -38.82 10.70 4.07
N GLY E 92 -39.37 11.90 3.86
CA GLY E 92 -39.96 12.31 2.58
C GLY E 92 -39.35 13.62 2.13
N LEU E 93 -39.90 14.18 1.06
CA LEU E 93 -39.49 15.50 0.54
C LEU E 93 -40.72 16.36 0.32
N LYS E 94 -40.64 17.65 0.71
CA LYS E 94 -41.74 18.60 0.46
C LYS E 94 -41.96 18.69 -1.03
N GLY E 95 -43.20 18.52 -1.45
CA GLY E 95 -43.54 18.52 -2.87
C GLY E 95 -43.34 17.20 -3.59
N TYR E 96 -42.86 16.17 -2.89
CA TYR E 96 -42.73 14.83 -3.43
C TYR E 96 -43.53 13.85 -2.56
N PRO E 97 -44.87 13.98 -2.57
CA PRO E 97 -45.70 13.15 -1.69
C PRO E 97 -45.69 11.66 -2.07
N GLY E 98 -45.68 10.80 -1.05
CA GLY E 98 -45.61 9.34 -1.23
C GLY E 98 -44.21 8.78 -1.45
N PHE E 99 -43.20 9.65 -1.41
CA PHE E 99 -41.82 9.25 -1.59
C PHE E 99 -41.21 9.00 -0.21
N ILE E 100 -40.78 7.76 0.03
CA ILE E 100 -40.17 7.41 1.31
C ILE E 100 -38.70 7.02 1.07
N PHE E 101 -37.80 7.57 1.88
CA PHE E 101 -36.39 7.21 1.89
C PHE E 101 -36.18 6.58 3.25
N ILE E 102 -35.45 5.47 3.28
CA ILE E 102 -35.15 4.78 4.53
C ILE E 102 -33.72 5.23 4.27
N PRO E 103 -32.85 5.22 5.30
CA PRO E 103 -31.44 4.90 5.34
C PRO E 103 -31.38 3.38 5.36
N ASN E 104 -30.16 2.86 5.52
CA ASN E 104 -29.78 1.49 5.92
C ASN E 104 -30.70 1.22 7.11
N PRO E 105 -31.62 0.23 6.98
CA PRO E 105 -32.28 -0.51 8.04
C PRO E 105 -31.50 -1.79 8.41
N PHE E 106 -30.73 -2.34 7.46
CA PHE E 106 -30.25 -3.72 7.48
C PHE E 106 -29.37 -3.96 8.70
N LEU E 107 -29.49 -5.15 9.30
CA LEU E 107 -28.65 -5.55 10.42
C LEU E 107 -27.21 -5.75 9.94
N PRO E 108 -26.21 -5.44 10.80
CA PRO E 108 -24.80 -5.60 10.45
C PRO E 108 -24.50 -6.85 9.64
N GLY E 109 -23.90 -6.65 8.45
CA GLY E 109 -23.45 -7.73 7.58
C GLY E 109 -24.46 -8.34 6.62
N TYR E 110 -25.75 -8.16 6.92
CA TYR E 110 -26.83 -8.75 6.13
C TYR E 110 -26.90 -8.25 4.68
N GLN E 111 -26.42 -7.04 4.43
CA GLN E 111 -26.31 -6.53 3.06
C GLN E 111 -25.60 -7.54 2.14
N TRP E 112 -24.56 -8.18 2.66
CA TRP E 112 -23.79 -9.20 1.92
C TRP E 112 -24.57 -10.43 1.42
N HIS E 113 -25.67 -10.78 2.09
CA HIS E 113 -26.56 -11.82 1.55
C HIS E 113 -27.12 -11.39 0.21
N TRP E 114 -27.70 -10.19 0.20
CA TRP E 114 -28.44 -9.65 -0.94
C TRP E 114 -27.50 -9.36 -2.10
N VAL E 115 -26.26 -8.98 -1.80
CA VAL E 115 -25.26 -8.76 -2.85
C VAL E 115 -24.90 -10.10 -3.48
N LYS E 116 -24.55 -11.09 -2.64
CA LYS E 116 -24.21 -12.43 -3.14
C LYS E 116 -25.34 -13.01 -3.98
N GLN E 117 -26.58 -12.86 -3.51
CA GLN E 117 -27.73 -13.31 -4.27
C GLN E 117 -27.74 -12.70 -5.67
N CYS E 118 -27.55 -11.38 -5.76
CA CYS E 118 -27.58 -10.67 -7.04
C CYS E 118 -26.49 -11.11 -8.02
N LEU E 119 -25.34 -11.52 -7.48
CA LEU E 119 -24.19 -11.92 -8.28
C LEU E 119 -24.21 -13.43 -8.59
N LYS E 120 -24.56 -14.24 -7.61
CA LYS E 120 -24.44 -15.70 -7.70
C LYS E 120 -25.75 -16.36 -8.13
N LEU E 121 -26.84 -16.07 -7.41
CA LEU E 121 -28.12 -16.76 -7.59
C LEU E 121 -28.99 -16.16 -8.66
N TYR E 122 -29.33 -14.86 -8.51
CA TYR E 122 -30.31 -14.21 -9.38
C TYR E 122 -29.84 -13.70 -10.73
N SER E 123 -28.54 -13.86 -11.02
CA SER E 123 -28.00 -13.66 -12.36
C SER E 123 -27.51 -14.93 -13.07
N GLN E 124 -28.07 -16.09 -12.68
CA GLN E 124 -28.06 -17.36 -13.44
C GLN E 124 -28.88 -17.22 -14.72
N LYS E 125 -28.88 -18.29 -15.53
CA LYS E 125 -29.62 -18.21 -16.78
C LYS E 125 -31.09 -18.68 -16.75
N PRO E 126 -31.51 -19.43 -15.71
CA PRO E 126 -32.99 -19.50 -15.64
C PRO E 126 -33.73 -18.14 -15.66
N ASN E 127 -33.02 -17.07 -15.31
CA ASN E 127 -33.44 -15.67 -15.50
C ASN E 127 -32.81 -15.07 -16.76
N VAL E 128 -33.13 -13.80 -17.03
CA VAL E 128 -32.61 -13.04 -18.18
C VAL E 128 -31.70 -11.92 -17.70
N CYS E 129 -30.76 -11.51 -18.55
CA CYS E 129 -29.86 -10.40 -18.28
C CYS E 129 -29.45 -9.70 -19.58
N ASN E 130 -28.69 -8.61 -19.47
CA ASN E 130 -28.22 -7.85 -20.64
C ASN E 130 -27.31 -8.68 -21.56
N LEU E 131 -26.49 -9.55 -20.96
CA LEU E 131 -25.61 -10.44 -21.72
C LEU E 131 -25.99 -11.90 -22.06
N ASP E 132 -27.30 -12.07 -21.91
CA ASP E 132 -28.12 -13.27 -22.07
C ASP E 132 -28.48 -13.54 -23.53
N LYS E 133 -28.86 -12.43 -24.18
CA LYS E 133 -29.35 -12.41 -25.54
C LYS E 133 -28.40 -12.01 -26.66
N HIS E 134 -27.62 -10.93 -26.51
CA HIS E 134 -26.69 -10.71 -27.65
C HIS E 134 -25.40 -11.54 -27.69
N MET E 135 -25.24 -12.47 -26.76
CA MET E 135 -24.00 -13.25 -26.62
C MET E 135 -24.27 -14.74 -26.76
N SER E 136 -23.20 -15.51 -26.94
CA SER E 136 -23.27 -16.96 -27.20
C SER E 136 -23.25 -17.78 -25.91
N LYS E 137 -23.31 -19.10 -26.05
CA LYS E 137 -23.20 -20.02 -24.91
C LYS E 137 -21.77 -20.21 -24.38
N GLU E 138 -20.81 -19.41 -24.88
CA GLU E 138 -19.45 -19.31 -24.30
C GLU E 138 -19.83 -18.79 -22.91
N GLU E 139 -19.55 -19.62 -21.89
CA GLU E 139 -19.79 -19.27 -20.49
C GLU E 139 -21.15 -18.70 -20.10
N THR E 140 -22.22 -19.42 -20.47
CA THR E 140 -23.60 -18.95 -20.44
C THR E 140 -24.18 -18.74 -19.04
N GLN E 141 -24.14 -19.81 -18.23
CA GLN E 141 -24.57 -19.78 -16.82
C GLN E 141 -23.40 -19.57 -15.88
N ASP E 142 -22.21 -20.07 -16.25
CA ASP E 142 -20.97 -19.84 -15.50
C ASP E 142 -20.52 -18.38 -15.63
N LEU E 143 -21.30 -17.51 -14.99
CA LEU E 143 -21.09 -16.07 -15.01
C LEU E 143 -20.41 -15.70 -13.70
N TRP E 144 -21.00 -16.17 -12.60
CA TRP E 144 -20.35 -16.18 -11.29
C TRP E 144 -19.09 -17.06 -11.31
N GLU E 145 -19.23 -18.29 -11.80
CA GLU E 145 -18.14 -19.28 -11.78
C GLU E 145 -16.85 -18.79 -12.46
N GLN E 146 -17.01 -18.10 -13.59
CA GLN E 146 -15.87 -17.51 -14.30
C GLN E 146 -15.17 -16.45 -13.43
N SER E 147 -15.96 -15.54 -12.87
CA SER E 147 -15.46 -14.45 -12.03
C SER E 147 -14.93 -14.90 -10.65
N LYS E 148 -15.23 -16.13 -10.25
CA LYS E 148 -14.58 -16.77 -9.10
C LYS E 148 -13.05 -16.86 -9.31
N GLU E 149 -12.62 -17.16 -10.53
CA GLU E 149 -11.20 -17.29 -10.88
C GLU E 149 -10.41 -15.98 -10.84
N PHE E 150 -11.08 -14.82 -10.94
CA PHE E 150 -10.41 -13.50 -10.90
C PHE E 150 -10.16 -13.01 -9.45
N LEU E 151 -9.07 -13.58 -8.91
CA LEU E 151 -8.51 -13.22 -7.62
C LEU E 151 -7.00 -13.01 -7.28
N ARG E 152 -6.10 -13.00 -8.29
CA ARG E 152 -4.62 -13.31 -8.27
C ARG E 152 -3.43 -12.82 -9.21
N TYR E 153 -2.26 -12.61 -8.58
CA TYR E 153 -1.07 -11.83 -9.01
C TYR E 153 0.13 -12.74 -8.67
N LYS E 154 1.40 -12.28 -8.74
CA LYS E 154 2.51 -13.20 -8.95
C LYS E 154 2.99 -13.98 -7.74
N ARG E 162 -13.90 -6.45 -18.19
CA ARG E 162 -12.90 -7.48 -17.96
C ARG E 162 -13.56 -8.87 -17.87
N SER E 163 -14.23 -9.16 -16.75
CA SER E 163 -14.95 -10.43 -16.54
C SER E 163 -16.44 -10.28 -16.88
N LEU E 164 -17.12 -11.42 -17.08
CA LEU E 164 -18.55 -11.45 -17.40
C LEU E 164 -19.37 -10.71 -16.35
N LEU E 165 -19.10 -11.02 -15.09
CA LEU E 165 -19.82 -10.41 -13.97
C LEU E 165 -19.59 -8.89 -13.93
N GLU E 166 -18.36 -8.46 -14.24
CA GLU E 166 -18.03 -7.04 -14.37
C GLU E 166 -18.63 -6.37 -15.63
N LYS E 167 -18.93 -7.16 -16.66
CA LYS E 167 -19.67 -6.69 -17.86
C LYS E 167 -21.19 -6.64 -17.67
N LEU E 168 -21.69 -7.19 -16.56
CA LEU E 168 -23.13 -7.28 -16.31
C LEU E 168 -23.73 -5.90 -16.04
N ARG E 169 -24.94 -5.65 -16.56
CA ARG E 169 -25.63 -4.35 -16.41
C ARG E 169 -26.98 -4.50 -15.72
N TRP E 170 -27.87 -5.28 -16.32
CA TRP E 170 -29.17 -5.56 -15.71
C TRP E 170 -29.54 -7.03 -15.72
N VAL E 171 -30.44 -7.40 -14.81
CA VAL E 171 -31.00 -8.75 -14.72
C VAL E 171 -32.48 -8.56 -14.38
N THR E 172 -33.36 -9.27 -15.09
CA THR E 172 -34.77 -9.33 -14.73
C THR E 172 -35.07 -10.65 -14.03
N VAL E 173 -35.65 -10.55 -12.83
CA VAL E 173 -36.22 -11.69 -12.10
C VAL E 173 -37.72 -11.45 -11.96
N GLY E 174 -38.51 -12.52 -11.99
CA GLY E 174 -39.98 -12.42 -12.02
C GLY E 174 -40.47 -12.35 -13.46
N TYR E 175 -41.47 -11.50 -13.73
CA TYR E 175 -41.93 -11.26 -15.09
C TYR E 175 -40.85 -10.52 -15.86
N HIS E 176 -40.23 -11.18 -16.83
CA HIS E 176 -39.04 -10.64 -17.51
C HIS E 176 -39.42 -9.50 -18.46
N TYR E 177 -39.29 -8.28 -17.96
CA TYR E 177 -39.61 -7.05 -18.69
C TYR E 177 -38.84 -6.94 -20.01
N ASN E 178 -39.58 -6.82 -21.11
CA ASN E 178 -39.00 -6.67 -22.44
C ASN E 178 -38.72 -5.18 -22.70
N TRP E 179 -37.47 -4.87 -23.07
CA TRP E 179 -37.03 -3.48 -23.22
C TRP E 179 -37.40 -2.87 -24.58
N ASP E 180 -37.39 -3.68 -25.64
CA ASP E 180 -37.75 -3.24 -27.00
C ASP E 180 -39.27 -2.98 -27.13
N SER E 181 -40.04 -4.00 -26.80
CA SER E 181 -41.50 -3.91 -26.68
C SER E 181 -41.96 -2.86 -25.64
N LYS E 182 -41.16 -2.68 -24.58
CA LYS E 182 -41.48 -1.83 -23.41
C LYS E 182 -42.71 -2.29 -22.60
N LYS E 183 -43.00 -3.60 -22.66
CA LYS E 183 -44.16 -4.19 -21.97
C LYS E 183 -43.78 -5.43 -21.17
N TYR E 184 -44.58 -5.71 -20.14
CA TYR E 184 -44.58 -7.01 -19.47
C TYR E 184 -45.48 -7.96 -20.24
N SER E 185 -45.30 -9.25 -20.00
CA SER E 185 -46.04 -10.28 -20.74
C SER E 185 -46.15 -11.55 -19.90
N ALA E 186 -47.35 -12.15 -19.91
CA ALA E 186 -47.61 -13.39 -19.15
C ALA E 186 -46.82 -14.61 -19.65
N ASP E 187 -46.33 -14.56 -20.89
CA ASP E 187 -45.49 -15.62 -21.46
C ASP E 187 -44.13 -15.75 -20.76
N HIS E 188 -43.48 -14.62 -20.50
CA HIS E 188 -42.10 -14.61 -19.94
C HIS E 188 -42.07 -14.31 -18.43
N TYR E 189 -41.84 -15.36 -17.65
CA TYR E 189 -41.65 -15.24 -16.20
C TYR E 189 -40.82 -16.40 -15.63
N THR E 190 -40.10 -16.12 -14.55
CA THR E 190 -39.47 -17.14 -13.70
C THR E 190 -39.93 -16.83 -12.26
N PRO E 191 -40.26 -17.86 -11.44
CA PRO E 191 -40.81 -17.56 -10.12
C PRO E 191 -39.96 -16.57 -9.35
N PHE E 192 -40.63 -15.61 -8.71
CA PHE E 192 -39.94 -14.53 -8.02
C PHE E 192 -39.23 -15.11 -6.81
N PRO E 193 -37.90 -14.90 -6.69
CA PRO E 193 -37.16 -15.44 -5.56
C PRO E 193 -37.83 -15.09 -4.23
N SER E 194 -38.06 -16.08 -3.39
CA SER E 194 -38.85 -15.87 -2.19
C SER E 194 -38.18 -14.88 -1.25
N ASP E 195 -36.87 -15.07 -1.03
CA ASP E 195 -36.07 -14.18 -0.14
C ASP E 195 -36.23 -12.71 -0.52
N LEU E 196 -35.98 -12.38 -1.78
CA LEU E 196 -36.17 -11.00 -2.26
C LEU E 196 -37.63 -10.54 -2.11
N GLY E 197 -38.56 -11.46 -2.31
CA GLY E 197 -39.98 -11.18 -2.17
C GLY E 197 -40.39 -10.98 -0.73
N PHE E 198 -39.83 -11.79 0.17
CA PHE E 198 -40.17 -11.70 1.59
C PHE E 198 -39.66 -10.35 2.07
N LEU E 199 -38.39 -10.07 1.79
CA LEU E 199 -37.78 -8.77 2.07
C LEU E 199 -38.60 -7.61 1.51
N SER E 200 -39.09 -7.72 0.28
CA SER E 200 -39.87 -6.65 -0.36
C SER E 200 -41.20 -6.44 0.34
N GLU E 201 -41.91 -7.52 0.60
CA GLU E 201 -43.19 -7.46 1.30
C GLU E 201 -43.10 -6.96 2.74
N GLN E 202 -41.96 -7.16 3.40
CA GLN E 202 -41.72 -6.60 4.74
C GLN E 202 -41.63 -5.07 4.72
N VAL E 203 -40.83 -4.51 3.80
CA VAL E 203 -40.64 -3.06 3.72
C VAL E 203 -41.94 -2.40 3.30
N ALA E 204 -42.54 -2.90 2.22
CA ALA E 204 -43.82 -2.42 1.72
C ALA E 204 -44.84 -2.28 2.84
N ALA E 205 -45.04 -3.38 3.58
CA ALA E 205 -45.95 -3.41 4.73
C ALA E 205 -45.74 -2.24 5.70
N ALA E 206 -44.49 -1.99 6.05
CA ALA E 206 -44.14 -0.90 6.98
C ALA E 206 -44.44 0.49 6.39
N CYS E 207 -44.30 0.62 5.07
CA CYS E 207 -44.68 1.85 4.35
C CYS E 207 -46.20 2.05 4.21
N GLY E 208 -47.00 1.08 4.66
CA GLY E 208 -48.46 1.11 4.54
C GLY E 208 -48.96 0.38 3.31
N PHE E 209 -48.31 -0.74 2.96
CA PHE E 209 -48.72 -1.57 1.83
C PHE E 209 -48.68 -3.05 2.21
N GLU E 210 -49.73 -3.48 2.90
CA GLU E 210 -49.92 -4.88 3.31
C GLU E 210 -50.18 -5.80 2.12
N ASP E 211 -50.88 -5.31 1.10
CA ASP E 211 -51.26 -6.13 -0.05
C ASP E 211 -50.19 -6.22 -1.16
N PHE E 212 -48.97 -5.75 -0.89
CA PHE E 212 -47.90 -5.76 -1.90
C PHE E 212 -47.49 -7.18 -2.31
N ARG E 213 -47.23 -7.35 -3.59
CA ARG E 213 -46.88 -8.65 -4.16
C ARG E 213 -45.71 -8.50 -5.11
N ALA E 214 -44.50 -8.60 -4.59
CA ALA E 214 -43.30 -8.60 -5.42
C ALA E 214 -43.51 -9.59 -6.56
N GLU E 215 -43.55 -9.08 -7.78
CA GLU E 215 -43.80 -9.88 -8.97
C GLU E 215 -42.74 -9.75 -10.06
N ALA E 216 -42.18 -8.56 -10.22
CA ALA E 216 -41.14 -8.32 -11.21
C ALA E 216 -40.01 -7.55 -10.56
N GLY E 217 -38.79 -7.82 -11.01
CA GLY E 217 -37.61 -7.13 -10.48
C GLY E 217 -36.61 -6.83 -11.56
N ILE E 218 -36.02 -5.63 -11.51
CA ILE E 218 -34.89 -5.29 -12.39
C ILE E 218 -33.69 -5.00 -11.50
N LEU E 219 -32.70 -5.88 -11.57
CA LEU E 219 -31.49 -5.73 -10.76
C LEU E 219 -30.50 -4.98 -11.62
N ASN E 220 -29.96 -3.87 -11.11
CA ASN E 220 -29.02 -3.03 -11.87
C ASN E 220 -27.62 -3.21 -11.28
N TYR E 221 -26.63 -3.26 -12.17
CA TYR E 221 -25.22 -3.45 -11.80
C TYR E 221 -24.38 -2.34 -12.42
N TYR E 222 -23.82 -1.47 -11.59
CA TYR E 222 -23.14 -0.26 -12.03
C TYR E 222 -21.63 -0.33 -11.82
N ARG E 223 -20.88 -0.05 -12.89
CA ARG E 223 -19.45 0.25 -12.73
C ARG E 223 -19.37 1.69 -12.23
N LEU E 224 -18.16 2.13 -11.88
CA LEU E 224 -17.95 3.50 -11.39
C LEU E 224 -18.28 4.60 -12.42
N ASP E 225 -18.10 4.28 -13.70
CA ASP E 225 -18.41 5.19 -14.80
C ASP E 225 -19.79 4.91 -15.43
N SER E 226 -20.64 4.15 -14.73
CA SER E 226 -21.98 3.80 -15.23
C SER E 226 -22.97 4.86 -14.82
N THR E 227 -24.02 5.02 -15.64
CA THR E 227 -25.14 5.93 -15.35
C THR E 227 -26.44 5.30 -15.82
N LEU E 228 -27.54 5.65 -15.15
CA LEU E 228 -28.87 5.26 -15.62
C LEU E 228 -29.56 6.52 -16.13
N GLY E 229 -30.02 6.45 -17.38
CA GLY E 229 -30.64 7.59 -18.05
C GLY E 229 -31.98 7.99 -17.47
N ILE E 230 -32.51 9.10 -17.97
CA ILE E 230 -33.70 9.70 -17.39
C ILE E 230 -34.86 8.87 -17.90
N HIS E 231 -35.81 8.54 -17.02
CA HIS E 231 -36.93 7.66 -17.38
C HIS E 231 -38.05 7.65 -16.34
N VAL E 232 -39.22 7.19 -16.77
CA VAL E 232 -40.33 6.89 -15.89
C VAL E 232 -40.54 5.39 -15.93
N ASP E 233 -40.96 4.83 -14.80
CA ASP E 233 -41.33 3.41 -14.73
C ASP E 233 -42.85 3.29 -14.80
N ARG E 234 -43.39 3.23 -16.03
CA ARG E 234 -44.84 3.24 -16.28
C ARG E 234 -45.38 2.01 -17.05
N SER E 235 -44.54 1.00 -17.24
CA SER E 235 -44.90 -0.20 -18.01
C SER E 235 -45.71 -1.24 -17.19
N GLU E 236 -45.74 -1.07 -15.87
CA GLU E 236 -46.53 -1.93 -14.99
C GLU E 236 -47.99 -1.49 -15.04
N LEU E 237 -48.91 -2.44 -14.87
CA LEU E 237 -50.35 -2.19 -15.05
C LEU E 237 -51.11 -1.61 -13.84
N ASP E 238 -50.42 -1.41 -12.71
CA ASP E 238 -51.01 -0.71 -11.56
C ASP E 238 -50.02 0.31 -10.96
N HIS E 239 -50.40 1.58 -11.03
CA HIS E 239 -49.59 2.68 -10.52
C HIS E 239 -49.93 3.08 -9.06
N SER E 240 -50.89 2.38 -8.45
CA SER E 240 -51.17 2.52 -7.02
C SER E 240 -50.17 1.72 -6.18
N LYS E 241 -49.72 0.60 -6.74
CA LYS E 241 -48.81 -0.30 -6.04
C LYS E 241 -47.37 0.23 -6.12
N PRO E 242 -46.68 0.32 -4.96
CA PRO E 242 -45.37 1.00 -4.90
C PRO E 242 -44.21 0.35 -5.68
N LEU E 243 -43.13 1.11 -5.75
CA LEU E 243 -41.90 0.70 -6.39
C LEU E 243 -40.81 0.73 -5.33
N LEU E 244 -40.18 -0.43 -5.10
CA LEU E 244 -39.14 -0.61 -4.09
C LEU E 244 -37.77 -0.59 -4.76
N SER E 245 -36.87 0.25 -4.22
CA SER E 245 -35.47 0.35 -4.66
C SER E 245 -34.55 0.04 -3.47
N PHE E 246 -33.63 -0.90 -3.67
CA PHE E 246 -32.58 -1.24 -2.71
C PHE E 246 -31.23 -0.89 -3.33
N SER E 247 -30.32 -0.31 -2.55
CA SER E 247 -28.98 0.03 -3.02
C SER E 247 -27.89 -0.68 -2.22
N PHE E 248 -26.90 -1.24 -2.93
CA PHE E 248 -25.76 -1.90 -2.29
C PHE E 248 -24.45 -1.50 -2.94
N GLY E 249 -23.43 -1.26 -2.12
CA GLY E 249 -22.09 -0.95 -2.62
C GLY E 249 -21.71 0.52 -2.50
N GLN E 250 -21.09 1.04 -3.55
CA GLN E 250 -20.64 2.43 -3.55
C GLN E 250 -21.84 3.38 -3.65
N SER E 251 -21.65 4.62 -3.23
CA SER E 251 -22.73 5.60 -3.24
C SER E 251 -23.04 6.09 -4.65
N ALA E 252 -24.26 6.61 -4.81
CA ALA E 252 -24.72 7.19 -6.07
C ALA E 252 -25.38 8.52 -5.80
N ILE E 253 -25.55 9.31 -6.85
CA ILE E 253 -26.39 10.50 -6.81
C ILE E 253 -27.67 10.11 -7.52
N PHE E 254 -28.81 10.37 -6.89
CA PHE E 254 -30.11 10.01 -7.46
C PHE E 254 -30.94 11.28 -7.68
N LEU E 255 -31.31 11.52 -8.94
CA LEU E 255 -32.12 12.68 -9.33
C LEU E 255 -33.58 12.28 -9.43
N LEU E 256 -34.45 13.01 -8.73
CA LEU E 256 -35.89 12.77 -8.73
C LEU E 256 -36.59 14.04 -9.19
N GLY E 257 -37.28 13.94 -10.32
CA GLY E 257 -37.90 15.10 -10.98
C GLY E 257 -39.40 15.09 -10.83
N GLY E 258 -40.05 15.91 -11.65
CA GLY E 258 -41.50 15.96 -11.69
C GLY E 258 -42.06 14.92 -12.64
N LEU E 259 -43.34 15.07 -12.98
CA LEU E 259 -44.02 14.15 -13.90
C LEU E 259 -43.68 14.40 -15.36
N GLN E 260 -43.18 15.60 -15.67
CA GLN E 260 -42.56 15.90 -16.96
C GLN E 260 -41.11 16.36 -16.75
N ARG E 261 -40.31 16.27 -17.81
CA ARG E 261 -38.89 16.68 -17.75
C ARG E 261 -38.66 18.20 -17.78
N ASP E 262 -39.73 18.97 -17.99
CA ASP E 262 -39.70 20.45 -17.84
C ASP E 262 -39.29 20.95 -16.44
N GLU E 263 -39.66 20.19 -15.40
CA GLU E 263 -39.37 20.52 -14.01
C GLU E 263 -37.95 20.09 -13.60
N ALA E 264 -37.39 20.73 -12.57
CA ALA E 264 -36.01 20.47 -12.10
C ALA E 264 -35.93 19.45 -10.95
N PRO E 265 -35.07 18.42 -11.11
CA PRO E 265 -35.00 17.38 -10.07
C PRO E 265 -34.19 17.70 -8.83
N THR E 266 -34.55 17.02 -7.74
CA THR E 266 -33.78 17.05 -6.50
C THR E 266 -32.72 15.95 -6.56
N ALA E 267 -31.50 16.25 -6.08
CA ALA E 267 -30.41 15.28 -6.01
C ALA E 267 -30.25 14.77 -4.59
N MET E 268 -29.94 13.49 -4.46
CA MET E 268 -29.72 12.87 -3.15
C MET E 268 -28.73 11.72 -3.26
N PHE E 269 -27.96 11.52 -2.19
CA PHE E 269 -27.02 10.39 -2.11
C PHE E 269 -27.79 9.12 -1.80
N MET E 270 -27.41 8.05 -2.49
CA MET E 270 -27.90 6.71 -2.20
C MET E 270 -26.73 5.89 -1.69
N HIS E 271 -26.62 5.76 -0.37
CA HIS E 271 -25.55 4.99 0.26
C HIS E 271 -25.92 3.51 0.38
N SER E 272 -24.94 2.68 0.78
CA SER E 272 -25.13 1.23 0.84
C SER E 272 -26.15 0.85 1.91
N GLY E 273 -27.18 0.10 1.52
CA GLY E 273 -28.24 -0.32 2.44
C GLY E 273 -29.50 0.53 2.39
N ASP E 274 -29.41 1.76 1.87
CA ASP E 274 -30.55 2.68 1.80
C ASP E 274 -31.66 2.11 0.92
N ILE E 275 -32.91 2.37 1.31
CA ILE E 275 -34.08 1.91 0.59
C ILE E 275 -34.93 3.11 0.21
N MET E 276 -35.39 3.12 -1.04
CA MET E 276 -36.29 4.13 -1.57
C MET E 276 -37.60 3.45 -1.94
N ILE E 277 -38.71 4.04 -1.50
CA ILE E 277 -40.03 3.58 -1.91
C ILE E 277 -40.78 4.73 -2.56
N MET E 278 -40.93 4.64 -3.89
CA MET E 278 -41.69 5.60 -4.67
C MET E 278 -43.11 5.09 -4.71
N SER E 279 -44.00 5.75 -3.96
CA SER E 279 -45.41 5.34 -3.86
C SER E 279 -46.38 6.48 -4.17
N GLY E 280 -47.58 6.10 -4.62
CA GLY E 280 -48.68 7.05 -4.81
C GLY E 280 -48.37 8.06 -5.90
N PHE E 281 -48.34 9.33 -5.52
CA PHE E 281 -48.03 10.40 -6.46
C PHE E 281 -46.65 10.18 -7.09
N SER E 282 -45.65 9.92 -6.24
CA SER E 282 -44.25 9.83 -6.66
C SER E 282 -43.92 8.72 -7.66
N ARG E 283 -44.68 7.62 -7.63
CA ARG E 283 -44.47 6.45 -8.51
C ARG E 283 -44.11 6.67 -9.98
N LEU E 284 -44.67 7.71 -10.61
CA LEU E 284 -44.44 7.98 -12.03
C LEU E 284 -43.58 9.22 -12.30
N LEU E 285 -42.89 9.72 -11.28
CA LEU E 285 -41.97 10.84 -11.44
C LEU E 285 -40.77 10.40 -12.27
N ASN E 286 -40.22 11.34 -13.04
CA ASN E 286 -38.95 11.08 -13.73
C ASN E 286 -37.85 10.90 -12.68
N HIS E 287 -36.93 9.99 -12.97
CA HIS E 287 -35.74 9.82 -12.16
C HIS E 287 -34.56 9.32 -12.99
N ALA E 288 -33.36 9.43 -12.40
CA ALA E 288 -32.13 9.05 -13.07
C ALA E 288 -31.01 8.87 -12.06
N VAL E 289 -29.92 8.26 -12.54
CA VAL E 289 -28.71 8.02 -11.76
C VAL E 289 -27.54 8.60 -12.56
N PRO E 290 -27.26 9.92 -12.41
CA PRO E 290 -26.19 10.55 -13.18
C PRO E 290 -24.77 10.18 -12.75
N ARG E 291 -24.59 9.70 -11.52
CA ARG E 291 -23.27 9.45 -10.99
C ARG E 291 -23.22 8.35 -9.94
N VAL E 292 -22.30 7.40 -10.14
CA VAL E 292 -21.82 6.52 -9.08
C VAL E 292 -20.51 7.14 -8.60
N LEU E 293 -20.44 7.39 -7.29
CA LEU E 293 -19.34 8.10 -6.67
C LEU E 293 -18.29 7.11 -6.18
N PRO E 294 -17.02 7.30 -6.57
CA PRO E 294 -15.94 6.45 -6.02
C PRO E 294 -15.77 6.60 -4.53
N ASN E 295 -15.17 5.57 -3.93
CA ASN E 295 -14.91 5.51 -2.50
C ASN E 295 -13.99 6.68 -2.13
N PRO E 296 -14.38 7.52 -1.15
CA PRO E 296 -13.51 8.64 -0.76
C PRO E 296 -12.05 8.29 -0.34
N GLU E 297 -11.79 7.01 -0.07
CA GLU E 297 -10.42 6.49 0.15
C GLU E 297 -9.86 5.76 -1.10
N GLY E 298 -10.19 6.24 -2.31
CA GLY E 298 -9.72 5.61 -3.57
C GLY E 298 -10.46 4.33 -3.95
N GLU E 299 -9.95 3.20 -3.48
CA GLU E 299 -10.64 1.90 -3.55
C GLU E 299 -10.85 1.37 -2.13
N GLY E 300 -12.02 0.79 -1.91
CA GLY E 300 -12.45 0.37 -0.58
C GLY E 300 -13.96 0.27 -0.52
N LEU E 301 -14.44 -0.03 0.68
CA LEU E 301 -15.87 -0.22 0.93
C LEU E 301 -16.32 0.70 2.05
N PRO E 302 -17.60 1.10 2.03
CA PRO E 302 -18.10 1.87 3.18
C PRO E 302 -18.00 1.11 4.51
N HIS E 303 -17.98 1.83 5.63
CA HIS E 303 -17.85 1.19 6.96
C HIS E 303 -19.00 0.24 7.28
N CYS E 304 -20.21 0.56 6.85
CA CYS E 304 -21.37 -0.28 7.11
C CYS E 304 -21.23 -1.70 6.52
N LEU E 305 -20.50 -1.83 5.41
CA LEU E 305 -20.24 -3.14 4.79
C LEU E 305 -19.01 -3.90 5.32
N GLU E 306 -18.36 -3.42 6.37
CA GLU E 306 -17.17 -4.10 6.91
C GLU E 306 -17.58 -5.37 7.64
N ALA E 307 -18.45 -5.20 8.64
CA ALA E 307 -19.04 -6.33 9.36
C ALA E 307 -19.64 -7.30 8.34
N PRO E 308 -19.26 -8.60 8.38
CA PRO E 308 -19.78 -9.56 7.41
C PRO E 308 -20.96 -10.34 7.98
N LEU E 309 -21.51 -11.21 7.13
CA LEU E 309 -22.75 -11.92 7.45
C LEU E 309 -22.54 -12.91 8.59
N PRO E 310 -23.32 -12.77 9.69
CA PRO E 310 -23.13 -13.70 10.79
C PRO E 310 -23.13 -15.17 10.35
N ALA E 311 -22.07 -15.89 10.70
CA ALA E 311 -21.82 -17.25 10.23
C ALA E 311 -22.78 -18.31 10.81
N VAL E 312 -23.65 -17.90 11.74
CA VAL E 312 -24.76 -18.73 12.20
C VAL E 312 -26.10 -17.99 12.01
N LEU E 313 -26.96 -18.54 11.14
CA LEU E 313 -28.27 -17.97 10.82
C LEU E 313 -29.38 -18.90 11.33
N PRO E 314 -30.31 -18.38 12.16
CA PRO E 314 -31.47 -19.15 12.63
C PRO E 314 -32.22 -19.88 11.52
N ARG E 315 -32.84 -21.01 11.86
CA ARG E 315 -33.38 -21.90 10.84
C ARG E 315 -34.44 -21.27 9.95
N ASP E 316 -35.28 -20.40 10.52
CA ASP E 316 -36.41 -19.81 9.78
C ASP E 316 -36.12 -18.47 9.09
N SER E 317 -34.92 -17.94 9.26
CA SER E 317 -34.44 -16.77 8.49
C SER E 317 -34.55 -17.04 6.99
N MET E 318 -34.79 -16.00 6.20
CA MET E 318 -34.82 -16.10 4.73
C MET E 318 -33.42 -16.00 4.11
N VAL E 319 -32.44 -15.63 4.94
CA VAL E 319 -31.06 -15.46 4.52
C VAL E 319 -30.32 -16.79 4.68
N GLU E 320 -29.62 -17.21 3.62
CA GLU E 320 -28.78 -18.40 3.61
C GLU E 320 -27.30 -18.02 3.88
N PRO E 321 -26.48 -18.99 4.34
CA PRO E 321 -25.14 -18.63 4.78
C PRO E 321 -24.20 -18.30 3.62
N CYS E 322 -23.28 -17.38 3.88
CA CYS E 322 -22.34 -16.85 2.89
C CYS E 322 -20.95 -17.34 3.24
N SER E 323 -20.32 -18.09 2.33
CA SER E 323 -18.99 -18.64 2.57
C SER E 323 -17.92 -17.54 2.52
N MET E 324 -16.79 -17.80 3.16
CA MET E 324 -15.62 -16.91 3.17
C MET E 324 -15.21 -16.54 1.75
N GLU E 325 -15.04 -17.56 0.91
CA GLU E 325 -14.63 -17.33 -0.48
C GLU E 325 -15.70 -16.59 -1.30
N ASP E 326 -16.98 -16.77 -0.95
CA ASP E 326 -18.08 -16.01 -1.58
C ASP E 326 -18.12 -14.55 -1.15
N TRP E 327 -17.90 -14.29 0.13
CA TRP E 327 -17.77 -12.91 0.63
C TRP E 327 -16.55 -12.19 0.02
N GLN E 328 -15.47 -12.91 -0.23
CA GLN E 328 -14.26 -12.32 -0.84
C GLN E 328 -14.47 -11.85 -2.27
N VAL E 329 -15.29 -12.56 -3.04
CA VAL E 329 -15.59 -12.18 -4.42
C VAL E 329 -16.51 -10.95 -4.45
N CYS E 330 -17.49 -10.94 -3.54
CA CYS E 330 -18.44 -9.84 -3.42
C CYS E 330 -17.76 -8.50 -3.07
N ALA E 331 -16.90 -8.52 -2.07
CA ALA E 331 -16.14 -7.32 -1.66
C ALA E 331 -15.16 -6.86 -2.73
N SER E 332 -14.53 -7.82 -3.40
CA SER E 332 -13.70 -7.52 -4.56
C SER E 332 -14.53 -6.81 -5.64
N TYR E 333 -15.76 -7.27 -5.86
CA TYR E 333 -16.68 -6.63 -6.82
C TYR E 333 -17.17 -5.23 -6.37
N LEU E 334 -17.76 -5.14 -5.17
CA LEU E 334 -18.34 -3.88 -4.67
C LEU E 334 -17.37 -2.71 -4.46
N LYS E 335 -16.07 -2.97 -4.50
CA LYS E 335 -15.06 -1.89 -4.37
C LYS E 335 -15.07 -0.91 -5.53
N THR E 336 -15.37 -1.41 -6.72
CA THR E 336 -15.48 -0.58 -7.92
C THR E 336 -16.88 -0.70 -8.57
N ALA E 337 -17.91 -0.89 -7.74
CA ALA E 337 -19.29 -1.06 -8.22
C ALA E 337 -20.40 -0.80 -7.20
N ARG E 338 -21.59 -0.52 -7.75
CA ARG E 338 -22.87 -0.51 -7.01
C ARG E 338 -23.81 -1.59 -7.60
N VAL E 339 -24.65 -2.16 -6.74
CA VAL E 339 -25.70 -3.12 -7.13
C VAL E 339 -27.03 -2.58 -6.59
N ASN E 340 -28.04 -2.51 -7.46
CA ASN E 340 -29.36 -2.01 -7.09
C ASN E 340 -30.40 -3.07 -7.42
N MET E 341 -31.39 -3.21 -6.53
CA MET E 341 -32.53 -4.10 -6.74
C MET E 341 -33.78 -3.25 -6.74
N THR E 342 -34.59 -3.39 -7.77
CA THR E 342 -35.86 -2.66 -7.85
C THR E 342 -36.99 -3.66 -7.98
N VAL E 343 -38.01 -3.55 -7.12
CA VAL E 343 -39.08 -4.55 -7.00
C VAL E 343 -40.46 -3.94 -7.20
N ARG E 344 -41.32 -4.64 -7.94
CA ARG E 344 -42.56 -4.06 -8.48
C ARG E 344 -43.69 -5.10 -8.50
N GLN E 345 -44.88 -4.68 -8.09
CA GLN E 345 -46.11 -5.41 -8.38
C GLN E 345 -46.61 -5.00 -9.77
N VAL E 346 -46.69 -5.97 -10.69
CA VAL E 346 -47.14 -5.70 -12.07
C VAL E 346 -48.67 -5.62 -12.19
N LEU E 347 -49.37 -6.54 -11.52
CA LEU E 347 -50.84 -6.67 -11.64
C LEU E 347 -51.57 -6.44 -10.33
N ALA E 348 -52.73 -5.78 -10.42
CA ALA E 348 -53.48 -5.31 -9.26
C ALA E 348 -54.18 -6.45 -8.53
N THR E 349 -54.79 -6.13 -7.40
CA THR E 349 -55.50 -7.13 -6.56
C THR E 349 -56.74 -7.67 -7.32
N ASP E 350 -56.50 -8.58 -8.26
CA ASP E 350 -57.48 -9.02 -9.26
C ASP E 350 -56.78 -9.67 -10.46
N GLY F 19 8.68 14.16 -15.87
CA GLY F 19 9.85 13.34 -15.46
C GLY F 19 10.86 14.08 -14.59
N GLU F 20 12.11 13.61 -14.61
CA GLU F 20 13.15 14.06 -13.68
C GLU F 20 13.88 15.32 -14.14
N ASP F 21 14.31 15.35 -15.40
CA ASP F 21 15.12 16.46 -15.92
C ASP F 21 14.27 17.68 -16.25
N ALA F 22 14.95 18.80 -16.46
CA ALA F 22 14.30 20.08 -16.75
C ALA F 22 13.58 20.09 -18.08
N PHE F 23 14.13 19.39 -19.07
CA PHE F 23 13.61 19.40 -20.43
C PHE F 23 12.21 18.81 -20.47
N ARG F 24 12.06 17.58 -19.98
CA ARG F 24 10.78 16.87 -20.03
C ARG F 24 9.68 17.64 -19.27
N LYS F 25 10.06 18.27 -18.16
CA LYS F 25 9.14 19.14 -17.40
C LYS F 25 8.54 20.21 -18.30
N LEU F 26 9.40 20.86 -19.08
CA LEU F 26 8.96 21.88 -20.04
C LEU F 26 8.27 21.30 -21.27
N PHE F 27 8.73 20.15 -21.74
CA PHE F 27 8.07 19.44 -22.84
C PHE F 27 6.62 19.15 -22.48
N ARG F 28 6.43 18.63 -21.26
CA ARG F 28 5.10 18.33 -20.73
C ARG F 28 4.24 19.60 -20.58
N PHE F 29 4.84 20.67 -20.07
CA PHE F 29 4.09 21.91 -19.83
C PHE F 29 3.54 22.54 -21.10
N TYR F 30 4.39 22.63 -22.12
CA TYR F 30 3.98 23.21 -23.39
C TYR F 30 3.04 22.28 -24.19
N ARG F 31 3.20 20.96 -24.04
CA ARG F 31 2.24 20.03 -24.63
C ARG F 31 0.83 20.33 -24.14
N GLN F 32 0.68 20.59 -22.85
CA GLN F 32 -0.64 20.90 -22.24
C GLN F 32 -1.00 22.38 -22.15
N SER F 33 -0.15 23.29 -22.64
CA SER F 33 -0.37 24.73 -22.47
C SER F 33 -1.61 25.23 -23.19
N ARG F 34 -2.00 26.46 -22.90
CA ARG F 34 -3.20 27.08 -23.50
C ARG F 34 -2.77 28.34 -24.25
N PRO F 35 -3.04 28.41 -25.57
CA PRO F 35 -2.77 29.65 -26.31
C PRO F 35 -3.65 30.82 -25.83
N GLY F 36 -3.15 32.04 -25.99
CA GLY F 36 -3.84 33.23 -25.50
C GLY F 36 -3.43 33.58 -24.09
N THR F 37 -3.56 32.61 -23.18
CA THR F 37 -3.23 32.80 -21.75
C THR F 37 -1.72 33.01 -21.52
N ALA F 38 -1.39 33.44 -20.30
CA ALA F 38 -0.01 33.75 -19.89
C ALA F 38 0.98 32.58 -19.97
N ASP F 39 0.47 31.35 -20.04
CA ASP F 39 1.28 30.16 -20.36
C ASP F 39 2.44 30.39 -21.33
N LEU F 40 2.20 31.17 -22.39
CA LEU F 40 3.21 31.42 -23.42
C LEU F 40 4.01 32.70 -23.24
N GLU F 41 4.10 33.21 -22.00
CA GLU F 41 4.91 34.40 -21.69
C GLU F 41 6.42 34.18 -21.88
N GLY F 42 6.87 32.94 -21.73
CA GLY F 42 8.28 32.60 -21.88
C GLY F 42 8.72 32.32 -23.31
N VAL F 43 7.77 32.18 -24.23
CA VAL F 43 8.08 31.74 -25.60
C VAL F 43 8.54 32.94 -26.43
N ILE F 44 9.81 32.91 -26.87
CA ILE F 44 10.41 33.96 -27.70
C ILE F 44 9.81 33.97 -29.10
N ASP F 45 9.34 35.14 -29.53
CA ASP F 45 8.80 35.35 -30.89
C ASP F 45 9.78 36.25 -31.63
N PHE F 46 10.45 35.71 -32.64
CA PHE F 46 11.41 36.46 -33.44
C PHE F 46 10.74 37.46 -34.40
N SER F 47 9.53 37.13 -34.85
CA SER F 47 8.79 37.93 -35.84
C SER F 47 8.31 39.28 -35.29
N ALA F 48 7.64 39.24 -34.14
CA ALA F 48 7.17 40.46 -33.46
C ALA F 48 8.35 41.20 -32.82
N ALA F 49 8.30 42.53 -32.85
CA ALA F 49 9.35 43.39 -32.26
C ALA F 49 10.75 43.12 -32.82
N GLY F 58 11.03 37.62 -23.60
CA GLY F 58 12.47 37.43 -23.48
C GLY F 58 13.26 38.42 -24.33
N ALA F 59 13.20 39.70 -23.94
CA ALA F 59 13.81 40.81 -24.70
C ALA F 59 15.35 40.80 -24.70
N GLN F 60 15.97 40.61 -23.54
CA GLN F 60 17.43 40.50 -23.42
C GLN F 60 17.91 39.04 -23.41
N LYS F 61 17.48 38.29 -24.45
CA LYS F 61 18.13 37.05 -24.87
C LYS F 61 18.39 36.95 -26.40
N VAL F 62 17.75 37.81 -27.20
CA VAL F 62 17.76 37.69 -28.66
C VAL F 62 18.82 38.62 -29.24
N ILE F 63 20.03 38.10 -29.43
CA ILE F 63 21.07 38.84 -30.15
C ILE F 63 20.82 38.75 -31.65
N LYS F 64 21.16 39.81 -32.38
CA LYS F 64 21.14 39.78 -33.85
C LYS F 64 22.35 39.01 -34.39
N SER F 65 22.12 38.31 -35.50
CA SER F 65 23.18 37.62 -36.23
C SER F 65 23.38 38.38 -37.54
N GLN F 66 24.64 38.51 -37.96
CA GLN F 66 24.97 39.17 -39.23
C GLN F 66 25.24 38.09 -40.27
N LEU F 67 24.65 38.25 -41.45
CA LEU F 67 24.77 37.28 -42.54
C LEU F 67 25.80 37.74 -43.56
N ASN F 68 26.45 36.78 -44.23
CA ASN F 68 27.33 37.08 -45.35
C ASN F 68 26.41 37.42 -46.54
N VAL F 69 26.18 38.72 -46.75
CA VAL F 69 25.17 39.19 -47.69
C VAL F 69 25.57 38.96 -49.15
N SER F 70 26.81 39.26 -49.50
CA SER F 70 27.30 39.12 -50.88
C SER F 70 27.46 37.67 -51.36
N SER F 71 27.55 36.72 -50.41
CA SER F 71 27.70 35.29 -50.73
C SER F 71 26.67 34.74 -51.72
N VAL F 72 25.42 35.17 -51.58
CA VAL F 72 24.34 34.74 -52.48
C VAL F 72 23.88 35.94 -53.33
N SER F 73 23.97 35.76 -54.64
CA SER F 73 23.54 36.78 -55.60
C SER F 73 22.02 36.94 -55.57
N GLU F 74 21.57 38.18 -55.79
CA GLU F 74 20.14 38.52 -55.86
C GLU F 74 19.35 37.57 -56.80
N GLN F 75 20.03 37.07 -57.84
CA GLN F 75 19.44 36.11 -58.78
C GLN F 75 19.35 34.70 -58.20
N ASN F 76 20.41 34.22 -57.55
CA ASN F 76 20.41 32.87 -56.95
C ASN F 76 19.34 32.70 -55.89
N ALA F 77 19.17 33.71 -55.04
CA ALA F 77 18.10 33.74 -54.02
C ALA F 77 16.70 33.72 -54.62
N TYR F 78 16.53 34.52 -55.69
CA TYR F 78 15.28 34.57 -56.46
C TYR F 78 14.91 33.20 -57.03
N ARG F 79 15.91 32.44 -57.50
CA ARG F 79 15.68 31.09 -58.04
C ARG F 79 15.13 30.06 -57.02
N ALA F 80 15.40 30.29 -55.73
CA ALA F 80 14.86 29.48 -54.62
C ALA F 80 13.51 30.01 -54.07
N GLY F 81 13.13 31.22 -54.47
CA GLY F 81 11.94 31.87 -53.98
C GLY F 81 12.20 32.69 -52.74
N LEU F 82 13.45 33.13 -52.57
CA LEU F 82 13.87 33.84 -51.37
C LEU F 82 14.11 35.31 -51.68
N GLN F 83 14.01 36.14 -50.65
CA GLN F 83 14.29 37.57 -50.77
C GLN F 83 15.79 37.75 -51.03
N PRO F 84 16.22 38.97 -51.38
CA PRO F 84 17.66 39.23 -51.32
C PRO F 84 18.16 39.05 -49.88
N VAL F 85 19.40 38.59 -49.74
CA VAL F 85 19.96 38.33 -48.40
C VAL F 85 20.12 39.65 -47.59
N SER F 86 20.28 40.77 -48.29
CA SER F 86 20.26 42.10 -47.67
C SER F 86 18.97 42.42 -46.91
N LYS F 87 17.84 41.85 -47.33
CA LYS F 87 16.54 42.08 -46.68
C LYS F 87 16.15 41.05 -45.59
N TRP F 88 16.91 39.96 -45.44
CA TRP F 88 16.66 38.95 -44.40
C TRP F 88 16.87 39.54 -43.00
N GLN F 89 16.08 39.06 -42.03
CA GLN F 89 16.32 39.31 -40.61
C GLN F 89 16.88 38.03 -40.00
N ALA F 90 18.12 38.07 -39.51
CA ALA F 90 18.75 36.92 -38.86
C ALA F 90 18.92 37.20 -37.38
N TYR F 91 18.69 36.18 -36.56
CA TYR F 91 18.80 36.28 -35.09
C TYR F 91 19.50 35.06 -34.50
N GLY F 92 20.17 35.27 -33.36
CA GLY F 92 20.73 34.20 -32.54
C GLY F 92 20.26 34.33 -31.09
N LEU F 93 20.81 33.50 -30.21
CA LEU F 93 20.48 33.55 -28.78
C LEU F 93 21.74 33.49 -27.92
N LYS F 94 21.77 34.27 -26.84
CA LYS F 94 22.87 34.25 -25.85
C LYS F 94 22.95 32.89 -25.17
N GLY F 95 24.13 32.27 -25.20
CA GLY F 95 24.32 30.92 -24.69
C GLY F 95 23.91 29.83 -25.66
N TYR F 96 23.52 30.23 -26.89
CA TYR F 96 23.33 29.33 -28.01
C TYR F 96 24.09 29.91 -29.21
N PRO F 97 25.44 29.89 -29.15
CA PRO F 97 26.24 30.39 -30.27
C PRO F 97 26.17 29.45 -31.48
N GLY F 98 26.18 30.03 -32.68
CA GLY F 98 26.02 29.29 -33.93
C GLY F 98 24.59 28.91 -34.30
N PHE F 99 23.61 29.22 -33.44
CA PHE F 99 22.21 28.96 -33.72
C PHE F 99 21.66 30.21 -34.39
N ILE F 100 21.06 30.04 -35.56
CA ILE F 100 20.55 31.15 -36.36
C ILE F 100 19.07 30.93 -36.62
N PHE F 101 18.26 31.93 -36.27
CA PHE F 101 16.82 31.94 -36.59
C PHE F 101 16.53 33.01 -37.62
N ILE F 102 15.92 32.62 -38.74
CA ILE F 102 15.61 33.57 -39.82
C ILE F 102 14.21 33.63 -39.21
N PRO F 103 13.42 34.65 -39.59
CA PRO F 103 12.00 34.79 -39.91
C PRO F 103 11.93 34.09 -41.26
N ASN F 104 10.73 34.01 -41.82
CA ASN F 104 10.32 33.81 -43.22
C ASN F 104 11.26 34.79 -43.94
N PRO F 105 12.08 34.26 -44.87
CA PRO F 105 12.72 34.98 -45.97
C PRO F 105 11.82 34.94 -47.22
N PHE F 106 11.02 33.89 -47.41
CA PHE F 106 10.45 33.48 -48.70
C PHE F 106 9.67 34.59 -49.36
N LEU F 107 9.77 34.67 -50.68
CA LEU F 107 8.98 35.58 -51.50
C LEU F 107 7.51 35.15 -51.44
N PRO F 108 6.57 36.11 -51.54
CA PRO F 108 5.16 35.75 -51.42
C PRO F 108 4.74 34.56 -52.26
N GLY F 109 4.02 33.63 -51.65
CA GLY F 109 3.52 32.44 -52.32
C GLY F 109 4.51 31.30 -52.55
N TYR F 110 5.81 31.57 -52.41
CA TYR F 110 6.83 30.58 -52.76
C TYR F 110 6.91 29.42 -51.77
N GLN F 111 6.41 29.62 -50.55
CA GLN F 111 6.23 28.54 -49.58
C GLN F 111 5.39 27.38 -50.13
N TRP F 112 4.42 27.69 -50.98
CA TRP F 112 3.52 26.66 -51.53
C TRP F 112 4.20 25.65 -52.40
N HIS F 113 5.25 26.07 -53.13
CA HIS F 113 6.03 25.12 -53.90
C HIS F 113 6.63 24.02 -53.02
N TRP F 114 7.26 24.44 -51.93
CA TRP F 114 7.98 23.55 -51.02
C TRP F 114 7.00 22.62 -50.28
N VAL F 115 5.87 23.18 -49.84
CA VAL F 115 4.78 22.40 -49.24
C VAL F 115 4.24 21.37 -50.25
N LYS F 116 4.05 21.80 -51.50
CA LYS F 116 3.57 20.91 -52.56
C LYS F 116 4.56 19.78 -52.84
N GLN F 117 5.83 20.12 -52.94
CA GLN F 117 6.89 19.11 -53.17
C GLN F 117 6.96 18.12 -52.02
N CYS F 118 6.85 18.61 -50.79
CA CYS F 118 6.87 17.72 -49.62
C CYS F 118 5.71 16.73 -49.62
N LEU F 119 4.52 17.22 -49.97
CA LEU F 119 3.31 16.38 -49.95
C LEU F 119 3.20 15.43 -51.15
N LYS F 120 3.76 15.81 -52.29
CA LYS F 120 3.55 15.11 -53.56
C LYS F 120 4.80 14.39 -54.08
N LEU F 121 5.83 15.17 -54.40
CA LEU F 121 7.01 14.65 -55.10
C LEU F 121 7.94 13.87 -54.16
N TYR F 122 8.34 14.51 -53.06
CA TYR F 122 9.30 13.92 -52.13
C TYR F 122 8.72 12.69 -51.42
N SER F 123 7.42 12.66 -51.20
CA SER F 123 6.76 11.56 -50.50
C SER F 123 6.32 10.37 -51.37
N GLN F 124 6.65 10.38 -52.67
CA GLN F 124 6.38 9.24 -53.57
C GLN F 124 7.44 8.16 -53.28
N LYS F 125 7.27 7.00 -53.90
CA LYS F 125 7.95 5.86 -53.26
C LYS F 125 9.41 5.44 -53.56
N PRO F 126 10.04 6.05 -54.58
CA PRO F 126 11.47 5.69 -54.48
C PRO F 126 12.13 6.16 -53.17
N ASN F 127 11.48 7.11 -52.50
CA ASN F 127 11.84 7.58 -51.15
C ASN F 127 11.04 6.86 -50.06
N VAL F 128 11.71 6.63 -48.93
CA VAL F 128 11.15 5.91 -47.78
C VAL F 128 10.32 6.85 -46.89
N CYS F 129 9.26 6.30 -46.29
CA CYS F 129 8.42 7.03 -45.33
C CYS F 129 7.84 6.06 -44.28
N ASN F 130 7.20 6.63 -43.25
CA ASN F 130 6.59 5.85 -42.14
C ASN F 130 5.62 4.74 -42.58
N LEU F 131 4.80 5.02 -43.60
CA LEU F 131 3.76 4.10 -44.06
C LEU F 131 4.32 2.81 -44.67
N ASP F 132 5.58 2.82 -45.12
CA ASP F 132 6.22 1.64 -45.73
C ASP F 132 6.40 0.46 -44.76
N LYS F 133 6.67 0.75 -43.48
CA LYS F 133 6.79 -0.28 -42.45
C LYS F 133 5.44 -0.95 -42.16
N HIS F 134 4.41 -0.13 -41.98
CA HIS F 134 3.07 -0.59 -41.58
C HIS F 134 2.24 -1.09 -42.78
N MET F 135 2.04 -0.21 -43.77
CA MET F 135 1.19 -0.49 -44.94
C MET F 135 2.00 -0.99 -46.15
N SER F 136 1.29 -1.50 -47.17
CA SER F 136 1.92 -2.13 -48.35
C SER F 136 2.19 -1.13 -49.48
N LYS F 137 2.84 -1.62 -50.53
CA LYS F 137 3.27 -0.77 -51.67
C LYS F 137 2.12 -0.22 -52.51
N GLU F 138 1.17 -1.08 -52.86
CA GLU F 138 0.03 -0.71 -53.72
C GLU F 138 -0.95 0.27 -53.05
N GLU F 139 -1.08 0.19 -51.72
CA GLU F 139 -1.84 1.17 -50.95
C GLU F 139 -1.06 2.49 -50.85
N THR F 140 0.23 2.40 -50.52
CA THR F 140 1.08 3.58 -50.27
C THR F 140 1.37 4.43 -51.51
N GLN F 141 1.47 3.79 -52.68
CA GLN F 141 1.72 4.50 -53.94
C GLN F 141 0.57 5.42 -54.36
N ASP F 142 -0.67 5.06 -54.03
CA ASP F 142 -1.86 5.87 -54.36
C ASP F 142 -2.14 6.98 -53.32
N LEU F 143 -1.16 7.86 -53.11
CA LEU F 143 -1.19 8.84 -52.02
C LEU F 143 -1.84 10.16 -52.45
N TRP F 144 -1.25 10.79 -53.46
CA TRP F 144 -1.68 12.12 -53.90
C TRP F 144 -3.05 12.13 -54.57
N GLU F 145 -3.35 11.10 -55.36
CA GLU F 145 -4.64 10.98 -56.06
C GLU F 145 -5.81 10.66 -55.12
N GLN F 146 -5.54 10.07 -53.96
CA GLN F 146 -6.57 9.82 -52.95
C GLN F 146 -7.08 11.14 -52.37
N SER F 147 -6.15 11.97 -51.89
CA SER F 147 -6.49 13.30 -51.33
C SER F 147 -6.91 14.32 -52.41
N LYS F 148 -6.58 14.07 -53.67
CA LYS F 148 -7.06 14.87 -54.81
C LYS F 148 -8.56 14.66 -55.04
N GLU F 149 -8.97 13.39 -55.07
CA GLU F 149 -10.38 13.01 -55.30
C GLU F 149 -11.26 13.03 -54.03
N PHE F 150 -10.65 13.23 -52.85
CA PHE F 150 -11.40 13.42 -51.59
C PHE F 150 -11.88 14.87 -51.41
N LEU F 151 -11.46 15.78 -52.29
CA LEU F 151 -11.94 17.18 -52.30
C LEU F 151 -13.07 17.46 -53.30
N ARG F 152 -13.19 16.64 -54.35
CA ARG F 152 -14.20 16.84 -55.40
C ARG F 152 -15.63 16.65 -54.88
N TYR F 153 -15.85 15.57 -54.13
CA TYR F 153 -17.13 15.35 -53.44
C TYR F 153 -17.26 16.34 -52.28
N LYS F 154 -18.25 17.23 -52.36
CA LYS F 154 -18.40 18.33 -51.39
C LYS F 154 -18.98 17.87 -50.03
N GLU F 155 -18.32 18.30 -48.96
CA GLU F 155 -18.76 18.05 -47.58
C GLU F 155 -18.79 16.57 -47.20
N ARG F 162 -7.66 10.04 -41.72
CA ARG F 162 -8.33 9.04 -42.55
C ARG F 162 -7.56 8.79 -43.83
N SER F 163 -7.17 9.87 -44.52
CA SER F 163 -6.41 9.80 -45.78
C SER F 163 -4.99 9.25 -45.60
N LEU F 164 -4.37 8.86 -46.70
CA LEU F 164 -2.96 8.47 -46.70
C LEU F 164 -2.05 9.65 -46.31
N LEU F 165 -2.39 10.84 -46.80
CA LEU F 165 -1.67 12.08 -46.49
C LEU F 165 -1.81 12.49 -45.01
N GLU F 166 -3.02 12.31 -44.46
CA GLU F 166 -3.31 12.64 -43.06
C GLU F 166 -2.64 11.71 -42.04
N LYS F 167 -2.24 10.50 -42.48
CA LYS F 167 -1.48 9.55 -41.65
C LYS F 167 0.04 9.66 -41.85
N LEU F 168 0.48 10.62 -42.66
CA LEU F 168 1.90 10.81 -42.97
C LEU F 168 2.54 11.53 -41.78
N ARG F 169 3.63 10.97 -41.27
CA ARG F 169 4.42 11.56 -40.16
C ARG F 169 5.78 12.01 -40.67
N TRP F 170 6.57 11.08 -41.20
CA TRP F 170 7.91 11.41 -41.74
C TRP F 170 8.17 10.86 -43.13
N VAL F 171 9.01 11.58 -43.89
CA VAL F 171 9.58 11.12 -45.17
C VAL F 171 11.07 11.42 -45.13
N THR F 172 11.87 10.55 -45.77
CA THR F 172 13.30 10.75 -45.92
C THR F 172 13.67 10.92 -47.38
N VAL F 173 14.68 11.74 -47.63
CA VAL F 173 15.27 11.92 -48.96
C VAL F 173 16.79 11.93 -48.83
N GLY F 174 17.48 11.71 -49.96
CA GLY F 174 18.94 11.61 -49.98
C GLY F 174 19.36 10.29 -49.38
N TYR F 175 20.34 10.32 -48.48
CA TYR F 175 20.68 9.15 -47.67
C TYR F 175 19.54 8.93 -46.69
N HIS F 176 19.01 7.71 -46.69
CA HIS F 176 17.85 7.40 -45.86
C HIS F 176 18.29 6.97 -44.48
N TYR F 177 17.99 7.82 -43.51
CA TYR F 177 18.25 7.54 -42.09
C TYR F 177 17.52 6.28 -41.63
N ASN F 178 18.32 5.28 -41.25
CA ASN F 178 17.84 3.99 -40.74
C ASN F 178 17.42 4.21 -39.29
N TRP F 179 16.14 4.03 -38.97
CA TRP F 179 15.61 4.37 -37.65
C TRP F 179 15.94 3.32 -36.58
N ASP F 180 15.93 2.04 -36.96
CA ASP F 180 16.25 0.93 -36.04
C ASP F 180 17.75 0.86 -35.69
N SER F 181 18.61 0.80 -36.72
CA SER F 181 20.06 0.82 -36.51
C SER F 181 20.53 2.17 -35.97
N LYS F 182 19.78 3.24 -36.28
CA LYS F 182 20.10 4.63 -35.89
C LYS F 182 21.40 5.14 -36.55
N LYS F 183 21.56 4.80 -37.84
CA LYS F 183 22.74 5.18 -38.64
C LYS F 183 22.39 5.42 -40.12
N TYR F 184 23.20 6.25 -40.78
CA TYR F 184 23.18 6.35 -42.25
C TYR F 184 23.97 5.20 -42.84
N SER F 185 23.77 4.97 -44.14
CA SER F 185 24.43 3.87 -44.84
C SER F 185 24.66 4.23 -46.30
N ALA F 186 25.80 3.80 -46.85
CA ALA F 186 26.10 3.95 -48.27
C ALA F 186 25.17 3.14 -49.18
N ASP F 187 24.55 2.10 -48.63
CA ASP F 187 23.63 1.23 -49.37
C ASP F 187 22.31 1.95 -49.65
N HIS F 188 21.65 2.42 -48.60
CA HIS F 188 20.31 3.03 -48.67
C HIS F 188 20.35 4.53 -49.00
N TYR F 189 20.11 4.87 -50.27
CA TYR F 189 20.00 6.26 -50.71
C TYR F 189 19.31 6.40 -52.06
N THR F 190 18.43 7.40 -52.16
CA THR F 190 17.87 7.85 -53.43
C THR F 190 18.50 9.22 -53.68
N PRO F 191 18.81 9.57 -54.95
CA PRO F 191 19.42 10.89 -55.20
C PRO F 191 18.62 12.04 -54.61
N PHE F 192 19.33 13.02 -54.04
CA PHE F 192 18.71 14.14 -53.34
C PHE F 192 17.93 15.00 -54.34
N PRO F 193 16.74 15.53 -53.95
CA PRO F 193 16.00 16.44 -54.83
C PRO F 193 16.73 17.76 -55.03
N SER F 194 17.02 18.10 -56.28
CA SER F 194 17.94 19.20 -56.58
C SER F 194 17.39 20.59 -56.28
N ASP F 195 16.07 20.74 -56.32
CA ASP F 195 15.44 22.02 -55.92
C ASP F 195 15.63 22.30 -54.44
N LEU F 196 15.35 21.31 -53.60
CA LEU F 196 15.57 21.41 -52.15
C LEU F 196 17.07 21.56 -51.86
N GLY F 197 17.90 20.80 -52.59
CA GLY F 197 19.36 20.93 -52.55
C GLY F 197 19.83 22.34 -52.81
N PHE F 198 19.35 22.93 -53.90
CA PHE F 198 19.66 24.32 -54.23
C PHE F 198 19.20 25.29 -53.13
N LEU F 199 18.03 25.01 -52.54
CA LEU F 199 17.48 25.83 -51.44
C LEU F 199 18.37 25.83 -50.19
N SER F 200 18.65 24.64 -49.66
CA SER F 200 19.53 24.47 -48.49
C SER F 200 20.92 25.10 -48.67
N GLU F 201 21.48 24.93 -49.87
CA GLU F 201 22.81 25.44 -50.21
C GLU F 201 22.91 26.95 -50.33
N GLN F 202 21.84 27.60 -50.81
CA GLN F 202 21.81 29.05 -50.84
C GLN F 202 21.68 29.62 -49.43
N VAL F 203 20.83 29.04 -48.58
CA VAL F 203 20.67 29.51 -47.17
C VAL F 203 21.92 29.22 -46.36
N ALA F 204 22.42 28.00 -46.46
CA ALA F 204 23.65 27.61 -45.78
C ALA F 204 24.77 28.61 -46.10
N ALA F 205 24.89 28.96 -47.38
CA ALA F 205 25.88 29.95 -47.86
C ALA F 205 25.75 31.35 -47.24
N ALA F 206 24.52 31.81 -47.03
CA ALA F 206 24.26 33.10 -46.38
C ALA F 206 24.69 33.12 -44.90
N CYS F 207 24.71 31.94 -44.27
CA CYS F 207 25.19 31.75 -42.89
C CYS F 207 26.72 31.50 -42.77
N GLY F 208 27.47 31.62 -43.87
CA GLY F 208 28.91 31.37 -43.87
C GLY F 208 29.32 29.91 -44.04
N PHE F 209 28.57 29.16 -44.86
CA PHE F 209 28.89 27.76 -45.14
C PHE F 209 28.77 27.49 -46.64
N GLU F 210 29.69 28.10 -47.40
CA GLU F 210 29.77 27.86 -48.85
C GLU F 210 30.22 26.43 -49.17
N ASP F 211 30.76 25.72 -48.18
CA ASP F 211 31.13 24.32 -48.34
C ASP F 211 29.95 23.35 -48.36
N PHE F 212 28.72 23.84 -48.15
CA PHE F 212 27.59 22.97 -47.81
C PHE F 212 27.08 22.10 -48.98
N ARG F 213 26.92 20.80 -48.68
CA ARG F 213 26.43 19.79 -49.62
C ARG F 213 25.23 19.09 -48.99
N ALA F 214 24.02 19.49 -49.35
CA ALA F 214 22.82 18.81 -48.86
C ALA F 214 22.82 17.36 -49.34
N GLU F 215 22.78 16.41 -48.39
CA GLU F 215 22.86 14.98 -48.71
C GLU F 215 21.79 14.09 -48.08
N ALA F 216 21.21 14.51 -46.96
CA ALA F 216 20.12 13.75 -46.30
C ALA F 216 18.99 14.68 -45.89
N GLY F 217 17.77 14.17 -46.01
CA GLY F 217 16.59 14.94 -45.65
C GLY F 217 15.68 14.13 -44.76
N ILE F 218 15.18 14.78 -43.72
CA ILE F 218 14.12 14.26 -42.88
C ILE F 218 13.01 15.32 -42.87
N LEU F 219 11.87 14.96 -43.46
CA LEU F 219 10.72 15.83 -43.61
C LEU F 219 9.68 15.34 -42.60
N ASN F 220 9.22 16.23 -41.72
CA ASN F 220 8.23 15.87 -40.69
C ASN F 220 6.90 16.53 -41.01
N TYR F 221 5.83 15.72 -40.99
CA TYR F 221 4.45 16.14 -41.28
C TYR F 221 3.64 16.00 -40.01
N TYR F 222 3.04 17.10 -39.55
CA TYR F 222 2.42 17.16 -38.23
C TYR F 222 0.90 17.39 -38.31
N ARG F 223 0.14 16.65 -37.50
CA ARG F 223 -1.22 17.08 -37.12
C ARG F 223 -1.07 18.05 -35.98
N LEU F 224 -2.17 18.70 -35.58
CA LEU F 224 -2.16 19.61 -34.42
C LEU F 224 -1.84 18.90 -33.09
N ASP F 225 -2.27 17.65 -32.95
CA ASP F 225 -1.95 16.81 -31.78
C ASP F 225 -0.61 16.08 -31.85
N SER F 226 0.14 16.25 -32.94
CA SER F 226 1.45 15.62 -33.09
C SER F 226 2.51 16.37 -32.30
N THR F 227 3.45 15.62 -31.73
CA THR F 227 4.67 16.17 -31.10
C THR F 227 5.90 15.43 -31.59
N LEU F 228 7.04 16.11 -31.53
CA LEU F 228 8.33 15.48 -31.80
C LEU F 228 9.10 15.44 -30.49
N GLY F 229 9.51 14.22 -30.09
CA GLY F 229 10.18 13.99 -28.81
C GLY F 229 11.52 14.68 -28.62
N ILE F 230 12.03 14.55 -27.40
CA ILE F 230 13.30 15.18 -27.02
C ILE F 230 14.40 14.31 -27.60
N HIS F 231 15.33 14.92 -28.34
CA HIS F 231 16.34 14.16 -29.07
C HIS F 231 17.55 14.99 -29.49
N VAL F 232 18.58 14.29 -29.98
CA VAL F 232 19.78 14.89 -30.53
C VAL F 232 20.07 14.25 -31.88
N ASP F 233 20.30 15.10 -32.89
CA ASP F 233 20.53 14.65 -34.27
C ASP F 233 22.02 14.41 -34.47
N ARG F 234 22.44 13.18 -34.17
CA ARG F 234 23.85 12.85 -34.00
C ARG F 234 24.45 11.91 -35.06
N SER F 235 23.62 11.10 -35.72
CA SER F 235 24.13 10.05 -36.62
C SER F 235 24.81 10.54 -37.91
N GLU F 236 24.70 11.83 -38.22
CA GLU F 236 25.54 12.47 -39.24
C GLU F 236 26.98 12.38 -38.79
N LEU F 237 27.89 12.04 -39.70
CA LEU F 237 29.31 11.81 -39.37
C LEU F 237 30.19 13.06 -39.52
N ASP F 238 29.61 14.26 -39.34
CA ASP F 238 30.38 15.50 -39.33
C ASP F 238 29.56 16.63 -38.71
N HIS F 239 29.85 16.96 -37.47
CA HIS F 239 29.04 17.88 -36.66
C HIS F 239 29.51 19.34 -36.79
N SER F 240 30.47 19.60 -37.68
CA SER F 240 30.86 20.97 -38.03
C SER F 240 29.92 21.57 -39.06
N LYS F 241 29.31 20.71 -39.89
CA LYS F 241 28.41 21.16 -40.97
C LYS F 241 26.99 21.40 -40.44
N PRO F 242 26.35 22.53 -40.83
CA PRO F 242 25.08 22.97 -40.23
C PRO F 242 23.87 22.07 -40.50
N LEU F 243 22.86 22.26 -39.65
CA LEU F 243 21.58 21.56 -39.74
C LEU F 243 20.53 22.60 -40.09
N LEU F 244 19.93 22.46 -41.28
CA LEU F 244 18.91 23.39 -41.77
C LEU F 244 17.53 22.88 -41.37
N SER F 245 16.66 23.80 -40.93
CA SER F 245 15.26 23.49 -40.63
C SER F 245 14.39 24.52 -41.32
N PHE F 246 13.48 24.05 -42.17
CA PHE F 246 12.45 24.89 -42.82
C PHE F 246 11.08 24.52 -42.26
N SER F 247 10.19 25.49 -42.18
CA SER F 247 8.91 25.32 -41.49
C SER F 247 7.77 25.89 -42.32
N PHE F 248 6.74 25.08 -42.57
CA PHE F 248 5.55 25.51 -43.34
C PHE F 248 4.26 25.04 -42.69
N GLY F 249 3.30 25.95 -42.55
CA GLY F 249 1.96 25.59 -42.08
C GLY F 249 1.60 26.30 -40.79
N GLN F 250 0.99 25.56 -39.87
CA GLN F 250 0.65 26.11 -38.56
C GLN F 250 1.89 26.39 -37.72
N SER F 251 1.78 27.34 -36.79
CA SER F 251 2.89 27.65 -35.91
C SER F 251 3.13 26.53 -34.90
N ALA F 252 4.35 26.48 -34.35
CA ALA F 252 4.73 25.49 -33.34
C ALA F 252 5.66 26.09 -32.30
N ILE F 253 5.65 25.48 -31.12
CA ILE F 253 6.58 25.82 -30.05
C ILE F 253 7.78 24.92 -30.25
N PHE F 254 8.96 25.51 -30.46
CA PHE F 254 10.20 24.77 -30.55
C PHE F 254 10.96 24.97 -29.23
N LEU F 255 11.43 23.86 -28.66
CA LEU F 255 12.23 23.89 -27.45
C LEU F 255 13.68 23.61 -27.81
N LEU F 256 14.58 24.52 -27.44
CA LEU F 256 16.02 24.35 -27.63
C LEU F 256 16.71 24.27 -26.26
N GLY F 257 17.28 23.10 -25.94
CA GLY F 257 17.89 22.85 -24.63
C GLY F 257 19.39 22.98 -24.62
N GLY F 258 20.04 22.18 -23.78
CA GLY F 258 21.49 22.09 -23.71
C GLY F 258 21.94 20.78 -24.31
N LEU F 259 23.25 20.50 -24.20
CA LEU F 259 23.82 19.28 -24.80
C LEU F 259 23.55 18.06 -23.91
N GLN F 260 23.47 18.29 -22.60
CA GLN F 260 23.01 17.28 -21.64
C GLN F 260 21.61 17.67 -21.14
N ARG F 261 20.71 16.69 -21.09
CA ARG F 261 19.26 16.93 -20.88
C ARG F 261 18.83 17.62 -19.58
N ASP F 262 19.65 17.50 -18.54
CA ASP F 262 19.46 18.22 -17.26
C ASP F 262 19.20 19.74 -17.36
N GLU F 263 19.71 20.38 -18.41
CA GLU F 263 19.56 21.84 -18.61
C GLU F 263 18.21 22.21 -19.24
N ALA F 264 17.67 23.37 -18.84
CA ALA F 264 16.31 23.78 -19.18
C ALA F 264 16.26 24.48 -20.53
N PRO F 265 15.37 24.02 -21.44
CA PRO F 265 15.33 24.62 -22.78
C PRO F 265 14.66 25.98 -22.87
N THR F 266 15.03 26.71 -23.93
CA THR F 266 14.38 27.98 -24.28
C THR F 266 13.28 27.70 -25.31
N ALA F 267 12.12 28.33 -25.10
CA ALA F 267 10.93 28.10 -25.95
C ALA F 267 10.82 29.22 -26.96
N MET F 268 10.53 28.86 -28.21
CA MET F 268 10.38 29.84 -29.27
C MET F 268 9.35 29.39 -30.29
N PHE F 269 8.74 30.36 -30.95
CA PHE F 269 7.72 30.11 -31.98
C PHE F 269 8.37 29.91 -33.36
N MET F 270 7.95 28.85 -34.06
CA MET F 270 8.34 28.62 -35.46
C MET F 270 7.14 28.85 -36.38
N HIS F 271 7.05 30.06 -36.93
CA HIS F 271 5.98 30.40 -37.87
C HIS F 271 6.27 29.94 -39.29
N SER F 272 5.25 30.01 -40.14
CA SER F 272 5.34 29.48 -41.51
C SER F 272 6.39 30.26 -42.29
N GLY F 273 7.29 29.54 -42.95
CA GLY F 273 8.37 30.12 -43.71
C GLY F 273 9.65 30.37 -42.93
N ASP F 274 9.60 30.29 -41.60
CA ASP F 274 10.78 30.52 -40.76
C ASP F 274 11.84 29.44 -40.97
N ILE F 275 13.10 29.86 -40.96
CA ILE F 275 14.23 28.96 -41.20
C ILE F 275 15.14 29.01 -39.98
N MET F 276 15.56 27.83 -39.53
CA MET F 276 16.48 27.65 -38.42
C MET F 276 17.75 26.95 -38.90
N ILE F 277 18.90 27.50 -38.52
CA ILE F 277 20.19 26.86 -38.80
C ILE F 277 20.90 26.60 -37.47
N MET F 278 21.18 25.33 -37.19
CA MET F 278 21.94 24.93 -36.01
C MET F 278 23.37 24.65 -36.47
N SER F 279 24.28 25.56 -36.12
CA SER F 279 25.70 25.46 -36.50
C SER F 279 26.65 25.67 -35.31
N GLY F 280 27.92 25.35 -35.54
CA GLY F 280 28.95 25.46 -34.52
C GLY F 280 28.61 24.69 -33.26
N PHE F 281 28.46 25.41 -32.15
CA PHE F 281 28.06 24.85 -30.86
C PHE F 281 26.71 24.12 -30.94
N SER F 282 25.72 24.80 -31.49
CA SER F 282 24.31 24.37 -31.45
C SER F 282 23.97 23.02 -32.12
N ARG F 283 24.81 22.58 -33.05
CA ARG F 283 24.59 21.30 -33.76
C ARG F 283 24.13 20.11 -32.92
N LEU F 284 24.72 19.94 -31.74
CA LEU F 284 24.47 18.76 -30.91
C LEU F 284 23.58 19.00 -29.68
N LEU F 285 22.78 20.07 -29.71
CA LEU F 285 21.86 20.37 -28.62
C LEU F 285 20.65 19.45 -28.67
N ASN F 286 20.06 19.23 -27.49
CA ASN F 286 18.77 18.55 -27.39
C ASN F 286 17.69 19.52 -27.85
N HIS F 287 16.73 19.03 -28.62
CA HIS F 287 15.59 19.84 -29.07
C HIS F 287 14.31 19.03 -29.27
N ALA F 288 13.18 19.73 -29.31
CA ALA F 288 11.87 19.10 -29.48
C ALA F 288 10.78 20.08 -29.88
N VAL F 289 9.64 19.51 -30.27
CA VAL F 289 8.45 20.25 -30.63
C VAL F 289 7.31 19.72 -29.78
N PRO F 290 7.11 20.29 -28.58
CA PRO F 290 6.03 19.78 -27.73
C PRO F 290 4.62 20.13 -28.20
N ARG F 291 4.47 21.15 -29.04
CA ARG F 291 3.16 21.68 -29.40
C ARG F 291 3.09 22.23 -30.82
N VAL F 292 2.08 21.80 -31.58
CA VAL F 292 1.70 22.47 -32.83
C VAL F 292 0.43 23.25 -32.53
N LEU F 293 0.48 24.56 -32.76
CA LEU F 293 -0.58 25.47 -32.36
C LEU F 293 -1.60 25.68 -33.48
N PRO F 294 -2.90 25.52 -33.18
CA PRO F 294 -3.93 25.77 -34.19
C PRO F 294 -4.08 27.26 -34.50
N ASN F 295 -4.87 27.57 -35.53
CA ASN F 295 -4.98 28.94 -36.04
C ASN F 295 -5.69 29.83 -35.02
N PRO F 296 -5.01 30.91 -34.55
CA PRO F 296 -5.56 31.83 -33.54
C PRO F 296 -6.93 32.44 -33.82
N GLU F 297 -7.21 32.77 -35.09
CA GLU F 297 -8.48 33.42 -35.48
C GLU F 297 -9.66 32.45 -35.70
N GLY F 298 -9.39 31.14 -35.62
CA GLY F 298 -10.41 30.09 -35.75
C GLY F 298 -9.84 28.88 -36.44
N GLU F 299 -9.73 28.98 -37.77
CA GLU F 299 -9.06 27.98 -38.61
C GLU F 299 -8.53 28.67 -39.87
N GLY F 300 -7.92 27.89 -40.77
CA GLY F 300 -7.42 28.41 -42.05
C GLY F 300 -5.91 28.53 -42.05
N LEU F 301 -5.40 29.62 -42.60
CA LEU F 301 -3.97 29.81 -42.85
C LEU F 301 -3.49 31.14 -42.28
N PRO F 302 -2.16 31.30 -42.10
CA PRO F 302 -1.59 32.60 -41.71
C PRO F 302 -1.54 33.61 -42.85
N HIS F 303 -1.13 34.84 -42.53
CA HIS F 303 -1.13 35.96 -43.49
C HIS F 303 -0.24 35.70 -44.71
N CYS F 304 0.93 35.09 -44.47
CA CYS F 304 1.93 34.86 -45.53
C CYS F 304 1.50 33.82 -46.57
N LEU F 305 0.71 32.83 -46.16
CA LEU F 305 0.25 31.76 -47.07
C LEU F 305 -0.99 32.11 -47.92
N GLU F 306 -1.66 33.24 -47.63
CA GLU F 306 -2.77 33.70 -48.48
C GLU F 306 -2.29 33.99 -49.90
N ALA F 307 -1.17 34.73 -49.98
CA ALA F 307 -0.49 34.94 -51.27
C ALA F 307 -0.18 33.58 -51.89
N PRO F 308 -0.66 33.31 -53.12
CA PRO F 308 -0.34 32.06 -53.79
C PRO F 308 0.85 32.20 -54.72
N LEU F 309 1.35 31.07 -55.21
CA LEU F 309 2.55 31.06 -56.05
C LEU F 309 2.22 31.66 -57.40
N PRO F 310 3.16 32.44 -57.98
CA PRO F 310 2.99 32.94 -59.34
C PRO F 310 2.60 31.83 -60.33
N ALA F 311 1.68 32.14 -61.23
CA ALA F 311 1.31 31.20 -62.30
C ALA F 311 2.41 31.14 -63.39
N VAL F 312 3.13 32.25 -63.58
CA VAL F 312 4.26 32.34 -64.50
C VAL F 312 5.58 32.38 -63.73
N LEU F 313 6.50 31.49 -64.06
CA LEU F 313 7.84 31.43 -63.46
C LEU F 313 8.92 31.38 -64.54
N PRO F 314 10.04 32.12 -64.35
CA PRO F 314 11.12 32.14 -65.37
C PRO F 314 11.82 30.79 -65.54
N ARG F 315 12.52 30.62 -66.65
CA ARG F 315 13.02 29.28 -67.04
C ARG F 315 14.07 28.68 -66.10
N ASP F 316 14.96 29.52 -65.60
CA ASP F 316 16.12 29.10 -64.80
C ASP F 316 15.78 28.83 -63.32
N SER F 317 14.73 29.47 -62.82
CA SER F 317 14.22 29.27 -61.46
C SER F 317 14.12 27.80 -61.08
N MET F 318 14.58 27.47 -59.88
CA MET F 318 14.53 26.07 -59.40
C MET F 318 13.13 25.63 -58.98
N VAL F 319 12.26 26.60 -58.77
CA VAL F 319 10.86 26.37 -58.40
C VAL F 319 10.04 26.08 -59.66
N GLU F 320 9.18 25.07 -59.56
CA GLU F 320 8.24 24.66 -60.61
C GLU F 320 6.83 25.18 -60.32
N PRO F 321 6.04 25.47 -61.38
CA PRO F 321 4.68 26.01 -61.17
C PRO F 321 3.72 25.03 -60.50
N CYS F 322 2.79 25.58 -59.73
CA CYS F 322 1.81 24.83 -58.93
C CYS F 322 0.40 25.04 -59.50
N SER F 323 -0.27 23.94 -59.85
CA SER F 323 -1.63 23.98 -60.39
C SER F 323 -2.67 24.27 -59.32
N MET F 324 -3.90 24.53 -59.77
CA MET F 324 -5.02 24.90 -58.90
C MET F 324 -5.47 23.75 -58.01
N GLU F 325 -5.63 22.56 -58.60
CA GLU F 325 -5.97 21.35 -57.84
C GLU F 325 -4.92 21.03 -56.80
N ASP F 326 -3.65 21.10 -57.22
CA ASP F 326 -2.51 20.84 -56.33
C ASP F 326 -2.48 21.79 -55.14
N TRP F 327 -2.62 23.09 -55.41
CA TRP F 327 -2.69 24.10 -54.34
C TRP F 327 -3.90 23.92 -53.41
N GLN F 328 -5.03 23.51 -53.96
CA GLN F 328 -6.25 23.31 -53.16
C GLN F 328 -6.11 22.11 -52.20
N VAL F 329 -5.34 21.09 -52.58
CA VAL F 329 -5.03 19.96 -51.66
C VAL F 329 -4.04 20.39 -50.58
N CYS F 330 -3.06 21.19 -50.96
CA CYS F 330 -2.05 21.71 -50.04
C CYS F 330 -2.64 22.64 -48.96
N ALA F 331 -3.54 23.53 -49.36
CA ALA F 331 -4.21 24.47 -48.44
C ALA F 331 -5.30 23.82 -47.60
N SER F 332 -5.96 22.80 -48.14
CA SER F 332 -6.87 21.98 -47.36
C SER F 332 -6.11 21.25 -46.26
N TYR F 333 -4.89 20.78 -46.58
CA TYR F 333 -4.03 20.04 -45.65
C TYR F 333 -3.48 20.92 -44.53
N LEU F 334 -2.83 22.03 -44.91
CA LEU F 334 -2.22 22.95 -43.93
C LEU F 334 -3.25 23.76 -43.09
N LYS F 335 -4.53 23.64 -43.38
CA LYS F 335 -5.59 24.15 -42.47
C LYS F 335 -5.46 23.64 -41.03
N THR F 336 -4.98 22.41 -40.87
CA THR F 336 -4.90 21.74 -39.57
C THR F 336 -3.55 21.04 -39.33
N ALA F 337 -2.46 21.60 -39.90
CA ALA F 337 -1.18 20.86 -39.98
C ALA F 337 0.07 21.74 -40.08
N ARG F 338 1.21 21.07 -39.93
CA ARG F 338 2.52 21.67 -40.16
C ARG F 338 3.43 20.71 -40.93
N VAL F 339 4.23 21.28 -41.84
CA VAL F 339 5.30 20.56 -42.52
C VAL F 339 6.63 21.19 -42.13
N ASN F 340 7.53 20.34 -41.66
CA ASN F 340 8.89 20.72 -41.36
C ASN F 340 9.79 20.01 -42.34
N MET F 341 10.78 20.72 -42.88
CA MET F 341 11.89 20.10 -43.60
C MET F 341 13.19 20.30 -42.85
N THR F 342 13.95 19.21 -42.72
CA THR F 342 15.30 19.27 -42.19
C THR F 342 16.27 18.75 -43.27
N VAL F 343 17.43 19.41 -43.37
CA VAL F 343 18.40 19.11 -44.43
C VAL F 343 19.82 19.08 -43.86
N ARG F 344 20.55 18.00 -44.19
CA ARG F 344 21.83 17.66 -43.56
C ARG F 344 22.93 17.34 -44.57
N GLN F 345 24.17 17.67 -44.20
CA GLN F 345 25.36 17.07 -44.82
C GLN F 345 25.81 15.91 -43.92
N VAL F 346 25.92 14.70 -44.51
CA VAL F 346 26.30 13.51 -43.75
C VAL F 346 27.82 13.27 -43.61
N LEU F 347 28.60 13.59 -44.65
CA LEU F 347 30.07 13.41 -44.62
C LEU F 347 30.77 14.66 -45.17
N ALA F 348 32.00 14.90 -44.70
CA ALA F 348 32.83 16.02 -45.18
C ALA F 348 33.55 15.69 -46.50
N THR F 349 34.17 16.70 -47.10
CA THR F 349 34.77 16.62 -48.44
C THR F 349 35.64 15.38 -48.69
N ASP F 350 36.68 15.21 -47.87
CA ASP F 350 37.59 14.07 -48.01
C ASP F 350 36.99 12.72 -47.60
N GLN F 351 35.94 12.74 -46.78
CA GLN F 351 35.41 11.53 -46.12
C GLN F 351 34.47 10.69 -47.00
N ASN F 352 34.63 9.37 -46.92
CA ASN F 352 33.71 8.38 -47.49
C ASN F 352 33.15 7.54 -46.34
N PHE F 353 32.30 6.56 -46.64
CA PHE F 353 31.67 5.74 -45.59
C PHE F 353 32.65 4.75 -44.93
N PRO F 354 32.75 4.76 -43.58
CA PRO F 354 33.42 3.68 -42.87
C PRO F 354 32.44 2.54 -42.56
N LEU F 355 32.62 1.39 -43.20
CA LEU F 355 31.73 0.23 -43.04
C LEU F 355 32.43 -0.92 -42.30
N GLU F 356 31.67 -1.63 -41.45
CA GLU F 356 32.18 -2.78 -40.70
C GLU F 356 32.31 -3.99 -41.61
N GLY G 19 73.52 19.01 -34.07
CA GLY G 19 74.61 18.35 -33.30
C GLY G 19 74.92 16.94 -33.77
N GLU G 20 75.85 16.29 -33.06
CA GLU G 20 76.42 14.99 -33.48
C GLU G 20 75.78 13.77 -32.78
N ASP G 21 75.26 13.93 -31.56
CA ASP G 21 74.65 12.81 -30.82
C ASP G 21 73.31 12.38 -31.41
N ALA G 22 72.98 11.09 -31.26
CA ALA G 22 71.81 10.47 -31.89
C ALA G 22 70.49 11.15 -31.53
N PHE G 23 70.37 11.62 -30.31
CA PHE G 23 69.13 12.28 -29.86
C PHE G 23 68.90 13.58 -30.62
N ARG G 24 69.92 14.42 -30.73
CA ARG G 24 69.78 15.71 -31.41
C ARG G 24 69.59 15.53 -32.93
N LYS G 25 70.03 14.39 -33.46
CA LYS G 25 69.74 14.03 -34.86
C LYS G 25 68.24 13.83 -35.05
N LEU G 26 67.66 12.95 -34.24
CA LEU G 26 66.22 12.66 -34.29
C LEU G 26 65.32 13.79 -33.83
N PHE G 27 65.79 14.61 -32.90
CA PHE G 27 65.07 15.84 -32.53
C PHE G 27 64.92 16.72 -33.76
N ARG G 28 66.06 17.05 -34.36
CA ARG G 28 66.14 17.89 -35.56
C ARG G 28 65.29 17.33 -36.70
N PHE G 29 65.30 16.00 -36.85
CA PHE G 29 64.56 15.36 -37.92
C PHE G 29 63.09 15.62 -37.78
N TYR G 30 62.56 15.38 -36.58
CA TYR G 30 61.12 15.47 -36.35
C TYR G 30 60.61 16.92 -36.24
N ARG G 31 61.46 17.84 -35.76
CA ARG G 31 61.09 19.27 -35.76
C ARG G 31 60.75 19.77 -37.18
N GLN G 32 61.46 19.27 -38.18
CA GLN G 32 61.34 19.73 -39.57
C GLN G 32 60.89 18.58 -40.47
N SER G 33 59.80 17.90 -40.06
CA SER G 33 59.19 16.82 -40.83
C SER G 33 57.84 17.23 -41.41
N ARG G 34 57.25 16.35 -42.21
CA ARG G 34 55.96 16.59 -42.86
C ARG G 34 54.87 15.66 -42.28
N PRO G 35 53.83 16.23 -41.65
CA PRO G 35 52.74 15.38 -41.12
C PRO G 35 51.99 14.63 -42.22
N GLY G 36 51.59 13.39 -41.94
CA GLY G 36 50.85 12.58 -42.91
C GLY G 36 51.72 11.78 -43.86
N THR G 37 52.90 12.30 -44.22
CA THR G 37 53.84 11.61 -45.11
C THR G 37 54.59 10.47 -44.38
N ALA G 38 55.40 9.72 -45.14
CA ALA G 38 56.21 8.61 -44.61
C ALA G 38 57.22 9.02 -43.53
N ASP G 39 57.57 10.31 -43.45
CA ASP G 39 58.41 10.85 -42.37
C ASP G 39 58.04 10.43 -40.92
N LEU G 40 56.79 10.02 -40.70
CA LEU G 40 56.35 9.52 -39.40
C LEU G 40 56.15 8.00 -39.37
N GLU G 41 56.78 7.27 -40.30
CA GLU G 41 56.67 5.80 -40.37
C GLU G 41 57.12 5.09 -39.08
N GLY G 42 58.14 5.63 -38.42
CA GLY G 42 58.70 5.05 -37.22
C GLY G 42 57.95 5.38 -35.94
N VAL G 43 57.12 6.44 -35.98
CA VAL G 43 56.46 6.98 -34.79
C VAL G 43 55.37 6.02 -34.32
N ILE G 44 55.45 5.61 -33.05
CA ILE G 44 54.48 4.69 -32.46
C ILE G 44 53.21 5.44 -32.09
N ASP G 45 52.06 4.86 -32.46
CA ASP G 45 50.76 5.34 -32.01
C ASP G 45 50.16 4.30 -31.08
N PHE G 46 49.78 4.74 -29.88
CA PHE G 46 49.17 3.87 -28.87
C PHE G 46 47.65 3.83 -28.98
N SER G 47 47.05 4.97 -29.34
CA SER G 47 45.60 5.09 -29.48
C SER G 47 45.00 4.34 -30.69
N ALA G 48 45.83 3.99 -31.67
CA ALA G 48 45.43 3.14 -32.80
C ALA G 48 46.40 1.97 -32.90
N ALA G 49 45.86 0.75 -33.01
CA ALA G 49 46.66 -0.49 -33.11
C ALA G 49 47.68 -0.66 -31.97
N GLY G 58 56.52 -0.11 -33.99
CA GLY G 58 55.49 -0.38 -33.00
C GLY G 58 55.32 -1.85 -32.66
N ALA G 59 55.26 -2.69 -33.71
CA ALA G 59 54.99 -4.13 -33.59
C ALA G 59 55.83 -4.85 -32.52
N GLN G 60 57.15 -4.78 -32.66
CA GLN G 60 58.07 -5.42 -31.72
C GLN G 60 58.14 -4.73 -30.34
N LYS G 61 58.02 -3.41 -30.32
CA LYS G 61 58.31 -2.60 -29.12
C LYS G 61 57.16 -2.46 -28.11
N VAL G 62 55.92 -2.38 -28.60
CA VAL G 62 54.75 -2.11 -27.74
C VAL G 62 54.29 -3.37 -27.00
N ILE G 63 54.36 -3.34 -25.67
CA ILE G 63 53.83 -4.41 -24.81
C ILE G 63 52.73 -3.84 -23.92
N LYS G 64 51.84 -4.72 -23.44
CA LYS G 64 50.76 -4.32 -22.53
C LYS G 64 51.31 -4.00 -21.14
N SER G 65 50.46 -3.43 -20.30
CA SER G 65 50.78 -3.15 -18.92
C SER G 65 49.51 -3.26 -18.09
N GLN G 66 49.51 -4.18 -17.11
CA GLN G 66 48.38 -4.32 -16.20
C GLN G 66 48.53 -3.29 -15.08
N LEU G 67 47.40 -2.76 -14.64
CA LEU G 67 47.34 -1.73 -13.59
C LEU G 67 46.71 -2.33 -12.34
N ASN G 68 46.96 -1.70 -11.19
CA ASN G 68 46.26 -2.04 -9.95
C ASN G 68 44.82 -1.52 -10.03
N VAL G 69 43.91 -2.41 -10.43
CA VAL G 69 42.52 -2.03 -10.69
C VAL G 69 41.76 -1.79 -9.38
N SER G 70 42.11 -2.52 -8.34
CA SER G 70 41.51 -2.37 -7.02
C SER G 70 42.03 -1.16 -6.22
N SER G 71 43.20 -0.63 -6.58
CA SER G 71 43.84 0.46 -5.80
C SER G 71 43.12 1.80 -5.85
N VAL G 72 42.28 2.01 -6.86
CA VAL G 72 41.42 3.19 -6.96
C VAL G 72 40.00 2.76 -7.24
N SER G 73 39.08 3.25 -6.42
CA SER G 73 37.66 2.94 -6.54
C SER G 73 37.06 3.57 -7.79
N GLU G 74 35.85 3.14 -8.14
CA GLU G 74 35.07 3.76 -9.24
C GLU G 74 34.69 5.21 -8.88
N GLN G 75 34.45 5.46 -7.59
CA GLN G 75 33.97 6.76 -7.12
C GLN G 75 35.10 7.80 -7.16
N ASN G 76 36.24 7.46 -6.56
CA ASN G 76 37.44 8.33 -6.59
C ASN G 76 37.89 8.66 -8.02
N ALA G 77 37.85 7.66 -8.90
CA ALA G 77 38.13 7.86 -10.32
C ALA G 77 37.14 8.86 -10.92
N TYR G 78 35.83 8.60 -10.72
CA TYR G 78 34.76 9.47 -11.22
C TYR G 78 34.91 10.92 -10.73
N ARG G 79 35.27 11.09 -9.46
CA ARG G 79 35.53 12.43 -8.86
C ARG G 79 36.61 13.26 -9.57
N ALA G 80 37.60 12.60 -10.17
CA ALA G 80 38.66 13.27 -10.97
C ALA G 80 38.29 13.47 -12.45
N GLY G 81 37.18 12.86 -12.88
CA GLY G 81 36.74 12.93 -14.26
C GLY G 81 37.26 11.78 -15.10
N LEU G 82 37.59 10.67 -14.44
CA LEU G 82 38.25 9.54 -15.08
C LEU G 82 37.29 8.37 -15.23
N GLN G 83 37.56 7.54 -16.24
CA GLN G 83 36.86 6.29 -16.41
C GLN G 83 37.28 5.36 -15.27
N PRO G 84 36.50 4.30 -15.00
CA PRO G 84 36.98 3.31 -14.03
C PRO G 84 38.31 2.68 -14.48
N VAL G 85 39.20 2.42 -13.53
CA VAL G 85 40.56 1.93 -13.84
C VAL G 85 40.53 0.65 -14.69
N SER G 86 39.53 -0.19 -14.44
CA SER G 86 39.26 -1.39 -15.25
C SER G 86 39.12 -1.17 -16.78
N LYS G 87 38.69 0.01 -17.20
CA LYS G 87 38.56 0.37 -18.62
C LYS G 87 39.77 1.13 -19.23
N TRP G 88 40.85 1.28 -18.47
CA TRP G 88 42.07 1.97 -18.94
C TRP G 88 42.93 1.01 -19.77
N GLN G 89 43.38 1.49 -20.94
CA GLN G 89 44.44 0.83 -21.70
C GLN G 89 45.77 1.36 -21.19
N ALA G 90 46.72 0.48 -20.89
CA ALA G 90 48.04 0.89 -20.40
C ALA G 90 49.14 0.06 -21.06
N TYR G 91 50.11 0.73 -21.67
CA TYR G 91 51.19 0.07 -22.42
C TYR G 91 52.54 0.48 -21.86
N GLY G 92 53.53 -0.39 -22.09
CA GLY G 92 54.94 -0.11 -21.85
C GLY G 92 55.73 -0.24 -23.15
N LEU G 93 57.05 -0.17 -23.04
CA LEU G 93 57.95 -0.27 -24.19
C LEU G 93 59.16 -1.18 -23.89
N LYS G 94 59.36 -2.22 -24.70
CA LYS G 94 60.56 -3.06 -24.62
C LYS G 94 61.78 -2.16 -24.80
N GLY G 95 62.65 -2.17 -23.78
CA GLY G 95 63.77 -1.24 -23.67
C GLY G 95 63.59 -0.22 -22.56
N TYR G 96 62.32 0.04 -22.20
CA TYR G 96 61.98 1.08 -21.23
C TYR G 96 61.03 0.51 -20.17
N PRO G 97 61.57 -0.29 -19.23
CA PRO G 97 60.79 -0.68 -18.06
C PRO G 97 60.44 0.51 -17.17
N GLY G 98 59.27 0.44 -16.53
CA GLY G 98 58.77 1.51 -15.66
C GLY G 98 58.11 2.71 -16.34
N PHE G 99 58.09 2.71 -17.67
CA PHE G 99 57.41 3.74 -18.44
C PHE G 99 56.02 3.22 -18.72
N ILE G 100 54.99 3.96 -18.30
CA ILE G 100 53.59 3.58 -18.55
C ILE G 100 52.95 4.67 -19.40
N PHE G 101 52.30 4.27 -20.47
CA PHE G 101 51.55 5.17 -21.35
C PHE G 101 50.10 4.75 -21.32
N ILE G 102 49.21 5.69 -20.96
CA ILE G 102 47.77 5.44 -20.89
C ILE G 102 47.65 5.89 -22.34
N PRO G 103 46.44 5.79 -22.93
CA PRO G 103 45.62 6.65 -23.79
C PRO G 103 44.89 7.59 -22.83
N ASN G 104 43.99 8.38 -23.40
CA ASN G 104 42.89 9.12 -22.75
C ASN G 104 42.04 8.19 -21.89
N PRO G 105 42.10 8.35 -20.55
CA PRO G 105 41.12 7.84 -19.60
C PRO G 105 40.01 8.84 -19.24
N PHE G 106 40.16 10.13 -19.57
CA PHE G 106 39.23 11.17 -19.12
C PHE G 106 37.83 10.98 -19.72
N LEU G 107 36.81 10.98 -18.86
CA LEU G 107 35.39 10.86 -19.31
C LEU G 107 35.02 11.98 -20.29
N PRO G 108 34.24 11.66 -21.36
CA PRO G 108 33.87 12.64 -22.37
C PRO G 108 33.65 14.04 -21.79
N GLY G 109 34.42 15.01 -22.28
CA GLY G 109 34.30 16.40 -21.87
C GLY G 109 35.20 16.86 -20.75
N TYR G 110 35.65 15.93 -19.90
CA TYR G 110 36.33 16.31 -18.64
C TYR G 110 37.73 16.94 -18.80
N GLN G 111 38.38 16.72 -19.95
CA GLN G 111 39.64 17.40 -20.25
C GLN G 111 39.52 18.93 -20.21
N TRP G 112 38.33 19.44 -20.51
CA TRP G 112 38.12 20.89 -20.55
C TRP G 112 38.31 21.54 -19.17
N HIS G 113 37.98 20.83 -18.09
CA HIS G 113 38.19 21.37 -16.75
C HIS G 113 39.66 21.64 -16.53
N TRP G 114 40.46 20.62 -16.83
CA TRP G 114 41.90 20.66 -16.60
C TRP G 114 42.54 21.71 -17.49
N VAL G 115 42.15 21.74 -18.76
CA VAL G 115 42.61 22.78 -19.71
C VAL G 115 42.26 24.17 -19.17
N LYS G 116 41.03 24.32 -18.68
CA LYS G 116 40.55 25.62 -18.16
C LYS G 116 41.30 26.06 -16.92
N GLN G 117 41.55 25.15 -16.01
CA GLN G 117 42.29 25.49 -14.79
C GLN G 117 43.69 25.98 -15.16
N CYS G 118 44.35 25.26 -16.05
CA CYS G 118 45.72 25.63 -16.49
C CYS G 118 45.76 27.00 -17.15
N LEU G 119 44.69 27.35 -17.87
CA LEU G 119 44.60 28.64 -18.55
C LEU G 119 44.06 29.77 -17.68
N LYS G 120 43.13 29.46 -16.77
CA LYS G 120 42.45 30.48 -15.98
C LYS G 120 43.02 30.59 -14.57
N LEU G 121 43.04 29.49 -13.83
CA LEU G 121 43.36 29.51 -12.39
C LEU G 121 44.86 29.40 -12.08
N TYR G 122 45.54 28.41 -12.66
CA TYR G 122 46.93 28.14 -12.32
C TYR G 122 47.94 29.05 -13.01
N SER G 123 47.45 29.90 -13.92
CA SER G 123 48.21 31.02 -14.50
C SER G 123 47.73 32.38 -13.97
N GLN G 124 47.15 32.42 -12.77
CA GLN G 124 47.06 33.58 -11.86
C GLN G 124 48.49 33.84 -11.36
N LYS G 125 48.68 34.97 -10.69
CA LYS G 125 50.06 35.33 -10.30
C LYS G 125 50.63 34.78 -8.96
N PRO G 126 49.77 34.44 -7.99
CA PRO G 126 50.53 33.90 -6.85
C PRO G 126 51.69 33.03 -7.42
N ASN G 127 51.36 32.20 -8.42
CA ASN G 127 52.27 31.23 -9.03
C ASN G 127 53.15 31.88 -10.09
N VAL G 128 54.27 31.22 -10.39
CA VAL G 128 55.30 31.75 -11.29
C VAL G 128 55.04 31.30 -12.73
N CYS G 129 55.36 32.18 -13.69
CA CYS G 129 55.30 31.87 -15.12
C CYS G 129 56.39 32.63 -15.90
N ASN G 130 56.58 32.26 -17.17
CA ASN G 130 57.59 32.87 -18.04
C ASN G 130 57.47 34.40 -18.16
N LEU G 131 56.23 34.90 -18.17
CA LEU G 131 55.95 36.33 -18.32
C LEU G 131 56.28 37.14 -17.07
N ASP G 132 56.64 36.48 -15.95
CA ASP G 132 57.07 37.17 -14.74
C ASP G 132 58.52 37.63 -14.79
N LYS G 133 59.38 36.89 -15.49
CA LYS G 133 60.80 37.26 -15.68
C LYS G 133 60.97 38.51 -16.54
N HIS G 134 60.11 38.66 -17.56
CA HIS G 134 60.18 39.79 -18.49
C HIS G 134 59.35 40.98 -17.97
N MET G 135 58.05 40.75 -17.79
CA MET G 135 57.08 41.81 -17.45
C MET G 135 56.74 41.82 -15.95
N SER G 136 56.00 42.84 -15.52
CA SER G 136 55.64 43.04 -14.11
C SER G 136 54.16 42.74 -13.83
N LYS G 137 53.66 43.19 -12.67
CA LYS G 137 52.34 42.77 -12.14
C LYS G 137 51.10 43.27 -12.90
N GLU G 138 51.15 44.48 -13.44
CA GLU G 138 49.97 45.17 -14.00
C GLU G 138 49.27 44.43 -15.14
N GLU G 139 50.03 44.13 -16.19
CA GLU G 139 49.52 43.39 -17.36
C GLU G 139 49.26 41.91 -17.06
N THR G 140 50.12 41.30 -16.24
CA THR G 140 50.01 39.87 -15.86
C THR G 140 48.72 39.53 -15.09
N GLN G 141 48.20 40.48 -14.31
CA GLN G 141 46.95 40.30 -13.57
C GLN G 141 45.75 40.07 -14.51
N ASP G 142 45.63 40.91 -15.54
CA ASP G 142 44.57 40.76 -16.57
C ASP G 142 45.03 39.81 -17.70
N LEU G 143 45.13 38.52 -17.36
CA LEU G 143 45.55 37.48 -18.28
C LEU G 143 44.30 36.81 -18.87
N TRP G 144 43.44 36.34 -17.98
CA TRP G 144 42.16 35.73 -18.36
C TRP G 144 41.15 36.79 -18.80
N GLU G 145 41.15 37.94 -18.12
CA GLU G 145 40.32 39.09 -18.50
C GLU G 145 40.57 39.60 -19.93
N GLN G 146 41.81 39.48 -20.41
CA GLN G 146 42.17 39.94 -21.76
C GLN G 146 41.47 39.12 -22.86
N SER G 147 41.83 37.84 -22.99
CA SER G 147 41.32 36.97 -24.07
C SER G 147 39.85 36.52 -23.93
N LYS G 148 39.24 36.84 -22.79
CA LYS G 148 37.78 36.82 -22.64
C LYS G 148 37.14 37.90 -23.53
N GLU G 149 37.73 39.10 -23.51
CA GLU G 149 37.26 40.26 -24.31
C GLU G 149 37.64 40.20 -25.80
N PHE G 150 38.55 39.30 -26.17
CA PHE G 150 38.84 39.00 -27.59
C PHE G 150 37.70 38.26 -28.30
N LEU G 151 36.72 37.74 -27.56
CA LEU G 151 35.50 37.16 -28.13
C LEU G 151 34.32 38.14 -28.21
N ARG G 152 34.27 39.13 -27.32
CA ARG G 152 33.15 40.10 -27.23
C ARG G 152 33.19 41.19 -28.32
N TYR G 153 34.38 41.46 -28.86
CA TYR G 153 34.53 42.24 -30.09
C TYR G 153 34.53 41.27 -31.28
N LYS G 154 33.36 40.67 -31.54
CA LYS G 154 33.22 39.57 -32.51
C LYS G 154 32.97 40.06 -33.94
N GLU G 155 33.41 39.25 -34.91
CA GLU G 155 33.31 39.56 -36.35
C GLU G 155 34.17 40.76 -36.74
N ARG G 162 49.63 36.98 -30.05
CA ARG G 162 49.45 38.41 -29.81
C ARG G 162 49.17 38.69 -28.33
N SER G 163 48.15 38.02 -27.77
CA SER G 163 47.76 38.20 -26.36
C SER G 163 48.74 37.54 -25.39
N LEU G 164 48.61 37.85 -24.10
CA LEU G 164 49.47 37.29 -23.06
C LEU G 164 49.30 35.77 -22.94
N LEU G 165 48.05 35.31 -23.04
CA LEU G 165 47.72 33.88 -23.12
C LEU G 165 48.52 33.17 -24.23
N GLU G 166 48.56 33.80 -25.40
CA GLU G 166 49.28 33.27 -26.56
C GLU G 166 50.81 33.34 -26.39
N LYS G 167 51.29 34.26 -25.54
CA LYS G 167 52.70 34.33 -25.16
C LYS G 167 53.13 33.33 -24.07
N LEU G 168 52.18 32.56 -23.53
CA LEU G 168 52.42 31.72 -22.35
C LEU G 168 53.17 30.44 -22.73
N ARG G 169 54.29 30.18 -22.06
CA ARG G 169 55.16 29.04 -22.33
C ARG G 169 55.12 28.03 -21.19
N TRP G 170 55.36 28.48 -19.96
CA TRP G 170 55.35 27.60 -18.78
C TRP G 170 54.74 28.25 -17.52
N VAL G 171 54.21 27.41 -16.62
CA VAL G 171 53.74 27.82 -15.29
C VAL G 171 54.20 26.76 -14.28
N THR G 172 54.84 27.20 -13.19
CA THR G 172 55.16 26.30 -12.08
C THR G 172 54.09 26.44 -11.01
N VAL G 173 53.76 25.32 -10.37
CA VAL G 173 52.86 25.29 -9.20
C VAL G 173 53.43 24.35 -8.15
N GLY G 174 52.97 24.53 -6.90
CA GLY G 174 53.49 23.81 -5.75
C GLY G 174 54.80 24.42 -5.30
N TYR G 175 55.78 23.58 -4.99
CA TYR G 175 57.16 24.05 -4.84
C TYR G 175 57.59 24.56 -6.21
N HIS G 176 58.04 25.81 -6.27
CA HIS G 176 58.37 26.44 -7.54
C HIS G 176 59.78 26.08 -7.95
N TYR G 177 59.91 25.59 -9.19
CA TYR G 177 61.19 25.17 -9.74
C TYR G 177 61.96 26.41 -10.17
N ASN G 178 63.10 26.66 -9.52
CA ASN G 178 63.98 27.76 -9.88
C ASN G 178 64.77 27.33 -11.13
N TRP G 179 64.47 27.97 -12.25
CA TRP G 179 65.06 27.59 -13.55
C TRP G 179 66.56 27.89 -13.64
N ASP G 180 66.99 29.03 -13.10
CA ASP G 180 68.41 29.42 -13.10
C ASP G 180 69.23 28.51 -12.18
N SER G 181 68.74 28.34 -10.95
CA SER G 181 69.36 27.45 -9.97
C SER G 181 69.23 25.95 -10.32
N LYS G 182 68.19 25.60 -11.08
CA LYS G 182 67.86 24.20 -11.42
C LYS G 182 67.60 23.34 -10.17
N LYS G 183 67.05 23.97 -9.13
CA LYS G 183 66.83 23.37 -7.81
C LYS G 183 65.45 23.77 -7.29
N TYR G 184 64.80 22.85 -6.56
CA TYR G 184 63.60 23.18 -5.78
C TYR G 184 64.04 23.73 -4.46
N SER G 185 63.39 24.81 -4.02
CA SER G 185 63.75 25.48 -2.77
C SER G 185 62.53 25.59 -1.85
N ALA G 186 62.73 25.34 -0.56
CA ALA G 186 61.72 25.57 0.46
C ALA G 186 61.40 27.07 0.68
N ASP G 187 62.24 27.95 0.14
CA ASP G 187 62.03 29.40 0.20
C ASP G 187 60.71 29.84 -0.45
N HIS G 188 60.38 29.26 -1.60
CA HIS G 188 59.20 29.67 -2.39
C HIS G 188 58.31 28.48 -2.79
N TYR G 189 57.14 28.41 -2.16
CA TYR G 189 56.14 27.38 -2.45
C TYR G 189 54.72 27.88 -2.15
N THR G 190 53.93 28.05 -3.21
CA THR G 190 52.50 28.32 -3.12
C THR G 190 51.85 26.93 -3.05
N PRO G 191 50.80 26.74 -2.22
CA PRO G 191 50.27 25.37 -2.04
C PRO G 191 49.73 24.74 -3.33
N PHE G 192 49.93 23.43 -3.44
CA PHE G 192 49.61 22.69 -4.66
C PHE G 192 48.09 22.63 -4.80
N PRO G 193 47.56 22.97 -6.00
CA PRO G 193 46.11 22.96 -6.21
C PRO G 193 45.51 21.57 -6.02
N SER G 194 44.52 21.47 -5.13
CA SER G 194 44.07 20.18 -4.59
C SER G 194 43.33 19.29 -5.58
N ASP G 195 42.66 19.89 -6.57
CA ASP G 195 42.08 19.13 -7.69
C ASP G 195 43.15 18.37 -8.49
N LEU G 196 44.23 19.06 -8.87
CA LEU G 196 45.36 18.43 -9.58
C LEU G 196 46.10 17.43 -8.67
N GLY G 197 46.30 17.80 -7.40
CA GLY G 197 46.76 16.85 -6.40
C GLY G 197 45.96 15.56 -6.43
N PHE G 198 44.65 15.68 -6.27
CA PHE G 198 43.74 14.53 -6.24
C PHE G 198 43.84 13.70 -7.53
N LEU G 199 43.87 14.39 -8.68
CA LEU G 199 43.99 13.73 -9.97
C LEU G 199 45.30 12.98 -10.10
N SER G 200 46.42 13.68 -9.86
CA SER G 200 47.78 13.11 -9.95
C SER G 200 47.92 11.83 -9.13
N GLU G 201 47.46 11.93 -7.88
CA GLU G 201 47.55 10.87 -6.90
C GLU G 201 46.61 9.70 -7.19
N GLN G 202 45.44 9.97 -7.76
CA GLN G 202 44.56 8.91 -8.26
C GLN G 202 45.26 8.07 -9.32
N VAL G 203 45.93 8.74 -10.26
CA VAL G 203 46.63 8.06 -11.36
C VAL G 203 47.90 7.35 -10.84
N ALA G 204 48.72 8.09 -10.10
CA ALA G 204 49.90 7.54 -9.45
C ALA G 204 49.57 6.21 -8.79
N ALA G 205 48.47 6.19 -8.02
CA ALA G 205 48.05 5.01 -7.26
C ALA G 205 47.56 3.86 -8.13
N ALA G 206 46.93 4.19 -9.27
CA ALA G 206 46.53 3.17 -10.25
C ALA G 206 47.74 2.52 -10.93
N CYS G 207 48.85 3.26 -11.02
CA CYS G 207 50.12 2.74 -11.54
C CYS G 207 51.00 2.01 -10.49
N GLY G 208 50.55 1.94 -9.24
CA GLY G 208 51.25 1.23 -8.16
C GLY G 208 51.94 2.11 -7.14
N PHE G 209 51.56 3.39 -7.05
CA PHE G 209 52.15 4.33 -6.10
C PHE G 209 51.07 4.99 -5.21
N GLU G 210 50.63 4.23 -4.21
CA GLU G 210 49.65 4.71 -3.24
C GLU G 210 50.25 5.77 -2.29
N ASP G 211 51.58 5.81 -2.19
CA ASP G 211 52.29 6.78 -1.35
C ASP G 211 52.46 8.17 -1.98
N PHE G 212 51.88 8.40 -3.15
CA PHE G 212 52.24 9.58 -3.96
C PHE G 212 51.75 10.90 -3.37
N ARG G 213 52.66 11.88 -3.36
CA ARG G 213 52.42 13.23 -2.86
C ARG G 213 52.71 14.26 -3.95
N ALA G 214 51.65 14.80 -4.55
CA ALA G 214 51.79 15.80 -5.60
C ALA G 214 52.31 17.12 -5.02
N GLU G 215 53.61 17.37 -5.21
CA GLU G 215 54.31 18.48 -4.55
C GLU G 215 54.75 19.58 -5.51
N ALA G 216 55.20 19.22 -6.71
CA ALA G 216 55.73 20.17 -7.70
C ALA G 216 55.10 19.96 -9.06
N GLY G 217 54.73 21.06 -9.71
CA GLY G 217 54.11 21.03 -11.04
C GLY G 217 54.74 21.99 -12.01
N ILE G 218 55.09 21.50 -13.20
CA ILE G 218 55.48 22.34 -14.35
C ILE G 218 54.42 22.16 -15.43
N LEU G 219 53.83 23.27 -15.88
CA LEU G 219 52.74 23.27 -16.86
C LEU G 219 53.23 23.98 -18.12
N ASN G 220 53.37 23.24 -19.22
CA ASN G 220 53.91 23.77 -20.47
C ASN G 220 52.81 24.02 -21.48
N TYR G 221 52.69 25.27 -21.94
CA TYR G 221 51.70 25.66 -22.93
C TYR G 221 52.44 25.87 -24.25
N TYR G 222 52.17 25.01 -25.23
CA TYR G 222 52.85 25.05 -26.53
C TYR G 222 51.98 25.73 -27.58
N ARG G 223 52.63 26.48 -28.48
CA ARG G 223 52.02 26.84 -29.77
C ARG G 223 52.34 25.73 -30.77
N LEU G 224 51.84 25.84 -32.00
CA LEU G 224 52.11 24.83 -33.04
C LEU G 224 53.58 24.76 -33.49
N ASP G 225 54.31 25.88 -33.37
CA ASP G 225 55.75 25.96 -33.68
C ASP G 225 56.68 25.70 -32.48
N SER G 226 56.13 25.59 -31.27
CA SER G 226 56.94 25.43 -30.04
C SER G 226 57.51 24.02 -29.91
N THR G 227 58.70 23.93 -29.32
CA THR G 227 59.36 22.66 -29.03
C THR G 227 59.93 22.66 -27.61
N LEU G 228 59.97 21.49 -26.98
CA LEU G 228 60.63 21.34 -25.68
C LEU G 228 61.95 20.58 -25.86
N GLY G 229 63.05 21.23 -25.47
CA GLY G 229 64.39 20.71 -25.70
C GLY G 229 64.70 19.43 -24.95
N ILE G 230 65.87 18.87 -25.24
CA ILE G 230 66.29 17.60 -24.66
C ILE G 230 66.75 17.88 -23.23
N HIS G 231 66.26 17.07 -22.30
CA HIS G 231 66.53 17.25 -20.87
C HIS G 231 66.24 15.98 -20.08
N VAL G 232 66.73 15.99 -18.84
CA VAL G 232 66.44 14.96 -17.85
C VAL G 232 65.86 15.64 -16.60
N ASP G 233 64.82 15.02 -16.03
CA ASP G 233 64.13 15.55 -14.85
C ASP G 233 64.73 14.90 -13.60
N ARG G 234 65.86 15.46 -13.12
CA ARG G 234 66.64 14.88 -12.03
C ARG G 234 66.80 15.76 -10.76
N SER G 235 66.18 16.94 -10.75
CA SER G 235 66.28 17.87 -9.63
C SER G 235 65.27 17.60 -8.49
N GLU G 236 64.34 16.68 -8.71
CA GLU G 236 63.55 16.10 -7.60
C GLU G 236 64.54 15.35 -6.74
N LEU G 237 64.48 15.54 -5.44
CA LEU G 237 65.45 14.90 -4.54
C LEU G 237 65.27 13.37 -4.48
N ASP G 238 64.04 12.89 -4.71
CA ASP G 238 63.75 11.45 -4.72
C ASP G 238 63.39 10.96 -6.12
N HIS G 239 64.04 9.87 -6.55
CA HIS G 239 63.86 9.27 -7.88
C HIS G 239 63.08 7.94 -7.86
N SER G 240 62.62 7.50 -6.68
CA SER G 240 61.67 6.39 -6.58
C SER G 240 60.32 6.83 -7.12
N LYS G 241 59.85 8.00 -6.65
CA LYS G 241 58.49 8.48 -6.93
C LYS G 241 58.37 8.98 -8.37
N PRO G 242 57.35 8.49 -9.11
CA PRO G 242 57.23 8.73 -10.54
C PRO G 242 56.93 10.17 -10.95
N LEU G 243 56.85 10.35 -12.27
CA LEU G 243 56.64 11.62 -12.93
C LEU G 243 55.41 11.44 -13.83
N LEU G 244 54.33 12.19 -13.52
CA LEU G 244 53.10 12.15 -14.33
C LEU G 244 53.14 13.24 -15.40
N SER G 245 52.77 12.88 -16.62
CA SER G 245 52.63 13.83 -17.72
C SER G 245 51.23 13.70 -18.33
N PHE G 246 50.38 14.70 -18.07
CA PHE G 246 49.06 14.81 -18.72
C PHE G 246 49.21 15.68 -19.97
N SER G 247 48.50 15.32 -21.04
CA SER G 247 48.53 16.08 -22.29
C SER G 247 47.12 16.46 -22.76
N PHE G 248 46.92 17.74 -23.15
CA PHE G 248 45.63 18.24 -23.66
C PHE G 248 45.81 19.11 -24.91
N GLY G 249 44.91 18.96 -25.88
CA GLY G 249 44.89 19.81 -27.07
C GLY G 249 45.39 19.10 -28.31
N GLN G 250 46.20 19.79 -29.11
CA GLN G 250 46.73 19.20 -30.34
C GLN G 250 47.72 18.08 -30.05
N SER G 251 47.99 17.26 -31.06
CA SER G 251 48.91 16.14 -30.91
C SER G 251 50.37 16.62 -30.92
N ALA G 252 51.26 15.77 -30.40
CA ALA G 252 52.70 16.04 -30.39
C ALA G 252 53.51 14.76 -30.53
N ILE G 253 54.77 14.94 -30.95
CA ILE G 253 55.74 13.87 -31.03
C ILE G 253 56.59 13.93 -29.76
N PHE G 254 56.70 12.82 -29.05
CA PHE G 254 57.48 12.74 -27.82
C PHE G 254 58.62 11.80 -28.07
N LEU G 255 59.83 12.26 -27.79
CA LEU G 255 61.03 11.43 -27.93
C LEU G 255 61.45 10.98 -26.55
N LEU G 256 61.46 9.66 -26.36
CA LEU G 256 61.99 9.03 -25.16
C LEU G 256 63.21 8.24 -25.58
N GLY G 257 64.37 8.64 -25.06
CA GLY G 257 65.62 7.95 -25.34
C GLY G 257 66.17 7.17 -24.17
N GLY G 258 67.50 7.07 -24.14
CA GLY G 258 68.20 6.34 -23.10
C GLY G 258 68.70 7.30 -22.04
N LEU G 259 69.51 6.79 -21.13
CA LEU G 259 69.99 7.58 -19.99
C LEU G 259 71.09 8.56 -20.37
N GLN G 260 71.83 8.27 -21.43
CA GLN G 260 72.75 9.22 -22.01
C GLN G 260 72.29 9.54 -23.43
N ARG G 261 72.71 10.70 -23.92
CA ARG G 261 72.21 11.21 -25.21
C ARG G 261 72.67 10.44 -26.44
N ASP G 262 73.80 9.74 -26.31
CA ASP G 262 74.28 8.81 -27.35
C ASP G 262 73.27 7.73 -27.81
N GLU G 263 72.30 7.39 -26.96
CA GLU G 263 71.26 6.40 -27.28
C GLU G 263 70.09 7.03 -28.08
N ALA G 264 69.66 6.33 -29.13
CA ALA G 264 68.67 6.86 -30.09
C ALA G 264 67.26 6.78 -29.52
N PRO G 265 66.55 7.93 -29.41
CA PRO G 265 65.21 7.89 -28.83
C PRO G 265 64.14 7.26 -29.69
N THR G 266 63.13 6.69 -29.01
CA THR G 266 61.93 6.17 -29.64
C THR G 266 60.88 7.28 -29.70
N ALA G 267 60.25 7.44 -30.86
CA ALA G 267 59.23 8.47 -31.05
C ALA G 267 57.84 7.88 -30.78
N MET G 268 56.96 8.72 -30.25
CA MET G 268 55.56 8.36 -30.01
C MET G 268 54.65 9.58 -30.11
N PHE G 269 53.34 9.32 -30.22
CA PHE G 269 52.35 10.40 -30.28
C PHE G 269 51.75 10.67 -28.91
N MET G 270 51.67 11.95 -28.53
CA MET G 270 50.95 12.40 -27.33
C MET G 270 49.64 13.06 -27.73
N HIS G 271 48.60 12.23 -27.90
CA HIS G 271 47.25 12.71 -28.24
C HIS G 271 46.53 13.29 -27.01
N SER G 272 45.40 13.96 -27.23
CA SER G 272 44.73 14.71 -26.16
C SER G 272 44.12 13.79 -25.12
N GLY G 273 44.38 14.11 -23.85
CA GLY G 273 43.98 13.29 -22.72
C GLY G 273 44.91 12.15 -22.35
N ASP G 274 45.97 11.90 -23.13
CA ASP G 274 46.90 10.80 -22.86
C ASP G 274 47.82 11.14 -21.67
N ILE G 275 48.12 10.11 -20.89
CA ILE G 275 48.88 10.25 -19.65
C ILE G 275 50.12 9.38 -19.71
N MET G 276 51.26 10.01 -19.49
CA MET G 276 52.56 9.35 -19.45
C MET G 276 53.03 9.28 -18.01
N ILE G 277 53.49 8.11 -17.60
CA ILE G 277 54.13 7.93 -16.31
C ILE G 277 55.55 7.43 -16.55
N MET G 278 56.53 8.15 -16.01
CA MET G 278 57.92 7.74 -16.01
C MET G 278 58.28 7.32 -14.59
N SER G 279 58.24 6.01 -14.34
CA SER G 279 58.53 5.43 -13.03
C SER G 279 59.79 4.56 -13.07
N GLY G 280 60.49 4.51 -11.94
CA GLY G 280 61.59 3.58 -11.72
C GLY G 280 62.78 3.84 -12.61
N PHE G 281 63.02 2.92 -13.55
CA PHE G 281 64.11 3.05 -14.52
C PHE G 281 63.94 4.27 -15.44
N SER G 282 62.72 4.44 -15.97
CA SER G 282 62.42 5.51 -16.91
C SER G 282 62.55 6.95 -16.36
N ARG G 283 62.33 7.13 -15.05
CA ARG G 283 62.39 8.46 -14.41
C ARG G 283 63.41 9.44 -14.95
N LEU G 284 64.65 8.98 -15.09
CA LEU G 284 65.79 9.85 -15.46
C LEU G 284 66.24 9.71 -16.92
N LEU G 285 65.41 9.10 -17.76
CA LEU G 285 65.69 9.04 -19.19
C LEU G 285 65.65 10.43 -19.80
N ASN G 286 66.51 10.65 -20.80
CA ASN G 286 66.42 11.85 -21.63
C ASN G 286 65.12 11.83 -22.44
N HIS G 287 64.49 13.00 -22.56
CA HIS G 287 63.32 13.13 -23.41
C HIS G 287 63.19 14.53 -23.95
N ALA G 288 62.35 14.67 -24.97
CA ALA G 288 62.05 15.97 -25.56
C ALA G 288 60.78 15.94 -26.38
N VAL G 289 60.27 17.13 -26.67
CA VAL G 289 59.12 17.31 -27.56
C VAL G 289 59.62 18.13 -28.75
N PRO G 290 60.03 17.45 -29.84
CA PRO G 290 60.49 18.17 -31.03
C PRO G 290 59.37 18.79 -31.87
N ARG G 291 58.13 18.31 -31.73
CA ARG G 291 57.05 18.74 -32.64
C ARG G 291 55.65 18.73 -32.04
N VAL G 292 54.95 19.85 -32.19
CA VAL G 292 53.49 19.93 -31.99
C VAL G 292 52.85 19.95 -33.37
N LEU G 293 51.93 19.01 -33.59
CA LEU G 293 51.30 18.78 -34.89
C LEU G 293 49.91 19.43 -34.95
N PRO G 294 49.73 20.43 -35.85
CA PRO G 294 48.37 20.97 -36.09
C PRO G 294 47.33 19.92 -36.55
N ASN G 295 46.05 20.32 -36.54
CA ASN G 295 44.94 19.36 -36.67
C ASN G 295 44.99 18.58 -37.99
N PRO G 296 45.22 17.24 -37.92
CA PRO G 296 45.34 16.38 -39.11
C PRO G 296 44.31 16.55 -40.24
N GLU G 297 43.13 17.08 -39.94
CA GLU G 297 42.07 17.28 -40.93
C GLU G 297 41.75 18.78 -41.18
N GLY G 298 42.79 19.61 -41.25
CA GLY G 298 42.67 21.03 -41.67
C GLY G 298 42.84 22.05 -40.56
N GLU G 299 41.93 22.00 -39.59
CA GLU G 299 41.95 22.92 -38.43
C GLU G 299 41.03 22.38 -37.34
N GLY G 300 41.02 23.05 -36.18
CA GLY G 300 40.10 22.73 -35.10
C GLY G 300 40.65 21.78 -34.05
N LEU G 301 39.73 21.09 -33.37
CA LEU G 301 40.03 20.25 -32.20
C LEU G 301 39.87 18.78 -32.54
N PRO G 302 40.57 17.89 -31.83
CA PRO G 302 40.30 16.45 -32.01
C PRO G 302 38.90 16.05 -31.55
N HIS G 303 38.41 14.92 -32.06
CA HIS G 303 37.01 14.51 -31.90
C HIS G 303 36.64 14.01 -30.49
N CYS G 304 37.63 13.80 -29.63
CA CYS G 304 37.43 13.53 -28.19
C CYS G 304 37.16 14.80 -27.38
N LEU G 305 37.66 15.93 -27.88
CA LEU G 305 37.43 17.25 -27.27
C LEU G 305 36.18 18.00 -27.82
N GLU G 306 35.34 17.35 -28.63
CA GLU G 306 34.07 17.96 -29.04
C GLU G 306 33.10 18.04 -27.86
N ALA G 307 32.83 16.88 -27.24
CA ALA G 307 31.98 16.81 -26.05
C ALA G 307 32.48 17.79 -25.01
N PRO G 308 31.60 18.69 -24.49
CA PRO G 308 32.03 19.64 -23.47
C PRO G 308 31.79 19.11 -22.06
N LEU G 309 32.18 19.88 -21.04
CA LEU G 309 32.01 19.45 -19.66
C LEU G 309 30.52 19.49 -19.29
N PRO G 310 30.03 18.46 -18.59
CA PRO G 310 28.65 18.48 -18.10
C PRO G 310 28.35 19.76 -17.32
N ALA G 311 27.18 20.36 -17.58
CA ALA G 311 26.76 21.58 -16.88
C ALA G 311 26.36 21.30 -15.42
N VAL G 312 25.98 20.05 -15.11
CA VAL G 312 25.62 19.62 -13.77
C VAL G 312 26.67 18.63 -13.24
N LEU G 313 27.51 19.10 -12.31
CA LEU G 313 28.58 18.28 -11.72
C LEU G 313 28.23 17.93 -10.28
N PRO G 314 28.34 16.65 -9.89
CA PRO G 314 28.02 16.22 -8.52
C PRO G 314 28.67 17.03 -7.41
N ARG G 315 27.97 17.12 -6.28
CA ARG G 315 28.42 17.82 -5.07
C ARG G 315 29.88 17.61 -4.72
N ASP G 316 30.26 16.33 -4.60
CA ASP G 316 31.55 15.93 -4.05
C ASP G 316 32.68 15.79 -5.09
N SER G 317 32.35 15.81 -6.38
CA SER G 317 33.36 15.74 -7.44
C SER G 317 34.40 16.85 -7.27
N MET G 318 35.65 16.56 -7.62
CA MET G 318 36.74 17.55 -7.54
C MET G 318 36.71 18.59 -8.66
N VAL G 319 35.95 18.30 -9.71
CA VAL G 319 35.79 19.18 -10.87
C VAL G 319 34.75 20.27 -10.56
N GLU G 320 34.97 21.47 -11.09
CA GLU G 320 34.04 22.60 -10.97
C GLU G 320 33.32 22.87 -12.30
N PRO G 321 32.13 23.52 -12.26
CA PRO G 321 31.41 23.82 -13.49
C PRO G 321 32.12 24.86 -14.37
N CYS G 322 32.10 24.61 -15.68
CA CYS G 322 32.72 25.47 -16.67
C CYS G 322 31.66 26.36 -17.29
N SER G 323 31.86 27.69 -17.25
CA SER G 323 30.91 28.62 -17.86
C SER G 323 31.06 28.60 -19.38
N MET G 324 30.00 28.99 -20.08
CA MET G 324 29.93 28.96 -21.55
C MET G 324 31.01 29.83 -22.18
N GLU G 325 31.20 31.04 -21.67
CA GLU G 325 32.24 31.94 -22.18
C GLU G 325 33.65 31.40 -21.90
N ASP G 326 33.85 30.82 -20.72
CA ASP G 326 35.13 30.18 -20.37
C ASP G 326 35.50 29.03 -21.31
N TRP G 327 34.53 28.16 -21.64
CA TRP G 327 34.76 27.08 -22.61
C TRP G 327 35.15 27.58 -24.01
N GLN G 328 34.63 28.74 -24.40
CA GLN G 328 34.90 29.30 -25.74
C GLN G 328 36.31 29.87 -25.88
N VAL G 329 36.92 30.29 -24.77
CA VAL G 329 38.33 30.72 -24.76
C VAL G 329 39.25 29.50 -24.87
N CYS G 330 38.98 28.48 -24.07
CA CYS G 330 39.69 27.20 -24.10
C CYS G 330 39.59 26.54 -25.48
N ALA G 331 38.39 26.58 -26.06
CA ALA G 331 38.15 26.03 -27.40
C ALA G 331 38.88 26.80 -28.50
N SER G 332 38.84 28.13 -28.39
CA SER G 332 39.66 29.01 -29.25
C SER G 332 41.14 28.69 -29.17
N TYR G 333 41.62 28.47 -27.94
CA TYR G 333 43.05 28.22 -27.65
C TYR G 333 43.59 26.91 -28.23
N LEU G 334 42.95 25.79 -27.89
CA LEU G 334 43.44 24.45 -28.27
C LEU G 334 43.39 24.16 -29.77
N LYS G 335 42.62 24.94 -30.54
CA LYS G 335 42.65 24.85 -32.01
C LYS G 335 44.07 24.99 -32.58
N THR G 336 44.93 25.74 -31.89
CA THR G 336 46.31 25.94 -32.32
C THR G 336 47.31 25.77 -31.18
N ALA G 337 47.10 24.77 -30.32
CA ALA G 337 48.00 24.60 -29.16
C ALA G 337 47.94 23.23 -28.50
N ARG G 338 49.01 22.91 -27.75
CA ARG G 338 49.00 21.84 -26.77
C ARG G 338 49.18 22.46 -25.38
N VAL G 339 48.58 21.80 -24.39
CA VAL G 339 48.79 22.11 -22.98
C VAL G 339 49.23 20.82 -22.30
N ASN G 340 50.36 20.90 -21.61
CA ASN G 340 50.93 19.79 -20.88
C ASN G 340 50.91 20.14 -19.39
N MET G 341 50.53 19.17 -18.56
CA MET G 341 50.72 19.26 -17.12
C MET G 341 51.75 18.19 -16.75
N THR G 342 52.54 18.48 -15.73
CA THR G 342 53.63 17.58 -15.32
C THR G 342 53.79 17.69 -13.80
N VAL G 343 53.48 16.60 -13.10
CA VAL G 343 53.37 16.60 -11.64
C VAL G 343 54.43 15.69 -11.02
N ARG G 344 55.03 16.17 -9.94
CA ARG G 344 56.22 15.55 -9.35
C ARG G 344 56.16 15.57 -7.82
N GLN G 345 56.75 14.54 -7.21
CA GLN G 345 57.06 14.55 -5.78
C GLN G 345 58.54 14.91 -5.61
N VAL G 346 58.84 16.00 -4.90
CA VAL G 346 60.23 16.45 -4.67
C VAL G 346 60.95 15.76 -3.50
N LEU G 347 60.20 15.33 -2.48
CA LEU G 347 60.75 14.72 -1.25
C LEU G 347 60.05 13.40 -0.94
N ALA G 348 60.66 12.60 -0.07
CA ALA G 348 60.09 11.31 0.37
C ALA G 348 59.35 11.41 1.71
N THR G 349 58.93 10.27 2.25
CA THR G 349 58.19 10.20 3.53
C THR G 349 58.98 10.75 4.71
N ASP G 350 60.16 10.18 4.98
CA ASP G 350 60.97 10.56 6.15
C ASP G 350 62.06 11.59 5.84
N GLN G 351 61.82 12.46 4.86
CA GLN G 351 62.83 13.43 4.38
C GLN G 351 62.25 14.84 4.34
N ASN G 352 63.09 15.82 4.68
CA ASN G 352 62.83 17.24 4.43
C ASN G 352 64.09 17.82 3.76
N PHE G 353 63.95 18.98 3.11
CA PHE G 353 65.04 19.69 2.44
C PHE G 353 66.36 19.73 3.24
N PRO G 354 67.47 19.25 2.64
CA PRO G 354 68.80 19.41 3.29
C PRO G 354 69.25 20.88 3.37
N LEU G 355 69.76 21.26 4.54
CA LEU G 355 70.22 22.65 4.79
C LEU G 355 71.72 22.77 4.51
N GLY H 19 -20.63 -21.94 30.02
CA GLY H 19 -20.28 -21.52 28.63
C GLY H 19 -21.06 -22.27 27.56
N GLU H 20 -21.94 -21.56 26.85
CA GLU H 20 -22.77 -22.13 25.77
C GLU H 20 -22.39 -21.54 24.39
N ASP H 21 -21.10 -21.28 24.20
CA ASP H 21 -20.53 -20.99 22.88
C ASP H 21 -19.18 -21.68 22.76
N ALA H 22 -18.74 -21.89 21.53
CA ALA H 22 -17.56 -22.72 21.25
C ALA H 22 -16.26 -22.11 21.78
N PHE H 23 -16.18 -20.79 21.80
CA PHE H 23 -14.96 -20.13 22.25
C PHE H 23 -14.74 -20.43 23.72
N ARG H 24 -15.72 -20.12 24.56
CA ARG H 24 -15.61 -20.35 26.00
C ARG H 24 -15.41 -21.84 26.32
N LYS H 25 -15.99 -22.73 25.52
CA LYS H 25 -15.77 -24.18 25.66
C LYS H 25 -14.29 -24.54 25.44
N LEU H 26 -13.68 -23.95 24.42
CA LEU H 26 -12.25 -24.18 24.13
C LEU H 26 -11.30 -23.44 25.08
N PHE H 27 -11.65 -22.19 25.39
CA PHE H 27 -10.91 -21.39 26.38
C PHE H 27 -10.76 -22.15 27.70
N ARG H 28 -11.88 -22.70 28.18
CA ARG H 28 -11.93 -23.49 29.41
C ARG H 28 -11.09 -24.75 29.33
N PHE H 29 -11.25 -25.51 28.25
CA PHE H 29 -10.50 -26.75 28.06
C PHE H 29 -9.00 -26.52 28.17
N TYR H 30 -8.50 -25.50 27.50
CA TYR H 30 -7.07 -25.23 27.46
C TYR H 30 -6.52 -24.63 28.77
N ARG H 31 -7.38 -23.93 29.51
CA ARG H 31 -7.04 -23.45 30.87
C ARG H 31 -6.82 -24.61 31.84
N GLN H 32 -7.66 -25.64 31.73
CA GLN H 32 -7.59 -26.84 32.60
C GLN H 32 -6.65 -27.92 32.04
N SER H 33 -6.23 -27.82 30.78
CA SER H 33 -5.48 -28.87 30.10
C SER H 33 -4.18 -29.31 30.77
N ARG H 34 -3.73 -30.51 30.41
CA ARG H 34 -2.46 -31.07 30.89
C ARG H 34 -1.41 -30.98 29.78
N PRO H 35 -0.28 -30.28 30.04
CA PRO H 35 0.71 -30.05 28.97
C PRO H 35 1.54 -31.30 28.63
N GLY H 36 1.87 -31.46 27.35
CA GLY H 36 2.61 -32.62 26.87
C GLY H 36 1.77 -33.88 26.63
N THR H 37 0.57 -33.95 27.22
CA THR H 37 -0.34 -35.08 27.05
C THR H 37 -1.02 -34.93 25.69
N ALA H 38 -2.01 -35.78 25.42
CA ALA H 38 -2.81 -35.68 24.20
C ALA H 38 -3.68 -34.41 24.13
N ASP H 39 -3.95 -33.78 25.27
CA ASP H 39 -4.81 -32.58 25.34
C ASP H 39 -4.45 -31.48 24.31
N LEU H 40 -3.15 -31.24 24.12
CA LEU H 40 -2.67 -30.19 23.23
C LEU H 40 -2.40 -30.68 21.81
N GLU H 41 -3.01 -31.81 21.42
CA GLU H 41 -2.81 -32.41 20.09
C GLU H 41 -3.21 -31.50 18.93
N GLY H 42 -4.26 -30.69 19.12
CA GLY H 42 -4.77 -29.80 18.09
C GLY H 42 -4.22 -28.38 18.11
N VAL H 43 -3.17 -28.15 18.91
CA VAL H 43 -2.53 -26.84 19.04
C VAL H 43 -1.43 -26.73 17.98
N ILE H 44 -1.55 -25.75 17.08
CA ILE H 44 -0.63 -25.61 15.96
C ILE H 44 0.71 -25.03 16.42
N ASP H 45 1.80 -25.62 15.93
CA ASP H 45 3.15 -25.17 16.23
C ASP H 45 3.82 -24.75 14.91
N PHE H 46 3.86 -23.45 14.67
CA PHE H 46 4.47 -22.89 13.45
C PHE H 46 5.98 -23.13 13.39
N SER H 47 6.63 -23.09 14.55
CA SER H 47 8.08 -23.23 14.66
C SER H 47 8.54 -24.59 14.15
N ALA H 48 8.01 -25.66 14.75
CA ALA H 48 8.45 -27.02 14.43
C ALA H 48 7.92 -27.49 13.06
N ALA H 49 8.62 -27.11 12.00
CA ALA H 49 8.36 -27.59 10.64
C ALA H 49 6.92 -27.38 10.16
N GLY H 58 -4.45 -28.61 14.01
CA GLY H 58 -3.98 -29.49 12.95
C GLY H 58 -3.13 -28.79 11.90
N ALA H 59 -2.28 -29.55 11.23
CA ALA H 59 -1.35 -29.05 10.21
C ALA H 59 -1.88 -28.74 8.80
N GLN H 60 -3.11 -29.18 8.51
CA GLN H 60 -3.89 -28.87 7.28
C GLN H 60 -3.97 -27.40 6.84
N LYS H 61 -4.20 -26.52 7.80
CA LYS H 61 -4.51 -25.10 7.54
C LYS H 61 -3.31 -24.20 7.22
N VAL H 62 -2.10 -24.60 7.62
CA VAL H 62 -0.90 -23.73 7.54
C VAL H 62 -0.30 -23.58 6.13
N ILE H 63 -0.24 -22.33 5.65
CA ILE H 63 0.32 -21.97 4.33
C ILE H 63 1.44 -20.92 4.51
N LYS H 64 2.58 -21.13 3.86
CA LYS H 64 3.72 -20.19 3.96
C LYS H 64 3.41 -18.86 3.26
N SER H 65 3.23 -17.82 4.05
CA SER H 65 2.82 -16.49 3.58
C SER H 65 4.03 -15.75 3.01
N GLN H 66 3.79 -14.82 2.08
CA GLN H 66 4.86 -14.08 1.39
C GLN H 66 5.00 -12.65 1.94
N LEU H 67 6.24 -12.18 1.99
CA LEU H 67 6.60 -10.88 2.60
C LEU H 67 7.14 -9.90 1.57
N ASN H 68 7.00 -8.61 1.90
CA ASN H 68 7.74 -7.54 1.21
C ASN H 68 9.21 -7.62 1.62
N VAL H 69 10.02 -8.23 0.76
CA VAL H 69 11.44 -8.48 1.04
C VAL H 69 12.22 -7.16 0.97
N SER H 70 12.00 -6.39 -0.09
CA SER H 70 12.72 -5.13 -0.32
C SER H 70 12.38 -3.99 0.65
N SER H 71 11.18 -4.02 1.25
CA SER H 71 10.71 -2.91 2.11
C SER H 71 11.59 -2.59 3.33
N VAL H 72 12.34 -3.60 3.80
CA VAL H 72 13.37 -3.40 4.84
C VAL H 72 14.71 -3.92 4.33
N SER H 73 15.70 -3.03 4.20
CA SER H 73 17.05 -3.40 3.78
C SER H 73 17.82 -4.02 4.95
N GLU H 74 18.80 -4.87 4.62
CA GLU H 74 19.58 -5.66 5.59
C GLU H 74 20.11 -4.85 6.78
N GLN H 75 20.51 -3.60 6.52
CA GLN H 75 21.00 -2.69 7.57
C GLN H 75 19.88 -2.25 8.53
N ASN H 76 18.73 -1.84 7.97
CA ASN H 76 17.57 -1.39 8.78
C ASN H 76 17.01 -2.45 9.74
N ALA H 77 16.91 -3.69 9.26
CA ALA H 77 16.53 -4.84 10.10
C ALA H 77 17.52 -5.07 11.24
N TYR H 78 18.81 -5.07 10.89
CA TYR H 78 19.92 -5.22 11.86
C TYR H 78 19.91 -4.12 12.94
N ARG H 79 19.45 -2.91 12.60
CA ARG H 79 19.31 -1.83 13.58
C ARG H 79 18.21 -2.14 14.60
N ALA H 80 17.14 -2.79 14.14
CA ALA H 80 16.02 -3.20 15.01
C ALA H 80 16.35 -4.39 15.91
N GLY H 81 17.37 -5.16 15.53
CA GLY H 81 17.74 -6.37 16.25
C GLY H 81 17.08 -7.61 15.69
N LEU H 82 16.84 -7.60 14.38
CA LEU H 82 16.15 -8.68 13.67
C LEU H 82 17.07 -9.26 12.62
N GLN H 83 16.89 -10.54 12.32
CA GLN H 83 17.52 -11.15 11.15
C GLN H 83 17.09 -10.40 9.91
N PRO H 84 17.82 -10.56 8.80
CA PRO H 84 17.34 -9.97 7.54
C PRO H 84 15.98 -10.56 7.10
N VAL H 85 15.10 -9.70 6.61
CA VAL H 85 13.75 -10.09 6.20
C VAL H 85 13.73 -11.31 5.29
N SER H 86 14.74 -11.48 4.44
CA SER H 86 14.89 -12.69 3.62
C SER H 86 14.91 -14.00 4.44
N LYS H 87 15.49 -13.96 5.64
CA LYS H 87 15.58 -15.13 6.53
C LYS H 87 14.32 -15.41 7.39
N TRP H 88 13.32 -14.54 7.31
CA TRP H 88 12.10 -14.68 8.10
C TRP H 88 11.22 -15.80 7.55
N GLN H 89 10.50 -16.48 8.44
CA GLN H 89 9.41 -17.36 8.05
C GLN H 89 8.09 -16.65 8.32
N ALA H 90 7.21 -16.58 7.33
CA ALA H 90 5.90 -15.95 7.48
C ALA H 90 4.87 -17.00 7.18
N TYR H 91 3.88 -17.14 8.06
CA TYR H 91 2.81 -18.16 7.91
C TYR H 91 1.41 -17.55 8.01
N GLY H 92 0.45 -18.27 7.46
CA GLY H 92 -0.98 -17.92 7.56
C GLY H 92 -1.83 -19.17 7.68
N LEU H 93 -3.06 -18.98 8.14
CA LEU H 93 -4.02 -20.08 8.30
C LEU H 93 -5.15 -19.93 7.29
N LYS H 94 -5.49 -21.04 6.62
CA LYS H 94 -6.63 -21.08 5.69
C LYS H 94 -7.91 -20.68 6.41
N GLY H 95 -8.60 -19.67 5.90
CA GLY H 95 -9.83 -19.16 6.53
C GLY H 95 -9.60 -17.95 7.42
N TYR H 96 -8.32 -17.66 7.70
CA TYR H 96 -7.90 -16.44 8.37
C TYR H 96 -6.94 -15.68 7.44
N PRO H 97 -7.44 -15.09 6.33
CA PRO H 97 -6.52 -14.25 5.55
C PRO H 97 -6.24 -12.92 6.25
N GLY H 98 -5.05 -12.39 5.99
CA GLY H 98 -4.52 -11.23 6.70
C GLY H 98 -3.95 -11.53 8.08
N PHE H 99 -3.89 -12.81 8.46
CA PHE H 99 -3.25 -13.23 9.70
C PHE H 99 -1.87 -13.78 9.36
N ILE H 100 -0.85 -13.11 9.89
CA ILE H 100 0.51 -13.38 9.52
C ILE H 100 1.24 -13.78 10.79
N PHE H 101 1.78 -15.01 10.79
CA PHE H 101 2.56 -15.52 11.92
C PHE H 101 4.02 -15.62 11.52
N ILE H 102 4.90 -14.98 12.29
CA ILE H 102 6.34 -15.05 12.07
C ILE H 102 6.39 -16.31 12.91
N PRO H 103 7.61 -16.83 13.22
CA PRO H 103 8.44 -17.29 14.33
C PRO H 103 9.09 -16.02 14.91
N ASN H 104 10.10 -16.23 15.73
CA ASN H 104 11.34 -15.64 16.19
C ASN H 104 12.18 -15.38 14.88
N PRO H 105 12.21 -14.12 14.44
CA PRO H 105 13.20 -13.48 13.59
C PRO H 105 14.34 -12.76 14.35
N PHE H 106 14.09 -12.39 15.62
CA PHE H 106 15.05 -11.62 16.39
C PHE H 106 16.44 -12.26 16.50
N LEU H 107 17.48 -11.44 16.37
CA LEU H 107 18.87 -11.93 16.34
C LEU H 107 19.10 -12.60 17.70
N PRO H 108 20.11 -13.50 17.78
CA PRO H 108 20.61 -14.07 19.02
C PRO H 108 20.82 -13.03 20.13
N GLY H 109 20.09 -13.19 21.24
CA GLY H 109 20.24 -12.31 22.39
C GLY H 109 19.76 -10.88 22.25
N TYR H 110 19.03 -10.54 21.19
CA TYR H 110 18.32 -9.24 21.08
C TYR H 110 16.94 -9.18 21.76
N GLN H 111 16.28 -10.32 21.94
CA GLN H 111 15.02 -10.40 22.72
C GLN H 111 15.18 -9.85 24.15
N TRP H 112 16.40 -9.85 24.66
CA TRP H 112 16.72 -9.29 25.97
C TRP H 112 16.64 -7.77 26.05
N HIS H 113 16.88 -7.08 24.94
CA HIS H 113 16.63 -5.65 24.89
C HIS H 113 15.18 -5.38 25.28
N TRP H 114 14.27 -6.03 24.56
CA TRP H 114 12.84 -5.72 24.60
C TRP H 114 12.21 -6.10 25.93
N VAL H 115 12.57 -7.27 26.45
CA VAL H 115 12.13 -7.74 27.77
C VAL H 115 12.54 -6.72 28.86
N LYS H 116 13.81 -6.31 28.83
CA LYS H 116 14.33 -5.28 29.77
C LYS H 116 13.58 -3.96 29.60
N GLN H 117 13.42 -3.54 28.35
CA GLN H 117 12.70 -2.31 28.06
C GLN H 117 11.28 -2.34 28.64
N CYS H 118 10.57 -3.46 28.46
CA CYS H 118 9.24 -3.63 29.02
C CYS H 118 9.23 -3.62 30.55
N LEU H 119 10.22 -4.26 31.16
CA LEU H 119 10.27 -4.39 32.63
C LEU H 119 10.78 -3.13 33.37
N LYS H 120 11.55 -2.28 32.68
CA LYS H 120 12.30 -1.18 33.32
C LYS H 120 11.88 0.20 32.81
N LEU H 121 12.13 0.47 31.52
CA LEU H 121 11.85 1.79 30.93
C LEU H 121 10.35 2.00 30.77
N TYR H 122 9.68 1.04 30.13
CA TYR H 122 8.29 1.20 29.71
C TYR H 122 7.29 1.17 30.88
N SER H 123 7.68 0.60 32.01
CA SER H 123 6.85 0.57 33.22
C SER H 123 6.92 1.84 34.10
N GLN H 124 7.83 2.77 33.80
CA GLN H 124 7.98 4.04 34.57
C GLN H 124 6.74 4.94 34.51
N LYS H 125 6.51 5.73 35.56
CA LYS H 125 5.17 6.26 35.90
C LYS H 125 4.55 7.30 34.93
N PRO H 126 5.36 7.96 34.08
CA PRO H 126 4.63 8.66 33.01
C PRO H 126 3.62 7.75 32.27
N ASN H 127 3.96 6.46 32.16
CA ASN H 127 3.07 5.44 31.62
C ASN H 127 2.21 4.80 32.72
N VAL H 128 1.01 4.35 32.32
CA VAL H 128 0.00 3.82 33.26
C VAL H 128 0.07 2.29 33.30
N CYS H 129 -0.24 1.72 34.47
CA CYS H 129 -0.36 0.26 34.64
C CYS H 129 -1.47 -0.09 35.64
N ASN H 130 -1.76 -1.39 35.78
CA ASN H 130 -2.77 -1.90 36.59
C ASN H 130 -2.57 -1.47 38.16
N LEU H 131 -1.31 -1.48 38.55
CA LEU H 131 -0.92 -1.13 39.90
C LEU H 131 -1.35 0.29 40.21
N ASP H 132 -1.40 1.13 39.18
CA ASP H 132 -1.69 2.56 39.29
C ASP H 132 -2.73 3.11 40.26
N LYS H 133 -3.86 2.42 40.38
CA LYS H 133 -4.97 3.00 41.13
C LYS H 133 -5.31 2.53 42.53
N HIS H 134 -5.07 1.28 42.87
CA HIS H 134 -5.52 0.93 44.23
C HIS H 134 -4.48 1.23 45.32
N MET H 135 -3.22 1.46 44.93
CA MET H 135 -2.11 1.69 45.86
C MET H 135 -1.59 3.12 45.72
N SER H 136 -0.78 3.55 46.69
CA SER H 136 -0.32 4.94 46.78
C SER H 136 0.65 5.29 45.66
N LYS H 137 0.65 6.57 45.27
CA LYS H 137 1.53 7.07 44.22
C LYS H 137 3.02 6.89 44.56
N GLU H 138 3.35 7.02 45.85
CA GLU H 138 4.68 6.70 46.34
C GLU H 138 4.89 5.19 46.17
N GLU H 139 6.12 4.79 45.86
CA GLU H 139 6.51 3.38 45.65
C GLU H 139 6.20 2.60 44.37
N THR H 140 5.81 3.33 43.33
CA THR H 140 5.17 2.82 42.09
C THR H 140 5.94 2.96 40.75
N GLN H 141 6.82 3.95 40.67
CA GLN H 141 7.96 4.00 39.72
C GLN H 141 9.31 3.57 40.36
N ASP H 142 9.23 2.94 41.55
CA ASP H 142 10.22 2.04 42.16
C ASP H 142 9.74 0.59 42.09
N LEU H 143 9.03 0.25 41.00
CA LEU H 143 8.85 -0.95 40.16
C LEU H 143 10.02 -1.81 39.62
N TRP H 144 11.05 -1.16 39.08
CA TRP H 144 12.31 -1.82 38.71
C TRP H 144 13.30 -1.83 39.86
N GLU H 145 13.39 -0.71 40.57
CA GLU H 145 14.36 -0.53 41.66
C GLU H 145 14.17 -1.56 42.78
N GLN H 146 12.91 -1.80 43.15
CA GLN H 146 12.55 -2.78 44.20
C GLN H 146 13.01 -4.22 43.88
N SER H 147 12.93 -4.61 42.61
CA SER H 147 13.29 -5.97 42.18
C SER H 147 14.80 -6.21 41.97
N LYS H 148 15.62 -5.17 42.07
CA LYS H 148 17.08 -5.31 41.87
C LYS H 148 17.77 -6.11 42.99
N GLU H 149 17.21 -6.07 44.20
CA GLU H 149 17.72 -6.83 45.36
C GLU H 149 17.03 -8.18 45.58
N PHE H 150 16.00 -8.50 44.79
CA PHE H 150 15.22 -9.74 44.97
C PHE H 150 15.94 -11.03 44.55
N LEU H 151 16.97 -10.91 43.72
CA LEU H 151 17.78 -12.08 43.30
C LEU H 151 18.54 -12.72 44.46
N ARG H 152 19.10 -11.88 45.34
CA ARG H 152 19.87 -12.35 46.50
C ARG H 152 19.02 -13.12 47.55
N TYR H 153 17.70 -12.93 47.55
CA TYR H 153 16.78 -13.62 48.48
C TYR H 153 15.95 -14.73 47.82
N LYS H 154 16.52 -15.45 46.85
CA LYS H 154 15.81 -16.51 46.12
C LYS H 154 15.73 -17.81 46.95
N GLU H 155 14.51 -18.20 47.33
CA GLU H 155 14.25 -19.37 48.18
C GLU H 155 14.78 -19.17 49.61
N ARG H 162 5.20 -12.24 44.75
CA ARG H 162 5.14 -11.47 45.98
C ARG H 162 5.47 -10.00 45.74
N SER H 163 6.56 -9.74 45.02
CA SER H 163 7.01 -8.37 44.71
C SER H 163 6.05 -7.64 43.75
N LEU H 164 6.26 -6.34 43.61
CA LEU H 164 5.39 -5.49 42.76
C LEU H 164 5.60 -5.71 41.26
N LEU H 165 6.84 -6.03 40.86
CA LEU H 165 7.11 -6.43 39.48
C LEU H 165 6.32 -7.67 39.09
N GLU H 166 6.29 -8.64 40.01
CA GLU H 166 5.55 -9.89 39.81
C GLU H 166 4.01 -9.69 39.79
N LYS H 167 3.53 -8.64 40.46
CA LYS H 167 2.11 -8.24 40.39
C LYS H 167 1.71 -7.56 39.09
N LEU H 168 2.68 -7.12 38.28
CA LEU H 168 2.41 -6.36 37.05
C LEU H 168 1.59 -7.17 36.03
N ARG H 169 0.51 -6.57 35.53
CA ARG H 169 -0.41 -7.21 34.57
C ARG H 169 -0.25 -6.60 33.19
N TRP H 170 -0.54 -5.31 33.09
CA TRP H 170 -0.52 -4.57 31.84
C TRP H 170 0.12 -3.19 31.99
N VAL H 171 0.82 -2.73 30.96
CA VAL H 171 1.32 -1.34 30.87
C VAL H 171 0.97 -0.77 29.49
N THR H 172 0.47 0.47 29.47
CA THR H 172 0.17 1.18 28.23
C THR H 172 1.24 2.23 27.91
N VAL H 173 1.54 2.37 26.63
CA VAL H 173 2.51 3.32 26.11
C VAL H 173 1.96 3.95 24.83
N GLY H 174 2.29 5.22 24.58
CA GLY H 174 1.67 5.98 23.50
C GLY H 174 0.35 6.55 23.97
N TYR H 175 -0.67 6.50 23.10
CA TYR H 175 -2.01 6.85 23.52
C TYR H 175 -2.49 5.81 24.54
N HIS H 176 -2.74 6.26 25.77
CA HIS H 176 -3.07 5.33 26.86
C HIS H 176 -4.54 4.95 26.78
N TYR H 177 -4.78 3.66 26.58
CA TYR H 177 -6.11 3.09 26.46
C TYR H 177 -6.76 3.05 27.84
N ASN H 178 -8.07 3.33 27.88
CA ASN H 178 -8.86 3.28 29.11
C ASN H 178 -9.82 2.08 29.04
N TRP H 179 -9.80 1.27 30.09
CA TRP H 179 -10.58 0.03 30.14
C TRP H 179 -12.05 0.27 30.55
N ASP H 180 -12.32 1.40 31.20
CA ASP H 180 -13.69 1.77 31.62
C ASP H 180 -14.47 2.33 30.43
N SER H 181 -13.90 3.35 29.79
CA SER H 181 -14.50 4.01 28.63
C SER H 181 -14.41 3.18 27.35
N LYS H 182 -13.40 2.30 27.26
CA LYS H 182 -13.11 1.51 26.05
C LYS H 182 -12.76 2.40 24.83
N LYS H 183 -12.07 3.51 25.09
CA LYS H 183 -11.68 4.49 24.05
C LYS H 183 -10.26 5.03 24.28
N TYR H 184 -9.72 5.66 23.24
CA TYR H 184 -8.50 6.45 23.33
C TYR H 184 -8.89 7.93 23.49
N SER H 185 -8.21 8.61 24.41
CA SER H 185 -8.43 10.02 24.68
C SER H 185 -7.33 10.84 24.00
N ALA H 186 -7.67 12.03 23.55
CA ALA H 186 -6.68 13.02 23.08
C ALA H 186 -5.81 13.53 24.24
N ASP H 187 -6.38 13.57 25.46
CA ASP H 187 -5.68 14.04 26.67
C ASP H 187 -4.50 13.13 27.03
N HIS H 188 -4.77 11.83 27.08
CA HIS H 188 -3.80 10.83 27.55
C HIS H 188 -2.83 10.36 26.45
N TYR H 189 -1.65 10.99 26.43
CA TYR H 189 -0.56 10.60 25.53
C TYR H 189 0.79 10.84 26.23
N THR H 190 1.54 9.76 26.42
CA THR H 190 2.98 9.82 26.70
C THR H 190 3.65 9.38 25.39
N PRO H 191 4.74 10.05 24.96
CA PRO H 191 5.26 9.72 23.62
C PRO H 191 5.68 8.25 23.47
N PHE H 192 5.41 7.69 22.30
CA PHE H 192 5.63 6.28 22.05
C PHE H 192 7.13 5.99 21.95
N PRO H 193 7.65 5.03 22.76
CA PRO H 193 9.05 4.59 22.70
C PRO H 193 9.52 4.40 21.27
N SER H 194 10.57 5.13 20.87
CA SER H 194 10.92 5.22 19.45
C SER H 194 11.59 3.93 18.94
N ASP H 195 12.34 3.26 19.81
CA ASP H 195 12.93 1.95 19.48
C ASP H 195 11.84 0.92 19.17
N LEU H 196 10.86 0.81 20.07
CA LEU H 196 9.69 -0.05 19.89
C LEU H 196 8.94 0.37 18.63
N GLY H 197 8.83 1.69 18.44
CA GLY H 197 8.26 2.27 17.25
C GLY H 197 8.98 1.83 16.00
N PHE H 198 10.31 1.99 16.00
CA PHE H 198 11.14 1.64 14.85
C PHE H 198 10.96 0.17 14.48
N LEU H 199 10.95 -0.68 15.50
CA LEU H 199 10.78 -2.14 15.33
C LEU H 199 9.42 -2.46 14.75
N SER H 200 8.37 -1.96 15.39
CA SER H 200 7.02 -2.12 14.91
C SER H 200 6.94 -1.76 13.43
N GLU H 201 7.40 -0.55 13.12
CA GLU H 201 7.36 -0.01 11.77
C GLU H 201 8.19 -0.83 10.76
N GLN H 202 9.28 -1.44 11.21
CA GLN H 202 10.06 -2.32 10.34
C GLN H 202 9.31 -3.62 10.01
N VAL H 203 8.74 -4.24 11.05
CA VAL H 203 7.95 -5.48 10.86
C VAL H 203 6.69 -5.21 10.03
N ALA H 204 5.95 -4.17 10.41
CA ALA H 204 4.76 -3.73 9.68
C ALA H 204 5.05 -3.63 8.18
N ALA H 205 6.10 -2.90 7.84
CA ALA H 205 6.51 -2.71 6.43
C ALA H 205 6.73 -4.03 5.68
N ALA H 206 7.40 -4.99 6.35
CA ALA H 206 7.67 -6.32 5.76
C ALA H 206 6.40 -7.12 5.45
N CYS H 207 5.33 -6.85 6.21
CA CYS H 207 4.02 -7.47 5.99
C CYS H 207 3.14 -6.74 4.94
N GLY H 208 3.67 -5.68 4.32
CA GLY H 208 2.98 -4.90 3.30
C GLY H 208 2.30 -3.63 3.80
N PHE H 209 2.88 -2.99 4.83
CA PHE H 209 2.33 -1.74 5.39
C PHE H 209 3.46 -0.73 5.71
N GLU H 210 3.90 -0.02 4.67
CA GLU H 210 4.89 1.06 4.82
C GLU H 210 4.34 2.29 5.54
N ASP H 211 3.03 2.55 5.43
CA ASP H 211 2.41 3.76 6.01
C ASP H 211 2.07 3.66 7.51
N PHE H 212 2.68 2.69 8.22
CA PHE H 212 2.35 2.40 9.61
C PHE H 212 2.98 3.41 10.56
N ARG H 213 2.20 3.83 11.56
CA ARG H 213 2.64 4.76 12.59
C ARG H 213 2.34 4.14 13.95
N ALA H 214 3.39 3.72 14.67
CA ALA H 214 3.22 3.02 15.95
C ALA H 214 2.79 4.00 17.05
N GLU H 215 1.49 4.16 17.22
CA GLU H 215 0.93 5.24 18.05
C GLU H 215 0.50 4.82 19.45
N ALA H 216 0.06 3.58 19.63
CA ALA H 216 -0.36 3.09 20.94
C ALA H 216 0.04 1.63 21.14
N GLY H 217 0.25 1.25 22.39
CA GLY H 217 0.65 -0.11 22.73
C GLY H 217 0.14 -0.62 24.08
N ILE H 218 -0.09 -1.93 24.15
CA ILE H 218 -0.49 -2.59 25.40
C ILE H 218 0.49 -3.72 25.65
N LEU H 219 1.09 -3.69 26.83
CA LEU H 219 2.16 -4.60 27.20
C LEU H 219 1.60 -5.49 28.27
N ASN H 220 1.54 -6.78 28.00
CA ASN H 220 0.98 -7.75 28.93
C ASN H 220 2.09 -8.52 29.61
N TYR H 221 1.94 -8.68 30.91
CA TYR H 221 2.93 -9.36 31.74
C TYR H 221 2.18 -10.49 32.42
N TYR H 222 2.44 -11.73 31.97
CA TYR H 222 1.73 -12.91 32.46
C TYR H 222 2.59 -13.73 33.40
N ARG H 223 2.00 -14.15 34.52
CA ARG H 223 2.55 -15.24 35.33
C ARG H 223 2.07 -16.55 34.71
N LEU H 224 2.54 -17.68 35.24
CA LEU H 224 2.13 -19.01 34.74
C LEU H 224 0.62 -19.26 34.80
N ASP H 225 -0.02 -18.80 35.87
CA ASP H 225 -1.48 -19.01 36.04
C ASP H 225 -2.37 -17.91 35.43
N SER H 226 -1.77 -16.88 34.83
CA SER H 226 -2.52 -15.78 34.23
C SER H 226 -3.10 -16.18 32.87
N THR H 227 -4.23 -15.56 32.55
CA THR H 227 -4.92 -15.77 31.27
C THR H 227 -5.51 -14.45 30.80
N LEU H 228 -5.61 -14.29 29.48
CA LEU H 228 -6.26 -13.14 28.88
C LEU H 228 -7.60 -13.61 28.33
N GLY H 229 -8.67 -12.99 28.82
CA GLY H 229 -10.03 -13.33 28.44
C GLY H 229 -10.39 -13.06 26.99
N ILE H 230 -11.53 -13.60 26.59
CA ILE H 230 -11.95 -13.52 25.19
C ILE H 230 -12.37 -12.07 24.94
N HIS H 231 -11.85 -11.49 23.87
CA HIS H 231 -12.09 -10.08 23.54
C HIS H 231 -11.84 -9.77 22.06
N VAL H 232 -12.28 -8.59 21.63
CA VAL H 232 -11.93 -8.05 20.30
C VAL H 232 -11.23 -6.70 20.48
N ASP H 233 -10.26 -6.42 19.61
CA ASP H 233 -9.51 -5.15 19.63
C ASP H 233 -10.10 -4.14 18.63
N ARG H 234 -11.05 -3.32 19.09
CA ARG H 234 -11.93 -2.55 18.19
C ARG H 234 -11.99 -1.01 18.39
N SER H 235 -11.28 -0.47 19.38
CA SER H 235 -11.25 0.98 19.62
C SER H 235 -10.20 1.74 18.77
N GLU H 236 -9.38 1.00 18.01
CA GLU H 236 -8.42 1.60 17.08
C GLU H 236 -9.19 2.02 15.83
N LEU H 237 -9.13 3.31 15.50
CA LEU H 237 -10.07 3.90 14.54
C LEU H 237 -9.84 3.48 13.09
N ASP H 238 -8.63 3.03 12.74
CA ASP H 238 -8.39 2.46 11.42
C ASP H 238 -8.29 0.93 11.49
N HIS H 239 -9.36 0.26 11.04
CA HIS H 239 -9.42 -1.20 10.95
C HIS H 239 -8.70 -1.76 9.70
N SER H 240 -8.18 -0.87 8.86
CA SER H 240 -7.27 -1.25 7.77
C SER H 240 -5.87 -1.53 8.32
N LYS H 241 -5.44 -0.69 9.25
CA LYS H 241 -4.03 -0.68 9.69
C LYS H 241 -3.77 -1.81 10.70
N PRO H 242 -2.68 -2.59 10.48
CA PRO H 242 -2.42 -3.83 11.22
C PRO H 242 -2.20 -3.68 12.73
N LEU H 243 -2.17 -4.85 13.38
CA LEU H 243 -1.97 -4.99 14.81
C LEU H 243 -0.79 -5.92 15.07
N LEU H 244 0.18 -5.43 15.84
CA LEU H 244 1.45 -6.12 16.08
C LEU H 244 1.43 -6.71 17.48
N SER H 245 1.72 -8.02 17.58
CA SER H 245 1.90 -8.72 18.86
C SER H 245 3.26 -9.43 18.92
N PHE H 246 4.06 -9.04 19.89
CA PHE H 246 5.36 -9.66 20.17
C PHE H 246 5.26 -10.51 21.44
N SER H 247 5.90 -11.68 21.44
CA SER H 247 5.90 -12.61 22.58
C SER H 247 7.32 -12.86 23.08
N PHE H 248 7.51 -12.76 24.41
CA PHE H 248 8.80 -13.04 25.06
C PHE H 248 8.60 -13.87 26.35
N GLY H 249 9.50 -14.82 26.58
CA GLY H 249 9.47 -15.66 27.76
C GLY H 249 8.84 -17.02 27.51
N GLN H 250 8.16 -17.53 28.53
CA GLN H 250 7.57 -18.87 28.46
C GLN H 250 6.39 -18.95 27.49
N SER H 251 6.27 -20.07 26.78
CA SER H 251 5.25 -20.23 25.76
C SER H 251 3.81 -20.06 26.27
N ALA H 252 2.90 -19.83 25.32
CA ALA H 252 1.47 -19.77 25.59
C ALA H 252 0.67 -20.35 24.44
N ILE H 253 -0.59 -20.67 24.73
CA ILE H 253 -1.55 -21.14 23.74
C ILE H 253 -2.37 -19.92 23.32
N PHE H 254 -2.38 -19.60 22.03
CA PHE H 254 -3.15 -18.46 21.51
C PHE H 254 -4.35 -18.97 20.75
N LEU H 255 -5.51 -18.36 21.04
CA LEU H 255 -6.79 -18.76 20.47
C LEU H 255 -7.34 -17.64 19.60
N LEU H 256 -7.58 -17.97 18.32
CA LEU H 256 -8.03 -17.04 17.30
C LEU H 256 -9.35 -17.56 16.71
N GLY H 257 -10.45 -16.89 17.02
CA GLY H 257 -11.78 -17.28 16.54
C GLY H 257 -12.21 -16.55 15.30
N GLY H 258 -13.52 -16.47 15.11
CA GLY H 258 -14.12 -15.61 14.09
C GLY H 258 -14.48 -14.26 14.70
N LEU H 259 -15.20 -13.43 13.94
CA LEU H 259 -15.63 -12.10 14.43
C LEU H 259 -16.70 -12.16 15.52
N GLN H 260 -17.25 -13.35 15.72
CA GLN H 260 -18.37 -13.60 16.62
C GLN H 260 -18.06 -14.91 17.38
N ARG H 261 -18.49 -14.98 18.65
CA ARG H 261 -18.10 -16.09 19.54
C ARG H 261 -18.77 -17.46 19.28
N ASP H 262 -19.73 -17.50 18.34
CA ASP H 262 -20.31 -18.76 17.85
C ASP H 262 -19.32 -19.72 17.18
N GLU H 263 -18.30 -19.17 16.52
CA GLU H 263 -17.31 -19.95 15.78
C GLU H 263 -16.24 -20.50 16.72
N ALA H 264 -15.60 -21.61 16.33
CA ALA H 264 -14.62 -22.31 17.18
C ALA H 264 -13.20 -21.80 16.89
N PRO H 265 -12.48 -21.31 17.92
CA PRO H 265 -11.15 -20.74 17.66
C PRO H 265 -10.06 -21.74 17.31
N THR H 266 -9.08 -21.28 16.53
CA THR H 266 -7.88 -22.05 16.24
C THR H 266 -6.82 -21.85 17.33
N ALA H 267 -6.27 -22.95 17.83
CA ALA H 267 -5.26 -22.92 18.89
C ALA H 267 -3.85 -23.02 18.32
N MET H 268 -2.95 -22.16 18.82
CA MET H 268 -1.55 -22.16 18.39
C MET H 268 -0.61 -21.82 19.54
N PHE H 269 0.63 -22.29 19.44
CA PHE H 269 1.68 -21.91 20.37
C PHE H 269 2.30 -20.58 19.97
N MET H 270 2.47 -19.71 20.96
CA MET H 270 3.30 -18.52 20.84
C MET H 270 4.60 -18.72 21.59
N HIS H 271 5.66 -19.08 20.87
CA HIS H 271 7.01 -19.23 21.47
C HIS H 271 7.74 -17.90 21.57
N SER H 272 8.82 -17.89 22.33
CA SER H 272 9.55 -16.65 22.67
C SER H 272 10.25 -16.08 21.43
N GLY H 273 9.90 -14.84 21.11
CA GLY H 273 10.38 -14.16 19.93
C GLY H 273 9.39 -14.08 18.79
N ASP H 274 8.28 -14.82 18.89
CA ASP H 274 7.32 -14.93 17.80
C ASP H 274 6.48 -13.67 17.63
N ILE H 275 6.37 -13.24 16.37
CA ILE H 275 5.66 -12.03 16.00
C ILE H 275 4.40 -12.45 15.26
N MET H 276 3.28 -11.92 15.73
CA MET H 276 1.96 -12.28 15.25
C MET H 276 1.28 -11.00 14.78
N ILE H 277 0.91 -10.94 13.50
CA ILE H 277 0.17 -9.79 12.95
C ILE H 277 -1.27 -10.19 12.58
N MET H 278 -2.21 -9.41 13.11
CA MET H 278 -3.61 -9.47 12.72
C MET H 278 -3.86 -8.27 11.79
N SER H 279 -3.97 -8.54 10.49
CA SER H 279 -4.22 -7.52 9.46
C SER H 279 -5.53 -7.74 8.69
N GLY H 280 -6.22 -6.63 8.37
CA GLY H 280 -7.38 -6.64 7.46
C GLY H 280 -8.68 -7.28 7.95
N PHE H 281 -8.96 -8.48 7.46
CA PHE H 281 -10.11 -9.28 7.91
C PHE H 281 -9.87 -9.80 9.34
N SER H 282 -8.67 -10.34 9.56
CA SER H 282 -8.28 -10.90 10.87
C SER H 282 -8.12 -9.87 12.01
N ARG H 283 -8.03 -8.58 11.67
CA ARG H 283 -7.97 -7.49 12.65
C ARG H 283 -8.99 -7.57 13.79
N LEU H 284 -10.26 -7.85 13.45
CA LEU H 284 -11.38 -7.74 14.40
C LEU H 284 -11.90 -9.07 14.97
N LEU H 285 -11.12 -10.14 14.82
CA LEU H 285 -11.55 -11.45 15.29
C LEU H 285 -11.50 -11.54 16.81
N ASN H 286 -12.29 -12.46 17.36
CA ASN H 286 -12.17 -12.80 18.77
C ASN H 286 -10.87 -13.56 19.02
N HIS H 287 -10.13 -13.13 20.04
CA HIS H 287 -8.94 -13.87 20.46
C HIS H 287 -8.84 -13.92 21.99
N ALA H 288 -7.97 -14.80 22.49
CA ALA H 288 -7.79 -14.99 23.93
C ALA H 288 -6.53 -15.79 24.22
N VAL H 289 -6.01 -15.65 25.44
CA VAL H 289 -4.85 -16.42 25.91
C VAL H 289 -5.30 -17.29 27.10
N PRO H 290 -5.70 -18.55 26.83
CA PRO H 290 -6.21 -19.42 27.89
C PRO H 290 -5.15 -20.07 28.79
N ARG H 291 -3.90 -20.16 28.34
CA ARG H 291 -2.85 -20.79 29.13
C ARG H 291 -1.45 -20.25 28.84
N VAL H 292 -0.67 -20.04 29.90
CA VAL H 292 0.79 -19.92 29.81
C VAL H 292 1.36 -21.26 30.28
N LEU H 293 2.25 -21.85 29.49
CA LEU H 293 2.83 -23.17 29.77
C LEU H 293 4.14 -23.05 30.53
N PRO H 294 4.31 -23.82 31.63
CA PRO H 294 5.63 -23.95 32.24
C PRO H 294 6.68 -24.54 31.29
N ASN H 295 7.96 -24.37 31.64
CA ASN H 295 9.08 -24.85 30.84
C ASN H 295 9.09 -26.40 30.84
N PRO H 296 9.03 -27.03 29.64
CA PRO H 296 9.05 -28.48 29.53
C PRO H 296 10.06 -29.19 30.44
N GLU H 297 11.31 -28.71 30.44
CA GLU H 297 12.41 -29.40 31.13
C GLU H 297 12.36 -29.23 32.66
N GLY H 298 11.86 -28.08 33.13
CA GLY H 298 11.57 -27.88 34.56
C GLY H 298 11.08 -26.48 34.86
N GLU H 299 11.92 -25.69 35.52
CA GLU H 299 11.87 -24.23 35.44
C GLU H 299 12.90 -23.87 34.35
N GLY H 300 13.16 -22.58 34.15
CA GLY H 300 14.20 -22.15 33.21
C GLY H 300 13.64 -21.42 32.02
N LEU H 301 14.45 -21.36 30.95
CA LEU H 301 14.17 -20.53 29.78
C LEU H 301 14.34 -21.33 28.50
N PRO H 302 13.60 -20.96 27.43
CA PRO H 302 13.86 -21.55 26.10
C PRO H 302 15.30 -21.34 25.60
N HIS H 303 15.75 -22.26 24.74
CA HIS H 303 17.14 -22.29 24.27
C HIS H 303 17.53 -21.07 23.47
N CYS H 304 16.58 -20.50 22.72
CA CYS H 304 16.81 -19.23 22.00
C CYS H 304 17.19 -18.10 22.95
N LEU H 305 16.62 -18.07 24.15
CA LEU H 305 16.92 -17.03 25.15
C LEU H 305 18.21 -17.24 25.96
N GLU H 306 18.93 -18.36 25.78
CA GLU H 306 20.14 -18.64 26.57
C GLU H 306 21.27 -17.66 26.25
N ALA H 307 21.50 -17.43 24.96
CA ALA H 307 22.45 -16.40 24.51
C ALA H 307 22.00 -15.00 24.99
N PRO H 308 22.93 -14.19 25.57
CA PRO H 308 22.58 -12.79 25.89
C PRO H 308 22.95 -11.76 24.82
N LEU H 309 22.50 -10.53 25.10
CA LEU H 309 22.61 -9.40 24.18
C LEU H 309 24.09 -9.10 23.94
N PRO H 310 24.53 -9.14 22.67
CA PRO H 310 25.95 -8.87 22.43
C PRO H 310 26.39 -7.61 23.18
N ALA H 311 27.47 -7.72 23.95
CA ALA H 311 27.96 -6.60 24.77
C ALA H 311 28.30 -5.36 23.93
N VAL H 312 28.72 -5.58 22.69
CA VAL H 312 29.10 -4.51 21.77
C VAL H 312 27.98 -4.23 20.75
N LEU H 313 27.28 -3.11 20.93
CA LEU H 313 26.24 -2.62 20.00
C LEU H 313 26.79 -1.51 19.09
N PRO H 314 26.62 -1.64 17.76
CA PRO H 314 27.00 -0.57 16.82
C PRO H 314 26.34 0.80 17.04
N ARG H 315 26.94 1.83 16.46
CA ARG H 315 26.58 3.24 16.70
C ARG H 315 25.10 3.53 16.49
N ASP H 316 24.62 3.22 15.29
CA ASP H 316 23.29 3.66 14.81
C ASP H 316 22.13 2.68 15.09
N SER H 317 22.39 1.62 15.85
CA SER H 317 21.34 0.71 16.33
C SER H 317 20.33 1.44 17.22
N MET H 318 19.09 0.97 17.19
CA MET H 318 18.05 1.42 18.12
C MET H 318 18.15 0.73 19.49
N VAL H 319 18.88 -0.38 19.54
CA VAL H 319 19.02 -1.20 20.74
C VAL H 319 20.12 -0.62 21.63
N GLU H 320 19.88 -0.66 22.94
CA GLU H 320 20.72 -0.05 23.97
C GLU H 320 21.37 -1.17 24.83
N PRO H 321 22.46 -0.86 25.57
CA PRO H 321 23.18 -1.92 26.27
C PRO H 321 22.46 -2.46 27.52
N CYS H 322 22.56 -3.77 27.72
CA CYS H 322 21.97 -4.47 28.86
C CYS H 322 23.09 -4.96 29.76
N SER H 323 23.14 -4.45 30.98
CA SER H 323 24.20 -4.82 31.93
C SER H 323 23.95 -6.22 32.47
N MET H 324 25.02 -6.85 32.94
CA MET H 324 24.97 -8.18 33.54
C MET H 324 23.98 -8.25 34.71
N GLU H 325 23.90 -7.16 35.50
CA GLU H 325 22.97 -7.10 36.62
C GLU H 325 21.50 -6.92 36.19
N ASP H 326 21.27 -6.22 35.06
CA ASP H 326 19.93 -6.14 34.47
C ASP H 326 19.52 -7.49 33.91
N TRP H 327 20.30 -8.01 32.96
CA TRP H 327 20.04 -9.33 32.33
C TRP H 327 19.74 -10.47 33.33
N GLN H 328 20.38 -10.42 34.50
CA GLN H 328 20.11 -11.40 35.57
C GLN H 328 18.70 -11.29 36.15
N VAL H 329 18.17 -10.07 36.20
CA VAL H 329 16.79 -9.83 36.67
C VAL H 329 15.77 -10.36 35.66
N CYS H 330 15.98 -10.01 34.40
CA CYS H 330 15.09 -10.41 33.30
C CYS H 330 15.05 -11.92 33.06
N ALA H 331 16.16 -12.62 33.23
CA ALA H 331 16.18 -14.08 33.13
C ALA H 331 15.52 -14.71 34.36
N SER H 332 15.79 -14.15 35.53
CA SER H 332 15.12 -14.56 36.75
C SER H 332 13.60 -14.37 36.65
N TYR H 333 13.16 -13.26 36.05
CA TYR H 333 11.73 -12.99 35.82
C TYR H 333 11.07 -13.94 34.82
N LEU H 334 11.67 -14.09 33.65
CA LEU H 334 11.11 -14.90 32.58
C LEU H 334 11.02 -16.40 32.88
N LYS H 335 11.72 -16.87 33.92
CA LYS H 335 11.63 -18.28 34.34
C LYS H 335 10.22 -18.77 34.66
N THR H 336 9.40 -17.90 35.26
CA THR H 336 8.00 -18.21 35.56
C THR H 336 7.03 -17.10 35.07
N ALA H 337 7.30 -16.58 33.87
CA ALA H 337 6.49 -15.50 33.27
C ALA H 337 6.65 -15.36 31.75
N ARG H 338 5.64 -14.74 31.13
CA ARG H 338 5.64 -14.40 29.71
C ARG H 338 5.32 -12.91 29.56
N VAL H 339 6.00 -12.27 28.60
CA VAL H 339 5.78 -10.85 28.29
C VAL H 339 5.26 -10.73 26.86
N ASN H 340 4.25 -9.88 26.68
CA ASN H 340 3.67 -9.61 25.36
C ASN H 340 3.67 -8.11 25.09
N MET H 341 3.90 -7.74 23.81
CA MET H 341 3.87 -6.35 23.38
C MET H 341 2.88 -6.25 22.22
N THR H 342 1.76 -5.59 22.47
CA THR H 342 0.78 -5.29 21.44
C THR H 342 1.02 -3.85 20.97
N VAL H 343 1.23 -3.66 19.67
CA VAL H 343 1.48 -2.33 19.07
C VAL H 343 0.45 -2.05 17.96
N ARG H 344 -0.11 -0.84 17.97
CA ARG H 344 -1.25 -0.47 17.13
C ARG H 344 -1.16 0.99 16.65
N GLN H 345 -1.78 1.26 15.50
CA GLN H 345 -2.03 2.61 15.02
C GLN H 345 -3.50 2.95 15.32
N VAL H 346 -3.73 4.07 16.01
CA VAL H 346 -5.08 4.48 16.42
C VAL H 346 -5.77 5.51 15.49
N LEU H 347 -5.04 6.06 14.52
CA LEU H 347 -5.58 7.06 13.56
C LEU H 347 -5.08 6.80 12.14
N ALA H 348 -5.90 7.13 11.15
CA ALA H 348 -5.53 7.03 9.74
C ALA H 348 -4.54 8.13 9.30
N THR H 349 -4.14 8.12 8.03
CA THR H 349 -3.11 9.04 7.48
C THR H 349 -3.45 10.53 7.62
N ASP H 350 -4.61 10.92 7.09
CA ASP H 350 -5.11 12.29 7.18
C ASP H 350 -5.94 12.56 8.45
N GLN H 351 -6.36 11.49 9.13
CA GLN H 351 -7.37 11.58 10.20
C GLN H 351 -6.79 12.09 11.54
N ASN H 352 -7.68 12.69 12.33
CA ASN H 352 -7.40 13.15 13.70
C ASN H 352 -8.58 12.74 14.60
N PHE H 353 -8.60 13.17 15.86
CA PHE H 353 -9.64 12.75 16.82
C PHE H 353 -11.05 13.29 16.53
N PRO H 354 -12.05 12.39 16.35
CA PRO H 354 -13.45 12.85 16.40
C PRO H 354 -13.98 12.87 17.85
N LEU H 355 -13.71 13.97 18.56
CA LEU H 355 -14.13 14.14 19.97
C LEU H 355 -15.48 14.85 20.06
N GLU H 356 -16.13 14.72 21.23
CA GLU H 356 -17.47 15.29 21.47
C GLU H 356 -17.38 16.61 22.24
MN MN I . 49.15 9.85 27.44
C1 AKG J . 49.26 12.68 28.07
O1 AKG J . 49.65 13.84 28.38
O2 AKG J . 49.52 11.65 28.74
C2 AKG J . 48.44 12.52 26.87
O5 AKG J . 48.41 11.41 26.32
C3 AKG J . 47.67 13.70 26.32
C4 AKG J . 47.41 13.55 24.83
C5 AKG J . 46.63 14.73 24.33
O3 AKG J . 45.43 14.54 24.01
O4 AKG J . 47.20 15.85 24.24
MN MN K . 6.69 31.50 -2.22
C1 AKG L . 6.77 32.91 0.29
O1 AKG L . 6.54 33.67 1.26
O2 AKG L . 6.38 33.17 -0.87
C2 AKG L . 7.50 31.67 0.48
O5 AKG L . 7.34 30.79 -0.34
C3 AKG L . 8.43 31.51 1.66
C4 AKG L . 8.59 30.04 2.02
C5 AKG L . 9.43 29.94 3.26
O3 AKG L . 10.60 29.51 3.14
O4 AKG L . 8.93 30.30 4.36
MN MN M . -19.86 -42.44 19.13
C1 AKG N . -21.12 -44.45 18.10
O1 AKG N . -21.46 -45.48 17.46
O2 AKG N . -20.03 -44.36 18.73
C2 AKG N . -21.98 -43.26 18.13
O5 AKG N . -21.45 -42.16 17.97
C3 AKG N . -23.46 -43.38 18.39
C4 AKG N . -24.19 -44.01 17.20
C5 AKG N . -25.67 -44.06 17.48
O3 AKG N . -26.31 -42.98 17.43
O4 AKG N . -26.21 -45.17 17.73
MN MN O . -70.99 -28.30 -0.12
C1 AKG P . -69.83 -30.16 -1.87
O1 AKG P . -69.70 -30.85 -2.90
O2 AKG P . -70.94 -29.90 -1.38
C2 AKG P . -68.66 -29.63 -1.19
O5 AKG P . -68.84 -28.78 -0.33
C3 AKG P . -67.29 -30.17 -1.52
C4 AKG P . -66.19 -29.56 -0.65
C5 AKG P . -64.87 -30.25 -0.87
O3 AKG P . -64.18 -30.58 0.13
O4 AKG P . -64.49 -30.49 -2.03
MN MN Q . -36.77 3.58 -12.24
C1 AKG R . -35.01 1.47 -12.24
O1 AKG R . -35.84 1.85 -13.10
O2 AKG R . -34.54 0.31 -12.24
C2 AKG R . -34.59 2.42 -11.21
O5 AKG R . -35.34 3.35 -10.91
C3 AKG R . -33.26 2.21 -10.50
C4 AKG R . -32.64 3.50 -10.00
C5 AKG R . -31.48 3.16 -9.11
O3 AKG R . -31.61 3.35 -7.88
O4 AKG R . -30.45 2.70 -9.62
MN MN S . 16.12 17.29 -34.97
C1 AKG T . 14.02 16.69 -36.64
O1 AKG T . 13.17 16.25 -37.44
O2 AKG T . 14.97 15.98 -36.27
C2 AKG T . 13.92 18.05 -36.11
O5 AKG T . 14.96 18.63 -35.79
C3 AKG T . 12.59 18.74 -35.93
C4 AKG T . 12.57 20.12 -36.56
C5 AKG T . 11.21 20.77 -36.32
O3 AKG T . 11.19 21.96 -35.92
O4 AKG T . 10.16 20.11 -36.53
MN MN U . 60.48 16.57 -18.75
C1 AKG V . 58.95 18.93 -18.62
O1 AKG V . 58.32 20.01 -18.49
O2 AKG V . 60.16 18.84 -18.29
C2 AKG V . 58.26 17.75 -19.17
O5 AKG V . 58.71 16.64 -18.92
C3 AKG V . 57.05 17.88 -20.04
C4 AKG V . 57.35 17.42 -21.47
C5 AKG V . 56.09 16.94 -22.14
O3 AKG V . 55.75 15.73 -22.01
O4 AKG V . 55.41 17.77 -22.78
MN MN W . -6.14 -8.30 21.92
C1 AKG X . -4.01 -7.75 23.56
O1 AKG X . -3.02 -7.18 24.08
O2 AKG X . -5.18 -7.33 23.66
C2 AKG X . -3.79 -8.98 22.79
O5 AKG X . -4.22 -9.03 21.64
C3 AKG X . -3.08 -10.15 23.44
C4 AKG X . -1.88 -10.57 22.58
C5 AKG X . -1.21 -11.83 23.11
O3 AKG X . -0.73 -12.58 22.24
O4 AKG X . -1.19 -12.05 24.35
#